data_7K3B
#
_entry.id   7K3B
#
_cell.length_a   1.00
_cell.length_b   1.00
_cell.length_c   1.00
_cell.angle_alpha   90.00
_cell.angle_beta   90.00
_cell.angle_gamma   90.00
#
_symmetry.space_group_name_H-M   'P 1'
#
loop_
_entity.id
_entity.type
_entity.pdbx_description
1 polymer Hemagglutinin
2 polymer Hemagglutinin
3 polymer 'antibody Fab light chain'
4 polymer 'antibody Fab heavy chain'
5 branched 2-acetamido-2-deoxy-beta-D-glucopyranose-(1-4)-2-acetamido-2-deoxy-beta-D-glucopyranose
6 branched alpha-D-mannopyranose-(1-3)-[alpha-D-mannopyranose-(1-6)]beta-D-mannopyranose-(1-4)-2-acetamido-2-deoxy-beta-D-glucopyranose-(1-4)-2-acetamido-2-deoxy-beta-D-glucopyranose
7 branched alpha-D-mannopyranose-(1-2)-alpha-D-mannopyranose-(1-6)-[alpha-D-mannopyranose-(1-3)]alpha-D-mannopyranose-(1-6)-[alpha-D-mannopyranose-(1-3)]beta-D-mannopyranose-(1-4)-2-acetamido-2-deoxy-beta-D-glucopyranose-(1-4)-2-acetamido-2-deoxy-beta-D-glucopyranose
8 non-polymer 2-acetamido-2-deoxy-beta-D-glucopyranose
#
loop_
_entity_poly.entity_id
_entity_poly.type
_entity_poly.pdbx_seq_one_letter_code
_entity_poly.pdbx_strand_id
1 'polypeptide(L)'
;MKTIIALSYIFCLALGQDLPGNDNSTATLCLGHHAVPNGTLVKTITDDQIEVTNATELVQSSSTGKICNNPHRILDGIDC
TLIDALLGDPHCDVFQNETWDLFVERSKAFSNCYPYDVPDYASLRSLVASSGTLEFITEGFTWTGVTQNGGSNACKRGPG
SGFFSRLNWLTKSGSTYPVLNVTMPNNDNFDKLYIWGVHHPSTNQEQTSLYVQASGRVTVSTRRSQQTIIPNIGSRPWVR
GLSSRISIYWTIVKPGDVLVINSNGNLIAPRGYFKMRTGKSSIMRSDAPIDTCISECITPNGSIPNDKPFQNVNKITYGA
CPKYVKQNTLKLATGMRNVPEKQTR
;
A,C,E
2 'polypeptide(L)'
;GLFGAIAGFIENGWEGMIDGWYGFRHQNSEGTGQAADLKSTQAAIDQINGKLNRVIEKTNEKFHQIEKEFSEVEGRIQDL
EKYVEDTKIDLWSYNAELLVALENQHTIDLTDSEMNKLFEKTRRQLRENAEDMGNGCFKIYHKCDNACIESIRNGTYDHD
VYRDEALNNRFQIKGVELKSGYKDWILWISFAISCFLLCVVLLGFIMWACQRGNIRCNICISMGWSHPQFEKGGGARGGS
GGGSWSHPQFEKGF
;
B,D,F
3 'polypeptide(L)'
;QSVLTQPPSVSGAPGQRVTISCTGSSSNIGAGYAVHWYQQLPGTAPKLLISGNSNRPSGVPDRFSGSKSGTSASLAITGL
QAEDEADYYCQSYDSSLSGSVFGGGTKLTVLGRTVAAPSVFIFPPSDEQLKSGTASVVCLLNNFYPREAKVQWKVDNALQ
SGNSQESVTEQDSKDSTYSLSSTLTLSKADYEKHKVYACEVTHQGLSSPVTKSFNRGEC
;
G,I,K
4 'polypeptide(L)'
;QVQLVQSGAEVKKPGASVTVSCQVSGYTLTSYGLSWVRQAPGQGLEWVGWINTYDGQTKYVKKFQGRVTMTTHTGTNTAY
MEMKSLRSDDTAVYYCARVEGVRGVMGFHYYPMDVWGQGTMVTVSSKGPSVFPLAPSSKSTSGGTAALGCLVKDYFPEPV
TVSWNSGALTSGVHTFPAVLQSSGLYSLSSVVTVPSSSLGTQTYICNVNHKPSNTKVDKKVEPKSCDKGLEVLFQ
;
H,J,L
#
loop_
_chem_comp.id
_chem_comp.type
_chem_comp.name
_chem_comp.formula
BMA D-saccharide, beta linking beta-D-mannopyranose 'C6 H12 O6'
MAN D-saccharide, alpha linking alpha-D-mannopyranose 'C6 H12 O6'
NAG D-saccharide, beta linking 2-acetamido-2-deoxy-beta-D-glucopyranose 'C8 H15 N O6'
#
# COMPACT_ATOMS: atom_id res chain seq x y z
N HIS A 34 -14.40 -51.21 -9.04
CA HIS A 34 -13.18 -51.63 -9.73
C HIS A 34 -11.94 -51.03 -9.09
N ALA A 35 -10.84 -51.77 -9.12
CA ALA A 35 -9.62 -51.42 -8.41
C ALA A 35 -8.43 -51.51 -9.37
N VAL A 36 -7.29 -51.01 -8.91
CA VAL A 36 -6.06 -50.98 -9.70
C VAL A 36 -4.90 -51.43 -8.81
N PRO A 37 -3.79 -51.91 -9.38
CA PRO A 37 -2.68 -52.37 -8.52
C PRO A 37 -2.06 -51.28 -7.67
N ASN A 38 -1.58 -50.21 -8.27
CA ASN A 38 -0.97 -49.11 -7.53
C ASN A 38 -1.90 -47.91 -7.55
N GLY A 39 -1.87 -47.12 -6.46
CA GLY A 39 -2.78 -46.01 -6.30
C GLY A 39 -2.05 -44.78 -5.78
N THR A 40 -2.75 -43.65 -5.84
CA THR A 40 -2.21 -42.35 -5.44
C THR A 40 -2.85 -41.90 -4.15
N LEU A 41 -2.04 -41.32 -3.26
CA LEU A 41 -2.49 -40.90 -1.95
C LEU A 41 -2.91 -39.43 -1.99
N VAL A 42 -4.17 -39.17 -1.68
CA VAL A 42 -4.69 -37.81 -1.64
C VAL A 42 -5.08 -37.44 -0.22
N LYS A 43 -5.52 -36.21 -0.03
CA LYS A 43 -5.87 -35.69 1.29
C LYS A 43 -7.26 -35.08 1.24
N THR A 44 -8.07 -35.39 2.23
CA THR A 44 -9.45 -34.90 2.30
C THR A 44 -9.66 -34.10 3.58
N ILE A 45 -10.93 -33.76 3.84
CA ILE A 45 -11.28 -33.07 5.07
C ILE A 45 -10.93 -33.93 6.28
N THR A 46 -11.23 -35.23 6.21
CA THR A 46 -11.13 -36.10 7.37
C THR A 46 -10.02 -37.14 7.24
N ASP A 47 -9.07 -36.96 6.32
CA ASP A 47 -8.01 -37.95 6.16
C ASP A 47 -6.74 -37.26 5.69
N ASP A 48 -5.64 -37.52 6.39
CA ASP A 48 -4.35 -37.01 5.94
C ASP A 48 -3.93 -37.67 4.64
N GLN A 49 -4.01 -39.00 4.58
CA GLN A 49 -3.63 -39.75 3.39
C GLN A 49 -4.65 -40.85 3.18
N ILE A 50 -5.22 -40.90 1.98
CA ILE A 50 -6.12 -41.98 1.59
C ILE A 50 -5.80 -42.35 0.15
N GLU A 51 -5.68 -43.64 -0.12
CA GLU A 51 -5.31 -44.10 -1.45
C GLU A 51 -6.52 -44.14 -2.35
N VAL A 52 -6.33 -43.70 -3.60
CA VAL A 52 -7.40 -43.72 -4.59
C VAL A 52 -6.85 -44.29 -5.89
N THR A 53 -7.77 -44.68 -6.77
CA THR A 53 -7.39 -45.33 -8.02
C THR A 53 -6.59 -44.39 -8.92
N ASN A 54 -7.12 -43.20 -9.17
CA ASN A 54 -6.49 -42.28 -10.09
C ASN A 54 -6.58 -40.88 -9.54
N ALA A 55 -5.47 -40.15 -9.59
CA ALA A 55 -5.41 -38.82 -9.02
C ALA A 55 -4.57 -37.93 -9.91
N THR A 56 -5.02 -36.70 -10.07
CA THR A 56 -4.36 -35.73 -10.95
C THR A 56 -3.67 -34.67 -10.10
N GLU A 57 -2.78 -33.93 -10.75
CA GLU A 57 -2.06 -32.85 -10.09
C GLU A 57 -2.70 -31.52 -10.42
N LEU A 58 -2.70 -30.62 -9.43
CA LEU A 58 -3.32 -29.32 -9.59
C LEU A 58 -2.32 -28.17 -9.56
N VAL A 59 -1.06 -28.43 -9.28
CA VAL A 59 -0.05 -27.39 -9.13
C VAL A 59 0.97 -27.56 -10.23
N GLN A 60 1.14 -26.54 -11.06
CA GLN A 60 2.15 -26.57 -12.11
C GLN A 60 3.47 -26.09 -11.53
N SER A 61 4.38 -27.02 -11.27
CA SER A 61 5.59 -26.71 -10.53
C SER A 61 6.85 -26.74 -11.38
N SER A 62 6.72 -26.88 -12.69
CA SER A 62 7.87 -26.91 -13.56
C SER A 62 7.63 -26.00 -14.75
N SER A 63 8.70 -25.41 -15.25
CA SER A 63 8.63 -24.48 -16.36
C SER A 63 9.49 -24.98 -17.51
N THR A 64 9.06 -24.66 -18.73
CA THR A 64 9.81 -25.06 -19.91
C THR A 64 11.16 -24.38 -19.98
N GLY A 65 11.35 -23.27 -19.29
CA GLY A 65 12.62 -22.59 -19.28
C GLY A 65 12.79 -21.55 -20.37
N LYS A 66 11.85 -21.44 -21.30
CA LYS A 66 11.94 -20.46 -22.37
C LYS A 66 10.65 -19.66 -22.41
N ILE A 67 10.73 -18.46 -22.95
CA ILE A 67 9.59 -17.57 -23.05
C ILE A 67 9.02 -17.65 -24.46
N CYS A 68 7.79 -18.12 -24.58
CA CYS A 68 7.15 -18.16 -25.89
C CYS A 68 6.86 -16.75 -26.36
N ASN A 69 7.14 -16.49 -27.64
CA ASN A 69 6.99 -15.16 -28.18
C ASN A 69 5.62 -14.91 -28.79
N ASN A 70 4.68 -15.82 -28.60
CA ASN A 70 3.31 -15.63 -29.04
C ASN A 70 2.36 -16.06 -27.93
N PRO A 71 1.18 -15.43 -27.83
CA PRO A 71 0.71 -14.34 -28.68
C PRO A 71 1.15 -12.97 -28.21
N HIS A 72 1.77 -12.90 -27.04
CA HIS A 72 2.13 -11.63 -26.44
C HIS A 72 3.36 -11.05 -27.13
N ARG A 73 3.27 -9.78 -27.48
CA ARG A 73 4.36 -9.11 -28.18
C ARG A 73 5.51 -8.89 -27.21
N ILE A 74 6.46 -9.81 -27.21
CA ILE A 74 7.60 -9.73 -26.30
C ILE A 74 8.65 -8.82 -26.89
N LEU A 75 9.32 -8.05 -26.03
CA LEU A 75 10.44 -7.22 -26.45
C LEU A 75 11.65 -7.62 -25.61
N ASP A 76 12.63 -8.27 -26.23
CA ASP A 76 13.83 -8.64 -25.51
C ASP A 76 14.76 -7.45 -25.40
N GLY A 77 15.02 -7.00 -24.18
CA GLY A 77 15.91 -5.89 -23.99
C GLY A 77 17.34 -6.33 -23.76
N ILE A 78 18.15 -6.33 -24.82
CA ILE A 78 19.53 -6.80 -24.72
C ILE A 78 20.38 -5.63 -24.22
N ASP A 79 21.01 -5.81 -23.06
CA ASP A 79 21.94 -4.81 -22.53
C ASP A 79 21.29 -3.45 -22.30
N CYS A 80 19.97 -3.37 -22.40
CA CYS A 80 19.28 -2.09 -22.26
C CYS A 80 18.21 -2.22 -21.20
N THR A 81 18.27 -1.34 -20.20
CA THR A 81 17.15 -1.20 -19.29
C THR A 81 16.07 -0.33 -19.93
N LEU A 82 14.87 -0.37 -19.36
CA LEU A 82 13.78 0.38 -19.95
C LEU A 82 14.08 1.88 -19.94
N ILE A 83 14.61 2.38 -18.83
CA ILE A 83 14.90 3.80 -18.75
C ILE A 83 16.00 4.19 -19.71
N ASP A 84 16.97 3.30 -19.92
CA ASP A 84 18.05 3.62 -20.84
C ASP A 84 17.53 3.74 -22.26
N ALA A 85 16.66 2.82 -22.68
CA ALA A 85 16.06 2.94 -23.99
C ALA A 85 15.17 4.16 -24.08
N LEU A 86 14.50 4.50 -22.99
CA LEU A 86 13.64 5.68 -22.95
C LEU A 86 14.45 6.94 -23.21
N LEU A 87 15.53 7.13 -22.45
CA LEU A 87 16.33 8.34 -22.58
C LEU A 87 17.04 8.41 -23.91
N GLY A 88 17.40 7.28 -24.48
CA GLY A 88 18.13 7.30 -25.73
C GLY A 88 19.61 7.04 -25.54
N ASP A 89 19.93 6.08 -24.70
CA ASP A 89 21.31 5.66 -24.55
C ASP A 89 21.83 5.17 -25.90
N PRO A 90 23.06 5.56 -26.29
CA PRO A 90 23.56 5.18 -27.62
C PRO A 90 23.43 3.70 -27.95
N HIS A 91 23.95 2.83 -27.11
CA HIS A 91 23.85 1.41 -27.41
C HIS A 91 22.45 0.89 -27.30
N CYS A 92 21.46 1.75 -27.08
CA CYS A 92 20.06 1.38 -27.09
C CYS A 92 19.30 2.01 -28.25
N ASP A 93 20.01 2.57 -29.24
CA ASP A 93 19.34 3.25 -30.33
C ASP A 93 18.47 2.30 -31.14
N VAL A 94 18.66 1.00 -31.00
CA VAL A 94 17.83 0.04 -31.72
C VAL A 94 16.42 0.00 -31.17
N PHE A 95 16.19 0.51 -29.98
CA PHE A 95 14.89 0.40 -29.33
C PHE A 95 13.98 1.59 -29.61
N GLN A 96 14.40 2.51 -30.46
CA GLN A 96 13.59 3.69 -30.74
C GLN A 96 12.26 3.29 -31.34
N ASN A 97 11.18 3.96 -30.90
CA ASN A 97 9.84 3.74 -31.42
C ASN A 97 9.38 2.29 -31.26
N GLU A 98 9.89 1.58 -30.27
CA GLU A 98 9.47 0.21 -30.07
C GLU A 98 8.16 0.16 -29.29
N THR A 99 7.45 -0.95 -29.45
CA THR A 99 6.24 -1.24 -28.69
C THR A 99 6.34 -2.67 -28.21
N TRP A 100 5.62 -2.97 -27.13
CA TRP A 100 5.69 -4.29 -26.55
C TRP A 100 4.43 -4.60 -25.77
N ASP A 101 4.20 -5.89 -25.58
CA ASP A 101 3.20 -6.35 -24.62
C ASP A 101 3.86 -6.81 -23.33
N LEU A 102 5.15 -7.13 -23.38
CA LEU A 102 5.92 -7.46 -22.19
C LEU A 102 7.39 -7.17 -22.48
N PHE A 103 7.96 -6.24 -21.73
CA PHE A 103 9.36 -5.89 -21.89
C PHE A 103 10.19 -6.77 -20.97
N VAL A 104 10.97 -7.67 -21.54
CA VAL A 104 11.85 -8.53 -20.76
C VAL A 104 13.18 -7.82 -20.60
N GLU A 105 13.54 -7.54 -19.37
CA GLU A 105 14.71 -6.75 -19.03
C GLU A 105 15.77 -7.69 -18.48
N ARG A 106 16.84 -7.88 -19.24
CA ARG A 106 17.85 -8.86 -18.87
C ARG A 106 18.70 -8.38 -17.70
N SER A 107 19.26 -9.34 -16.98
CA SER A 107 20.11 -9.02 -15.84
C SER A 107 21.46 -8.51 -16.27
N LYS A 108 21.84 -8.69 -17.53
CA LYS A 108 23.11 -8.22 -18.04
C LYS A 108 23.08 -6.78 -18.49
N ALA A 109 21.94 -6.12 -18.37
CA ALA A 109 21.81 -4.76 -18.87
C ALA A 109 22.71 -3.81 -18.09
N PHE A 110 23.25 -2.82 -18.79
CA PHE A 110 24.13 -1.84 -18.19
C PHE A 110 23.93 -0.51 -18.90
N SER A 111 24.35 0.56 -18.23
CA SER A 111 24.32 1.89 -18.80
C SER A 111 25.71 2.29 -19.25
N ASN A 112 25.80 2.91 -20.41
CA ASN A 112 27.09 3.33 -20.94
C ASN A 112 27.00 4.75 -21.49
N CYS A 113 26.38 5.65 -20.71
CA CYS A 113 26.21 7.03 -21.11
C CYS A 113 26.44 7.90 -19.89
N TYR A 114 26.02 9.15 -19.98
CA TYR A 114 26.23 10.10 -18.90
C TYR A 114 25.60 9.57 -17.61
N PRO A 115 26.32 9.60 -16.50
CA PRO A 115 25.77 9.05 -15.26
C PRO A 115 24.56 9.83 -14.80
N TYR A 116 23.41 9.19 -14.83
CA TYR A 116 22.16 9.84 -14.48
C TYR A 116 21.59 9.21 -13.22
N ASP A 117 20.50 9.82 -12.75
CA ASP A 117 19.85 9.38 -11.52
C ASP A 117 18.39 9.79 -11.61
N VAL A 118 17.49 8.87 -11.32
CA VAL A 118 16.06 9.09 -11.45
C VAL A 118 15.43 9.05 -10.07
N PRO A 119 15.15 10.20 -9.47
CA PRO A 119 14.29 10.20 -8.28
C PRO A 119 12.93 9.62 -8.64
N ASP A 120 12.39 8.81 -7.74
CA ASP A 120 11.21 8.01 -8.03
C ASP A 120 11.43 7.19 -9.31
N TYR A 121 12.50 6.41 -9.31
CA TYR A 121 12.81 5.59 -10.47
C TYR A 121 11.74 4.54 -10.70
N ALA A 122 11.26 3.93 -9.62
CA ALA A 122 10.30 2.84 -9.76
C ALA A 122 9.00 3.33 -10.39
N SER A 123 8.52 4.51 -9.99
CA SER A 123 7.28 5.02 -10.56
C SER A 123 7.43 5.30 -12.05
N LEU A 124 8.53 5.94 -12.45
CA LEU A 124 8.73 6.22 -13.86
C LEU A 124 8.83 4.94 -14.66
N ARG A 125 9.60 3.98 -14.17
CA ARG A 125 9.71 2.72 -14.89
C ARG A 125 8.37 2.03 -14.99
N SER A 126 7.60 2.04 -13.90
CA SER A 126 6.30 1.38 -13.92
C SER A 126 5.37 2.01 -14.94
N LEU A 127 5.29 3.34 -14.96
CA LEU A 127 4.32 3.96 -15.85
C LEU A 127 4.78 3.87 -17.31
N VAL A 128 6.09 3.96 -17.55
CA VAL A 128 6.57 3.78 -18.91
C VAL A 128 6.27 2.37 -19.40
N ALA A 129 6.53 1.37 -18.56
CA ALA A 129 6.26 -0.01 -18.95
C ALA A 129 4.78 -0.23 -19.20
N SER A 130 3.93 0.34 -18.36
CA SER A 130 2.49 0.17 -18.56
C SER A 130 2.01 0.90 -19.81
N SER A 131 2.66 2.00 -20.18
CA SER A 131 2.26 2.68 -21.41
C SER A 131 2.43 1.78 -22.60
N GLY A 132 3.53 1.04 -22.67
CA GLY A 132 3.69 0.05 -23.70
C GLY A 132 4.20 0.53 -25.03
N THR A 133 4.77 1.74 -25.08
CA THR A 133 5.34 2.19 -26.33
C THR A 133 6.38 3.26 -26.04
N LEU A 134 7.44 3.24 -26.84
CA LEU A 134 8.49 4.24 -26.76
C LEU A 134 8.35 5.27 -27.88
N GLU A 135 7.16 5.34 -28.48
CA GLU A 135 6.94 6.21 -29.62
C GLU A 135 7.18 7.66 -29.22
N PHE A 136 8.18 8.27 -29.81
CA PHE A 136 8.63 9.60 -29.43
C PHE A 136 8.35 10.56 -30.58
N ILE A 137 7.57 11.60 -30.31
CA ILE A 137 7.23 12.62 -31.28
C ILE A 137 8.07 13.84 -30.98
N THR A 138 8.90 14.24 -31.95
CA THR A 138 9.75 15.39 -31.76
C THR A 138 8.96 16.67 -31.91
N GLU A 139 9.05 17.54 -30.92
CA GLU A 139 8.34 18.81 -30.95
C GLU A 139 9.34 19.94 -31.19
N GLY A 140 8.83 21.03 -31.77
CA GLY A 140 9.66 22.18 -32.05
C GLY A 140 9.74 23.10 -30.85
N PHE A 141 10.83 23.01 -30.12
CA PHE A 141 11.07 23.89 -28.99
C PHE A 141 11.98 25.03 -29.42
N THR A 142 11.64 26.23 -29.02
CA THR A 142 12.37 27.43 -29.42
C THR A 142 13.25 27.87 -28.26
N TRP A 143 14.48 27.38 -28.23
CA TRP A 143 15.47 27.80 -27.22
C TRP A 143 16.29 28.92 -27.83
N THR A 144 16.11 30.13 -27.32
CA THR A 144 16.77 31.31 -27.84
C THR A 144 17.91 31.72 -26.93
N GLY A 145 19.09 31.89 -27.50
CA GLY A 145 20.22 32.37 -26.76
C GLY A 145 21.00 31.31 -26.01
N VAL A 146 20.81 30.04 -26.34
CA VAL A 146 21.55 28.96 -25.70
C VAL A 146 22.07 28.02 -26.77
N THR A 147 23.12 27.30 -26.44
CA THR A 147 23.73 26.35 -27.37
C THR A 147 23.11 24.97 -27.16
N GLN A 148 22.38 24.50 -28.16
CA GLN A 148 21.69 23.22 -28.07
C GLN A 148 22.66 22.08 -28.39
N ASN A 149 22.15 20.86 -28.23
CA ASN A 149 22.88 19.66 -28.61
C ASN A 149 24.21 19.55 -27.87
N GLY A 150 24.24 19.95 -26.61
CA GLY A 150 25.41 19.72 -25.80
C GLY A 150 25.71 18.25 -25.63
N GLY A 151 26.99 17.92 -25.55
CA GLY A 151 27.40 16.54 -25.49
C GLY A 151 28.56 16.35 -24.53
N SER A 152 28.93 15.09 -24.33
CA SER A 152 30.00 14.74 -23.40
C SER A 152 30.76 13.54 -23.92
N ASN A 153 32.00 13.40 -23.44
CA ASN A 153 32.83 12.28 -23.83
C ASN A 153 32.48 10.98 -23.11
N ALA A 154 31.76 11.05 -22.00
CA ALA A 154 31.39 9.82 -21.31
C ALA A 154 30.29 9.08 -22.06
N CYS A 155 29.56 9.78 -22.91
CA CYS A 155 28.49 9.18 -23.71
C CYS A 155 28.88 9.32 -25.16
N LYS A 156 29.64 8.35 -25.66
CA LYS A 156 30.25 8.44 -26.97
C LYS A 156 29.31 7.86 -28.01
N ARG A 157 28.74 8.72 -28.84
CA ARG A 157 27.92 8.31 -29.97
C ARG A 157 28.78 8.37 -31.22
N GLY A 158 28.86 7.25 -31.93
CA GLY A 158 29.77 7.14 -33.04
C GLY A 158 31.20 7.26 -32.55
N PRO A 159 32.02 8.02 -33.28
CA PRO A 159 33.41 8.21 -32.84
C PRO A 159 33.57 9.38 -31.88
N GLY A 160 32.64 10.33 -31.92
CA GLY A 160 32.74 11.56 -31.17
C GLY A 160 31.86 11.58 -29.94
N SER A 161 31.92 12.69 -29.22
CA SER A 161 31.11 12.88 -28.04
C SER A 161 29.64 13.03 -28.40
N GLY A 162 28.78 12.53 -27.54
CA GLY A 162 27.36 12.57 -27.78
C GLY A 162 26.58 12.75 -26.51
N PHE A 163 25.32 12.34 -26.55
CA PHE A 163 24.41 12.49 -25.41
C PHE A 163 23.21 11.60 -25.63
N PHE A 164 22.28 11.64 -24.68
CA PHE A 164 21.02 10.93 -24.86
C PHE A 164 20.29 11.48 -26.07
N SER A 165 19.75 10.59 -26.90
CA SER A 165 19.10 11.04 -28.12
C SER A 165 17.80 11.76 -27.86
N ARG A 166 17.17 11.53 -26.71
CA ARG A 166 15.88 12.13 -26.41
C ARG A 166 15.98 13.28 -25.44
N LEU A 167 17.16 13.83 -25.24
CA LEU A 167 17.34 15.00 -24.39
C LEU A 167 18.22 16.01 -25.11
N ASN A 168 18.17 17.25 -24.64
CA ASN A 168 18.86 18.36 -25.29
C ASN A 168 19.58 19.15 -24.21
N TRP A 169 20.90 19.10 -24.22
CA TRP A 169 21.70 19.75 -23.19
C TRP A 169 21.96 21.20 -23.61
N LEU A 170 21.26 22.13 -22.97
CA LEU A 170 21.39 23.55 -23.28
C LEU A 170 22.48 24.16 -22.42
N THR A 171 23.47 24.77 -23.06
CA THR A 171 24.56 25.45 -22.40
C THR A 171 24.54 26.92 -22.80
N LYS A 172 25.38 27.71 -22.13
CA LYS A 172 25.44 29.13 -22.45
C LYS A 172 25.91 29.34 -23.88
N SER A 173 25.33 30.33 -24.53
CA SER A 173 25.73 30.73 -25.88
C SER A 173 26.52 32.02 -25.76
N GLY A 174 27.73 32.03 -26.30
CA GLY A 174 28.58 33.19 -26.13
C GLY A 174 29.00 33.35 -24.69
N SER A 175 28.43 34.35 -24.01
CA SER A 175 28.75 34.60 -22.61
C SER A 175 27.52 34.88 -21.77
N THR A 176 26.34 34.50 -22.24
CA THR A 176 25.12 34.73 -21.48
C THR A 176 24.23 33.49 -21.54
N TYR A 177 23.34 33.41 -20.56
CA TYR A 177 22.37 32.31 -20.49
C TYR A 177 21.03 32.92 -20.11
N PRO A 178 20.20 33.25 -21.09
CA PRO A 178 18.94 33.91 -20.79
C PRO A 178 17.99 32.99 -20.04
N VAL A 179 17.06 33.59 -19.32
CA VAL A 179 16.09 32.81 -18.58
C VAL A 179 15.12 32.20 -19.58
N LEU A 180 15.35 30.94 -19.94
CA LEU A 180 14.47 30.25 -20.86
C LEU A 180 13.07 30.18 -20.30
N ASN A 181 12.10 30.53 -21.13
CA ASN A 181 10.69 30.47 -20.74
C ASN A 181 9.91 30.06 -21.99
N VAL A 182 9.67 28.77 -22.12
CA VAL A 182 9.04 28.24 -23.31
C VAL A 182 7.77 27.49 -22.91
N THR A 183 6.92 27.24 -23.89
CA THR A 183 5.64 26.63 -23.63
C THR A 183 5.25 25.71 -24.77
N MET A 184 4.44 24.71 -24.45
CA MET A 184 3.86 23.82 -25.44
C MET A 184 2.46 23.42 -25.02
N PRO A 185 1.45 23.72 -25.82
CA PRO A 185 0.09 23.29 -25.50
C PRO A 185 -0.19 21.89 -26.02
N ASN A 186 -1.01 21.19 -25.25
CA ASN A 186 -1.44 19.83 -25.61
C ASN A 186 -2.82 19.94 -26.25
N ASN A 187 -2.85 19.96 -27.57
CA ASN A 187 -4.11 20.05 -28.31
C ASN A 187 -4.64 18.70 -28.75
N ASP A 188 -3.90 17.62 -28.54
CA ASP A 188 -4.38 16.30 -28.90
C ASP A 188 -5.09 15.67 -27.72
N ASN A 189 -5.81 14.59 -27.99
CA ASN A 189 -6.60 13.91 -26.97
C ASN A 189 -5.91 12.67 -26.41
N PHE A 190 -4.59 12.70 -26.27
CA PHE A 190 -3.86 11.68 -25.56
C PHE A 190 -2.86 12.35 -24.63
N ASP A 191 -2.51 11.67 -23.55
CA ASP A 191 -1.52 12.22 -22.63
C ASP A 191 -0.18 12.34 -23.33
N LYS A 192 0.59 13.36 -22.94
CA LYS A 192 1.96 13.52 -23.39
C LYS A 192 2.89 13.31 -22.21
N LEU A 193 3.98 12.61 -22.43
CA LEU A 193 4.98 12.38 -21.40
C LEU A 193 6.25 13.11 -21.79
N TYR A 194 6.64 14.10 -21.02
CA TYR A 194 7.86 14.85 -21.25
C TYR A 194 8.90 14.40 -20.26
N ILE A 195 10.08 14.03 -20.75
CA ILE A 195 11.19 13.63 -19.91
C ILE A 195 12.23 14.72 -19.97
N TRP A 196 12.51 15.35 -18.84
CA TRP A 196 13.51 16.39 -18.78
C TRP A 196 14.48 16.07 -17.66
N GLY A 197 15.49 16.90 -17.48
CA GLY A 197 16.48 16.62 -16.47
C GLY A 197 17.19 17.87 -16.01
N VAL A 198 17.84 17.75 -14.86
CA VAL A 198 18.61 18.83 -14.26
C VAL A 198 20.05 18.36 -14.13
N HIS A 199 20.98 19.21 -14.54
CA HIS A 199 22.39 18.84 -14.54
C HIS A 199 23.07 19.34 -13.27
N HIS A 200 23.53 18.43 -12.44
CA HIS A 200 24.29 18.81 -11.26
C HIS A 200 25.77 18.80 -11.61
N PRO A 201 26.42 19.95 -11.66
CA PRO A 201 27.86 19.97 -11.94
C PRO A 201 28.65 19.59 -10.72
N SER A 202 29.92 19.29 -10.94
CA SER A 202 30.77 18.87 -9.83
C SER A 202 31.39 20.06 -9.12
N THR A 203 31.87 21.05 -9.88
CA THR A 203 32.61 22.17 -9.32
C THR A 203 31.98 23.49 -9.73
N ASN A 204 32.10 24.48 -8.85
CA ASN A 204 31.54 25.79 -9.13
C ASN A 204 32.10 26.38 -10.40
N GLN A 205 33.37 26.10 -10.71
CA GLN A 205 33.94 26.57 -11.96
C GLN A 205 33.19 26.00 -13.14
N GLU A 206 32.88 24.71 -13.10
CA GLU A 206 32.12 24.11 -14.19
C GLU A 206 30.70 24.69 -14.26
N GLN A 207 30.11 24.96 -13.10
CA GLN A 207 28.79 25.60 -13.09
C GLN A 207 28.83 26.93 -13.83
N THR A 208 29.78 27.79 -13.48
CA THR A 208 29.81 29.11 -14.12
C THR A 208 30.34 29.04 -15.55
N SER A 209 31.06 27.98 -15.90
CA SER A 209 31.52 27.83 -17.27
C SER A 209 30.40 27.35 -18.19
N LEU A 210 29.51 26.52 -17.69
CA LEU A 210 28.40 26.05 -18.52
C LEU A 210 27.19 26.97 -18.46
N TYR A 211 26.87 27.51 -17.29
CA TYR A 211 25.70 28.35 -17.11
C TYR A 211 26.15 29.56 -16.31
N VAL A 212 26.04 30.75 -16.91
CA VAL A 212 26.69 31.90 -16.28
C VAL A 212 26.13 32.20 -14.90
N GLN A 213 24.87 31.85 -14.65
CA GLN A 213 24.33 32.06 -13.31
C GLN A 213 25.08 31.22 -12.30
N ALA A 214 25.30 31.80 -11.11
CA ALA A 214 25.98 31.08 -10.05
C ALA A 214 25.21 29.87 -9.58
N SER A 215 23.88 29.95 -9.50
CA SER A 215 23.07 28.81 -9.08
C SER A 215 21.69 28.98 -9.71
N GLY A 216 21.47 28.30 -10.82
CA GLY A 216 20.21 28.40 -11.53
C GLY A 216 19.16 27.51 -10.93
N ARG A 217 18.02 27.44 -11.61
CA ARG A 217 17.01 26.46 -11.25
C ARG A 217 16.14 26.15 -12.45
N VAL A 218 15.37 25.07 -12.31
CA VAL A 218 14.48 24.57 -13.34
C VAL A 218 13.09 24.51 -12.75
N THR A 219 12.08 24.88 -13.53
CA THR A 219 10.69 24.82 -13.09
C THR A 219 9.83 24.41 -14.26
N VAL A 220 9.29 23.20 -14.21
CA VAL A 220 8.38 22.71 -15.23
C VAL A 220 7.00 22.62 -14.63
N SER A 221 6.05 23.31 -15.24
CA SER A 221 4.74 23.47 -14.62
C SER A 221 3.66 23.25 -15.66
N THR A 222 2.48 22.90 -15.17
CA THR A 222 1.29 22.78 -15.99
C THR A 222 0.17 23.58 -15.35
N ARG A 223 -1.05 23.48 -15.87
CA ARG A 223 -2.16 24.18 -15.24
C ARG A 223 -2.44 23.65 -13.85
N ARG A 224 -2.30 22.34 -13.65
CA ARG A 224 -2.71 21.71 -12.41
C ARG A 224 -1.59 21.48 -11.42
N SER A 225 -0.34 21.41 -11.87
CA SER A 225 0.77 21.11 -10.98
C SER A 225 2.04 21.77 -11.50
N GLN A 226 3.01 21.91 -10.61
CA GLN A 226 4.31 22.46 -10.94
C GLN A 226 5.38 21.65 -10.23
N GLN A 227 6.61 21.79 -10.72
CA GLN A 227 7.72 21.04 -10.17
C GLN A 227 8.98 21.86 -10.38
N THR A 228 9.63 22.22 -9.28
CA THR A 228 10.82 23.06 -9.33
C THR A 228 12.00 22.35 -8.68
N ILE A 229 13.16 22.47 -9.30
CA ILE A 229 14.39 21.82 -8.87
C ILE A 229 15.48 22.87 -8.77
N ILE A 230 16.22 22.84 -7.67
CA ILE A 230 17.38 23.70 -7.47
C ILE A 230 18.63 22.85 -7.62
N PRO A 231 19.33 22.94 -8.75
CA PRO A 231 20.53 22.14 -8.93
C PRO A 231 21.59 22.50 -7.90
N ASN A 232 22.29 21.49 -7.42
CA ASN A 232 23.35 21.67 -6.45
C ASN A 232 24.69 21.40 -7.10
N ILE A 233 25.74 21.93 -6.50
CA ILE A 233 27.10 21.78 -7.01
C ILE A 233 27.90 21.04 -5.97
N GLY A 234 28.42 19.88 -6.33
CA GLY A 234 29.24 19.12 -5.42
C GLY A 234 29.79 17.89 -6.10
N SER A 235 31.00 17.52 -5.69
CA SER A 235 31.64 16.34 -6.22
C SER A 235 30.90 15.09 -5.78
N ARG A 236 30.85 14.10 -6.65
CA ARG A 236 30.12 12.86 -6.45
C ARG A 236 31.01 11.69 -6.82
N PRO A 237 30.64 10.48 -6.43
CA PRO A 237 31.48 9.33 -6.75
C PRO A 237 31.76 9.22 -8.24
N TRP A 238 33.02 8.96 -8.56
CA TRP A 238 33.48 8.91 -9.94
C TRP A 238 32.79 7.77 -10.66
N VAL A 239 31.94 8.08 -11.64
CA VAL A 239 31.29 7.08 -12.46
C VAL A 239 31.54 7.42 -13.91
N ARG A 240 32.16 6.49 -14.65
CA ARG A 240 32.42 6.67 -16.06
C ARG A 240 33.15 7.98 -16.34
N GLY A 241 34.14 8.28 -15.50
CA GLY A 241 34.99 9.42 -15.74
C GLY A 241 34.43 10.77 -15.31
N LEU A 242 33.27 10.81 -14.68
CA LEU A 242 32.66 12.08 -14.33
C LEU A 242 32.25 12.11 -12.87
N SER A 243 32.13 13.31 -12.35
CA SER A 243 31.59 13.55 -11.02
C SER A 243 30.25 14.26 -11.05
N SER A 244 29.84 14.77 -12.20
CA SER A 244 28.56 15.43 -12.35
C SER A 244 27.48 14.40 -12.58
N ARG A 245 26.22 14.84 -12.46
CA ARG A 245 25.10 13.91 -12.61
C ARG A 245 23.98 14.58 -13.37
N ILE A 246 23.03 13.75 -13.81
CA ILE A 246 21.78 14.19 -14.37
C ILE A 246 20.66 13.61 -13.53
N SER A 247 19.73 14.47 -13.11
CA SER A 247 18.54 14.03 -12.42
C SER A 247 17.39 14.06 -13.41
N ILE A 248 16.76 12.90 -13.62
CA ILE A 248 15.76 12.75 -14.66
C ILE A 248 14.37 12.85 -14.03
N TYR A 249 13.58 13.81 -14.49
CA TYR A 249 12.20 13.98 -14.05
C TYR A 249 11.27 13.85 -15.23
N TRP A 250 9.99 13.63 -14.94
CA TRP A 250 8.99 13.47 -15.98
C TRP A 250 7.76 14.29 -15.63
N THR A 251 7.04 14.69 -16.66
CA THR A 251 5.82 15.47 -16.49
C THR A 251 4.79 15.01 -17.50
N ILE A 252 3.58 14.74 -17.04
CA ILE A 252 2.52 14.21 -17.88
C ILE A 252 1.51 15.32 -18.13
N VAL A 253 1.38 15.71 -19.39
CA VAL A 253 0.48 16.77 -19.80
C VAL A 253 -0.78 16.12 -20.34
N LYS A 254 -1.88 16.30 -19.63
CA LYS A 254 -3.16 15.74 -20.03
C LYS A 254 -3.70 16.51 -21.23
N PRO A 255 -4.68 15.95 -21.94
CA PRO A 255 -5.22 16.67 -23.09
C PRO A 255 -5.80 18.01 -22.68
N GLY A 256 -5.59 19.02 -23.53
CA GLY A 256 -6.06 20.35 -23.25
C GLY A 256 -5.23 21.13 -22.27
N ASP A 257 -4.14 20.56 -21.77
CA ASP A 257 -3.28 21.21 -20.80
C ASP A 257 -2.11 21.87 -21.52
N VAL A 258 -1.28 22.57 -20.73
CA VAL A 258 -0.16 23.32 -21.27
C VAL A 258 1.06 23.04 -20.41
N LEU A 259 2.22 22.93 -21.05
CA LEU A 259 3.50 22.80 -20.39
C LEU A 259 4.23 24.12 -20.47
N VAL A 260 4.79 24.57 -19.35
CA VAL A 260 5.64 25.75 -19.32
C VAL A 260 6.95 25.38 -18.64
N ILE A 261 8.04 25.54 -19.37
CA ILE A 261 9.38 25.28 -18.87
C ILE A 261 10.06 26.61 -18.64
N ASN A 262 10.44 26.88 -17.40
CA ASN A 262 11.08 28.13 -17.01
C ASN A 262 12.35 27.78 -16.26
N SER A 263 13.50 28.10 -16.84
CA SER A 263 14.76 27.77 -16.22
C SER A 263 15.74 28.90 -16.42
N ASN A 264 16.71 29.00 -15.50
CA ASN A 264 17.82 29.93 -15.71
C ASN A 264 19.17 29.25 -15.57
N GLY A 265 19.25 27.98 -15.89
CA GLY A 265 20.50 27.24 -15.82
C GLY A 265 20.26 25.80 -15.41
N ASN A 266 21.22 24.95 -15.78
CA ASN A 266 21.21 23.54 -15.42
C ASN A 266 19.95 22.84 -15.91
N LEU A 267 19.59 23.04 -17.17
CA LEU A 267 18.40 22.42 -17.72
C LEU A 267 18.77 21.45 -18.81
N ILE A 268 18.29 20.22 -18.70
CA ILE A 268 18.39 19.24 -19.78
C ILE A 268 17.02 19.16 -20.43
N ALA A 269 16.79 19.97 -21.45
CA ALA A 269 15.47 20.13 -22.00
C ALA A 269 15.03 18.87 -22.72
N PRO A 270 13.73 18.64 -22.82
CA PRO A 270 13.23 17.57 -23.68
C PRO A 270 13.29 17.99 -25.13
N ARG A 271 13.28 17.00 -26.01
CA ARG A 271 13.18 17.26 -27.42
C ARG A 271 11.77 17.07 -27.95
N GLY A 272 10.93 16.35 -27.23
CA GLY A 272 9.59 16.07 -27.67
C GLY A 272 8.79 15.38 -26.59
N TYR A 273 7.87 14.51 -26.97
CA TYR A 273 7.05 13.84 -25.98
C TYR A 273 6.86 12.38 -26.34
N PHE A 274 6.69 11.56 -25.32
CA PHE A 274 6.38 10.15 -25.50
C PHE A 274 4.88 9.97 -25.47
N LYS A 275 4.34 9.30 -26.48
CA LYS A 275 2.89 9.11 -26.54
C LYS A 275 2.46 8.10 -25.50
N MET A 276 1.85 8.58 -24.43
CA MET A 276 1.33 7.69 -23.39
C MET A 276 0.13 6.91 -23.92
N ARG A 277 -0.11 5.75 -23.33
CA ARG A 277 -1.22 4.91 -23.74
C ARG A 277 -1.77 4.16 -22.55
N THR A 278 -2.81 3.37 -22.81
CA THR A 278 -3.35 2.42 -21.87
C THR A 278 -3.41 1.07 -22.55
N GLY A 279 -3.05 0.03 -21.85
CA GLY A 279 -3.08 -1.29 -22.44
C GLY A 279 -2.71 -2.35 -21.43
N LYS A 280 -2.42 -3.54 -21.95
CA LYS A 280 -2.03 -4.68 -21.14
C LYS A 280 -0.53 -4.85 -21.07
N SER A 281 0.22 -3.78 -21.31
CA SER A 281 1.66 -3.84 -21.36
C SER A 281 2.23 -3.92 -19.96
N SER A 282 3.42 -4.52 -19.85
CA SER A 282 4.09 -4.63 -18.57
C SER A 282 5.56 -4.94 -18.83
N ILE A 283 6.32 -5.09 -17.75
CA ILE A 283 7.76 -5.32 -17.82
C ILE A 283 8.11 -6.46 -16.89
N MET A 284 9.20 -7.15 -17.18
CA MET A 284 9.63 -8.29 -16.38
C MET A 284 11.13 -8.42 -16.41
N ARG A 285 11.72 -8.78 -15.28
CA ARG A 285 13.15 -9.01 -15.18
C ARG A 285 13.40 -10.51 -15.24
N SER A 286 13.98 -10.97 -16.33
CA SER A 286 14.21 -12.39 -16.49
C SER A 286 15.30 -12.62 -17.51
N ASP A 287 16.13 -13.62 -17.27
CA ASP A 287 17.19 -13.98 -18.20
C ASP A 287 16.80 -15.15 -19.09
N ALA A 288 15.55 -15.58 -19.05
CA ALA A 288 15.13 -16.70 -19.88
C ALA A 288 15.23 -16.30 -21.35
N PRO A 289 15.65 -17.20 -22.23
CA PRO A 289 15.74 -16.87 -23.64
C PRO A 289 14.39 -16.96 -24.32
N ILE A 290 14.14 -16.01 -25.23
CA ILE A 290 12.89 -16.00 -25.98
C ILE A 290 12.90 -17.13 -26.98
N ASP A 291 11.75 -17.78 -27.14
CA ASP A 291 11.64 -18.95 -28.00
C ASP A 291 10.39 -18.83 -28.84
N THR A 292 10.39 -19.54 -29.97
CA THR A 292 9.28 -19.49 -30.93
C THR A 292 8.30 -20.60 -30.58
N CYS A 293 7.19 -20.23 -29.96
CA CYS A 293 6.18 -21.18 -29.52
C CYS A 293 4.95 -20.39 -29.10
N ILE A 294 3.94 -21.11 -28.61
CA ILE A 294 2.67 -20.53 -28.20
C ILE A 294 2.48 -20.78 -26.72
N SER A 295 2.22 -19.72 -25.96
CA SER A 295 1.89 -19.87 -24.55
C SER A 295 1.30 -18.57 -24.05
N GLU A 296 0.41 -18.67 -23.08
CA GLU A 296 -0.31 -17.51 -22.57
C GLU A 296 0.27 -16.96 -21.28
N CYS A 297 0.90 -17.79 -20.45
CA CYS A 297 1.36 -17.39 -19.13
C CYS A 297 2.87 -17.35 -19.13
N ILE A 298 3.43 -16.19 -18.80
CA ILE A 298 4.88 -15.98 -18.80
C ILE A 298 5.31 -15.63 -17.40
N THR A 299 6.24 -16.39 -16.85
CA THR A 299 6.85 -16.08 -15.57
C THR A 299 8.32 -15.84 -15.83
N PRO A 300 9.08 -15.29 -14.88
CA PRO A 300 10.51 -15.13 -15.11
C PRO A 300 11.24 -16.44 -15.36
N ASN A 301 10.66 -17.57 -14.99
CA ASN A 301 11.24 -18.87 -15.28
C ASN A 301 10.88 -19.40 -16.66
N GLY A 302 10.14 -18.64 -17.45
CA GLY A 302 9.75 -19.05 -18.78
C GLY A 302 8.24 -19.11 -18.93
N SER A 303 7.82 -19.59 -20.09
CA SER A 303 6.40 -19.78 -20.33
C SER A 303 5.93 -21.06 -19.68
N ILE A 304 4.76 -21.01 -19.06
CA ILE A 304 4.22 -22.22 -18.44
C ILE A 304 2.81 -22.46 -18.93
N PRO A 305 2.38 -23.70 -19.08
CA PRO A 305 0.99 -23.96 -19.47
C PRO A 305 0.04 -23.57 -18.35
N ASN A 306 -1.14 -23.12 -18.74
CA ASN A 306 -2.15 -22.68 -17.78
C ASN A 306 -3.32 -23.65 -17.67
N ASP A 307 -3.10 -24.92 -18.03
CA ASP A 307 -4.16 -25.90 -17.87
C ASP A 307 -4.50 -26.13 -16.40
N LYS A 308 -3.51 -26.25 -15.54
CA LYS A 308 -3.73 -26.44 -14.13
C LYS A 308 -4.15 -25.12 -13.47
N PRO A 309 -4.97 -25.18 -12.42
CA PRO A 309 -5.45 -23.93 -11.81
C PRO A 309 -4.44 -23.25 -10.93
N PHE A 310 -3.50 -23.96 -10.35
CA PHE A 310 -2.53 -23.38 -9.43
C PHE A 310 -1.12 -23.65 -9.93
N GLN A 311 -0.22 -22.74 -9.61
CA GLN A 311 1.17 -22.89 -10.02
C GLN A 311 2.08 -22.54 -8.86
N ASN A 312 3.28 -23.12 -8.88
CA ASN A 312 4.25 -22.94 -7.82
C ASN A 312 5.57 -22.41 -8.36
N VAL A 313 5.63 -22.07 -9.64
CA VAL A 313 6.89 -21.68 -10.25
C VAL A 313 7.37 -20.36 -9.69
N ASN A 314 6.60 -19.30 -9.91
CA ASN A 314 7.01 -17.98 -9.48
C ASN A 314 5.77 -17.18 -9.13
N LYS A 315 5.96 -16.16 -8.29
CA LYS A 315 4.85 -15.30 -7.95
C LYS A 315 4.74 -14.10 -8.86
N ILE A 316 5.69 -13.90 -9.76
CA ILE A 316 5.62 -12.86 -10.77
C ILE A 316 5.10 -13.49 -12.05
N THR A 317 4.00 -12.98 -12.56
CA THR A 317 3.34 -13.60 -13.71
C THR A 317 2.89 -12.53 -14.68
N TYR A 318 2.68 -12.94 -15.93
CA TYR A 318 2.09 -12.07 -16.92
C TYR A 318 1.19 -12.90 -17.82
N GLY A 319 0.00 -12.40 -18.08
CA GLY A 319 -0.98 -13.10 -18.88
C GLY A 319 -1.93 -13.91 -18.03
N ALA A 320 -2.68 -14.77 -18.71
CA ALA A 320 -3.64 -15.64 -18.05
C ALA A 320 -2.87 -16.76 -17.36
N CYS A 321 -2.51 -16.51 -16.11
CA CYS A 321 -1.65 -17.40 -15.35
C CYS A 321 -2.41 -18.06 -14.22
N PRO A 322 -2.04 -19.28 -13.86
CA PRO A 322 -2.60 -19.91 -12.68
C PRO A 322 -2.21 -19.14 -11.43
N LYS A 323 -3.04 -19.26 -10.40
CA LYS A 323 -2.77 -18.53 -9.16
C LYS A 323 -1.60 -19.17 -8.43
N TYR A 324 -0.68 -18.34 -7.97
CA TYR A 324 0.48 -18.83 -7.25
C TYR A 324 0.07 -19.36 -5.89
N VAL A 325 0.64 -20.51 -5.51
CA VAL A 325 0.40 -21.09 -4.20
C VAL A 325 1.73 -21.55 -3.63
N LYS A 326 1.75 -21.73 -2.31
CA LYS A 326 2.99 -22.15 -1.66
C LYS A 326 3.25 -23.64 -1.77
N GLN A 327 2.20 -24.45 -1.89
CA GLN A 327 2.38 -25.90 -1.91
C GLN A 327 2.98 -26.35 -3.23
N ASN A 328 3.83 -27.38 -3.14
CA ASN A 328 4.45 -27.93 -4.34
C ASN A 328 3.67 -29.09 -4.93
N THR A 329 2.63 -29.56 -4.26
CA THR A 329 1.80 -30.63 -4.79
C THR A 329 0.41 -30.55 -4.17
N LEU A 330 -0.59 -30.80 -4.99
CA LEU A 330 -1.98 -30.86 -4.53
C LEU A 330 -2.70 -31.89 -5.36
N LYS A 331 -3.02 -33.03 -4.77
CA LYS A 331 -3.58 -34.15 -5.50
C LYS A 331 -5.09 -34.08 -5.48
N LEU A 332 -5.71 -34.09 -6.65
CA LEU A 332 -7.15 -34.15 -6.79
C LEU A 332 -7.55 -35.57 -7.14
N ALA A 333 -8.42 -36.16 -6.33
CA ALA A 333 -8.86 -37.53 -6.60
C ALA A 333 -9.75 -37.54 -7.84
N THR A 334 -9.45 -38.43 -8.77
CA THR A 334 -10.24 -38.59 -9.99
C THR A 334 -10.76 -40.02 -10.11
N GLY A 335 -10.83 -40.73 -9.00
CA GLY A 335 -11.33 -42.08 -9.02
C GLY A 335 -11.91 -42.46 -7.69
N MET A 336 -12.34 -43.72 -7.60
CA MET A 336 -12.92 -44.26 -6.38
C MET A 336 -11.83 -44.70 -5.41
N ARG A 337 -12.24 -44.89 -4.16
CA ARG A 337 -11.28 -45.33 -3.14
C ARG A 337 -10.68 -46.66 -3.55
N ASN A 338 -9.36 -46.77 -3.41
CA ASN A 338 -8.62 -47.92 -3.91
C ASN A 338 -8.58 -48.99 -2.83
N VAL A 339 -9.41 -50.00 -2.97
CA VAL A 339 -9.37 -51.21 -2.15
C VAL A 339 -9.00 -52.37 -3.05
N PRO A 340 -7.73 -52.79 -3.08
CA PRO A 340 -7.27 -53.83 -3.99
C PRO A 340 -7.54 -55.23 -3.44
N ASN B 49 -14.71 -34.62 -14.90
CA ASN B 49 -13.55 -34.07 -15.60
C ASN B 49 -12.65 -33.27 -14.66
N GLY B 50 -12.28 -32.07 -15.11
CA GLY B 50 -11.46 -31.20 -14.29
C GLY B 50 -12.13 -30.85 -12.98
N LYS B 51 -13.45 -30.64 -13.02
CA LYS B 51 -14.35 -30.48 -11.88
C LYS B 51 -14.18 -29.14 -11.18
N LEU B 52 -13.09 -28.42 -11.44
CA LEU B 52 -12.85 -27.12 -10.81
C LEU B 52 -13.37 -25.98 -11.65
N ASN B 53 -13.98 -26.28 -12.79
CA ASN B 53 -14.48 -25.22 -13.66
C ASN B 53 -15.57 -24.42 -12.97
N ARG B 54 -16.41 -25.10 -12.18
CA ARG B 54 -17.52 -24.43 -11.52
C ARG B 54 -17.04 -23.50 -10.41
N VAL B 55 -16.02 -23.93 -9.66
CA VAL B 55 -15.57 -23.14 -8.51
C VAL B 55 -14.67 -22.00 -8.97
N ILE B 56 -13.62 -22.32 -9.69
CA ILE B 56 -12.77 -21.32 -10.32
C ILE B 56 -13.19 -21.26 -11.78
N GLU B 57 -13.86 -20.18 -12.15
CA GLU B 57 -14.46 -20.08 -13.48
C GLU B 57 -13.41 -20.15 -14.58
N LYS B 58 -12.28 -19.48 -14.40
CA LYS B 58 -11.18 -19.56 -15.35
C LYS B 58 -9.95 -19.00 -14.66
N THR B 59 -8.84 -18.99 -15.40
CA THR B 59 -7.63 -18.32 -14.94
C THR B 59 -7.75 -16.85 -15.30
N ASN B 60 -7.98 -16.01 -14.29
CA ASN B 60 -8.09 -14.58 -14.51
C ASN B 60 -6.78 -14.01 -15.04
N GLU B 61 -6.91 -12.94 -15.81
CA GLU B 61 -5.86 -12.50 -16.73
C GLU B 61 -5.29 -11.18 -16.25
N LYS B 62 -4.15 -11.24 -15.54
CA LYS B 62 -3.55 -10.08 -14.93
C LYS B 62 -2.32 -9.67 -15.73
N PHE B 63 -2.19 -8.37 -15.99
CA PHE B 63 -1.14 -7.86 -16.86
C PHE B 63 -0.11 -7.02 -16.13
N HIS B 64 -0.51 -5.97 -15.45
CA HIS B 64 0.44 -5.10 -14.76
C HIS B 64 0.17 -5.17 -13.27
N GLN B 65 1.20 -5.50 -12.49
CA GLN B 65 1.05 -5.59 -11.05
C GLN B 65 2.18 -4.85 -10.35
N ILE B 66 2.22 -4.94 -9.03
CA ILE B 66 3.24 -4.28 -8.24
C ILE B 66 4.56 -5.00 -8.42
N GLU B 67 5.65 -4.38 -7.96
CA GLU B 67 6.91 -5.08 -7.90
C GLU B 67 6.90 -6.08 -6.76
N LYS B 68 7.39 -7.28 -7.03
CA LYS B 68 7.48 -8.30 -5.99
C LYS B 68 8.91 -8.70 -5.66
N GLU B 69 9.90 -8.07 -6.29
CA GLU B 69 11.29 -8.26 -5.93
C GLU B 69 11.95 -6.90 -5.87
N PHE B 70 12.71 -6.64 -4.81
CA PHE B 70 13.33 -5.35 -4.59
C PHE B 70 14.81 -5.53 -4.36
N SER B 71 15.60 -4.61 -4.90
CA SER B 71 17.06 -4.68 -4.77
C SER B 71 17.53 -4.02 -3.47
N GLU B 72 17.22 -2.75 -3.31
CA GLU B 72 17.64 -1.99 -2.14
C GLU B 72 16.59 -2.07 -1.05
N VAL B 73 16.72 -1.23 -0.02
CA VAL B 73 15.76 -1.15 1.06
C VAL B 73 15.18 0.26 1.04
N GLU B 74 13.87 0.36 0.82
CA GLU B 74 13.24 1.67 0.80
C GLU B 74 12.61 2.02 2.14
N GLY B 75 11.75 1.16 2.66
CA GLY B 75 11.08 1.47 3.91
C GLY B 75 9.59 1.17 3.90
N ARG B 76 8.78 2.22 4.09
CA ARG B 76 7.35 2.01 4.27
C ARG B 76 6.71 1.35 3.05
N ILE B 77 6.97 1.89 1.86
CA ILE B 77 6.25 1.41 0.69
C ILE B 77 6.69 0.00 0.33
N GLN B 78 7.98 -0.28 0.43
CA GLN B 78 8.44 -1.63 0.15
C GLN B 78 7.85 -2.63 1.12
N ASP B 79 7.79 -2.27 2.41
CA ASP B 79 7.18 -3.16 3.38
C ASP B 79 5.71 -3.37 3.09
N LEU B 80 5.02 -2.31 2.68
CA LEU B 80 3.61 -2.47 2.33
C LEU B 80 3.43 -3.41 1.16
N GLU B 81 4.26 -3.28 0.14
CA GLU B 81 4.14 -4.16 -1.02
C GLU B 81 4.42 -5.61 -0.63
N LYS B 82 5.46 -5.82 0.17
CA LYS B 82 5.76 -7.17 0.63
C LYS B 82 4.61 -7.75 1.43
N TYR B 83 4.04 -6.94 2.33
CA TYR B 83 2.94 -7.43 3.15
C TYR B 83 1.72 -7.76 2.31
N VAL B 84 1.42 -6.91 1.32
CA VAL B 84 0.25 -7.18 0.48
C VAL B 84 0.44 -8.47 -0.29
N GLU B 85 1.62 -8.66 -0.87
CA GLU B 85 1.86 -9.88 -1.64
C GLU B 85 1.81 -11.10 -0.75
N ASP B 86 2.40 -11.03 0.45
CA ASP B 86 2.39 -12.17 1.34
C ASP B 86 0.97 -12.49 1.79
N THR B 87 0.17 -11.47 2.08
CA THR B 87 -1.22 -11.70 2.46
C THR B 87 -1.97 -12.39 1.34
N LYS B 88 -1.79 -11.91 0.11
CA LYS B 88 -2.49 -12.52 -1.02
C LYS B 88 -2.07 -13.97 -1.19
N ILE B 89 -0.78 -14.24 -1.08
CA ILE B 89 -0.28 -15.60 -1.28
C ILE B 89 -0.82 -16.53 -0.21
N ASP B 90 -0.84 -16.09 1.05
CA ASP B 90 -1.37 -16.92 2.12
C ASP B 90 -2.84 -17.21 1.92
N LEU B 91 -3.62 -16.19 1.56
CA LEU B 91 -5.04 -16.41 1.37
C LEU B 91 -5.31 -17.35 0.21
N TRP B 92 -4.58 -17.19 -0.89
CA TRP B 92 -4.81 -18.08 -2.01
C TRP B 92 -4.33 -19.49 -1.73
N SER B 93 -3.24 -19.65 -1.00
CA SER B 93 -2.80 -20.99 -0.62
C SER B 93 -3.84 -21.66 0.25
N TYR B 94 -4.40 -20.94 1.22
CA TYR B 94 -5.45 -21.52 2.04
C TYR B 94 -6.66 -21.89 1.20
N ASN B 95 -7.07 -21.00 0.30
CA ASN B 95 -8.22 -21.29 -0.53
C ASN B 95 -8.00 -22.53 -1.38
N ALA B 96 -6.81 -22.67 -1.95
CA ALA B 96 -6.50 -23.84 -2.75
C ALA B 96 -6.56 -25.10 -1.89
N GLU B 97 -5.98 -25.05 -0.70
CA GLU B 97 -5.99 -26.22 0.17
C GLU B 97 -7.42 -26.64 0.50
N LEU B 98 -8.24 -25.67 0.91
CA LEU B 98 -9.60 -25.99 1.30
C LEU B 98 -10.40 -26.50 0.12
N LEU B 99 -10.21 -25.91 -1.06
CA LEU B 99 -10.95 -26.35 -2.23
C LEU B 99 -10.60 -27.78 -2.60
N VAL B 100 -9.32 -28.10 -2.60
CA VAL B 100 -8.91 -29.46 -2.90
C VAL B 100 -9.50 -30.43 -1.88
N ALA B 101 -9.45 -30.06 -0.60
CA ALA B 101 -9.99 -30.95 0.42
C ALA B 101 -11.48 -31.18 0.22
N LEU B 102 -12.23 -30.13 -0.06
CA LEU B 102 -13.66 -30.28 -0.26
C LEU B 102 -13.97 -31.13 -1.48
N GLU B 103 -13.28 -30.89 -2.58
CA GLU B 103 -13.53 -31.67 -3.79
C GLU B 103 -13.21 -33.14 -3.55
N ASN B 104 -12.08 -33.41 -2.89
CA ASN B 104 -11.74 -34.80 -2.58
C ASN B 104 -12.80 -35.44 -1.71
N GLN B 105 -13.25 -34.73 -0.68
CA GLN B 105 -14.25 -35.28 0.22
C GLN B 105 -15.52 -35.63 -0.52
N HIS B 106 -16.01 -34.70 -1.34
CA HIS B 106 -17.28 -34.95 -2.02
C HIS B 106 -17.12 -36.04 -3.06
N THR B 107 -16.00 -36.07 -3.77
CA THR B 107 -15.78 -37.11 -4.76
C THR B 107 -15.75 -38.49 -4.12
N ILE B 108 -15.02 -38.63 -3.02
CA ILE B 108 -14.95 -39.94 -2.38
C ILE B 108 -16.29 -40.32 -1.79
N ASP B 109 -17.00 -39.37 -1.18
CA ASP B 109 -18.32 -39.71 -0.66
C ASP B 109 -19.25 -40.19 -1.76
N LEU B 110 -19.25 -39.50 -2.90
CA LEU B 110 -20.12 -39.88 -3.99
C LEU B 110 -19.76 -41.26 -4.54
N THR B 111 -18.46 -41.49 -4.79
CA THR B 111 -18.06 -42.77 -5.35
C THR B 111 -18.32 -43.90 -4.36
N ASP B 112 -18.10 -43.64 -3.08
CA ASP B 112 -18.37 -44.66 -2.06
C ASP B 112 -19.85 -45.01 -2.03
N SER B 113 -20.71 -44.00 -2.10
CA SER B 113 -22.15 -44.27 -2.11
C SER B 113 -22.54 -45.08 -3.34
N GLU B 114 -21.97 -44.73 -4.50
CA GLU B 114 -22.29 -45.48 -5.72
C GLU B 114 -21.81 -46.91 -5.64
N MET B 115 -20.58 -47.12 -5.16
CA MET B 115 -20.06 -48.48 -4.99
C MET B 115 -20.95 -49.30 -4.07
N ASN B 116 -21.34 -48.71 -2.94
CA ASN B 116 -22.14 -49.45 -1.98
C ASN B 116 -23.52 -49.76 -2.55
N LYS B 117 -24.13 -48.80 -3.24
CA LYS B 117 -25.43 -49.03 -3.85
C LYS B 117 -25.37 -50.14 -4.88
N LEU B 118 -24.36 -50.11 -5.76
CA LEU B 118 -24.26 -51.14 -6.78
C LEU B 118 -23.98 -52.50 -6.18
N PHE B 119 -23.15 -52.56 -5.13
CA PHE B 119 -22.93 -53.84 -4.46
C PHE B 119 -24.22 -54.39 -3.88
N GLU B 120 -25.00 -53.54 -3.21
CA GLU B 120 -26.26 -54.03 -2.63
C GLU B 120 -27.20 -54.52 -3.72
N LYS B 121 -27.36 -53.75 -4.80
CA LYS B 121 -28.30 -54.14 -5.84
C LYS B 121 -27.88 -55.42 -6.54
N THR B 122 -26.58 -55.55 -6.86
CA THR B 122 -26.09 -56.76 -7.49
C THR B 122 -26.22 -57.96 -6.57
N ARG B 123 -25.95 -57.77 -5.27
CA ARG B 123 -26.13 -58.87 -4.32
C ARG B 123 -27.59 -59.28 -4.22
N ARG B 124 -28.52 -58.31 -4.24
CA ARG B 124 -29.93 -58.64 -4.18
C ARG B 124 -30.39 -59.31 -5.46
N GLN B 125 -29.73 -59.04 -6.58
CA GLN B 125 -30.03 -59.76 -7.82
C GLN B 125 -29.06 -60.93 -8.00
N HIS C 34 -42.55 -32.87 -4.38
CA HIS C 34 -43.40 -31.98 -5.15
C HIS C 34 -42.60 -31.21 -6.19
N ALA C 35 -43.22 -30.94 -7.33
CA ALA C 35 -42.55 -30.36 -8.50
C ALA C 35 -43.33 -29.15 -8.98
N VAL C 36 -42.72 -28.40 -9.90
CA VAL C 36 -43.31 -27.19 -10.47
C VAL C 36 -43.09 -27.19 -11.98
N PRO C 37 -43.90 -26.46 -12.76
CA PRO C 37 -43.72 -26.50 -14.22
C PRO C 37 -42.38 -25.96 -14.68
N ASN C 38 -42.03 -24.72 -14.34
CA ASN C 38 -40.76 -24.13 -14.74
C ASN C 38 -39.84 -24.03 -13.53
N GLY C 39 -38.53 -24.16 -13.77
CA GLY C 39 -37.56 -24.19 -12.71
C GLY C 39 -36.36 -23.33 -13.03
N THR C 40 -35.54 -23.10 -12.01
CA THR C 40 -34.36 -22.25 -12.10
C THR C 40 -33.10 -23.09 -12.06
N LEU C 41 -32.12 -22.74 -12.89
CA LEU C 41 -30.89 -23.50 -13.01
C LEU C 41 -29.83 -22.92 -12.09
N VAL C 42 -29.35 -23.73 -11.14
CA VAL C 42 -28.31 -23.30 -10.22
C VAL C 42 -27.05 -24.12 -10.46
N LYS C 43 -25.99 -23.80 -9.73
CA LYS C 43 -24.70 -24.44 -9.89
C LYS C 43 -24.21 -24.94 -8.54
N THR C 44 -23.70 -26.17 -8.51
CA THR C 44 -23.22 -26.79 -7.29
C THR C 44 -21.75 -27.17 -7.41
N ILE C 45 -21.26 -27.91 -6.42
CA ILE C 45 -19.90 -28.41 -6.48
C ILE C 45 -19.71 -29.32 -7.68
N THR C 46 -20.67 -30.21 -7.93
CA THR C 46 -20.53 -31.26 -8.91
C THR C 46 -21.43 -31.09 -10.13
N ASP C 47 -21.99 -29.89 -10.34
CA ASP C 47 -22.88 -29.68 -11.48
C ASP C 47 -22.77 -28.26 -11.97
N ASP C 48 -22.54 -28.09 -13.27
CA ASP C 48 -22.56 -26.76 -13.87
C ASP C 48 -23.95 -26.17 -13.82
N GLN C 49 -24.94 -26.93 -14.25
CA GLN C 49 -26.34 -26.47 -14.26
C GLN C 49 -27.22 -27.61 -13.80
N ILE C 50 -28.04 -27.34 -12.80
CA ILE C 50 -29.04 -28.29 -12.35
C ILE C 50 -30.31 -27.52 -12.03
N GLU C 51 -31.45 -28.02 -12.49
CA GLU C 51 -32.72 -27.33 -12.34
C GLU C 51 -33.30 -27.61 -10.96
N VAL C 52 -33.84 -26.58 -10.32
CA VAL C 52 -34.47 -26.72 -9.03
C VAL C 52 -35.80 -25.98 -9.05
N THR C 53 -36.64 -26.31 -8.05
CA THR C 53 -37.98 -25.75 -8.00
C THR C 53 -37.97 -24.25 -7.82
N ASN C 54 -37.24 -23.77 -6.80
CA ASN C 54 -37.24 -22.35 -6.48
C ASN C 54 -35.84 -21.93 -6.12
N ALA C 55 -35.42 -20.80 -6.69
CA ALA C 55 -34.06 -20.32 -6.47
C ALA C 55 -34.08 -18.81 -6.34
N THR C 56 -33.26 -18.31 -5.43
CA THR C 56 -33.19 -16.88 -5.13
C THR C 56 -31.89 -16.31 -5.66
N GLU C 57 -31.84 -14.98 -5.75
CA GLU C 57 -30.65 -14.29 -6.20
C GLU C 57 -29.86 -13.77 -5.02
N LEU C 58 -28.53 -13.80 -5.13
CA LEU C 58 -27.67 -13.36 -4.05
C LEU C 58 -26.87 -12.12 -4.38
N VAL C 59 -26.94 -11.63 -5.62
CA VAL C 59 -26.13 -10.50 -6.06
C VAL C 59 -27.08 -9.36 -6.40
N GLN C 60 -26.92 -8.23 -5.72
CA GLN C 60 -27.71 -7.05 -6.00
C GLN C 60 -27.05 -6.27 -7.12
N SER C 61 -27.59 -6.36 -8.32
CA SER C 61 -26.93 -5.84 -9.51
C SER C 61 -27.60 -4.59 -10.08
N SER C 62 -28.60 -4.05 -9.40
CA SER C 62 -29.29 -2.87 -9.89
C SER C 62 -29.42 -1.86 -8.76
N SER C 63 -29.40 -0.59 -9.12
CA SER C 63 -29.48 0.48 -8.15
C SER C 63 -30.68 1.36 -8.46
N THR C 64 -31.25 1.94 -7.40
CA THR C 64 -32.39 2.82 -7.58
C THR C 64 -32.03 4.09 -8.33
N GLY C 65 -30.76 4.45 -8.38
CA GLY C 65 -30.33 5.63 -9.08
C GLY C 65 -30.33 6.91 -8.27
N LYS C 66 -30.84 6.88 -7.05
CA LYS C 66 -30.87 8.06 -6.21
C LYS C 66 -30.23 7.73 -4.87
N ILE C 67 -29.74 8.76 -4.19
CA ILE C 67 -29.09 8.59 -2.90
C ILE C 67 -30.09 8.96 -1.81
N CYS C 68 -30.44 7.99 -0.98
CA CYS C 68 -31.33 8.27 0.14
C CYS C 68 -30.62 9.14 1.15
N ASN C 69 -31.31 10.16 1.66
CA ASN C 69 -30.70 11.11 2.57
C ASN C 69 -30.87 10.72 4.03
N ASN C 70 -31.34 9.51 4.31
CA ASN C 70 -31.43 9.01 5.67
C ASN C 70 -30.93 7.57 5.70
N PRO C 71 -30.33 7.14 6.81
CA PRO C 71 -30.10 7.92 8.02
C PRO C 71 -28.80 8.70 8.00
N HIS C 72 -27.99 8.50 6.97
CA HIS C 72 -26.68 9.11 6.90
C HIS C 72 -26.79 10.57 6.51
N ARG C 73 -26.11 11.42 7.27
CA ARG C 73 -26.16 12.87 7.02
C ARG C 73 -25.41 13.18 5.74
N ILE C 74 -26.12 13.26 4.63
CA ILE C 74 -25.52 13.52 3.33
C ILE C 74 -25.31 15.00 3.16
N LEU C 75 -24.21 15.40 2.53
CA LEU C 75 -23.96 16.78 2.18
C LEU C 75 -23.74 16.86 0.68
N ASP C 76 -24.69 17.44 -0.04
CA ASP C 76 -24.54 17.59 -1.47
C ASP C 76 -23.65 18.78 -1.77
N GLY C 77 -22.52 18.53 -2.39
CA GLY C 77 -21.63 19.61 -2.74
C GLY C 77 -21.87 20.13 -4.13
N ILE C 78 -22.64 21.21 -4.25
CA ILE C 78 -22.99 21.76 -5.56
C ILE C 78 -21.85 22.66 -5.99
N ASP C 79 -21.22 22.34 -7.13
CA ASP C 79 -20.20 23.19 -7.71
C ASP C 79 -19.00 23.43 -6.79
N CYS C 80 -18.93 22.70 -5.68
CA CYS C 80 -17.88 22.90 -4.70
C CYS C 80 -17.17 21.59 -4.42
N THR C 81 -15.86 21.58 -4.61
CA THR C 81 -15.07 20.47 -4.12
C THR C 81 -14.82 20.64 -2.63
N LEU C 82 -14.39 19.55 -1.99
CA LEU C 82 -14.17 19.61 -0.55
C LEU C 82 -13.11 20.63 -0.20
N ILE C 83 -12.01 20.64 -0.95
CA ILE C 83 -10.94 21.57 -0.65
C ILE C 83 -11.38 23.00 -0.89
N ASP C 84 -12.21 23.23 -1.91
CA ASP C 84 -12.68 24.58 -2.16
C ASP C 84 -13.54 25.09 -1.02
N ALA C 85 -14.44 24.27 -0.51
CA ALA C 85 -15.22 24.67 0.64
C ALA C 85 -14.34 24.84 1.87
N LEU C 86 -13.31 24.01 2.00
CA LEU C 86 -12.38 24.14 3.11
C LEU C 86 -11.69 25.49 3.11
N LEU C 87 -11.09 25.85 1.98
CA LEU C 87 -10.35 27.09 1.89
C LEU C 87 -11.25 28.31 2.02
N GLY C 88 -12.49 28.20 1.56
CA GLY C 88 -13.36 29.33 1.61
C GLY C 88 -13.51 30.02 0.27
N ASP C 89 -13.65 29.23 -0.78
CA ASP C 89 -13.93 29.78 -2.09
C ASP C 89 -15.23 30.56 -2.03
N PRO C 90 -15.30 31.74 -2.65
CA PRO C 90 -16.52 32.58 -2.53
C PRO C 90 -17.80 31.85 -2.86
N HIS C 91 -17.89 31.23 -4.03
CA HIS C 91 -19.12 30.52 -4.36
C HIS C 91 -19.35 29.30 -3.53
N CYS C 92 -18.51 29.04 -2.53
CA CYS C 92 -18.71 27.97 -1.58
C CYS C 92 -19.01 28.48 -0.18
N ASP C 93 -19.31 29.77 -0.03
CA ASP C 93 -19.53 30.33 1.30
C ASP C 93 -20.72 29.69 2.00
N VAL C 94 -21.58 29.00 1.26
CA VAL C 94 -22.72 28.34 1.88
C VAL C 94 -22.30 27.12 2.70
N PHE C 95 -21.08 26.63 2.50
CA PHE C 95 -20.65 25.40 3.15
C PHE C 95 -19.92 25.66 4.46
N GLN C 96 -19.87 26.89 4.92
CA GLN C 96 -19.15 27.19 6.15
C GLN C 96 -19.79 26.47 7.33
N ASN C 97 -18.94 25.94 8.21
CA ASN C 97 -19.37 25.25 9.42
C ASN C 97 -20.27 24.06 9.13
N GLU C 98 -20.15 23.45 7.96
CA GLU C 98 -20.98 22.31 7.65
C GLU C 98 -20.42 21.04 8.28
N THR C 99 -21.29 20.06 8.47
CA THR C 99 -20.91 18.73 8.92
C THR C 99 -21.63 17.72 8.05
N TRP C 100 -21.05 16.52 7.96
CA TRP C 100 -21.63 15.52 7.09
C TRP C 100 -21.24 14.13 7.57
N ASP C 101 -22.03 13.15 7.15
CA ASP C 101 -21.66 11.75 7.28
C ASP C 101 -21.14 11.21 5.96
N LEU C 102 -21.48 11.85 4.86
CA LEU C 102 -20.95 11.52 3.54
C LEU C 102 -21.03 12.75 2.67
N PHE C 103 -19.88 13.22 2.21
CA PHE C 103 -19.81 14.38 1.35
C PHE C 103 -19.87 13.90 -0.09
N VAL C 104 -20.95 14.20 -0.79
CA VAL C 104 -21.10 13.83 -2.19
C VAL C 104 -20.55 14.98 -3.02
N GLU C 105 -19.52 14.69 -3.79
CA GLU C 105 -18.78 15.69 -4.55
C GLU C 105 -19.14 15.52 -6.02
N ARG C 106 -19.87 16.49 -6.56
CA ARG C 106 -20.39 16.38 -7.91
C ARG C 106 -19.29 16.54 -8.95
N SER C 107 -19.52 15.95 -10.12
CA SER C 107 -18.55 16.05 -11.21
C SER C 107 -18.57 17.42 -11.86
N LYS C 108 -19.58 18.23 -11.60
CA LYS C 108 -19.66 19.56 -12.17
C LYS C 108 -18.92 20.61 -11.35
N ALA C 109 -18.28 20.20 -10.25
CA ALA C 109 -17.64 21.15 -9.37
C ALA C 109 -16.47 21.83 -10.07
N PHE C 110 -16.26 23.10 -9.76
CA PHE C 110 -15.18 23.88 -10.35
C PHE C 110 -14.70 24.88 -9.33
N SER C 111 -13.49 25.38 -9.55
CA SER C 111 -12.90 26.42 -8.73
C SER C 111 -13.00 27.76 -9.43
N ASN C 112 -13.36 28.80 -8.69
CA ASN C 112 -13.48 30.13 -9.26
C ASN C 112 -12.82 31.15 -8.38
N CYS C 113 -11.60 30.85 -7.92
CA CYS C 113 -10.86 31.73 -7.03
C CYS C 113 -9.40 31.71 -7.47
N TYR C 114 -8.53 32.20 -6.60
CA TYR C 114 -7.12 32.28 -6.90
C TYR C 114 -6.59 30.89 -7.25
N PRO C 115 -5.85 30.74 -8.34
CA PRO C 115 -5.37 29.41 -8.74
C PRO C 115 -4.41 28.86 -7.71
N TYR C 116 -4.83 27.79 -7.05
CA TYR C 116 -4.04 27.18 -5.99
C TYR C 116 -3.60 25.79 -6.40
N ASP C 117 -2.78 25.20 -5.55
CA ASP C 117 -2.22 23.88 -5.81
C ASP C 117 -1.90 23.24 -4.46
N VAL C 118 -2.32 22.01 -4.28
CA VAL C 118 -2.16 21.31 -3.01
C VAL C 118 -1.21 20.15 -3.21
N PRO C 119 0.05 20.28 -2.82
CA PRO C 119 0.92 19.12 -2.73
C PRO C 119 0.33 18.13 -1.73
N ASP C 120 0.39 16.85 -2.07
CA ASP C 120 -0.33 15.82 -1.32
C ASP C 120 -1.81 16.19 -1.19
N TYR C 121 -2.44 16.43 -2.33
CA TYR C 121 -3.85 16.78 -2.35
C TYR C 121 -4.70 15.65 -1.81
N ALA C 122 -4.38 14.42 -2.21
CA ALA C 122 -5.21 13.29 -1.82
C ALA C 122 -5.21 13.10 -0.32
N SER C 123 -4.06 13.25 0.33
CA SER C 123 -4.01 13.07 1.78
C SER C 123 -4.82 14.11 2.49
N LEU C 124 -4.69 15.38 2.08
CA LEU C 124 -5.47 16.43 2.73
C LEU C 124 -6.95 16.20 2.54
N ARG C 125 -7.36 15.88 1.32
CA ARG C 125 -8.78 15.63 1.08
C ARG C 125 -9.28 14.46 1.90
N SER C 126 -8.48 13.40 1.98
CA SER C 126 -8.89 12.22 2.73
C SER C 126 -9.08 12.55 4.20
N LEU C 127 -8.11 13.25 4.80
CA LEU C 127 -8.23 13.48 6.23
C LEU C 127 -9.31 14.52 6.54
N VAL C 128 -9.49 15.52 5.69
CA VAL C 128 -10.58 16.45 5.91
C VAL C 128 -11.92 15.73 5.81
N ALA C 129 -12.08 14.88 4.81
CA ALA C 129 -13.33 14.15 4.66
C ALA C 129 -13.60 13.24 5.84
N SER C 130 -12.55 12.57 6.33
CA SER C 130 -12.73 11.69 7.47
C SER C 130 -13.02 12.47 8.74
N SER C 131 -12.52 13.69 8.86
CA SER C 131 -12.84 14.49 10.04
C SER C 131 -14.32 14.74 10.14
N GLY C 132 -14.97 15.06 9.01
CA GLY C 132 -16.41 15.15 8.99
C GLY C 132 -16.99 16.46 9.43
N THR C 133 -16.19 17.52 9.49
CA THR C 133 -16.75 18.82 9.84
C THR C 133 -15.84 19.91 9.31
N LEU C 134 -16.45 20.99 8.87
CA LEU C 134 -15.72 22.17 8.41
C LEU C 134 -15.75 23.26 9.47
N GLU C 135 -16.03 22.89 10.71
CA GLU C 135 -16.17 23.86 11.78
C GLU C 135 -14.86 24.60 11.98
N PHE C 136 -14.88 25.90 11.73
CA PHE C 136 -13.68 26.71 11.72
C PHE C 136 -13.75 27.70 12.88
N ILE C 137 -12.76 27.64 13.76
CA ILE C 137 -12.67 28.53 14.90
C ILE C 137 -11.63 29.59 14.59
N THR C 138 -12.06 30.85 14.57
CA THR C 138 -11.14 31.93 14.27
C THR C 138 -10.26 32.23 15.48
N GLU C 139 -8.95 32.24 15.27
CA GLU C 139 -8.01 32.54 16.33
C GLU C 139 -7.41 33.91 16.13
N GLY C 140 -6.99 34.51 17.23
CA GLY C 140 -6.39 35.83 17.18
C GLY C 140 -4.91 35.75 16.91
N PHE C 141 -4.54 35.99 15.66
CA PHE C 141 -3.14 36.02 15.27
C PHE C 141 -2.67 37.46 15.22
N THR C 142 -1.49 37.71 15.77
CA THR C 142 -0.95 39.06 15.86
C THR C 142 0.13 39.22 14.79
N TRP C 143 -0.28 39.70 13.62
CA TRP C 143 0.64 40.01 12.54
C TRP C 143 1.00 41.47 12.64
N THR C 144 2.25 41.76 13.00
CA THR C 144 2.71 43.12 13.22
C THR C 144 3.56 43.57 12.05
N GLY C 145 3.22 44.72 11.48
CA GLY C 145 4.02 45.29 10.42
C GLY C 145 3.72 44.77 9.04
N VAL C 146 2.59 44.12 8.83
CA VAL C 146 2.20 43.63 7.52
C VAL C 146 0.74 44.00 7.27
N THR C 147 0.38 44.08 6.00
CA THR C 147 -0.97 44.42 5.60
C THR C 147 -1.80 43.16 5.44
N GLN C 148 -2.78 42.98 6.30
CA GLN C 148 -3.61 41.79 6.29
C GLN C 148 -4.71 41.91 5.24
N ASN C 149 -5.46 40.83 5.08
CA ASN C 149 -6.63 40.81 4.21
C ASN C 149 -6.29 41.19 2.77
N GLY C 150 -5.13 40.74 2.30
CA GLY C 150 -4.81 40.91 0.90
C GLY C 150 -5.79 40.17 0.00
N GLY C 151 -6.04 40.75 -1.16
CA GLY C 151 -7.03 40.20 -2.06
C GLY C 151 -6.57 40.29 -3.50
N SER C 152 -7.38 39.70 -4.39
CA SER C 152 -7.05 39.68 -5.80
C SER C 152 -8.32 39.76 -6.63
N ASN C 153 -8.16 40.19 -7.89
CA ASN C 153 -9.30 40.29 -8.79
C ASN C 153 -9.72 38.97 -9.38
N ALA C 154 -8.86 37.94 -9.33
CA ALA C 154 -9.27 36.65 -9.86
C ALA C 154 -10.26 35.95 -8.94
N CYS C 155 -10.29 36.35 -7.67
CA CYS C 155 -11.20 35.77 -6.69
C CYS C 155 -12.14 36.89 -6.23
N LYS C 156 -13.22 37.09 -6.98
CA LYS C 156 -14.08 38.24 -6.78
C LYS C 156 -15.17 37.88 -5.77
N ARG C 157 -15.07 38.46 -4.58
CA ARG C 157 -16.10 38.33 -3.55
C ARG C 157 -16.96 39.57 -3.58
N GLY C 158 -18.26 39.38 -3.75
CA GLY C 158 -19.16 40.50 -3.96
C GLY C 158 -18.82 41.20 -5.27
N PRO C 159 -18.81 42.52 -5.25
CA PRO C 159 -18.45 43.27 -6.47
C PRO C 159 -16.96 43.50 -6.59
N GLY C 160 -16.25 43.47 -5.47
CA GLY C 160 -14.84 43.82 -5.44
C GLY C 160 -13.93 42.61 -5.34
N SER C 161 -12.64 42.89 -5.30
CA SER C 161 -11.64 41.84 -5.16
C SER C 161 -11.70 41.20 -3.78
N GLY C 162 -11.41 39.92 -3.73
CA GLY C 162 -11.48 39.18 -2.48
C GLY C 162 -10.42 38.11 -2.43
N PHE C 163 -10.67 37.12 -1.59
CA PHE C 163 -9.74 36.01 -1.39
C PHE C 163 -10.47 34.89 -0.69
N PHE C 164 -9.74 33.81 -0.41
CA PHE C 164 -10.31 32.72 0.37
C PHE C 164 -10.68 33.22 1.76
N SER C 165 -11.87 32.84 2.22
CA SER C 165 -12.34 33.35 3.50
C SER C 165 -11.56 32.80 4.67
N ARG C 166 -10.91 31.65 4.52
CA ARG C 166 -10.20 31.01 5.60
C ARG C 166 -8.69 31.21 5.53
N LEU C 167 -8.23 32.15 4.72
CA LEU C 167 -6.81 32.45 4.63
C LEU C 167 -6.62 33.95 4.69
N ASN C 168 -5.40 34.37 4.99
CA ASN C 168 -5.07 35.77 5.21
C ASN C 168 -3.80 36.08 4.45
N TRP C 169 -3.91 36.88 3.40
CA TRP C 169 -2.79 37.20 2.53
C TRP C 169 -2.03 38.38 3.11
N LEU C 170 -0.87 38.13 3.71
CA LEU C 170 -0.08 39.18 4.32
C LEU C 170 0.90 39.74 3.30
N THR C 171 0.84 41.04 3.09
CA THR C 171 1.73 41.74 2.18
C THR C 171 2.53 42.77 2.97
N LYS C 172 3.51 43.39 2.32
CA LYS C 172 4.32 44.39 2.99
C LYS C 172 3.47 45.58 3.38
N SER C 173 3.76 46.13 4.55
CA SER C 173 3.12 47.33 5.05
C SER C 173 4.09 48.49 4.90
N GLY C 174 3.65 49.54 4.22
CA GLY C 174 4.56 50.63 3.94
C GLY C 174 5.65 50.20 2.97
N SER C 175 6.86 50.04 3.48
CA SER C 175 7.98 49.62 2.65
C SER C 175 8.84 48.55 3.32
N THR C 176 8.31 47.85 4.31
CA THR C 176 9.06 46.81 4.98
C THR C 176 8.17 45.60 5.21
N TYR C 177 8.83 44.45 5.40
CA TYR C 177 8.15 43.20 5.68
C TYR C 177 8.92 42.49 6.78
N PRO C 178 8.54 42.69 8.03
CA PRO C 178 9.31 42.11 9.14
C PRO C 178 9.19 40.60 9.14
N VAL C 179 10.19 39.96 9.75
CA VAL C 179 10.18 38.51 9.84
C VAL C 179 9.11 38.12 10.84
N LEU C 180 7.93 37.75 10.33
CA LEU C 180 6.85 37.31 11.19
C LEU C 180 7.26 36.08 11.99
N ASN C 181 7.02 36.13 13.29
CA ASN C 181 7.32 35.01 14.17
C ASN C 181 6.22 34.97 15.22
N VAL C 182 5.19 34.15 14.95
CA VAL C 182 4.02 34.10 15.83
C VAL C 182 3.84 32.69 16.31
N THR C 183 3.02 32.54 17.35
CA THR C 183 2.83 31.26 17.98
C THR C 183 1.40 31.12 18.47
N MET C 184 0.96 29.88 18.56
CA MET C 184 -0.35 29.55 19.13
C MET C 184 -0.26 28.23 19.86
N PRO C 185 -0.53 28.20 21.15
CA PRO C 185 -0.54 26.93 21.88
C PRO C 185 -1.90 26.25 21.81
N ASN C 186 -1.85 24.92 21.79
CA ASN C 186 -3.04 24.09 21.76
C ASN C 186 -3.32 23.64 23.19
N ASN C 187 -4.23 24.35 23.86
CA ASN C 187 -4.59 24.01 25.24
C ASN C 187 -5.84 23.16 25.33
N ASP C 188 -6.52 22.90 24.22
CA ASP C 188 -7.69 22.06 24.24
C ASP C 188 -7.31 20.62 23.98
N ASN C 189 -8.24 19.70 24.24
CA ASN C 189 -7.98 18.28 24.09
C ASN C 189 -8.54 17.71 22.79
N PHE C 190 -8.50 18.48 21.71
CA PHE C 190 -8.80 17.98 20.38
C PHE C 190 -7.72 18.48 19.42
N ASP C 191 -7.50 17.72 18.35
CA ASP C 191 -6.53 18.15 17.36
C ASP C 191 -7.00 19.44 16.70
N LYS C 192 -6.04 20.27 16.31
CA LYS C 192 -6.31 21.47 15.53
C LYS C 192 -5.71 21.29 14.16
N LEU C 193 -6.43 21.69 13.13
CA LEU C 193 -5.94 21.63 11.77
C LEU C 193 -5.77 23.05 11.25
N TYR C 194 -4.53 23.43 10.95
CA TYR C 194 -4.22 24.74 10.43
C TYR C 194 -3.93 24.60 8.95
N ILE C 195 -4.61 25.39 8.13
CA ILE C 195 -4.38 25.40 6.70
C ILE C 195 -3.69 26.71 6.35
N TRP C 196 -2.47 26.62 5.83
CA TRP C 196 -1.73 27.79 5.43
C TRP C 196 -1.26 27.60 4.00
N GLY C 197 -0.58 28.60 3.47
CA GLY C 197 -0.16 28.52 2.08
C GLY C 197 1.03 29.42 1.82
N VAL C 198 1.68 29.14 0.70
CA VAL C 198 2.84 29.90 0.23
C VAL C 198 2.51 30.47 -1.14
N HIS C 199 2.78 31.74 -1.33
CA HIS C 199 2.43 32.41 -2.57
C HIS C 199 3.63 32.44 -3.51
N HIS C 200 3.51 31.76 -4.64
CA HIS C 200 4.55 31.81 -5.66
C HIS C 200 4.22 32.91 -6.63
N PRO C 201 4.98 34.00 -6.66
CA PRO C 201 4.72 35.06 -7.64
C PRO C 201 5.24 34.68 -9.00
N SER C 202 4.79 35.42 -10.01
CA SER C 202 5.20 35.11 -11.37
C SER C 202 6.51 35.79 -11.73
N THR C 203 6.69 37.05 -11.33
CA THR C 203 7.83 37.84 -11.75
C THR C 203 8.55 38.40 -10.54
N ASN C 204 9.87 38.56 -10.66
CA ASN C 204 10.67 39.10 -9.56
C ASN C 204 10.18 40.47 -9.15
N GLN C 205 9.70 41.26 -10.11
CA GLN C 205 9.15 42.57 -9.76
C GLN C 205 7.97 42.42 -8.81
N GLU C 206 7.08 41.49 -9.10
CA GLU C 206 5.94 41.26 -8.22
C GLU C 206 6.39 40.75 -6.86
N GLN C 207 7.41 39.89 -6.85
CA GLN C 207 7.97 39.43 -5.59
C GLN C 207 8.43 40.58 -4.72
N THR C 208 9.24 41.49 -5.28
CA THR C 208 9.74 42.59 -4.49
C THR C 208 8.69 43.66 -4.22
N SER C 209 7.65 43.71 -5.04
CA SER C 209 6.57 44.66 -4.77
C SER C 209 5.66 44.19 -3.66
N LEU C 210 5.45 42.88 -3.53
CA LEU C 210 4.60 42.38 -2.46
C LEU C 210 5.38 42.11 -1.18
N TYR C 211 6.59 41.58 -1.29
CA TYR C 211 7.40 41.22 -0.13
C TYR C 211 8.79 41.75 -0.38
N VAL C 212 9.26 42.67 0.46
CA VAL C 212 10.48 43.39 0.11
C VAL C 212 11.68 42.45 0.00
N GLN C 213 11.67 41.33 0.71
CA GLN C 213 12.77 40.39 0.56
C GLN C 213 12.81 39.83 -0.85
N ALA C 214 14.03 39.65 -1.36
CA ALA C 214 14.19 39.09 -2.69
C ALA C 214 13.68 37.68 -2.81
N SER C 215 13.87 36.85 -1.78
CA SER C 215 13.38 35.48 -1.80
C SER C 215 13.15 35.06 -0.35
N GLY C 216 11.91 35.14 0.09
CA GLY C 216 11.57 34.79 1.45
C GLY C 216 11.39 33.30 1.63
N ARG C 217 10.94 32.92 2.82
CA ARG C 217 10.54 31.55 3.04
C ARG C 217 9.53 31.48 4.18
N VAL C 218 8.89 30.32 4.28
CA VAL C 218 7.87 30.04 5.28
C VAL C 218 8.31 28.81 6.05
N THR C 219 8.11 28.81 7.37
CA THR C 219 8.45 27.68 8.20
C THR C 219 7.40 27.54 9.29
N VAL C 220 6.59 26.50 9.20
CA VAL C 220 5.58 26.21 10.21
C VAL C 220 6.01 24.98 10.95
N SER C 221 6.15 25.09 12.27
CA SER C 221 6.75 24.03 13.04
C SER C 221 5.96 23.80 14.31
N THR C 222 6.11 22.59 14.85
CA THR C 222 5.53 22.24 16.13
C THR C 222 6.61 21.64 17.01
N ARG C 223 6.25 21.10 18.17
CA ARG C 223 7.25 20.46 19.00
C ARG C 223 7.84 19.23 18.33
N ARG C 224 7.01 18.47 17.61
CA ARG C 224 7.44 17.19 17.08
C ARG C 224 7.88 17.23 15.63
N SER C 225 7.45 18.21 14.85
CA SER C 225 7.78 18.25 13.43
C SER C 225 7.82 19.69 12.97
N GLN C 226 8.48 19.89 11.82
CA GLN C 226 8.58 21.20 11.19
C GLN C 226 8.41 21.04 9.70
N GLN C 227 8.12 22.14 9.03
CA GLN C 227 7.87 22.12 7.60
C GLN C 227 8.26 23.47 7.04
N THR C 228 9.23 23.49 6.14
CA THR C 228 9.74 24.73 5.57
C THR C 228 9.60 24.72 4.06
N ILE C 229 9.19 25.85 3.51
CA ILE C 229 8.96 26.01 2.09
C ILE C 229 9.71 27.23 1.60
N ILE C 230 10.41 27.08 0.48
CA ILE C 230 11.10 28.18 -0.18
C ILE C 230 10.30 28.57 -1.41
N PRO C 231 9.56 29.67 -1.37
CA PRO C 231 8.77 30.06 -2.55
C PRO C 231 9.68 30.37 -3.72
N ASN C 232 9.24 29.97 -4.90
CA ASN C 232 9.98 30.21 -6.13
C ASN C 232 9.26 31.25 -6.95
N ILE C 233 10.00 31.88 -7.86
CA ILE C 233 9.46 32.91 -8.73
C ILE C 233 9.59 32.43 -10.16
N GLY C 234 8.47 32.31 -10.84
CA GLY C 234 8.49 31.90 -12.24
C GLY C 234 7.10 31.93 -12.82
N SER C 235 7.05 32.25 -14.10
CA SER C 235 5.78 32.28 -14.81
C SER C 235 5.22 30.87 -14.93
N ARG C 236 3.91 30.76 -14.87
CA ARG C 236 3.19 29.49 -14.89
C ARG C 236 2.03 29.61 -15.86
N PRO C 237 1.43 28.48 -16.25
CA PRO C 237 0.33 28.53 -17.21
C PRO C 237 -0.77 29.46 -16.74
N TRP C 238 -1.26 30.27 -17.67
CA TRP C 238 -2.27 31.28 -17.38
C TRP C 238 -3.56 30.60 -16.95
N VAL C 239 -3.94 30.77 -15.69
CA VAL C 239 -5.19 30.24 -15.18
C VAL C 239 -5.96 31.38 -14.53
N ARG C 240 -7.17 31.64 -15.02
CA ARG C 240 -8.03 32.68 -14.47
C ARG C 240 -7.31 34.02 -14.39
N GLY C 241 -6.57 34.35 -15.43
CA GLY C 241 -5.95 35.65 -15.53
C GLY C 241 -4.66 35.83 -14.77
N LEU C 242 -4.12 34.79 -14.16
CA LEU C 242 -2.93 34.92 -13.34
C LEU C 242 -1.89 33.89 -13.73
N SER C 243 -0.64 34.22 -13.41
CA SER C 243 0.48 33.28 -13.55
C SER C 243 1.04 32.86 -12.20
N SER C 244 0.65 33.52 -11.12
CA SER C 244 1.11 33.16 -9.79
C SER C 244 0.26 32.03 -9.24
N ARG C 245 0.72 31.43 -8.16
CA ARG C 245 0.02 30.30 -7.57
C ARG C 245 0.04 30.38 -6.06
N ILE C 246 -0.79 29.57 -5.45
CA ILE C 246 -0.79 29.34 -4.01
C ILE C 246 -0.56 27.85 -3.78
N SER C 247 0.39 27.53 -2.93
CA SER C 247 0.62 26.16 -2.51
C SER C 247 0.02 25.99 -1.13
N ILE C 248 -0.91 25.07 -0.99
CA ILE C 248 -1.68 24.91 0.24
C ILE C 248 -1.10 23.76 1.05
N TYR C 249 -0.68 24.05 2.27
CA TYR C 249 -0.16 23.06 3.19
C TYR C 249 -1.02 23.04 4.45
N TRP C 250 -0.90 21.96 5.21
CA TRP C 250 -1.67 21.81 6.43
C TRP C 250 -0.77 21.32 7.54
N THR C 251 -1.14 21.64 8.78
CA THR C 251 -0.39 21.23 9.94
C THR C 251 -1.37 20.88 11.05
N ILE C 252 -1.17 19.72 11.66
CA ILE C 252 -2.07 19.21 12.69
C ILE C 252 -1.37 19.36 14.03
N VAL C 253 -1.95 20.17 14.90
CA VAL C 253 -1.41 20.42 16.23
C VAL C 253 -2.18 19.56 17.22
N LYS C 254 -1.49 18.58 17.80
CA LYS C 254 -2.10 17.70 18.76
C LYS C 254 -2.33 18.44 20.07
N PRO C 255 -3.17 17.90 20.96
CA PRO C 255 -3.40 18.58 22.23
C PRO C 255 -2.11 18.75 23.02
N GLY C 256 -1.97 19.91 23.65
CA GLY C 256 -0.80 20.21 24.42
C GLY C 256 0.40 20.65 23.60
N ASP C 257 0.27 20.73 22.29
CA ASP C 257 1.35 21.11 21.40
C ASP C 257 1.27 22.60 21.10
N VAL C 258 2.26 23.08 20.35
CA VAL C 258 2.38 24.49 20.04
C VAL C 258 2.70 24.64 18.56
N LEU C 259 2.11 25.65 17.93
CA LEU C 259 2.39 26.00 16.56
C LEU C 259 3.26 27.26 16.55
N VAL C 260 4.32 27.25 15.75
CA VAL C 260 5.15 28.43 15.54
C VAL C 260 5.26 28.67 14.05
N ILE C 261 4.83 29.83 13.61
CA ILE C 261 4.90 30.24 12.22
C ILE C 261 5.99 31.30 12.10
N ASN C 262 7.00 31.02 11.31
CA ASN C 262 8.14 31.90 11.12
C ASN C 262 8.33 32.10 9.63
N SER C 263 8.09 33.31 9.15
CA SER C 263 8.21 33.58 7.73
C SER C 263 8.84 34.93 7.51
N ASN C 264 9.48 35.09 6.35
CA ASN C 264 9.95 36.42 5.95
C ASN C 264 9.47 36.81 4.56
N GLY C 265 8.33 36.32 4.15
CA GLY C 265 7.77 36.64 2.86
C GLY C 265 7.02 35.48 2.27
N ASN C 266 6.09 35.79 1.38
CA ASN C 266 5.32 34.80 0.65
C ASN C 266 4.55 33.88 1.58
N LEU C 267 3.85 34.45 2.56
CA LEU C 267 3.09 33.65 3.51
C LEU C 267 1.61 33.94 3.35
N ILE C 268 0.82 32.88 3.20
CA ILE C 268 -0.63 32.98 3.26
C ILE C 268 -1.06 32.43 4.59
N ALA C 269 -1.16 33.30 5.59
CA ALA C 269 -1.34 32.86 6.95
C ALA C 269 -2.71 32.27 7.15
N PRO C 270 -2.88 31.38 8.11
CA PRO C 270 -4.21 30.94 8.50
C PRO C 270 -4.91 32.00 9.33
N ARG C 271 -6.23 31.91 9.36
CA ARG C 271 -7.01 32.77 10.24
C ARG C 271 -7.42 32.06 11.51
N GLY C 272 -7.41 30.75 11.53
CA GLY C 272 -7.83 29.99 12.69
C GLY C 272 -7.54 28.52 12.51
N TYR C 273 -8.38 27.66 13.06
CA TYR C 273 -8.15 26.23 12.95
C TYR C 273 -9.44 25.49 12.70
N PHE C 274 -9.33 24.36 12.00
CA PHE C 274 -10.46 23.49 11.78
C PHE C 274 -10.48 22.42 12.86
N LYS C 275 -11.62 22.26 13.50
CA LYS C 275 -11.73 21.29 14.59
C LYS C 275 -11.72 19.88 14.01
N MET C 276 -10.60 19.18 14.17
CA MET C 276 -10.51 17.80 13.72
C MET C 276 -11.37 16.91 14.59
N ARG C 277 -11.79 15.78 14.03
CA ARG C 277 -12.62 14.83 14.76
C ARG C 277 -12.32 13.41 14.31
N THR C 278 -13.00 12.48 14.93
CA THR C 278 -13.02 11.09 14.52
C THR C 278 -14.47 10.67 14.38
N GLY C 279 -14.77 9.92 13.32
CA GLY C 279 -16.12 9.49 13.12
C GLY C 279 -16.22 8.59 11.92
N LYS C 280 -17.47 8.38 11.47
CA LYS C 280 -17.76 7.53 10.33
C LYS C 280 -17.92 8.34 9.06
N SER C 281 -17.35 9.53 9.02
CA SER C 281 -17.51 10.44 7.89
C SER C 281 -16.64 9.98 6.73
N SER C 282 -17.07 10.32 5.52
CA SER C 282 -16.31 9.99 4.32
C SER C 282 -16.79 10.88 3.19
N ILE C 283 -16.22 10.68 2.01
CA ILE C 283 -16.52 11.49 0.84
C ILE C 283 -16.72 10.56 -0.35
N MET C 284 -17.49 11.02 -1.33
CA MET C 284 -17.80 10.20 -2.49
C MET C 284 -17.98 11.10 -3.70
N ARG C 285 -17.51 10.64 -4.86
CA ARG C 285 -17.69 11.35 -6.12
C ARG C 285 -18.84 10.70 -6.87
N SER C 286 -19.96 11.40 -6.98
CA SER C 286 -21.11 10.82 -7.65
C SER C 286 -22.04 11.94 -8.08
N ASP C 287 -22.65 11.76 -9.25
CA ASP C 287 -23.61 12.72 -9.75
C ASP C 287 -25.05 12.30 -9.49
N ALA C 288 -25.26 11.27 -8.71
CA ALA C 288 -26.61 10.83 -8.42
C ALA C 288 -27.34 11.91 -7.62
N PRO C 289 -28.61 12.14 -7.87
CA PRO C 289 -29.35 13.15 -7.13
C PRO C 289 -29.80 12.63 -5.77
N ILE C 290 -29.71 13.50 -4.78
CA ILE C 290 -30.15 13.12 -3.43
C ILE C 290 -31.67 13.04 -3.40
N ASP C 291 -32.18 12.05 -2.68
CA ASP C 291 -33.61 11.78 -2.64
C ASP C 291 -34.03 11.53 -1.21
N THR C 292 -35.31 11.75 -0.94
CA THR C 292 -35.87 11.60 0.40
C THR C 292 -36.38 10.18 0.56
N CYS C 293 -35.62 9.35 1.26
CA CYS C 293 -35.95 7.95 1.47
C CYS C 293 -35.03 7.39 2.54
N ILE C 294 -35.15 6.10 2.79
CA ILE C 294 -34.38 5.41 3.81
C ILE C 294 -33.53 4.34 3.14
N SER C 295 -32.23 4.36 3.39
CA SER C 295 -31.35 3.31 2.90
C SER C 295 -30.02 3.40 3.64
N GLU C 296 -29.37 2.25 3.82
CA GLU C 296 -28.14 2.18 4.58
C GLU C 296 -26.90 2.16 3.73
N CYS C 297 -26.98 1.63 2.51
CA CYS C 297 -25.81 1.42 1.67
C CYS C 297 -25.87 2.39 0.51
N ILE C 298 -24.83 3.22 0.37
CA ILE C 298 -24.76 4.23 -0.66
C ILE C 298 -23.57 3.94 -1.55
N THR C 299 -23.80 3.80 -2.85
CA THR C 299 -22.73 3.66 -3.81
C THR C 299 -22.82 4.86 -4.74
N PRO C 300 -21.81 5.12 -5.58
CA PRO C 300 -21.95 6.23 -6.53
C PRO C 300 -23.11 6.09 -7.49
N ASN C 301 -23.65 4.89 -7.65
CA ASN C 301 -24.81 4.68 -8.49
C ASN C 301 -26.12 4.91 -7.74
N GLY C 302 -26.07 5.29 -6.48
CA GLY C 302 -27.26 5.55 -5.69
C GLY C 302 -27.31 4.66 -4.47
N SER C 303 -28.43 4.75 -3.76
CA SER C 303 -28.66 3.89 -2.62
C SER C 303 -29.12 2.52 -3.08
N ILE C 304 -28.59 1.48 -2.46
CA ILE C 304 -29.02 0.13 -2.82
C ILE C 304 -29.43 -0.62 -1.56
N PRO C 305 -30.41 -1.51 -1.65
CA PRO C 305 -30.79 -2.31 -0.48
C PRO C 305 -29.69 -3.29 -0.13
N ASN C 306 -29.55 -3.56 1.16
CA ASN C 306 -28.51 -4.47 1.65
C ASN C 306 -29.09 -5.81 2.11
N ASP C 307 -30.26 -6.18 1.62
CA ASP C 307 -30.80 -7.49 1.98
C ASP C 307 -29.95 -8.63 1.44
N LYS C 308 -29.50 -8.53 0.20
CA LYS C 308 -28.65 -9.55 -0.39
C LYS C 308 -27.23 -9.43 0.13
N PRO C 309 -26.50 -10.54 0.24
CA PRO C 309 -25.16 -10.48 0.82
C PRO C 309 -24.10 -9.94 -0.13
N PHE C 310 -24.29 -10.06 -1.43
CA PHE C 310 -23.29 -9.64 -2.39
C PHE C 310 -23.91 -8.63 -3.35
N GLN C 311 -23.09 -7.73 -3.86
CA GLN C 311 -23.55 -6.72 -4.80
C GLN C 311 -22.56 -6.59 -5.93
N ASN C 312 -23.06 -6.15 -7.08
CA ASN C 312 -22.26 -6.02 -8.28
C ASN C 312 -22.31 -4.61 -8.84
N VAL C 313 -22.95 -3.69 -8.13
CA VAL C 313 -23.17 -2.35 -8.65
C VAL C 313 -21.85 -1.61 -8.78
N ASN C 314 -21.18 -1.37 -7.65
CA ASN C 314 -19.95 -0.61 -7.66
C ASN C 314 -19.06 -1.12 -6.55
N LYS C 315 -17.75 -0.88 -6.69
CA LYS C 315 -16.83 -1.28 -5.65
C LYS C 315 -16.58 -0.19 -4.65
N ILE C 316 -17.10 1.00 -4.87
CA ILE C 316 -17.04 2.10 -3.92
C ILE C 316 -18.34 2.11 -3.15
N THR C 317 -18.26 1.99 -1.83
CA THR C 317 -19.45 1.85 -1.01
C THR C 317 -19.31 2.70 0.24
N TYR C 318 -20.45 3.01 0.84
CA TYR C 318 -20.47 3.67 2.13
C TYR C 318 -21.63 3.12 2.94
N GLY C 319 -21.38 2.81 4.20
CA GLY C 319 -22.38 2.24 5.07
C GLY C 319 -22.35 0.73 5.07
N ALA C 320 -23.38 0.14 5.66
CA ALA C 320 -23.51 -1.31 5.73
C ALA C 320 -23.89 -1.83 4.35
N CYS C 321 -22.87 -2.13 3.56
CA CYS C 321 -23.05 -2.50 2.17
C CYS C 321 -22.72 -3.97 1.95
N PRO C 322 -23.38 -4.61 1.00
CA PRO C 322 -22.98 -5.97 0.62
C PRO C 322 -21.59 -5.96 0.01
N LYS C 323 -20.93 -7.11 0.11
CA LYS C 323 -19.57 -7.20 -0.42
C LYS C 323 -19.59 -7.24 -1.93
N TYR C 324 -18.74 -6.43 -2.54
CA TYR C 324 -18.66 -6.37 -4.00
C TYR C 324 -18.10 -7.67 -4.55
N VAL C 325 -18.70 -8.16 -5.63
CA VAL C 325 -18.22 -9.36 -6.32
C VAL C 325 -18.23 -9.09 -7.81
N LYS C 326 -17.46 -9.90 -8.53
CA LYS C 326 -17.39 -9.72 -9.98
C LYS C 326 -18.56 -10.32 -10.71
N GLN C 327 -19.17 -11.37 -10.17
CA GLN C 327 -20.25 -12.06 -10.87
C GLN C 327 -21.52 -11.22 -10.88
N ASN C 328 -22.26 -11.31 -11.98
CA ASN C 328 -23.51 -10.59 -12.10
C ASN C 328 -24.71 -11.40 -11.67
N THR C 329 -24.53 -12.69 -11.38
CA THR C 329 -25.63 -13.51 -10.90
C THR C 329 -25.07 -14.67 -10.09
N LEU C 330 -25.75 -15.00 -9.00
CA LEU C 330 -25.39 -16.15 -8.17
C LEU C 330 -26.68 -16.72 -7.62
N LYS C 331 -27.08 -17.89 -8.11
CA LYS C 331 -28.36 -18.45 -7.76
C LYS C 331 -28.20 -19.39 -6.57
N LEU C 332 -28.98 -19.14 -5.52
CA LEU C 332 -29.03 -20.00 -4.35
C LEU C 332 -30.29 -20.86 -4.43
N ALA C 333 -30.11 -22.17 -4.39
CA ALA C 333 -31.25 -23.06 -4.45
C ALA C 333 -32.06 -22.96 -3.16
N THR C 334 -33.36 -22.76 -3.30
CA THR C 334 -34.27 -22.69 -2.16
C THR C 334 -35.36 -23.75 -2.26
N GLY C 335 -35.12 -24.79 -3.02
CA GLY C 335 -36.08 -25.85 -3.16
C GLY C 335 -35.40 -27.16 -3.50
N MET C 336 -36.23 -28.17 -3.72
CA MET C 336 -35.76 -29.49 -4.07
C MET C 336 -35.47 -29.59 -5.56
N ARG C 337 -34.74 -30.63 -5.94
CA ARG C 337 -34.42 -30.84 -7.34
C ARG C 337 -35.70 -30.98 -8.14
N ASN C 338 -35.75 -30.30 -9.28
CA ASN C 338 -36.98 -30.21 -10.07
C ASN C 338 -37.01 -31.37 -11.06
N VAL C 339 -37.81 -32.38 -10.73
CA VAL C 339 -38.12 -33.47 -11.65
C VAL C 339 -39.60 -33.42 -11.96
N PRO C 340 -39.98 -32.83 -13.09
CA PRO C 340 -41.40 -32.64 -13.42
C PRO C 340 -42.02 -33.89 -14.03
N ASN D 49 -34.55 -20.48 5.24
CA ASN D 49 -34.71 -19.07 4.89
C ASN D 49 -33.55 -18.56 4.06
N GLY D 50 -32.99 -17.41 4.46
CA GLY D 50 -31.85 -16.86 3.76
C GLY D 50 -30.67 -17.81 3.77
N LYS D 51 -30.45 -18.50 4.88
CA LYS D 51 -29.51 -19.59 5.08
C LYS D 51 -28.06 -19.11 5.12
N LEU D 52 -27.77 -17.88 4.69
CA LEU D 52 -26.42 -17.35 4.69
C LEU D 52 -26.11 -16.59 5.97
N ASN D 53 -27.07 -16.52 6.88
CA ASN D 53 -26.85 -15.77 8.12
C ASN D 53 -25.72 -16.39 8.93
N ARG D 54 -25.62 -17.72 8.92
CA ARG D 54 -24.62 -18.42 9.72
C ARG D 54 -23.23 -18.19 9.16
N VAL D 55 -23.09 -18.20 7.84
CA VAL D 55 -21.76 -18.10 7.23
C VAL D 55 -21.29 -16.65 7.20
N ILE D 56 -22.09 -15.77 6.62
CA ILE D 56 -21.84 -14.33 6.66
C ILE D 56 -22.75 -13.78 7.74
N GLU D 57 -22.16 -13.39 8.87
CA GLU D 57 -22.95 -13.01 10.03
C GLU D 57 -23.84 -11.79 9.73
N LYS D 58 -23.28 -10.80 9.03
CA LYS D 58 -24.05 -9.63 8.62
C LYS D 58 -23.26 -8.92 7.55
N THR D 59 -23.82 -7.82 7.06
CA THR D 59 -23.09 -6.93 6.15
C THR D 59 -22.25 -5.99 7.00
N ASN D 60 -20.93 -6.22 7.00
CA ASN D 60 -20.04 -5.38 7.76
C ASN D 60 -20.06 -3.95 7.23
N GLU D 61 -19.79 -3.01 8.13
CA GLU D 61 -20.16 -1.61 7.94
C GLU D 61 -18.90 -0.77 7.77
N LYS D 62 -18.55 -0.48 6.53
CA LYS D 62 -17.31 0.22 6.20
C LYS D 62 -17.63 1.65 5.82
N PHE D 63 -16.86 2.60 6.36
CA PHE D 63 -17.15 4.01 6.16
C PHE D 63 -16.11 4.74 5.33
N HIS D 64 -14.84 4.70 5.72
CA HIS D 64 -13.81 5.41 4.97
C HIS D 64 -12.82 4.39 4.42
N GLN D 65 -12.62 4.43 3.11
CA GLN D 65 -11.69 3.51 2.47
C GLN D 65 -10.75 4.24 1.54
N ILE D 66 -9.92 3.51 0.82
CA ILE D 66 -8.97 4.09 -0.11
C ILE D 66 -9.70 4.61 -1.32
N GLU D 67 -9.02 5.39 -2.16
CA GLU D 67 -9.55 5.78 -3.45
C GLU D 67 -9.53 4.58 -4.39
N LYS D 68 -10.62 4.37 -5.10
CA LYS D 68 -10.67 3.30 -6.08
C LYS D 68 -10.83 3.80 -7.50
N GLU D 69 -10.86 5.10 -7.72
CA GLU D 69 -10.85 5.69 -9.05
C GLU D 69 -9.85 6.83 -9.06
N PHE D 70 -8.99 6.87 -10.07
CA PHE D 70 -7.94 7.86 -10.16
C PHE D 70 -8.01 8.57 -11.50
N SER D 71 -7.74 9.87 -11.48
CA SER D 71 -7.80 10.67 -12.70
C SER D 71 -6.47 10.63 -13.45
N GLU D 72 -5.40 11.06 -12.79
CA GLU D 72 -4.08 11.12 -13.41
C GLU D 72 -3.34 9.82 -13.16
N VAL D 73 -2.04 9.81 -13.44
CA VAL D 73 -1.19 8.66 -13.20
C VAL D 73 -0.13 9.09 -12.20
N GLU D 74 -0.12 8.45 -11.03
CA GLU D 74 0.87 8.80 -10.02
C GLU D 74 2.08 7.86 -10.07
N GLY D 75 1.85 6.56 -9.99
CA GLY D 75 2.96 5.63 -9.97
C GLY D 75 2.84 4.54 -8.94
N ARG D 76 3.78 4.50 -7.99
CA ARG D 76 3.85 3.39 -7.05
C ARG D 76 2.58 3.28 -6.21
N ILE D 77 2.15 4.38 -5.61
CA ILE D 77 1.05 4.30 -4.66
C ILE D 77 -0.25 4.00 -5.37
N GLN D 78 -0.48 4.60 -6.53
CA GLN D 78 -1.69 4.29 -7.27
C GLN D 78 -1.71 2.82 -7.69
N ASP D 79 -0.58 2.29 -8.14
CA ASP D 79 -0.53 0.89 -8.51
C ASP D 79 -0.78 0.00 -7.30
N LEU D 80 -0.25 0.37 -6.15
CA LEU D 80 -0.50 -0.40 -4.94
C LEU D 80 -1.97 -0.41 -4.58
N GLU D 81 -2.63 0.75 -4.68
CA GLU D 81 -4.05 0.80 -4.35
C GLU D 81 -4.87 -0.03 -5.33
N LYS D 82 -4.54 0.07 -6.61
CA LYS D 82 -5.25 -0.75 -7.60
C LYS D 82 -5.05 -2.23 -7.33
N TYR D 83 -3.82 -2.62 -7.03
CA TYR D 83 -3.54 -4.03 -6.76
C TYR D 83 -4.28 -4.52 -5.53
N VAL D 84 -4.31 -3.72 -4.47
CA VAL D 84 -5.00 -4.12 -3.26
C VAL D 84 -6.48 -4.32 -3.54
N GLU D 85 -7.09 -3.36 -4.24
CA GLU D 85 -8.51 -3.48 -4.51
C GLU D 85 -8.81 -4.68 -5.40
N ASP D 86 -7.98 -4.90 -6.42
CA ASP D 86 -8.21 -6.04 -7.30
C ASP D 86 -8.06 -7.36 -6.55
N THR D 87 -7.06 -7.45 -5.68
CA THR D 87 -6.88 -8.65 -4.87
C THR D 87 -8.09 -8.91 -4.00
N LYS D 88 -8.59 -7.85 -3.35
CA LYS D 88 -9.75 -8.03 -2.48
C LYS D 88 -10.96 -8.46 -3.29
N ILE D 89 -11.16 -7.87 -4.46
CA ILE D 89 -12.33 -8.21 -5.27
C ILE D 89 -12.24 -9.64 -5.75
N ASP D 90 -11.06 -10.08 -6.18
CA ASP D 90 -10.93 -11.46 -6.64
C ASP D 90 -11.17 -12.44 -5.50
N LEU D 91 -10.62 -12.17 -4.32
CA LEU D 91 -10.81 -13.08 -3.21
C LEU D 91 -12.27 -13.15 -2.81
N TRP D 92 -12.95 -12.01 -2.77
CA TRP D 92 -14.35 -12.04 -2.37
C TRP D 92 -15.23 -12.67 -3.43
N SER D 93 -14.91 -12.47 -4.71
CA SER D 93 -15.67 -13.15 -5.75
C SER D 93 -15.50 -14.65 -5.64
N TYR D 94 -14.28 -15.12 -5.42
CA TYR D 94 -14.09 -16.55 -5.24
C TYR D 94 -14.84 -17.07 -4.03
N ASN D 95 -14.79 -16.34 -2.91
CA ASN D 95 -15.48 -16.77 -1.71
C ASN D 95 -16.97 -16.87 -1.96
N ALA D 96 -17.54 -15.88 -2.65
CA ALA D 96 -18.96 -15.91 -2.95
C ALA D 96 -19.30 -17.11 -3.81
N GLU D 97 -18.50 -17.36 -4.84
CA GLU D 97 -18.76 -18.50 -5.72
C GLU D 97 -18.75 -19.80 -4.95
N LEU D 98 -17.71 -20.01 -4.12
CA LEU D 98 -17.60 -21.25 -3.39
C LEU D 98 -18.72 -21.40 -2.39
N LEU D 99 -19.10 -20.31 -1.72
CA LEU D 99 -20.15 -20.38 -0.73
C LEU D 99 -21.48 -20.76 -1.38
N VAL D 100 -21.79 -20.13 -2.51
CA VAL D 100 -23.03 -20.48 -3.20
C VAL D 100 -23.00 -21.92 -3.62
N ALA D 101 -21.87 -22.39 -4.17
CA ALA D 101 -21.80 -23.79 -4.60
C ALA D 101 -22.01 -24.73 -3.43
N LEU D 102 -21.38 -24.46 -2.30
CA LEU D 102 -21.54 -25.34 -1.15
C LEU D 102 -22.97 -25.36 -0.64
N GLU D 103 -23.58 -24.18 -0.53
CA GLU D 103 -24.95 -24.13 -0.04
C GLU D 103 -25.89 -24.87 -0.99
N ASN D 104 -25.71 -24.68 -2.29
CA ASN D 104 -26.54 -25.39 -3.25
C ASN D 104 -26.35 -26.90 -3.11
N GLN D 105 -25.10 -27.33 -3.00
CA GLN D 105 -24.84 -28.76 -2.89
C GLN D 105 -25.52 -29.35 -1.67
N HIS D 106 -25.36 -28.71 -0.53
CA HIS D 106 -25.91 -29.28 0.69
C HIS D 106 -27.44 -29.21 0.68
N THR D 107 -28.00 -28.13 0.13
CA THR D 107 -29.45 -28.03 0.06
C THR D 107 -30.03 -29.14 -0.82
N ILE D 108 -29.43 -29.36 -1.99
CA ILE D 108 -29.96 -30.38 -2.88
C ILE D 108 -29.76 -31.77 -2.29
N ASP D 109 -28.61 -32.01 -1.66
CA ASP D 109 -28.41 -33.32 -1.03
C ASP D 109 -29.45 -33.56 0.03
N LEU D 110 -29.71 -32.57 0.88
CA LEU D 110 -30.68 -32.73 1.95
C LEU D 110 -32.07 -32.97 1.40
N THR D 111 -32.51 -32.15 0.44
CA THR D 111 -33.85 -32.31 -0.10
C THR D 111 -33.99 -33.63 -0.84
N ASP D 112 -32.94 -34.05 -1.54
CA ASP D 112 -32.99 -35.33 -2.23
C ASP D 112 -33.13 -36.47 -1.24
N SER D 113 -32.38 -36.42 -0.14
CA SER D 113 -32.49 -37.47 0.87
C SER D 113 -33.90 -37.49 1.47
N GLU D 114 -34.46 -36.32 1.74
CA GLU D 114 -35.81 -36.27 2.31
C GLU D 114 -36.84 -36.81 1.32
N MET D 115 -36.75 -36.42 0.06
CA MET D 115 -37.67 -36.94 -0.95
C MET D 115 -37.58 -38.45 -1.05
N ASN D 116 -36.36 -38.99 -1.09
CA ASN D 116 -36.19 -40.42 -1.23
C ASN D 116 -36.73 -41.16 0.00
N LYS D 117 -36.46 -40.62 1.20
CA LYS D 117 -36.95 -41.24 2.42
C LYS D 117 -38.47 -41.27 2.45
N LEU D 118 -39.10 -40.14 2.12
CA LEU D 118 -40.55 -40.09 2.15
C LEU D 118 -41.15 -41.00 1.09
N PHE D 119 -40.55 -41.07 -0.09
CA PHE D 119 -41.04 -42.01 -1.10
C PHE D 119 -40.97 -43.45 -0.60
N GLU D 120 -39.85 -43.83 0.00
CA GLU D 120 -39.74 -45.21 0.49
C GLU D 120 -40.76 -45.48 1.58
N LYS D 121 -40.92 -44.57 2.53
CA LYS D 121 -41.85 -44.81 3.63
C LYS D 121 -43.29 -44.88 3.15
N THR D 122 -43.68 -43.96 2.25
CA THR D 122 -45.03 -43.98 1.71
C THR D 122 -45.28 -45.24 0.89
N ARG D 123 -44.29 -45.68 0.12
CA ARG D 123 -44.43 -46.91 -0.65
C ARG D 123 -44.58 -48.11 0.27
N ARG D 124 -43.82 -48.12 1.37
CA ARG D 124 -43.92 -49.24 2.32
C ARG D 124 -45.26 -49.21 3.04
N GLN D 125 -45.86 -48.04 3.19
CA GLN D 125 -47.20 -47.95 3.75
C GLN D 125 -48.24 -47.89 2.64
N HIS E 34 -24.25 -42.60 22.18
CA HIS E 34 -24.06 -42.22 23.57
C HIS E 34 -24.26 -40.73 23.77
N ALA E 35 -24.78 -40.35 24.94
CA ALA E 35 -25.19 -38.99 25.23
C ALA E 35 -24.59 -38.53 26.56
N VAL E 36 -24.70 -37.24 26.84
CA VAL E 36 -24.16 -36.63 28.05
C VAL E 36 -25.20 -35.69 28.64
N PRO E 37 -25.14 -35.37 29.94
CA PRO E 37 -26.16 -34.49 30.52
C PRO E 37 -26.18 -33.09 29.93
N ASN E 38 -25.07 -32.37 29.98
CA ASN E 38 -24.99 -31.02 29.43
C ASN E 38 -24.15 -31.04 28.15
N GLY E 39 -24.51 -30.15 27.21
CA GLY E 39 -23.87 -30.13 25.91
C GLY E 39 -23.54 -28.70 25.48
N THR E 40 -22.74 -28.61 24.42
CA THR E 40 -22.26 -27.34 23.90
C THR E 40 -22.94 -27.03 22.57
N LEU E 41 -23.32 -25.78 22.38
CA LEU E 41 -24.04 -25.35 21.19
C LEU E 41 -23.05 -24.86 20.14
N VAL E 42 -23.04 -25.51 18.98
CA VAL E 42 -22.17 -25.11 17.88
C VAL E 42 -23.02 -24.64 16.71
N LYS E 43 -22.36 -24.19 15.65
CA LYS E 43 -23.04 -23.64 14.48
C LYS E 43 -22.53 -24.33 13.23
N THR E 44 -23.44 -24.71 12.34
CA THR E 44 -23.09 -25.41 11.11
C THR E 44 -23.56 -24.62 9.90
N ILE E 45 -23.46 -25.26 8.74
CA ILE E 45 -23.96 -24.64 7.51
C ILE E 45 -25.46 -24.39 7.61
N THR E 46 -26.20 -25.36 8.14
CA THR E 46 -27.65 -25.32 8.10
C THR E 46 -28.28 -25.14 9.48
N ASP E 47 -27.51 -24.71 10.48
CA ASP E 47 -28.07 -24.54 11.82
C ASP E 47 -27.37 -23.42 12.54
N ASP E 48 -28.14 -22.48 13.08
CA ASP E 48 -27.57 -21.44 13.92
C ASP E 48 -27.00 -22.01 15.20
N GLN E 49 -27.78 -22.84 15.89
CA GLN E 49 -27.37 -23.45 17.15
C GLN E 49 -27.83 -24.89 17.15
N ILE E 50 -26.90 -25.80 17.38
CA ILE E 50 -27.22 -27.21 17.55
C ILE E 50 -26.35 -27.75 18.68
N GLU E 51 -26.96 -28.50 19.58
CA GLU E 51 -26.25 -29.00 20.76
C GLU E 51 -25.50 -30.27 20.41
N VAL E 52 -24.27 -30.37 20.90
CA VAL E 52 -23.44 -31.55 20.69
C VAL E 52 -22.84 -31.97 22.02
N THR E 53 -22.34 -33.21 22.03
CA THR E 53 -21.80 -33.79 23.27
C THR E 53 -20.58 -33.04 23.75
N ASN E 54 -19.59 -32.86 22.88
CA ASN E 54 -18.33 -32.25 23.27
C ASN E 54 -17.88 -31.31 22.16
N ALA E 55 -17.45 -30.11 22.56
CA ALA E 55 -17.06 -29.10 21.60
C ALA E 55 -15.86 -28.34 22.13
N THR E 56 -14.92 -28.04 21.25
CA THR E 56 -13.69 -27.36 21.60
C THR E 56 -13.72 -25.93 21.08
N GLU E 57 -12.81 -25.12 21.61
CA GLU E 57 -12.70 -23.74 21.19
C GLU E 57 -11.55 -23.59 20.20
N LEU E 58 -11.75 -22.70 19.22
CA LEU E 58 -10.76 -22.48 18.18
C LEU E 58 -10.14 -21.11 18.21
N VAL E 59 -10.60 -20.22 19.08
CA VAL E 59 -10.13 -18.84 19.13
C VAL E 59 -9.45 -18.62 20.47
N GLN E 60 -8.18 -18.25 20.45
CA GLN E 60 -7.45 -17.95 21.66
C GLN E 60 -7.68 -16.48 22.02
N SER E 61 -8.53 -16.24 23.01
CA SER E 61 -8.99 -14.89 23.29
C SER E 61 -8.43 -14.32 24.58
N SER E 62 -7.50 -15.01 25.23
CA SER E 62 -6.92 -14.53 26.47
C SER E 62 -5.41 -14.66 26.40
N SER E 63 -4.72 -13.74 27.06
CA SER E 63 -3.27 -13.72 27.06
C SER E 63 -2.75 -13.82 28.48
N THR E 64 -1.57 -14.42 28.62
CA THR E 64 -0.97 -14.56 29.93
C THR E 64 -0.57 -13.23 30.53
N GLY E 65 -0.42 -12.19 29.72
CA GLY E 65 -0.07 -10.89 30.20
C GLY E 65 1.40 -10.61 30.30
N LYS E 66 2.25 -11.61 30.06
CA LYS E 66 3.69 -11.42 30.12
C LYS E 66 4.32 -11.92 28.83
N ILE E 67 5.49 -11.40 28.52
CA ILE E 67 6.20 -11.78 27.30
C ILE E 67 7.28 -12.79 27.67
N CYS E 68 7.16 -14.00 27.15
CA CYS E 68 8.17 -15.01 27.37
C CYS E 68 9.45 -14.62 26.65
N ASN E 69 10.58 -14.76 27.33
CA ASN E 69 11.87 -14.35 26.78
C ASN E 69 12.58 -15.45 26.03
N ASN E 70 11.91 -16.57 25.78
CA ASN E 70 12.46 -17.64 24.97
C ASN E 70 11.41 -18.14 24.00
N PRO E 71 11.80 -18.60 22.81
CA PRO E 71 13.17 -18.67 22.33
C PRO E 71 13.64 -17.40 21.64
N HIS E 72 12.74 -16.44 21.45
CA HIS E 72 13.05 -15.23 20.72
C HIS E 72 13.87 -14.29 21.58
N ARG E 73 14.96 -13.78 21.01
CA ARG E 73 15.84 -12.88 21.73
C ARG E 73 15.15 -11.54 21.92
N ILE E 74 14.51 -11.35 23.06
CA ILE E 74 13.78 -10.13 23.34
C ILE E 74 14.74 -9.08 23.86
N LEU E 75 14.52 -7.82 23.47
CA LEU E 75 15.29 -6.71 24.00
C LEU E 75 14.31 -5.71 24.61
N ASP E 76 14.32 -5.61 25.93
CA ASP E 76 13.45 -4.66 26.60
C ASP E 76 14.05 -3.27 26.53
N GLY E 77 13.36 -2.35 25.86
CA GLY E 77 13.86 -1.00 25.77
C GLY E 77 13.31 -0.12 26.87
N ILE E 78 14.08 0.06 27.94
CA ILE E 78 13.63 0.84 29.08
C ILE E 78 13.91 2.31 28.78
N ASP E 79 12.86 3.13 28.74
CA ASP E 79 13.02 4.58 28.57
C ASP E 79 13.74 4.95 27.29
N CYS E 80 13.96 4.00 26.38
CA CYS E 80 14.69 4.26 25.16
C CYS E 80 13.87 3.82 23.97
N THR E 81 13.65 4.74 23.04
CA THR E 81 13.10 4.37 21.75
C THR E 81 14.21 3.81 20.87
N LEU E 82 13.83 3.14 19.80
CA LEU E 82 14.83 2.53 18.93
C LEU E 82 15.74 3.58 18.33
N ILE E 83 15.17 4.69 17.87
CA ILE E 83 15.98 5.74 17.25
C ILE E 83 16.89 6.38 18.28
N ASP E 84 16.43 6.52 19.52
CA ASP E 84 17.28 7.12 20.53
C ASP E 84 18.49 6.25 20.83
N ALA E 85 18.29 4.93 20.94
CA ALA E 85 19.42 4.04 21.11
C ALA E 85 20.31 4.04 19.89
N LEU E 86 19.72 4.17 18.71
CA LEU E 86 20.51 4.21 17.48
C LEU E 86 21.44 5.41 17.48
N LEU E 87 20.91 6.60 17.73
CA LEU E 87 21.70 7.81 17.69
C LEU E 87 22.74 7.84 18.79
N GLY E 88 22.44 7.25 19.93
CA GLY E 88 23.37 7.30 21.03
C GLY E 88 22.96 8.31 22.08
N ASP E 89 21.69 8.35 22.41
CA ASP E 89 21.22 9.18 23.50
C ASP E 89 21.92 8.76 24.79
N PRO E 90 22.38 9.70 25.60
CA PRO E 90 23.14 9.33 26.81
C PRO E 90 22.48 8.30 27.68
N HIS E 91 21.24 8.52 28.09
CA HIS E 91 20.59 7.54 28.93
C HIS E 91 20.27 6.26 28.21
N CYS E 92 20.70 6.11 26.96
CA CYS E 92 20.57 4.87 26.22
C CYS E 92 21.91 4.21 25.94
N ASP E 93 22.97 4.66 26.61
CA ASP E 93 24.31 4.12 26.33
C ASP E 93 24.40 2.63 26.65
N VAL E 94 23.45 2.10 27.42
CA VAL E 94 23.46 0.68 27.72
C VAL E 94 23.09 -0.17 26.52
N PHE E 95 22.52 0.43 25.48
CA PHE E 95 22.03 -0.33 24.33
C PHE E 95 23.05 -0.44 23.22
N GLN E 96 24.27 0.04 23.43
CA GLN E 96 25.27 0.01 22.38
C GLN E 96 25.58 -1.43 21.99
N ASN E 97 25.73 -1.67 20.69
CA ASN E 97 26.08 -2.97 20.14
C ASN E 97 25.07 -4.05 20.52
N GLU E 98 23.82 -3.69 20.78
CA GLU E 98 22.83 -4.69 21.12
C GLU E 98 22.29 -5.37 19.88
N THR E 99 21.76 -6.56 20.07
CA THR E 99 21.07 -7.31 19.03
C THR E 99 19.78 -7.85 19.62
N TRP E 100 18.81 -8.12 18.75
CA TRP E 100 17.53 -8.58 19.24
C TRP E 100 16.81 -9.36 18.16
N ASP E 101 15.86 -10.18 18.60
CA ASP E 101 14.90 -10.79 17.70
C ASP E 101 13.57 -10.06 17.74
N LEU E 102 13.32 -9.32 18.82
CA LEU E 102 12.14 -8.47 18.94
C LEU E 102 12.46 -7.36 19.92
N PHE E 103 12.42 -6.12 19.45
CA PHE E 103 12.67 -4.96 20.28
C PHE E 103 11.35 -4.49 20.86
N VAL E 104 11.17 -4.64 22.17
CA VAL E 104 9.97 -4.18 22.83
C VAL E 104 10.20 -2.76 23.27
N GLU E 105 9.39 -1.85 22.76
CA GLU E 105 9.56 -0.41 22.95
C GLU E 105 8.48 0.06 23.90
N ARG E 106 8.87 0.43 25.12
CA ARG E 106 7.90 0.76 26.15
C ARG E 106 7.25 2.10 25.89
N SER E 107 6.03 2.26 26.43
CA SER E 107 5.32 3.51 26.26
C SER E 107 5.87 4.62 27.14
N LYS E 108 6.71 4.28 28.10
CA LYS E 108 7.32 5.29 28.98
C LYS E 108 8.57 5.89 28.40
N ALA E 109 8.98 5.48 27.21
CA ALA E 109 10.22 5.95 26.64
C ALA E 109 10.17 7.45 26.35
N PHE E 110 11.30 8.12 26.53
CA PHE E 110 11.39 9.54 26.30
C PHE E 110 12.79 9.86 25.80
N SER E 111 12.91 11.03 25.18
CA SER E 111 14.19 11.52 24.71
C SER E 111 14.70 12.60 25.67
N ASN E 112 15.98 12.55 25.98
CA ASN E 112 16.58 13.51 26.89
C ASN E 112 17.89 14.03 26.33
N CYS E 113 17.90 14.38 25.05
CA CYS E 113 19.09 14.87 24.37
C CYS E 113 18.68 16.01 23.46
N TYR E 114 19.57 16.36 22.55
CA TYR E 114 19.32 17.47 21.63
C TYR E 114 18.04 17.23 20.85
N PRO E 115 17.13 18.20 20.78
CA PRO E 115 15.86 17.97 20.09
C PRO E 115 16.08 17.71 18.61
N TYR E 116 15.78 16.50 18.18
CA TYR E 116 16.00 16.10 16.82
C TYR E 116 14.67 15.82 16.13
N ASP E 117 14.75 15.54 14.84
CA ASP E 117 13.59 15.31 14.02
C ASP E 117 14.00 14.44 12.85
N VAL E 118 13.25 13.38 12.59
CA VAL E 118 13.58 12.40 11.57
C VAL E 118 12.53 12.46 10.48
N PRO E 119 12.81 13.13 9.37
CA PRO E 119 11.95 12.97 8.19
C PRO E 119 11.95 11.53 7.76
N ASP E 120 10.78 11.03 7.38
CA ASP E 120 10.59 9.60 7.15
C ASP E 120 11.04 8.80 8.37
N TYR E 121 10.48 9.14 9.53
CA TYR E 121 10.83 8.46 10.76
C TYR E 121 10.42 7.00 10.71
N ALA E 122 9.23 6.73 10.18
CA ALA E 122 8.72 5.37 10.18
C ALA E 122 9.60 4.45 9.35
N SER E 123 10.07 4.91 8.19
CA SER E 123 10.91 4.08 7.36
C SER E 123 12.23 3.76 8.04
N LEU E 124 12.87 4.76 8.65
CA LEU E 124 14.12 4.51 9.33
C LEU E 124 13.93 3.54 10.48
N ARG E 125 12.90 3.76 11.28
CA ARG E 125 12.65 2.85 12.39
C ARG E 125 12.38 1.45 11.90
N SER E 126 11.60 1.31 10.84
CA SER E 126 11.28 -0.01 10.32
C SER E 126 12.53 -0.73 9.85
N LEU E 127 13.38 -0.06 9.08
CA LEU E 127 14.54 -0.76 8.55
C LEU E 127 15.57 -1.05 9.62
N VAL E 128 15.74 -0.14 10.59
CA VAL E 128 16.64 -0.43 11.68
C VAL E 128 16.15 -1.62 12.48
N ALA E 129 14.85 -1.66 12.78
CA ALA E 129 14.31 -2.78 13.53
C ALA E 129 14.46 -4.08 12.77
N SER E 130 14.22 -4.06 11.46
CA SER E 130 14.37 -5.28 10.69
C SER E 130 15.82 -5.72 10.58
N SER E 131 16.76 -4.77 10.61
CA SER E 131 18.16 -5.17 10.58
C SER E 131 18.51 -6.03 11.78
N GLY E 132 18.03 -5.65 12.96
CA GLY E 132 18.18 -6.49 14.12
C GLY E 132 19.48 -6.37 14.86
N THR E 133 20.25 -5.31 14.63
CA THR E 133 21.46 -5.13 15.39
C THR E 133 21.84 -3.66 15.38
N LEU E 134 22.38 -3.20 16.50
CA LEU E 134 22.88 -1.84 16.64
C LEU E 134 24.40 -1.82 16.55
N GLU E 135 24.99 -2.87 16.00
CA GLU E 135 26.43 -3.00 15.94
C GLU E 135 27.02 -1.87 15.13
N PHE E 136 27.81 -1.02 15.78
CA PHE E 136 28.32 0.20 15.17
C PHE E 136 29.82 0.08 15.03
N ILE E 137 30.31 0.21 13.80
CA ILE E 137 31.74 0.14 13.51
C ILE E 137 32.22 1.55 13.28
N THR E 138 33.16 2.00 14.11
CA THR E 138 33.69 3.35 13.98
C THR E 138 34.67 3.41 12.81
N GLU E 139 34.44 4.35 11.91
CA GLU E 139 35.31 4.55 10.77
C GLU E 139 36.14 5.81 10.95
N GLY E 140 37.30 5.81 10.30
CA GLY E 140 38.18 6.96 10.39
C GLY E 140 37.84 7.99 9.35
N PHE E 141 37.14 9.04 9.78
CA PHE E 141 36.80 10.15 8.91
C PHE E 141 37.79 11.28 9.13
N THR E 142 38.26 11.87 8.05
CA THR E 142 39.28 12.91 8.10
C THR E 142 38.61 14.25 7.88
N TRP E 143 38.19 14.89 8.96
CA TRP E 143 37.62 16.23 8.92
C TRP E 143 38.74 17.22 9.17
N THR E 144 39.11 17.97 8.14
CA THR E 144 40.22 18.90 8.21
C THR E 144 39.69 20.32 8.32
N GLY E 145 40.18 21.05 9.31
CA GLY E 145 39.82 22.44 9.45
C GLY E 145 38.53 22.71 10.18
N VAL E 146 37.98 21.74 10.90
CA VAL E 146 36.76 21.93 11.66
C VAL E 146 36.97 21.35 13.05
N THR E 147 36.18 21.85 14.00
CA THR E 147 36.26 21.40 15.38
C THR E 147 35.28 20.26 15.60
N GLN E 148 35.80 19.07 15.86
CA GLN E 148 34.97 17.89 16.04
C GLN E 148 34.44 17.83 17.45
N ASN E 149 33.59 16.85 17.69
CA ASN E 149 33.07 16.55 19.02
C ASN E 149 32.35 17.75 19.63
N GLY E 150 31.62 18.49 18.80
CA GLY E 150 30.78 19.54 19.32
C GLY E 150 29.70 18.99 20.24
N GLY E 151 29.33 19.79 21.24
CA GLY E 151 28.39 19.34 22.25
C GLY E 151 27.45 20.45 22.65
N SER E 152 26.48 20.09 23.49
CA SER E 152 25.48 21.05 23.93
C SER E 152 25.07 20.72 25.36
N ASN E 153 24.52 21.74 26.03
CA ASN E 153 24.07 21.57 27.40
C ASN E 153 22.72 20.88 27.50
N ALA E 154 21.95 20.83 26.43
CA ALA E 154 20.67 20.13 26.50
C ALA E 154 20.85 18.62 26.52
N CYS E 155 22.01 18.14 26.06
CA CYS E 155 22.32 16.72 26.05
C CYS E 155 23.50 16.50 26.97
N LYS E 156 23.21 16.32 28.25
CA LYS E 156 24.26 16.31 29.28
C LYS E 156 24.75 14.89 29.47
N ARG E 157 25.97 14.63 29.03
CA ARG E 157 26.64 13.35 29.25
C ARG E 157 27.59 13.52 30.42
N GLY E 158 27.43 12.68 31.44
CA GLY E 158 28.16 12.84 32.67
C GLY E 158 27.77 14.14 33.34
N PRO E 159 28.75 14.89 33.84
CA PRO E 159 28.44 16.18 34.47
C PRO E 159 28.44 17.32 33.47
N GLY E 160 29.12 17.15 32.34
CA GLY E 160 29.29 18.22 31.37
C GLY E 160 28.42 18.07 30.15
N SER E 161 28.56 19.02 29.23
CA SER E 161 27.81 19.00 28.00
C SER E 161 28.30 17.86 27.10
N GLY E 162 27.36 17.29 26.35
CA GLY E 162 27.67 16.18 25.49
C GLY E 162 26.86 16.22 24.22
N PHE E 163 26.71 15.06 23.60
CA PHE E 163 25.98 14.93 22.35
C PHE E 163 25.67 13.45 22.12
N PHE E 164 25.02 13.16 21.00
CA PHE E 164 24.80 11.78 20.61
C PHE E 164 26.12 11.09 20.41
N SER E 165 26.24 9.87 20.95
CA SER E 165 27.51 9.17 20.87
C SER E 165 27.85 8.72 19.46
N ARG E 166 26.86 8.58 18.59
CA ARG E 166 27.08 8.09 17.24
C ARG E 166 27.06 9.19 16.20
N LEU E 167 27.17 10.45 16.61
CA LEU E 167 27.24 11.56 15.68
C LEU E 167 28.37 12.49 16.08
N ASN E 168 28.80 13.33 15.15
CA ASN E 168 29.94 14.20 15.34
C ASN E 168 29.57 15.58 14.87
N TRP E 169 29.45 16.52 15.80
CA TRP E 169 29.02 17.88 15.48
C TRP E 169 30.23 18.71 15.08
N LEU E 170 30.37 18.97 13.79
CA LEU E 170 31.50 19.73 13.28
C LEU E 170 31.14 21.21 13.26
N THR E 171 31.96 22.01 13.92
CA THR E 171 31.80 23.45 13.96
C THR E 171 33.04 24.10 13.36
N LYS E 172 32.97 25.42 13.17
CA LYS E 172 34.10 26.13 12.60
C LYS E 172 35.31 26.04 13.52
N SER E 173 36.48 25.91 12.92
CA SER E 173 37.74 25.89 13.64
C SER E 173 38.42 27.24 13.41
N GLY E 174 38.76 27.92 14.51
CA GLY E 174 39.31 29.25 14.38
C GLY E 174 38.26 30.21 13.86
N SER E 175 38.40 30.62 12.59
CA SER E 175 37.45 31.54 11.99
C SER E 175 37.07 31.14 10.58
N THR E 176 37.26 29.87 10.22
CA THR E 176 36.89 29.41 8.89
C THR E 176 36.23 28.05 8.98
N TYR E 177 35.48 27.73 7.93
CA TYR E 177 34.79 26.44 7.82
C TYR E 177 34.97 25.95 6.40
N PRO E 178 35.99 25.14 6.15
CA PRO E 178 36.26 24.71 4.77
C PRO E 178 35.17 23.80 4.27
N VAL E 179 35.04 23.74 2.94
CA VAL E 179 34.04 22.87 2.33
C VAL E 179 34.50 21.44 2.51
N LEU E 180 33.97 20.77 3.52
CA LEU E 180 34.31 19.38 3.76
C LEU E 180 33.92 18.53 2.56
N ASN E 181 34.84 17.70 2.12
CA ASN E 181 34.60 16.79 1.00
C ASN E 181 35.36 15.51 1.31
N VAL E 182 34.66 14.54 1.92
CA VAL E 182 35.29 13.31 2.36
C VAL E 182 34.59 12.15 1.70
N THR E 183 35.25 10.99 1.75
CA THR E 183 34.74 9.82 1.07
C THR E 183 35.07 8.57 1.88
N MET E 184 34.25 7.54 1.70
CA MET E 184 34.49 6.24 2.28
C MET E 184 34.01 5.16 1.34
N PRO E 185 34.89 4.27 0.88
CA PRO E 185 34.45 3.16 0.03
C PRO E 185 33.99 1.97 0.85
N ASN E 186 33.01 1.28 0.29
CA ASN E 186 32.46 0.06 0.91
C ASN E 186 33.12 -1.13 0.23
N ASN E 187 34.15 -1.66 0.85
CA ASN E 187 34.86 -2.82 0.32
C ASN E 187 34.38 -4.14 0.91
N ASP E 188 33.50 -4.11 1.89
CA ASP E 188 32.98 -5.34 2.46
C ASP E 188 31.72 -5.75 1.72
N ASN E 189 31.28 -6.99 1.95
CA ASN E 189 30.12 -7.55 1.27
C ASN E 189 28.86 -7.51 2.14
N PHE E 190 28.69 -6.48 2.93
CA PHE E 190 27.45 -6.23 3.64
C PHE E 190 27.09 -4.76 3.49
N ASP E 191 25.79 -4.47 3.56
CA ASP E 191 25.37 -3.08 3.48
C ASP E 191 25.89 -2.30 4.67
N LYS E 192 26.18 -1.02 4.46
CA LYS E 192 26.54 -0.11 5.52
C LYS E 192 25.44 0.93 5.68
N LEU E 193 25.09 1.23 6.92
CA LEU E 193 24.09 2.24 7.20
C LEU E 193 24.76 3.43 7.87
N TYR E 194 24.77 4.57 7.21
CA TYR E 194 25.35 5.79 7.75
C TYR E 194 24.22 6.68 8.22
N ILE E 195 24.28 7.14 9.46
CA ILE E 195 23.31 8.06 10.01
C ILE E 195 23.98 9.41 10.16
N TRP E 196 23.48 10.41 9.44
CA TRP E 196 24.02 11.76 9.53
C TRP E 196 22.88 12.71 9.81
N GLY E 197 23.20 13.99 9.96
CA GLY E 197 22.18 14.95 10.29
C GLY E 197 22.57 16.34 9.86
N VAL E 198 21.57 17.21 9.81
CA VAL E 198 21.73 18.60 9.45
C VAL E 198 21.24 19.45 10.61
N HIS E 199 22.02 20.44 10.99
CA HIS E 199 21.71 21.27 12.15
C HIS E 199 21.00 22.54 11.71
N HIS E 200 19.73 22.69 12.10
CA HIS E 200 19.02 23.93 11.83
C HIS E 200 19.19 24.86 13.00
N PRO E 201 19.91 25.96 12.86
CA PRO E 201 20.05 26.90 13.96
C PRO E 201 18.80 27.76 14.10
N SER E 202 18.70 28.43 15.24
CA SER E 202 17.52 29.25 15.49
C SER E 202 17.69 30.65 14.92
N THR E 203 18.86 31.24 15.08
CA THR E 203 19.09 32.63 14.72
C THR E 203 20.27 32.75 13.78
N ASN E 204 20.20 33.74 12.89
CA ASN E 204 21.29 33.95 11.93
C ASN E 204 22.61 34.19 12.63
N GLN E 205 22.58 34.84 13.80
CA GLN E 205 23.81 35.03 14.55
C GLN E 205 24.42 33.71 14.94
N GLU E 206 23.60 32.76 15.40
CA GLU E 206 24.11 31.45 15.75
C GLU E 206 24.63 30.71 14.51
N GLN E 207 23.93 30.88 13.38
CA GLN E 207 24.42 30.29 12.14
C GLN E 207 25.82 30.77 11.81
N THR E 208 26.04 32.08 11.82
CA THR E 208 27.35 32.59 11.46
C THR E 208 28.38 32.38 12.56
N SER E 209 27.95 32.17 13.80
CA SER E 209 28.88 31.88 14.87
C SER E 209 29.37 30.44 14.82
N LEU E 210 28.51 29.51 14.41
CA LEU E 210 28.92 28.12 14.32
C LEU E 210 29.53 27.78 12.98
N TYR E 211 28.99 28.30 11.89
CA TYR E 211 29.45 27.98 10.55
C TYR E 211 29.58 29.30 9.81
N VAL E 212 30.79 29.66 9.38
CA VAL E 212 31.00 31.02 8.89
C VAL E 212 30.15 31.32 7.66
N GLN E 213 29.81 30.31 6.88
CA GLN E 213 28.95 30.56 5.72
C GLN E 213 27.58 31.03 6.18
N ALA E 214 27.02 31.97 5.43
CA ALA E 214 25.71 32.50 5.76
C ALA E 214 24.62 31.44 5.66
N SER E 215 24.70 30.55 4.67
CA SER E 215 23.70 29.48 4.53
C SER E 215 24.39 28.33 3.80
N GLY E 216 24.84 27.34 4.58
CA GLY E 216 25.54 26.20 4.01
C GLY E 216 24.58 25.17 3.48
N ARG E 217 25.14 24.03 3.08
CA ARG E 217 24.31 22.88 2.75
C ARG E 217 25.10 21.61 2.92
N VAL E 218 24.36 20.50 2.92
CA VAL E 218 24.90 19.16 3.09
C VAL E 218 24.50 18.34 1.88
N THR E 219 25.39 17.50 1.38
CA THR E 219 25.11 16.63 0.26
C THR E 219 25.82 15.31 0.46
N VAL E 220 25.05 14.26 0.72
CA VAL E 220 25.60 12.93 0.89
C VAL E 220 25.17 12.11 -0.31
N SER E 221 26.13 11.55 -1.03
CA SER E 221 25.83 10.93 -2.30
C SER E 221 26.58 9.61 -2.41
N THR E 222 26.05 8.75 -3.27
CA THR E 222 26.70 7.49 -3.61
C THR E 222 26.77 7.37 -5.12
N ARG E 223 27.20 6.22 -5.63
CA ARG E 223 27.22 6.05 -7.07
C ARG E 223 25.83 6.10 -7.67
N ARG E 224 24.84 5.55 -6.97
CA ARG E 224 23.51 5.38 -7.53
C ARG E 224 22.53 6.46 -7.14
N SER E 225 22.75 7.15 -6.01
CA SER E 225 21.81 8.14 -5.55
C SER E 225 22.53 9.23 -4.78
N GLN E 226 21.86 10.37 -4.64
CA GLN E 226 22.39 11.50 -3.89
C GLN E 226 21.27 12.11 -3.07
N GLN E 227 21.65 12.90 -2.08
CA GLN E 227 20.66 13.49 -1.18
C GLN E 227 21.26 14.80 -0.66
N THR E 228 20.59 15.91 -0.96
CA THR E 228 21.08 17.23 -0.58
C THR E 228 20.06 17.94 0.28
N ILE E 229 20.54 18.62 1.32
CA ILE E 229 19.71 19.31 2.28
C ILE E 229 20.23 20.74 2.42
N ILE E 230 19.31 21.69 2.38
CA ILE E 230 19.62 23.09 2.61
C ILE E 230 19.12 23.47 4.00
N PRO E 231 20.01 23.59 4.98
CA PRO E 231 19.55 23.95 6.33
C PRO E 231 18.93 25.33 6.34
N ASN E 232 17.85 25.46 7.11
CA ASN E 232 17.15 26.73 7.26
C ASN E 232 17.41 27.29 8.64
N ILE E 233 17.21 28.59 8.77
CA ILE E 233 17.42 29.30 10.02
C ILE E 233 16.09 29.88 10.44
N GLY E 234 15.60 29.47 11.61
CA GLY E 234 14.36 30.01 12.13
C GLY E 234 14.08 29.45 13.50
N SER E 235 13.46 30.30 14.32
CA SER E 235 13.08 29.89 15.66
C SER E 235 12.00 28.82 15.60
N ARG E 236 12.06 27.90 16.55
CA ARG E 236 11.17 26.75 16.60
C ARG E 236 10.67 26.59 18.03
N PRO E 237 9.61 25.80 18.24
CA PRO E 237 9.08 25.65 19.59
C PRO E 237 10.15 25.21 20.58
N TRP E 238 10.15 25.85 21.73
CA TRP E 238 11.16 25.62 22.77
C TRP E 238 11.04 24.19 23.27
N VAL E 239 12.05 23.37 23.01
CA VAL E 239 12.09 22.01 23.51
C VAL E 239 13.42 21.82 24.22
N ARG E 240 13.36 21.45 25.50
CA ARG E 240 14.56 21.19 26.30
C ARG E 240 15.54 22.35 26.22
N GLY E 241 15.02 23.56 26.31
CA GLY E 241 15.87 24.73 26.39
C GLY E 241 16.43 25.24 25.09
N LEU E 242 16.04 24.66 23.95
CA LEU E 242 16.61 25.06 22.67
C LEU E 242 15.52 25.35 21.65
N SER E 243 15.88 26.15 20.66
CA SER E 243 15.04 26.41 19.51
C SER E 243 15.60 25.81 18.24
N SER E 244 16.84 25.35 18.25
CA SER E 244 17.45 24.72 17.09
C SER E 244 17.05 23.26 17.03
N ARG E 245 17.32 22.63 15.88
CA ARG E 245 16.93 21.25 15.70
C ARG E 245 18.01 20.49 14.95
N ILE E 246 17.88 19.17 14.97
CA ILE E 246 18.69 18.28 14.15
C ILE E 246 17.75 17.48 13.28
N SER E 247 18.01 17.45 11.99
CA SER E 247 17.29 16.60 11.06
C SER E 247 18.14 15.38 10.77
N ILE E 248 17.62 14.19 11.06
CA ILE E 248 18.39 12.96 10.97
C ILE E 248 18.07 12.26 9.67
N TYR E 249 19.07 12.03 8.85
CA TYR E 249 18.93 11.30 7.60
C TYR E 249 19.83 10.08 7.62
N TRP E 250 19.54 9.15 6.72
CA TRP E 250 20.32 7.92 6.65
C TRP E 250 20.64 7.61 5.20
N THR E 251 21.74 6.90 5.00
CA THR E 251 22.18 6.51 3.67
C THR E 251 22.74 5.10 3.73
N ILE E 252 22.29 4.25 2.81
CA ILE E 252 22.67 2.85 2.79
C ILE E 252 23.64 2.64 1.64
N VAL E 253 24.87 2.27 1.96
CA VAL E 253 25.91 2.04 0.98
C VAL E 253 26.00 0.55 0.74
N LYS E 254 25.63 0.11 -0.47
CA LYS E 254 25.68 -1.29 -0.82
C LYS E 254 27.12 -1.72 -1.01
N PRO E 255 27.39 -3.02 -1.03
CA PRO E 255 28.77 -3.48 -1.21
C PRO E 255 29.34 -2.98 -2.53
N GLY E 256 30.61 -2.60 -2.51
CA GLY E 256 31.27 -2.10 -3.69
C GLY E 256 30.95 -0.66 -4.03
N ASP E 257 30.13 0.01 -3.23
CA ASP E 257 29.73 1.38 -3.47
C ASP E 257 30.63 2.33 -2.68
N VAL E 258 30.40 3.62 -2.89
CA VAL E 258 31.21 4.66 -2.26
C VAL E 258 30.29 5.73 -1.70
N LEU E 259 30.65 6.26 -0.54
CA LEU E 259 29.97 7.38 0.08
C LEU E 259 30.82 8.63 -0.10
N VAL E 260 30.19 9.73 -0.52
CA VAL E 260 30.86 11.02 -0.59
C VAL E 260 30.02 12.02 0.16
N ILE E 261 30.61 12.63 1.17
CA ILE E 261 29.96 13.67 1.98
C ILE E 261 30.58 14.99 1.62
N ASN E 262 29.76 15.90 1.11
CA ASN E 262 30.21 17.22 0.68
C ASN E 262 29.32 18.25 1.36
N SER E 263 29.91 19.03 2.26
CA SER E 263 29.13 20.02 2.99
C SER E 263 29.93 21.29 3.14
N ASN E 264 29.22 22.41 3.30
CA ASN E 264 29.89 23.66 3.65
C ASN E 264 29.27 24.32 4.86
N GLY E 265 28.70 23.54 5.76
CA GLY E 265 28.11 24.08 6.96
C GLY E 265 26.91 23.26 7.38
N ASN E 266 26.59 23.33 8.68
CA ASN E 266 25.42 22.68 9.24
C ASN E 266 25.44 21.18 9.01
N LEU E 267 26.56 20.53 9.28
CA LEU E 267 26.68 19.09 9.08
C LEU E 267 26.89 18.40 10.41
N ILE E 268 26.06 17.41 10.68
CA ILE E 268 26.27 16.51 11.81
C ILE E 268 26.81 15.21 11.26
N ALA E 269 28.12 15.10 11.17
CA ALA E 269 28.74 14.00 10.45
C ALA E 269 28.52 12.69 11.19
N PRO E 270 28.55 11.58 10.47
CA PRO E 270 28.57 10.28 11.15
C PRO E 270 29.97 9.98 11.68
N ARG E 271 30.01 9.08 12.65
CA ARG E 271 31.28 8.60 13.15
C ARG E 271 31.66 7.26 12.55
N GLY E 272 30.70 6.51 12.01
CA GLY E 272 30.97 5.21 11.46
C GLY E 272 29.74 4.66 10.76
N TYR E 273 29.55 3.36 10.79
CA TYR E 273 28.41 2.77 10.10
C TYR E 273 27.79 1.68 10.94
N PHE E 274 26.48 1.49 10.76
CA PHE E 274 25.77 0.41 11.40
C PHE E 274 25.72 -0.78 10.46
N LYS E 275 26.12 -1.94 10.94
CA LYS E 275 26.15 -3.12 10.10
C LYS E 275 24.73 -3.60 9.84
N MET E 276 24.24 -3.36 8.62
CA MET E 276 22.92 -3.83 8.24
C MET E 276 22.91 -5.34 8.11
N ARG E 277 21.74 -5.93 8.27
CA ARG E 277 21.59 -7.38 8.18
C ARG E 277 20.23 -7.73 7.61
N THR E 278 20.01 -9.02 7.46
CA THR E 278 18.72 -9.59 7.14
C THR E 278 18.41 -10.66 8.17
N GLY E 279 17.17 -10.70 8.63
CA GLY E 279 16.80 -11.70 9.61
C GLY E 279 15.34 -11.61 9.94
N LYS E 280 14.98 -12.27 11.04
CA LYS E 280 13.60 -12.31 11.50
C LYS E 280 13.34 -11.27 12.59
N SER E 281 14.16 -10.23 12.63
CA SER E 281 14.06 -9.23 13.67
C SER E 281 12.88 -8.30 13.41
N SER E 282 12.34 -7.73 14.48
CA SER E 282 11.24 -6.79 14.36
C SER E 282 11.14 -6.00 15.66
N ILE E 283 10.16 -5.11 15.73
CA ILE E 283 9.98 -4.22 16.85
C ILE E 283 8.52 -4.23 17.25
N MET E 284 8.24 -3.93 18.52
CA MET E 284 6.88 -3.96 19.02
C MET E 284 6.73 -2.93 20.12
N ARG E 285 5.57 -2.26 20.16
CA ARG E 285 5.26 -1.30 21.20
C ARG E 285 4.35 -1.97 22.20
N SER E 286 4.86 -2.24 23.40
CA SER E 286 4.07 -2.94 24.40
C SER E 286 4.65 -2.67 25.77
N ASP E 287 3.78 -2.52 26.76
CA ASP E 287 4.20 -2.33 28.12
C ASP E 287 4.17 -3.61 28.94
N ALA E 288 3.96 -4.74 28.30
CA ALA E 288 3.93 -5.99 29.03
C ALA E 288 5.32 -6.28 29.61
N PRO E 289 5.39 -6.82 30.82
CA PRO E 289 6.70 -7.13 31.40
C PRO E 289 7.26 -8.44 30.87
N ILE E 290 8.57 -8.44 30.65
CA ILE E 290 9.23 -9.63 30.16
C ILE E 290 9.30 -10.67 31.28
N ASP E 291 9.09 -11.93 30.93
CA ASP E 291 9.03 -13.00 31.91
C ASP E 291 9.84 -14.18 31.41
N THR E 292 10.26 -15.01 32.35
CA THR E 292 11.10 -16.17 32.05
C THR E 292 10.20 -17.37 31.81
N CYS E 293 10.03 -17.73 30.54
CA CYS E 293 9.15 -18.82 30.14
C CYS E 293 9.41 -19.13 28.67
N ILE E 294 8.64 -20.06 28.14
CA ILE E 294 8.78 -20.51 26.76
C ILE E 294 7.48 -20.20 26.03
N SER E 295 7.58 -19.51 24.90
CA SER E 295 6.42 -19.27 24.06
C SER E 295 6.89 -18.77 22.70
N GLU E 296 6.13 -19.11 21.67
CA GLU E 296 6.51 -18.78 20.30
C GLU E 296 5.82 -17.54 19.76
N CYS E 297 4.62 -17.23 20.22
CA CYS E 297 3.82 -16.15 19.67
C CYS E 297 3.75 -15.03 20.68
N ILE E 298 4.18 -13.84 20.26
CA ILE E 298 4.22 -12.67 21.13
C ILE E 298 3.33 -11.59 20.54
N THR E 299 2.36 -11.14 21.32
CA THR E 299 1.53 -10.01 20.92
C THR E 299 1.78 -8.90 21.92
N PRO E 300 1.33 -7.67 21.68
CA PRO E 300 1.53 -6.62 22.69
C PRO E 300 0.85 -6.92 24.00
N ASN E 301 -0.11 -7.84 24.03
CA ASN E 301 -0.74 -8.24 25.27
C ASN E 301 0.01 -9.35 26.00
N GLY E 302 1.15 -9.77 25.47
CA GLY E 302 1.94 -10.81 26.09
C GLY E 302 2.13 -12.01 25.17
N SER E 303 2.75 -13.04 25.73
CA SER E 303 2.93 -14.27 24.98
C SER E 303 1.64 -15.07 25.03
N ILE E 304 1.26 -15.66 23.90
CA ILE E 304 0.06 -16.49 23.88
C ILE E 304 0.38 -17.85 23.28
N PRO E 305 -0.27 -18.92 23.74
CA PRO E 305 -0.03 -20.23 23.13
C PRO E 305 -0.59 -20.27 21.72
N ASN E 306 0.07 -21.02 20.85
CA ASN E 306 -0.32 -21.14 19.46
C ASN E 306 -0.95 -22.49 19.14
N ASP E 307 -1.48 -23.18 20.15
CA ASP E 307 -2.16 -24.44 19.87
C ASP E 307 -3.41 -24.25 19.04
N LYS E 308 -4.21 -23.24 19.36
CA LYS E 308 -5.42 -22.96 18.59
C LYS E 308 -5.07 -22.26 17.28
N PRO E 309 -5.86 -22.48 16.23
CA PRO E 309 -5.51 -21.91 14.93
C PRO E 309 -5.83 -20.44 14.80
N PHE E 310 -6.80 -19.91 15.55
CA PHE E 310 -7.21 -18.52 15.44
C PHE E 310 -7.08 -17.85 16.78
N GLN E 311 -6.82 -16.54 16.76
CA GLN E 311 -6.69 -15.78 17.99
C GLN E 311 -7.42 -14.47 17.84
N ASN E 312 -7.85 -13.93 18.97
CA ASN E 312 -8.62 -12.69 19.01
C ASN E 312 -7.96 -11.65 19.89
N VAL E 313 -6.75 -11.92 20.38
CA VAL E 313 -6.12 -11.02 21.33
C VAL E 313 -5.75 -9.71 20.67
N ASN E 314 -4.86 -9.77 19.68
CA ASN E 314 -4.40 -8.56 19.03
C ASN E 314 -4.09 -8.88 17.58
N LYS E 315 -4.10 -7.84 16.75
CA LYS E 315 -3.75 -8.03 15.36
C LYS E 315 -2.27 -7.81 15.09
N ILE E 316 -1.51 -7.36 16.08
CA ILE E 316 -0.08 -7.22 15.97
C ILE E 316 0.54 -8.46 16.60
N THR E 317 1.34 -9.19 15.83
CA THR E 317 1.87 -10.45 16.28
C THR E 317 3.34 -10.56 15.88
N TYR E 318 4.05 -11.44 16.58
CA TYR E 318 5.42 -11.78 16.20
C TYR E 318 5.64 -13.25 16.47
N GLY E 319 6.24 -13.94 15.53
CA GLY E 319 6.48 -15.35 15.64
C GLY E 319 5.37 -16.18 15.01
N ALA E 320 5.41 -17.48 15.29
CA ALA E 320 4.40 -18.40 14.78
C ALA E 320 3.12 -18.18 15.57
N CYS E 321 2.30 -17.29 15.07
CA CYS E 321 1.09 -16.87 15.75
C CYS E 321 -0.15 -17.35 15.03
N PRO E 322 -1.23 -17.61 15.76
CA PRO E 322 -2.51 -17.92 15.12
C PRO E 322 -3.01 -16.71 14.36
N LYS E 323 -3.83 -16.97 13.34
CA LYS E 323 -4.34 -15.89 12.52
C LYS E 323 -5.39 -15.10 13.30
N TYR E 324 -5.28 -13.79 13.24
CA TYR E 324 -6.22 -12.92 13.95
C TYR E 324 -7.59 -12.99 13.28
N VAL E 325 -8.64 -13.06 14.09
CA VAL E 325 -10.01 -13.06 13.60
C VAL E 325 -10.83 -12.12 14.46
N LYS E 326 -11.96 -11.68 13.92
CA LYS E 326 -12.80 -10.76 14.66
C LYS E 326 -13.68 -11.45 15.69
N GLN E 327 -14.03 -12.71 15.49
CA GLN E 327 -14.93 -13.40 16.40
C GLN E 327 -14.24 -13.72 17.71
N ASN E 328 -15.00 -13.65 18.79
CA ASN E 328 -14.46 -13.98 20.10
C ASN E 328 -14.69 -15.42 20.49
N THR E 329 -15.45 -16.18 19.70
CA THR E 329 -15.65 -17.59 19.98
C THR E 329 -15.99 -18.32 18.69
N LEU E 330 -15.45 -19.52 18.55
CA LEU E 330 -15.75 -20.38 17.40
C LEU E 330 -15.71 -21.81 17.90
N LYS E 331 -16.86 -22.45 17.99
CA LYS E 331 -16.95 -23.77 18.58
C LYS E 331 -16.84 -24.83 17.50
N LEU E 332 -15.90 -25.74 17.67
CA LEU E 332 -15.73 -26.88 16.79
C LEU E 332 -16.33 -28.11 17.45
N ALA E 333 -17.27 -28.75 16.78
CA ALA E 333 -17.89 -29.95 17.35
C ALA E 333 -16.88 -31.09 17.36
N THR E 334 -16.74 -31.73 18.52
CA THR E 334 -15.86 -32.88 18.67
C THR E 334 -16.62 -34.10 19.15
N GLY E 335 -17.92 -34.12 18.93
CA GLY E 335 -18.73 -35.24 19.33
C GLY E 335 -19.96 -35.37 18.47
N MET E 336 -20.79 -36.34 18.82
CA MET E 336 -22.03 -36.59 18.11
C MET E 336 -23.13 -35.65 18.61
N ARG E 337 -24.19 -35.56 17.82
CA ARG E 337 -25.33 -34.73 18.19
C ARG E 337 -25.88 -35.18 19.53
N ASN E 338 -26.15 -34.22 20.41
CA ASN E 338 -26.54 -34.52 21.78
C ASN E 338 -28.04 -34.66 21.85
N VAL E 339 -28.52 -35.90 21.90
CA VAL E 339 -29.91 -36.21 22.17
C VAL E 339 -29.98 -36.96 23.50
N PRO E 340 -30.30 -36.26 24.60
CA PRO E 340 -30.28 -36.87 25.92
C PRO E 340 -31.57 -37.63 26.22
N ASN F 49 -9.13 -35.96 15.97
CA ASN F 49 -8.32 -35.09 16.81
C ASN F 49 -8.59 -33.63 16.52
N GLY F 50 -7.52 -32.85 16.34
CA GLY F 50 -7.67 -31.44 16.04
C GLY F 50 -8.45 -31.22 14.75
N LYS F 51 -8.21 -32.07 13.75
CA LYS F 51 -8.96 -32.19 12.51
C LYS F 51 -8.68 -31.03 11.55
N LEU F 52 -8.10 -29.93 12.02
CA LEU F 52 -7.80 -28.78 11.18
C LEU F 52 -6.40 -28.84 10.59
N ASN F 53 -5.65 -29.90 10.90
CA ASN F 53 -4.29 -30.01 10.40
C ASN F 53 -4.28 -30.08 8.88
N ARG F 54 -5.27 -30.75 8.30
CA ARG F 54 -5.32 -30.94 6.85
C ARG F 54 -5.63 -29.62 6.14
N VAL F 55 -6.54 -28.82 6.70
CA VAL F 55 -6.98 -27.62 6.03
C VAL F 55 -5.96 -26.49 6.24
N ILE F 56 -5.66 -26.19 7.50
CA ILE F 56 -4.59 -25.26 7.83
C ILE F 56 -3.39 -26.11 8.21
N GLU F 57 -2.39 -26.12 7.34
CA GLU F 57 -1.25 -27.04 7.51
C GLU F 57 -0.49 -26.74 8.81
N LYS F 58 -0.29 -25.47 9.12
CA LYS F 58 0.35 -25.09 10.38
C LYS F 58 0.09 -23.62 10.58
N THR F 59 0.61 -23.10 11.69
CA THR F 59 0.59 -21.65 11.93
C THR F 59 1.80 -21.05 11.22
N ASN F 60 1.53 -20.35 10.12
CA ASN F 60 2.60 -19.72 9.36
C ASN F 60 3.30 -18.64 10.21
N GLU F 61 4.57 -18.44 9.91
CA GLU F 61 5.50 -17.79 10.84
C GLU F 61 5.91 -16.44 10.28
N LYS F 62 5.26 -15.38 10.74
CA LYS F 62 5.46 -14.03 10.23
C LYS F 62 6.28 -13.23 11.23
N PHE F 63 7.28 -12.51 10.74
CA PHE F 63 8.21 -11.81 11.59
C PHE F 63 8.10 -10.29 11.49
N HIS F 64 8.25 -9.72 10.31
CA HIS F 64 8.19 -8.28 10.16
C HIS F 64 7.00 -7.92 9.30
N GLN F 65 6.13 -7.06 9.81
CA GLN F 65 4.95 -6.64 9.06
C GLN F 65 4.79 -5.13 9.09
N ILE F 66 3.71 -4.63 8.53
CA ILE F 66 3.44 -3.21 8.48
C ILE F 66 3.06 -2.72 9.87
N GLU F 67 3.02 -1.41 10.06
CA GLU F 67 2.47 -0.85 11.28
C GLU F 67 0.95 -0.99 11.27
N LYS F 68 0.39 -1.41 12.39
CA LYS F 68 -1.05 -1.51 12.51
C LYS F 68 -1.64 -0.57 13.55
N GLU F 69 -0.82 0.25 14.18
CA GLU F 69 -1.29 1.30 15.07
C GLU F 69 -0.52 2.57 14.75
N PHE F 70 -1.25 3.68 14.62
CA PHE F 70 -0.65 4.95 14.23
C PHE F 70 -1.04 6.01 15.24
N SER F 71 -0.08 6.90 15.54
CA SER F 71 -0.31 7.97 16.51
C SER F 71 -0.95 9.19 15.84
N GLU F 72 -0.27 9.75 14.85
CA GLU F 72 -0.73 10.94 14.17
C GLU F 72 -1.58 10.56 12.96
N VAL F 73 -1.87 11.54 12.11
CA VAL F 73 -2.61 11.30 10.87
C VAL F 73 -1.69 11.67 9.73
N GLU F 74 -1.38 10.70 8.88
CA GLU F 74 -0.52 10.96 7.73
C GLU F 74 -1.32 11.24 6.47
N GLY F 75 -2.20 10.33 6.10
CA GLY F 75 -2.95 10.50 4.88
C GLY F 75 -3.05 9.27 4.02
N ARG F 76 -2.50 9.33 2.80
CA ARG F 76 -2.69 8.24 1.84
C ARG F 76 -2.11 6.94 2.35
N ILE F 77 -0.86 6.95 2.81
CA ILE F 77 -0.21 5.70 3.15
C ILE F 77 -0.81 5.08 4.39
N GLN F 78 -1.14 5.91 5.38
CA GLN F 78 -1.79 5.36 6.57
C GLN F 78 -3.13 4.76 6.23
N ASP F 79 -3.91 5.42 5.38
CA ASP F 79 -5.19 4.87 4.97
C ASP F 79 -5.01 3.56 4.23
N LEU F 80 -3.99 3.49 3.37
CA LEU F 80 -3.74 2.24 2.65
C LEU F 80 -3.39 1.12 3.61
N GLU F 81 -2.56 1.40 4.61
CA GLU F 81 -2.20 0.36 5.56
C GLU F 81 -3.41 -0.10 6.36
N LYS F 82 -4.23 0.85 6.80
CA LYS F 82 -5.44 0.48 7.53
C LYS F 82 -6.36 -0.36 6.66
N TYR F 83 -6.54 0.03 5.41
CA TYR F 83 -7.41 -0.71 4.51
C TYR F 83 -6.89 -2.11 4.27
N VAL F 84 -5.58 -2.26 4.07
CA VAL F 84 -5.01 -3.58 3.84
C VAL F 84 -5.23 -4.47 5.04
N GLU F 85 -4.95 -3.95 6.23
CA GLU F 85 -5.12 -4.77 7.42
C GLU F 85 -6.58 -5.14 7.62
N ASP F 86 -7.50 -4.20 7.42
CA ASP F 86 -8.91 -4.51 7.60
C ASP F 86 -9.38 -5.54 6.59
N THR F 87 -8.93 -5.43 5.35
CA THR F 87 -9.28 -6.41 4.34
C THR F 87 -8.79 -7.79 4.73
N LYS F 88 -7.55 -7.88 5.19
CA LYS F 88 -7.01 -9.17 5.58
C LYS F 88 -7.78 -9.75 6.75
N ILE F 89 -8.12 -8.92 7.72
CA ILE F 89 -8.83 -9.41 8.90
C ILE F 89 -10.22 -9.90 8.53
N ASP F 90 -10.92 -9.17 7.66
CA ASP F 90 -12.24 -9.61 7.25
C ASP F 90 -12.19 -10.91 6.49
N LEU F 91 -11.23 -11.04 5.58
CA LEU F 91 -11.14 -12.27 4.81
C LEU F 91 -10.80 -13.45 5.70
N TRP F 92 -9.89 -13.26 6.65
CA TRP F 92 -9.54 -14.39 7.50
C TRP F 92 -10.66 -14.72 8.48
N SER F 93 -11.40 -13.72 8.96
CA SER F 93 -12.55 -14.01 9.80
C SER F 93 -13.59 -14.81 9.04
N TYR F 94 -13.86 -14.42 7.80
CA TYR F 94 -14.81 -15.19 7.00
C TYR F 94 -14.31 -16.61 6.77
N ASN F 95 -13.02 -16.75 6.45
CA ASN F 95 -12.49 -18.08 6.21
C ASN F 95 -12.61 -18.96 7.45
N ALA F 96 -12.31 -18.39 8.62
CA ALA F 96 -12.44 -19.15 9.85
C ALA F 96 -13.87 -19.57 10.09
N GLU F 97 -14.81 -18.64 9.89
CA GLU F 97 -16.22 -18.97 10.10
C GLU F 97 -16.65 -20.10 9.19
N LEU F 98 -16.34 -20.00 7.90
CA LEU F 98 -16.76 -21.02 6.95
C LEU F 98 -16.11 -22.36 7.26
N LEU F 99 -14.83 -22.34 7.63
CA LEU F 99 -14.14 -23.59 7.92
C LEU F 99 -14.76 -24.28 9.12
N VAL F 100 -15.03 -23.52 10.18
CA VAL F 100 -15.67 -24.13 11.35
C VAL F 100 -17.02 -24.69 10.97
N ALA F 101 -17.81 -23.94 10.20
CA ALA F 101 -19.13 -24.43 9.82
C ALA F 101 -19.02 -25.73 9.03
N LEU F 102 -18.10 -25.79 8.07
CA LEU F 102 -17.96 -27.00 7.26
C LEU F 102 -17.52 -28.18 8.11
N GLU F 103 -16.54 -27.98 8.98
CA GLU F 103 -16.08 -29.07 9.82
C GLU F 103 -17.18 -29.57 10.73
N ASN F 104 -17.94 -28.65 11.32
CA ASN F 104 -19.05 -29.06 12.17
C ASN F 104 -20.07 -29.84 11.37
N GLN F 105 -20.41 -29.37 10.18
CA GLN F 105 -21.41 -30.05 9.36
C GLN F 105 -20.97 -31.46 9.04
N HIS F 106 -19.73 -31.62 8.59
CA HIS F 106 -19.29 -32.95 8.18
C HIS F 106 -19.14 -33.86 9.38
N THR F 107 -18.67 -33.33 10.52
CA THR F 107 -18.55 -34.16 11.71
C THR F 107 -19.91 -34.66 12.18
N ILE F 108 -20.91 -33.78 12.22
CA ILE F 108 -22.22 -34.21 12.68
C ILE F 108 -22.85 -35.17 11.69
N ASP F 109 -22.69 -34.92 10.39
CA ASP F 109 -23.24 -35.85 9.41
C ASP F 109 -22.63 -37.23 9.58
N LEU F 110 -21.30 -37.28 9.74
CA LEU F 110 -20.63 -38.57 9.88
C LEU F 110 -21.08 -39.29 11.14
N THR F 111 -21.09 -38.58 12.28
CA THR F 111 -21.48 -39.24 13.52
C THR F 111 -22.93 -39.67 13.50
N ASP F 112 -23.79 -38.86 12.87
CA ASP F 112 -25.20 -39.23 12.77
C ASP F 112 -25.37 -40.49 11.92
N SER F 113 -24.63 -40.57 10.81
CA SER F 113 -24.71 -41.78 9.99
C SER F 113 -24.22 -42.99 10.75
N GLU F 114 -23.14 -42.85 11.51
CA GLU F 114 -22.61 -43.97 12.28
C GLU F 114 -23.60 -44.40 13.36
N MET F 115 -24.18 -43.44 14.08
CA MET F 115 -25.17 -43.77 15.10
C MET F 115 -26.35 -44.51 14.50
N ASN F 116 -26.87 -44.01 13.37
CA ASN F 116 -28.02 -44.63 12.75
C ASN F 116 -27.69 -46.04 12.26
N LYS F 117 -26.51 -46.21 11.65
CA LYS F 117 -26.11 -47.52 11.17
C LYS F 117 -26.00 -48.51 12.31
N LEU F 118 -25.35 -48.10 13.40
CA LEU F 118 -25.19 -49.02 14.54
C LEU F 118 -26.52 -49.35 15.18
N PHE F 119 -27.42 -48.36 15.29
CA PHE F 119 -28.75 -48.65 15.81
C PHE F 119 -29.47 -49.67 14.94
N GLU F 120 -29.43 -49.50 13.62
CA GLU F 120 -30.11 -50.46 12.76
C GLU F 120 -29.52 -51.86 12.89
N LYS F 121 -28.18 -51.96 12.88
CA LYS F 121 -27.56 -53.27 12.95
C LYS F 121 -27.82 -53.96 14.28
N THR F 122 -27.73 -53.21 15.38
CA THR F 122 -28.01 -53.79 16.70
C THR F 122 -29.47 -54.21 16.81
N ARG F 123 -30.39 -53.40 16.27
CA ARG F 123 -31.80 -53.76 16.29
C ARG F 123 -32.04 -55.02 15.47
N ARG F 124 -31.37 -55.15 14.32
CA ARG F 124 -31.55 -56.34 13.50
C ARG F 124 -30.94 -57.56 14.16
N GLN F 125 -29.93 -57.36 15.01
CA GLN F 125 -29.39 -58.46 15.80
C GLN F 125 -30.03 -58.50 17.19
N SER G 2 23.73 -37.45 -20.98
CA SER G 2 23.91 -36.67 -22.20
C SER G 2 25.36 -36.70 -22.65
N VAL G 3 25.81 -37.85 -23.15
CA VAL G 3 27.16 -37.98 -23.64
C VAL G 3 27.31 -37.25 -24.96
N LEU G 4 28.44 -36.60 -25.16
CA LEU G 4 28.75 -35.91 -26.41
C LEU G 4 29.93 -36.59 -27.10
N THR G 5 29.82 -36.74 -28.41
CA THR G 5 30.84 -37.41 -29.21
C THR G 5 31.16 -36.59 -30.44
N GLN G 6 32.37 -36.76 -30.98
CA GLN G 6 32.82 -35.98 -32.11
C GLN G 6 34.10 -36.59 -32.67
N PRO G 7 34.38 -36.40 -33.95
CA PRO G 7 35.50 -37.12 -34.61
C PRO G 7 36.83 -36.42 -34.38
N PRO G 8 37.75 -37.06 -33.68
CA PRO G 8 38.95 -36.35 -33.20
C PRO G 8 40.06 -36.30 -34.22
N SER G 9 41.04 -35.43 -33.94
CA SER G 9 42.33 -35.39 -34.62
C SER G 9 42.17 -35.20 -36.13
N VAL G 10 41.64 -34.05 -36.51
CA VAL G 10 41.49 -33.70 -37.92
C VAL G 10 42.75 -32.96 -38.36
N SER G 11 43.39 -33.46 -39.41
CA SER G 11 44.61 -32.89 -39.94
C SER G 11 44.34 -32.26 -41.30
N GLY G 12 44.85 -31.05 -41.52
CA GLY G 12 44.66 -30.38 -42.79
C GLY G 12 45.66 -29.28 -42.98
N ALA G 13 45.97 -29.00 -44.25
CA ALA G 13 46.80 -27.87 -44.62
C ALA G 13 46.00 -26.59 -44.48
N PRO G 14 46.66 -25.44 -44.45
CA PRO G 14 45.91 -24.17 -44.42
C PRO G 14 45.07 -23.99 -45.66
N GLY G 15 43.89 -23.42 -45.47
CA GLY G 15 43.10 -22.91 -46.57
C GLY G 15 42.13 -23.86 -47.23
N GLN G 16 41.39 -24.64 -46.45
CA GLN G 16 40.32 -25.45 -47.01
C GLN G 16 39.24 -25.64 -45.95
N ARG G 17 38.36 -26.61 -46.16
CA ARG G 17 37.23 -26.84 -45.28
C ARG G 17 37.65 -27.75 -44.13
N VAL G 18 37.08 -27.51 -42.95
CA VAL G 18 37.20 -28.42 -41.83
C VAL G 18 35.82 -28.58 -41.20
N THR G 19 35.41 -29.81 -40.96
CA THR G 19 34.10 -30.09 -40.37
C THR G 19 34.28 -30.97 -39.15
N ILE G 20 33.65 -30.56 -38.05
CA ILE G 20 33.65 -31.32 -36.81
C ILE G 20 32.19 -31.56 -36.42
N SER G 21 31.88 -32.78 -35.99
CA SER G 21 30.48 -33.17 -35.80
C SER G 21 30.27 -33.65 -34.37
N CYS G 22 29.51 -32.90 -33.59
CA CYS G 22 29.14 -33.28 -32.24
C CYS G 22 27.69 -33.76 -32.24
N THR G 23 27.45 -34.94 -31.67
CA THR G 23 26.11 -35.53 -31.65
C THR G 23 25.58 -35.49 -30.23
N GLY G 24 24.95 -34.37 -29.87
CA GLY G 24 24.32 -34.26 -28.56
C GLY G 24 23.18 -35.24 -28.44
N SER G 25 23.12 -35.93 -27.31
CA SER G 25 22.09 -36.94 -27.06
C SER G 25 20.97 -36.41 -26.18
N SER G 26 20.65 -35.13 -26.31
CA SER G 26 19.59 -34.52 -25.51
C SER G 26 19.07 -33.25 -26.15
N ALA G 34 21.37 -26.53 -25.86
CA ALA G 34 22.14 -25.55 -26.61
C ALA G 34 23.61 -25.93 -26.64
N VAL G 35 24.11 -26.34 -27.79
CA VAL G 35 25.49 -26.78 -27.96
C VAL G 35 26.32 -25.62 -28.47
N HIS G 36 27.41 -25.33 -27.79
CA HIS G 36 28.25 -24.20 -28.12
C HIS G 36 29.67 -24.69 -28.37
N TRP G 37 30.36 -24.01 -29.29
CA TRP G 37 31.66 -24.47 -29.77
C TRP G 37 32.76 -23.53 -29.28
N TYR G 38 33.71 -24.09 -28.54
CA TYR G 38 34.84 -23.37 -27.97
C TYR G 38 36.14 -23.84 -28.60
N GLN G 39 37.09 -22.92 -28.71
CA GLN G 39 38.40 -23.18 -29.28
C GLN G 39 39.47 -22.88 -28.25
N GLN G 40 40.37 -23.83 -28.02
CA GLN G 40 41.48 -23.67 -27.11
C GLN G 40 42.77 -23.70 -27.93
N LEU G 41 43.37 -22.53 -28.10
CA LEU G 41 44.71 -22.45 -28.68
C LEU G 41 45.70 -23.07 -27.70
N PRO G 42 46.84 -23.56 -28.19
CA PRO G 42 47.80 -24.19 -27.29
C PRO G 42 48.30 -23.21 -26.24
N GLY G 43 48.18 -23.62 -24.98
CA GLY G 43 48.59 -22.78 -23.87
C GLY G 43 47.84 -21.47 -23.77
N THR G 44 46.52 -21.52 -23.97
CA THR G 44 45.70 -20.33 -23.87
C THR G 44 44.32 -20.73 -23.39
N ALA G 45 43.63 -19.77 -22.79
CA ALA G 45 42.28 -20.02 -22.32
C ALA G 45 41.35 -20.30 -23.49
N PRO G 46 40.39 -21.20 -23.31
CA PRO G 46 39.44 -21.47 -24.40
C PRO G 46 38.67 -20.22 -24.76
N LYS G 47 38.27 -20.15 -26.03
CA LYS G 47 37.56 -19.00 -26.54
C LYS G 47 36.26 -19.46 -27.16
N LEU G 48 35.16 -18.81 -26.81
CA LEU G 48 33.88 -19.11 -27.43
C LEU G 48 33.91 -18.67 -28.88
N LEU G 49 33.42 -19.53 -29.76
CA LEU G 49 33.28 -19.13 -31.16
C LEU G 49 31.97 -19.52 -31.80
N ILE G 50 31.13 -20.35 -31.18
CA ILE G 50 29.78 -20.55 -31.70
C ILE G 50 28.83 -20.58 -30.52
N SER G 51 28.03 -19.52 -30.38
CA SER G 51 26.99 -19.42 -29.37
C SER G 51 25.76 -20.17 -29.88
N GLY G 52 24.70 -20.19 -29.06
CA GLY G 52 23.45 -20.81 -29.46
C GLY G 52 23.65 -22.19 -30.02
N ASN G 53 23.39 -22.35 -31.31
CA ASN G 53 23.82 -23.52 -32.05
C ASN G 53 24.46 -23.18 -33.39
N SER G 54 24.16 -22.02 -33.96
CA SER G 54 24.78 -21.59 -35.20
C SER G 54 25.18 -20.13 -35.17
N ASN G 55 24.92 -19.41 -34.09
CA ASN G 55 25.28 -18.02 -33.98
C ASN G 55 26.77 -17.86 -33.73
N ARG G 56 27.35 -16.78 -34.23
CA ARG G 56 28.74 -16.48 -33.94
C ARG G 56 28.84 -15.29 -32.99
N PRO G 57 29.80 -15.30 -32.07
CA PRO G 57 29.94 -14.19 -31.13
C PRO G 57 30.78 -13.07 -31.71
N SER G 58 30.93 -12.01 -30.91
CA SER G 58 31.67 -10.84 -31.35
C SER G 58 33.14 -11.19 -31.51
N GLY G 59 33.74 -10.65 -32.58
CA GLY G 59 35.14 -10.85 -32.84
C GLY G 59 35.49 -12.13 -33.58
N VAL G 60 34.52 -13.01 -33.81
CA VAL G 60 34.78 -14.26 -34.50
C VAL G 60 34.57 -14.07 -35.99
N PRO G 61 35.59 -14.33 -36.82
CA PRO G 61 35.44 -14.15 -38.26
C PRO G 61 34.38 -15.08 -38.83
N ASP G 62 33.70 -14.59 -39.87
CA ASP G 62 32.58 -15.33 -40.47
C ASP G 62 33.01 -16.61 -41.16
N ARG G 63 34.29 -16.95 -41.14
CA ARG G 63 34.71 -18.24 -41.69
C ARG G 63 34.07 -19.39 -40.92
N PHE G 64 34.01 -19.27 -39.60
CA PHE G 64 33.37 -20.30 -38.80
C PHE G 64 31.87 -20.28 -39.03
N SER G 65 31.27 -21.48 -39.05
CA SER G 65 29.83 -21.57 -39.20
C SER G 65 29.34 -22.82 -38.50
N GLY G 66 28.07 -22.82 -38.13
CA GLY G 66 27.47 -23.95 -37.48
C GLY G 66 26.22 -24.39 -38.23
N SER G 67 25.93 -25.67 -38.12
CA SER G 67 24.75 -26.24 -38.77
C SER G 67 24.20 -27.34 -37.89
N LYS G 68 22.90 -27.27 -37.60
CA LYS G 68 22.27 -28.25 -36.74
C LYS G 68 21.31 -29.09 -37.57
N SER G 69 21.49 -30.40 -37.55
CA SER G 69 20.50 -31.33 -38.05
C SER G 69 19.58 -31.69 -36.89
N GLY G 70 18.83 -32.78 -37.01
CA GLY G 70 17.91 -33.15 -35.94
C GLY G 70 18.60 -33.26 -34.59
N THR G 71 19.70 -34.01 -34.52
CA THR G 71 20.38 -34.17 -33.25
C THR G 71 21.90 -34.20 -33.42
N SER G 72 22.41 -33.59 -34.49
CA SER G 72 23.85 -33.54 -34.71
C SER G 72 24.22 -32.13 -35.18
N ALA G 73 25.08 -31.48 -34.43
CA ALA G 73 25.59 -30.18 -34.81
C ALA G 73 26.96 -30.34 -35.46
N SER G 74 27.26 -29.47 -36.41
CA SER G 74 28.51 -29.54 -37.13
C SER G 74 29.09 -28.14 -37.27
N LEU G 75 30.37 -28.02 -36.97
CA LEU G 75 31.10 -26.77 -37.08
C LEU G 75 32.01 -26.84 -38.29
N ALA G 76 31.91 -25.84 -39.16
CA ALA G 76 32.69 -25.76 -40.38
C ALA G 76 33.62 -24.55 -40.31
N ILE G 77 34.90 -24.79 -40.51
CA ILE G 77 35.91 -23.74 -40.60
C ILE G 77 36.34 -23.64 -42.06
N THR G 78 36.36 -22.42 -42.58
CA THR G 78 36.67 -22.16 -43.97
C THR G 78 37.95 -21.35 -44.08
N GLY G 79 38.84 -21.76 -44.99
CA GLY G 79 40.07 -21.03 -45.24
C GLY G 79 40.94 -20.91 -44.01
N LEU G 80 41.09 -22.02 -43.28
CA LEU G 80 41.79 -21.99 -42.01
C LEU G 80 43.27 -21.65 -42.19
N GLN G 81 43.87 -21.15 -41.12
CA GLN G 81 45.29 -20.86 -41.08
C GLN G 81 45.79 -21.17 -39.67
N ALA G 82 46.96 -20.65 -39.32
CA ALA G 82 47.61 -21.03 -38.07
C ALA G 82 46.72 -20.79 -36.87
N GLU G 83 46.18 -19.57 -36.73
CA GLU G 83 45.41 -19.25 -35.54
C GLU G 83 44.08 -19.98 -35.49
N ASP G 84 43.61 -20.51 -36.61
CA ASP G 84 42.39 -21.30 -36.60
C ASP G 84 42.62 -22.73 -36.18
N GLU G 85 43.87 -23.14 -35.99
CA GLU G 85 44.21 -24.51 -35.63
C GLU G 85 44.44 -24.58 -34.13
N ALA G 86 43.66 -25.41 -33.46
CA ALA G 86 43.66 -25.50 -32.01
C ALA G 86 42.86 -26.75 -31.64
N ASP G 87 42.55 -26.89 -30.37
CA ASP G 87 41.63 -27.93 -29.94
C ASP G 87 40.23 -27.35 -29.90
N TYR G 88 39.23 -28.17 -30.24
CA TYR G 88 37.86 -27.70 -30.34
C TYR G 88 36.93 -28.56 -29.51
N TYR G 89 36.05 -27.92 -28.75
CA TYR G 89 35.14 -28.61 -27.84
C TYR G 89 33.71 -28.17 -28.08
N CYS G 90 32.78 -29.11 -27.93
CA CYS G 90 31.35 -28.86 -27.98
C CYS G 90 30.77 -29.04 -26.59
N GLN G 91 29.97 -28.08 -26.15
CA GLN G 91 29.44 -28.07 -24.79
C GLN G 91 27.92 -27.98 -24.81
N SER G 92 27.29 -28.63 -23.85
CA SER G 92 25.83 -28.65 -23.80
C SER G 92 25.32 -28.43 -22.38
N SER G 100 26.46 -29.85 -16.63
CA SER G 100 26.62 -29.74 -18.06
C SER G 100 27.92 -30.39 -18.50
N VAL G 101 27.96 -30.87 -19.74
CA VAL G 101 28.99 -31.82 -20.19
C VAL G 101 29.73 -31.24 -21.38
N PHE G 102 31.02 -31.52 -21.46
CA PHE G 102 31.88 -31.10 -22.56
C PHE G 102 32.09 -32.23 -23.55
N GLY G 103 32.70 -31.89 -24.68
CA GLY G 103 33.02 -32.88 -25.68
C GLY G 103 34.35 -33.56 -25.42
N GLY G 104 34.65 -34.56 -26.24
CA GLY G 104 35.90 -35.28 -26.12
C GLY G 104 37.10 -34.48 -26.60
N GLY G 105 36.87 -33.55 -27.52
CA GLY G 105 37.94 -32.73 -28.05
C GLY G 105 38.46 -33.22 -29.39
N THR G 106 38.63 -32.32 -30.35
CA THR G 106 39.23 -32.65 -31.63
C THR G 106 40.37 -31.69 -31.90
N LYS G 107 41.54 -32.23 -32.21
CA LYS G 107 42.72 -31.42 -32.43
C LYS G 107 42.83 -31.04 -33.91
N LEU G 108 43.19 -29.78 -34.16
CA LEU G 108 43.40 -29.28 -35.51
C LEU G 108 44.87 -29.00 -35.70
N THR G 109 45.47 -29.67 -36.68
CA THR G 109 46.91 -29.58 -36.93
C THR G 109 47.15 -29.16 -38.36
N VAL G 110 48.21 -28.37 -38.57
CA VAL G 110 48.61 -28.01 -39.91
C VAL G 110 49.20 -29.22 -40.62
N LEU G 111 49.16 -29.22 -41.94
CA LEU G 111 49.75 -30.27 -42.74
C LEU G 111 50.63 -29.67 -43.83
N GLY G 112 51.80 -30.24 -44.01
CA GLY G 112 52.70 -29.85 -45.08
C GLY G 112 52.61 -30.85 -46.23
N ARG G 113 52.93 -30.38 -47.43
CA ARG G 113 52.78 -31.17 -48.64
C ARG G 113 54.15 -31.70 -49.08
N THR G 114 54.54 -32.82 -48.49
CA THR G 114 55.78 -33.50 -48.85
C THR G 114 55.68 -34.96 -48.42
N VAL G 115 56.17 -35.86 -49.26
CA VAL G 115 56.02 -37.31 -49.06
C VAL G 115 57.38 -37.93 -48.82
N ALA G 116 57.44 -38.85 -47.86
CA ALA G 116 58.67 -39.55 -47.53
C ALA G 116 58.32 -40.90 -46.93
N ALA G 117 59.32 -41.73 -46.78
CA ALA G 117 59.12 -43.05 -46.22
C ALA G 117 59.54 -43.10 -44.76
N PRO G 118 58.89 -43.94 -43.97
CA PRO G 118 59.30 -44.09 -42.57
C PRO G 118 60.69 -44.70 -42.45
N SER G 119 61.39 -44.31 -41.38
CA SER G 119 62.65 -44.92 -40.99
C SER G 119 62.45 -45.56 -39.62
N VAL G 120 62.53 -46.89 -39.55
CA VAL G 120 62.09 -47.62 -38.36
C VAL G 120 63.31 -47.99 -37.52
N PHE G 121 63.17 -47.79 -36.22
CA PHE G 121 64.15 -48.22 -35.23
C PHE G 121 63.41 -48.92 -34.09
N ILE G 122 64.08 -49.87 -33.44
CA ILE G 122 63.53 -50.53 -32.27
C ILE G 122 64.54 -50.42 -31.14
N PHE G 123 64.09 -49.98 -29.97
CA PHE G 123 65.00 -49.81 -28.85
C PHE G 123 64.62 -50.73 -27.71
N PRO G 124 65.48 -51.67 -27.35
CA PRO G 124 65.16 -52.63 -26.29
C PRO G 124 65.05 -51.94 -24.94
N PRO G 125 64.28 -52.52 -24.01
CA PRO G 125 64.15 -51.90 -22.69
C PRO G 125 65.47 -51.87 -21.94
N SER G 126 65.63 -50.85 -21.11
CA SER G 126 66.83 -50.70 -20.30
C SER G 126 66.81 -51.68 -19.13
N ASP G 127 68.01 -51.98 -18.63
CA ASP G 127 68.12 -52.93 -17.52
C ASP G 127 67.42 -52.41 -16.27
N GLU G 128 67.57 -51.12 -15.97
CA GLU G 128 66.86 -50.55 -14.83
C GLU G 128 65.35 -50.63 -15.04
N GLN G 129 64.91 -50.47 -16.29
CA GLN G 129 63.51 -50.71 -16.61
C GLN G 129 63.12 -52.16 -16.31
N LEU G 130 64.02 -53.10 -16.62
CA LEU G 130 63.73 -54.50 -16.37
C LEU G 130 63.60 -54.77 -14.88
N LYS G 131 64.50 -54.21 -14.07
CA LYS G 131 64.40 -54.43 -12.62
C LYS G 131 63.18 -53.75 -12.03
N SER G 132 62.62 -52.76 -12.72
CA SER G 132 61.36 -52.17 -12.27
C SER G 132 60.20 -53.14 -12.41
N GLY G 133 60.24 -54.00 -13.43
CA GLY G 133 59.17 -54.94 -13.70
C GLY G 133 58.27 -54.54 -14.85
N THR G 134 58.30 -53.27 -15.25
CA THR G 134 57.51 -52.79 -16.38
C THR G 134 58.44 -52.63 -17.58
N ALA G 135 58.68 -53.73 -18.28
CA ALA G 135 59.59 -53.75 -19.42
C ALA G 135 58.89 -53.18 -20.64
N SER G 136 58.75 -51.86 -20.65
CA SER G 136 58.17 -51.18 -21.79
C SER G 136 59.22 -51.00 -22.88
N VAL G 137 58.89 -51.44 -24.09
CA VAL G 137 59.79 -51.36 -25.23
C VAL G 137 59.17 -50.43 -26.25
N VAL G 138 60.04 -49.72 -26.99
CA VAL G 138 59.65 -48.63 -27.88
C VAL G 138 60.10 -48.94 -29.30
N CYS G 139 59.23 -48.64 -30.25
CA CYS G 139 59.59 -48.62 -31.66
C CYS G 139 59.31 -47.23 -32.23
N LEU G 140 60.27 -46.73 -33.00
CA LEU G 140 60.24 -45.39 -33.54
C LEU G 140 60.14 -45.42 -35.05
N LEU G 141 59.34 -44.52 -35.60
CA LEU G 141 59.24 -44.30 -37.05
C LEU G 141 59.54 -42.83 -37.32
N ASN G 142 60.66 -42.55 -37.95
CA ASN G 142 61.11 -41.19 -38.14
C ASN G 142 60.88 -40.75 -39.58
N ASN G 143 60.45 -39.48 -39.72
CA ASN G 143 60.28 -38.82 -41.01
C ASN G 143 59.37 -39.62 -41.93
N PHE G 144 58.20 -39.97 -41.43
CA PHE G 144 57.20 -40.68 -42.21
C PHE G 144 56.05 -39.76 -42.56
N TYR G 145 55.43 -40.02 -43.72
CA TYR G 145 54.33 -39.22 -44.23
C TYR G 145 53.39 -40.13 -45.01
N PRO G 146 52.07 -39.92 -44.88
CA PRO G 146 51.39 -38.88 -44.09
C PRO G 146 51.03 -39.29 -42.68
N ARG G 147 50.10 -38.53 -42.09
CA ARG G 147 49.62 -38.82 -40.74
C ARG G 147 49.04 -40.23 -40.66
N GLU G 148 48.29 -40.64 -41.67
CA GLU G 148 47.63 -41.93 -41.62
C GLU G 148 48.65 -43.03 -41.82
N ALA G 149 49.24 -43.51 -40.72
CA ALA G 149 50.18 -44.62 -40.78
C ALA G 149 49.95 -45.46 -39.52
N LYS G 150 49.08 -46.46 -39.64
CA LYS G 150 48.84 -47.36 -38.52
C LYS G 150 50.06 -48.22 -38.26
N VAL G 151 50.27 -48.55 -36.99
CA VAL G 151 51.43 -49.30 -36.55
C VAL G 151 50.96 -50.46 -35.69
N GLN G 152 51.51 -51.65 -35.95
CA GLN G 152 51.14 -52.86 -35.24
C GLN G 152 52.38 -53.52 -34.64
N TRP G 153 52.22 -54.02 -33.42
CA TRP G 153 53.27 -54.80 -32.75
C TRP G 153 53.01 -56.28 -32.92
N LYS G 154 54.08 -57.03 -33.15
CA LYS G 154 54.03 -58.48 -33.31
C LYS G 154 54.74 -59.11 -32.12
N VAL G 155 54.02 -59.93 -31.37
CA VAL G 155 54.53 -60.61 -30.19
C VAL G 155 54.65 -62.08 -30.54
N ASP G 156 55.88 -62.50 -30.87
CA ASP G 156 56.12 -63.86 -31.37
C ASP G 156 55.21 -64.17 -32.55
N ASN G 157 55.09 -63.19 -33.45
CA ASN G 157 54.20 -63.28 -34.62
C ASN G 157 52.75 -63.51 -34.19
N ALA G 158 52.33 -62.79 -33.15
CA ALA G 158 50.96 -62.85 -32.68
C ALA G 158 50.42 -61.44 -32.50
N LEU G 159 49.10 -61.33 -32.49
CA LEU G 159 48.46 -60.03 -32.39
C LEU G 159 48.79 -59.36 -31.05
N GLN G 160 48.98 -58.05 -31.10
CA GLN G 160 49.26 -57.25 -29.92
C GLN G 160 48.25 -56.12 -29.84
N SER G 161 47.64 -55.96 -28.66
CA SER G 161 46.67 -54.89 -28.46
C SER G 161 46.52 -54.62 -26.97
N GLY G 162 46.04 -53.42 -26.65
CA GLY G 162 45.72 -53.06 -25.29
C GLY G 162 46.89 -52.58 -24.45
N ASN G 163 48.09 -52.49 -25.01
CA ASN G 163 49.25 -52.05 -24.23
C ASN G 163 50.15 -51.06 -24.94
N SER G 164 49.98 -50.81 -26.24
CA SER G 164 50.86 -49.92 -26.98
C SER G 164 50.28 -48.51 -26.98
N GLN G 165 51.01 -47.57 -26.38
CA GLN G 165 50.69 -46.16 -26.46
C GLN G 165 51.54 -45.51 -27.53
N GLU G 166 50.89 -44.77 -28.43
CA GLU G 166 51.56 -44.15 -29.57
C GLU G 166 51.53 -42.63 -29.41
N SER G 167 52.67 -42.00 -29.69
CA SER G 167 52.79 -40.55 -29.60
C SER G 167 53.48 -40.06 -30.86
N VAL G 168 52.87 -39.10 -31.54
CA VAL G 168 53.37 -38.60 -32.82
C VAL G 168 53.77 -37.14 -32.67
N THR G 169 54.93 -36.81 -33.22
CA THR G 169 55.39 -35.43 -33.21
C THR G 169 54.64 -34.64 -34.27
N GLU G 170 54.40 -33.36 -33.96
CA GLU G 170 53.77 -32.45 -34.92
C GLU G 170 54.69 -32.24 -36.12
N GLN G 171 54.15 -31.59 -37.15
CA GLN G 171 54.90 -31.29 -38.37
C GLN G 171 56.19 -30.57 -38.04
N ASP G 172 57.28 -31.02 -38.66
CA ASP G 172 58.56 -30.34 -38.51
C ASP G 172 58.52 -28.95 -39.15
N SER G 173 59.35 -28.06 -38.62
CA SER G 173 59.38 -26.69 -39.14
C SER G 173 59.83 -26.65 -40.59
N LYS G 174 60.86 -27.41 -40.94
CA LYS G 174 61.37 -27.44 -42.31
C LYS G 174 61.17 -28.78 -43.00
N ASP G 175 61.35 -29.89 -42.28
CA ASP G 175 61.17 -31.20 -42.90
C ASP G 175 59.71 -31.45 -43.23
N SER G 176 58.79 -30.88 -42.46
CA SER G 176 57.36 -31.00 -42.70
C SER G 176 56.92 -32.47 -42.78
N THR G 177 57.49 -33.29 -41.90
CA THR G 177 57.10 -34.69 -41.85
C THR G 177 56.70 -35.07 -40.44
N TYR G 178 56.53 -36.37 -40.18
CA TYR G 178 56.04 -36.86 -38.91
C TYR G 178 56.99 -37.89 -38.33
N SER G 179 56.96 -38.01 -37.01
CA SER G 179 57.74 -39.01 -36.30
C SER G 179 56.88 -39.57 -35.18
N LEU G 180 56.85 -40.89 -35.06
CA LEU G 180 55.98 -41.57 -34.11
C LEU G 180 56.81 -42.49 -33.24
N SER G 181 56.36 -42.67 -32.00
CA SER G 181 56.95 -43.64 -31.09
C SER G 181 55.85 -44.42 -30.42
N SER G 182 55.92 -45.74 -30.49
CA SER G 182 54.96 -46.61 -29.84
C SER G 182 55.69 -47.39 -28.75
N THR G 183 55.20 -47.28 -27.52
CA THR G 183 55.79 -47.99 -26.39
C THR G 183 54.73 -48.90 -25.78
N LEU G 184 55.12 -50.14 -25.50
CA LEU G 184 54.21 -51.03 -24.79
C LEU G 184 54.92 -51.62 -23.58
N THR G 185 54.19 -51.71 -22.48
CA THR G 185 54.73 -52.19 -21.21
C THR G 185 54.04 -53.49 -20.81
N LEU G 186 54.79 -54.35 -20.14
CA LEU G 186 54.25 -55.61 -19.66
C LEU G 186 54.91 -55.96 -18.34
N SER G 187 54.21 -56.79 -17.57
CA SER G 187 54.76 -57.29 -16.32
C SER G 187 55.99 -58.15 -16.58
N LYS G 188 56.96 -58.06 -15.68
CA LYS G 188 58.17 -58.88 -15.81
C LYS G 188 57.85 -60.36 -15.76
N ALA G 189 56.78 -60.73 -15.05
CA ALA G 189 56.39 -62.14 -14.95
C ALA G 189 56.04 -62.73 -16.31
N ASP G 190 55.55 -61.90 -17.24
CA ASP G 190 55.21 -62.36 -18.57
C ASP G 190 56.13 -61.81 -19.66
N TYR G 191 56.96 -60.80 -19.34
CA TYR G 191 57.88 -60.27 -20.33
C TYR G 191 58.89 -61.32 -20.76
N GLU G 192 59.41 -62.09 -19.82
CA GLU G 192 60.45 -63.08 -20.10
C GLU G 192 59.94 -64.27 -20.87
N LYS G 193 58.70 -64.22 -21.34
CA LYS G 193 58.04 -65.35 -21.96
C LYS G 193 57.96 -65.25 -23.48
N HIS G 194 58.13 -64.07 -24.05
CA HIS G 194 58.01 -63.86 -25.49
C HIS G 194 59.38 -63.86 -26.18
N LYS G 195 60.28 -62.98 -25.76
CA LYS G 195 61.68 -62.87 -26.14
C LYS G 195 61.92 -62.31 -27.53
N VAL G 196 60.88 -62.07 -28.34
CA VAL G 196 61.08 -61.42 -29.64
C VAL G 196 59.86 -60.56 -29.93
N TYR G 197 60.11 -59.39 -30.50
CA TYR G 197 59.05 -58.42 -30.76
C TYR G 197 59.37 -57.68 -32.05
N ALA G 198 58.31 -57.35 -32.80
CA ALA G 198 58.47 -56.61 -34.04
C ALA G 198 57.48 -55.45 -34.07
N CYS G 199 57.82 -54.43 -34.85
CA CYS G 199 56.98 -53.24 -34.97
C CYS G 199 56.87 -52.89 -36.45
N GLU G 200 55.71 -53.15 -37.05
CA GLU G 200 55.49 -52.92 -38.46
C GLU G 200 54.51 -51.77 -38.65
N VAL G 201 54.56 -51.18 -39.85
CA VAL G 201 53.70 -50.06 -40.21
C VAL G 201 52.91 -50.44 -41.45
N THR G 202 51.60 -50.21 -41.42
CA THR G 202 50.76 -50.31 -42.61
C THR G 202 50.70 -48.95 -43.29
N HIS G 203 51.88 -48.49 -43.70
CA HIS G 203 52.02 -47.13 -44.20
C HIS G 203 51.18 -46.90 -45.45
N GLN G 204 50.55 -45.73 -45.50
CA GLN G 204 49.85 -45.33 -46.73
C GLN G 204 50.83 -45.22 -47.90
N GLY G 205 51.98 -44.58 -47.66
CA GLY G 205 52.98 -44.49 -48.71
C GLY G 205 53.58 -45.83 -49.05
N LEU G 206 53.86 -46.65 -48.05
CA LEU G 206 54.55 -47.93 -48.22
C LEU G 206 53.57 -49.05 -47.89
N SER G 207 53.06 -49.72 -48.93
CA SER G 207 52.10 -50.80 -48.72
C SER G 207 52.72 -51.94 -47.94
N SER G 208 53.94 -52.33 -48.29
CA SER G 208 54.58 -53.47 -47.63
C SER G 208 55.07 -53.07 -46.26
N PRO G 209 54.60 -53.71 -45.19
CA PRO G 209 55.09 -53.38 -43.84
C PRO G 209 56.55 -53.71 -43.68
N VAL G 210 57.23 -52.90 -42.86
CA VAL G 210 58.64 -53.10 -42.56
C VAL G 210 58.74 -53.75 -41.19
N THR G 211 59.40 -54.90 -41.13
CA THR G 211 59.54 -55.65 -39.89
C THR G 211 60.95 -55.47 -39.35
N LYS G 212 61.06 -55.12 -38.08
CA LYS G 212 62.33 -55.06 -37.37
C LYS G 212 62.15 -55.75 -36.02
N SER G 213 62.77 -56.90 -35.86
CA SER G 213 62.65 -57.71 -34.66
C SER G 213 63.94 -57.66 -33.87
N PHE G 214 63.86 -58.11 -32.62
CA PHE G 214 65.02 -58.20 -31.75
C PHE G 214 64.80 -59.34 -30.78
N ASN G 215 65.83 -60.15 -30.57
CA ASN G 215 65.78 -61.23 -29.60
C ASN G 215 66.54 -60.84 -28.35
N ARG G 216 65.96 -61.15 -27.20
CA ARG G 216 66.61 -60.87 -25.92
C ARG G 216 67.72 -61.90 -25.72
N GLY G 217 68.95 -61.49 -26.01
CA GLY G 217 70.09 -62.38 -25.88
C GLY G 217 71.32 -61.70 -25.32
N GLN H 1 35.85 -3.18 -22.21
CA GLN H 1 36.52 -4.47 -22.13
C GLN H 1 36.07 -5.25 -20.90
N VAL H 2 35.74 -6.51 -21.11
CA VAL H 2 35.38 -7.43 -20.03
C VAL H 2 36.56 -8.36 -19.80
N GLN H 3 37.03 -8.41 -18.56
CA GLN H 3 38.22 -9.17 -18.26
C GLN H 3 38.02 -9.96 -16.98
N LEU H 4 38.59 -11.16 -16.93
CA LEU H 4 38.65 -11.97 -15.72
C LEU H 4 40.10 -12.27 -15.42
N VAL H 5 40.57 -11.90 -14.24
CA VAL H 5 41.96 -12.07 -13.85
C VAL H 5 41.99 -13.03 -12.68
N GLN H 6 42.70 -14.13 -12.83
CA GLN H 6 42.69 -15.16 -11.82
C GLN H 6 43.92 -15.04 -10.93
N SER H 7 43.96 -15.87 -9.89
CA SER H 7 45.07 -15.83 -8.96
C SER H 7 46.33 -16.39 -9.61
N GLY H 8 47.41 -16.43 -8.83
CA GLY H 8 48.62 -17.05 -9.29
C GLY H 8 48.59 -18.55 -9.16
N ALA H 9 49.61 -19.20 -9.70
CA ALA H 9 49.68 -20.65 -9.62
C ALA H 9 49.85 -21.08 -8.17
N GLU H 10 49.19 -22.18 -7.82
CA GLU H 10 49.25 -22.73 -6.47
C GLU H 10 49.92 -24.09 -6.49
N VAL H 11 50.79 -24.32 -5.51
CA VAL H 11 51.43 -25.62 -5.33
C VAL H 11 51.05 -26.12 -3.95
N LYS H 12 50.43 -27.29 -3.89
CA LYS H 12 49.87 -27.81 -2.65
C LYS H 12 50.35 -29.23 -2.40
N LYS H 13 49.84 -29.80 -1.32
CA LYS H 13 50.14 -31.16 -0.90
C LYS H 13 48.82 -31.92 -0.77
N PRO H 14 48.80 -33.21 -1.09
CA PRO H 14 47.54 -33.96 -1.05
C PRO H 14 46.89 -33.90 0.32
N GLY H 15 45.57 -33.81 0.31
CA GLY H 15 44.81 -33.67 1.54
C GLY H 15 44.63 -32.26 2.02
N ALA H 16 45.28 -31.29 1.39
CA ALA H 16 45.16 -29.90 1.79
C ALA H 16 43.98 -29.28 1.05
N SER H 17 43.80 -27.96 1.20
CA SER H 17 42.74 -27.22 0.55
C SER H 17 43.32 -26.00 -0.13
N VAL H 18 42.78 -25.67 -1.30
CA VAL H 18 43.28 -24.55 -2.10
C VAL H 18 42.12 -23.62 -2.39
N THR H 19 42.45 -22.36 -2.66
CA THR H 19 41.44 -21.34 -2.94
C THR H 19 41.86 -20.53 -4.17
N VAL H 20 41.12 -20.67 -5.24
CA VAL H 20 41.39 -19.94 -6.47
C VAL H 20 40.40 -18.78 -6.56
N SER H 21 40.91 -17.61 -6.90
CA SER H 21 40.11 -16.40 -6.93
C SER H 21 40.04 -15.88 -8.36
N CYS H 22 38.92 -15.26 -8.68
CA CYS H 22 38.66 -14.72 -10.00
C CYS H 22 38.15 -13.30 -9.81
N GLN H 23 38.94 -12.32 -10.26
CA GLN H 23 38.63 -10.90 -10.14
C GLN H 23 38.04 -10.45 -11.46
N VAL H 24 36.84 -9.98 -11.45
CA VAL H 24 36.21 -9.53 -12.68
C VAL H 24 36.54 -8.07 -12.88
N SER H 25 36.39 -7.59 -14.11
CA SER H 25 36.63 -6.20 -14.42
C SER H 25 35.90 -5.84 -15.68
N GLY H 26 35.39 -4.62 -15.74
CA GLY H 26 34.63 -4.18 -16.89
C GLY H 26 33.15 -4.46 -16.82
N TYR H 27 32.68 -5.11 -15.76
CA TYR H 27 31.25 -5.31 -15.58
C TYR H 27 31.01 -5.65 -14.11
N THR H 28 29.74 -5.63 -13.72
CA THR H 28 29.37 -5.90 -12.34
C THR H 28 29.19 -7.39 -12.15
N LEU H 29 29.80 -7.93 -11.10
CA LEU H 29 29.84 -9.38 -10.92
C LEU H 29 28.44 -9.97 -10.78
N THR H 30 27.53 -9.26 -10.14
CA THR H 30 26.20 -9.79 -9.91
C THR H 30 25.35 -9.86 -11.18
N SER H 31 25.81 -9.28 -12.27
CA SER H 31 25.06 -9.34 -13.51
C SER H 31 25.18 -10.67 -14.23
N TYR H 32 26.20 -11.46 -13.92
CA TYR H 32 26.47 -12.69 -14.63
C TYR H 32 26.79 -13.81 -13.65
N GLY H 33 26.32 -15.01 -13.95
CA GLY H 33 26.74 -16.18 -13.23
C GLY H 33 28.15 -16.54 -13.62
N LEU H 34 28.79 -17.38 -12.82
CA LEU H 34 30.19 -17.66 -13.05
C LEU H 34 30.40 -19.17 -12.96
N SER H 35 30.82 -19.77 -14.07
CA SER H 35 31.10 -21.19 -14.10
C SER H 35 32.59 -21.42 -13.87
N TRP H 36 32.91 -22.58 -13.33
CA TRP H 36 34.29 -22.98 -13.10
C TRP H 36 34.54 -24.27 -13.86
N VAL H 37 35.60 -24.27 -14.67
CA VAL H 37 35.93 -25.38 -15.56
C VAL H 37 37.38 -25.75 -15.36
N ARG H 38 37.64 -27.03 -15.13
CA ARG H 38 39.00 -27.52 -14.96
C ARG H 38 39.48 -28.21 -16.23
N GLN H 39 40.79 -28.32 -16.34
CA GLN H 39 41.42 -29.03 -17.44
C GLN H 39 42.69 -29.69 -16.90
N ALA H 40 42.64 -31.00 -16.69
CA ALA H 40 43.85 -31.71 -16.36
C ALA H 40 44.81 -31.60 -17.55
N PRO H 41 46.11 -31.68 -17.32
CA PRO H 41 47.05 -31.32 -18.39
C PRO H 41 46.98 -32.28 -19.56
N GLY H 42 46.41 -31.82 -20.67
CA GLY H 42 46.23 -32.66 -21.83
C GLY H 42 45.07 -33.64 -21.72
N GLN H 43 44.03 -33.30 -20.97
CA GLN H 43 42.90 -34.21 -20.79
C GLN H 43 41.57 -33.56 -21.16
N GLY H 44 41.60 -32.42 -21.83
CA GLY H 44 40.38 -31.77 -22.24
C GLY H 44 39.61 -31.17 -21.08
N LEU H 45 38.71 -30.26 -21.41
CA LEU H 45 37.99 -29.51 -20.39
C LEU H 45 37.00 -30.38 -19.65
N GLU H 46 36.80 -30.05 -18.38
CA GLU H 46 35.82 -30.74 -17.54
C GLU H 46 35.09 -29.69 -16.71
N TRP H 47 33.79 -29.68 -16.80
CA TRP H 47 32.99 -28.69 -16.09
C TRP H 47 33.00 -28.99 -14.60
N VAL H 48 33.29 -27.98 -13.78
CA VAL H 48 33.36 -28.18 -12.34
C VAL H 48 32.08 -27.71 -11.68
N GLY H 49 31.71 -26.45 -11.89
CA GLY H 49 30.56 -25.97 -11.16
C GLY H 49 30.07 -24.63 -11.67
N TRP H 50 29.07 -24.10 -10.98
CA TRP H 50 28.43 -22.85 -11.38
C TRP H 50 27.90 -22.13 -10.15
N ILE H 51 28.36 -20.90 -9.95
CA ILE H 51 27.88 -20.03 -8.89
C ILE H 51 26.96 -18.98 -9.48
N ASN H 52 25.77 -18.87 -8.93
CA ASN H 52 24.82 -17.84 -9.33
C ASN H 52 25.05 -16.65 -8.43
N THR H 53 25.86 -15.71 -8.87
CA THR H 53 25.93 -14.44 -8.17
C THR H 53 24.55 -13.81 -8.17
N TYR H 54 24.32 -12.91 -7.22
CA TYR H 54 23.05 -12.24 -6.95
C TYR H 54 22.05 -13.12 -6.21
N ASP H 55 22.26 -14.42 -6.06
CA ASP H 55 21.48 -15.18 -5.11
C ASP H 55 22.27 -16.31 -4.45
N GLY H 56 23.51 -16.55 -4.85
CA GLY H 56 24.36 -17.46 -4.15
C GLY H 56 24.05 -18.94 -4.33
N GLN H 57 23.05 -19.30 -5.13
CA GLN H 57 22.75 -20.71 -5.30
C GLN H 57 23.75 -21.34 -6.25
N THR H 58 24.24 -22.51 -5.87
CA THR H 58 25.34 -23.16 -6.56
C THR H 58 24.86 -24.41 -7.27
N LYS H 59 25.73 -24.94 -8.11
CA LYS H 59 25.46 -26.24 -8.74
C LYS H 59 26.81 -26.86 -9.08
N TYR H 60 27.12 -27.98 -8.45
CA TYR H 60 28.36 -28.69 -8.72
C TYR H 60 28.08 -30.04 -9.36
N VAL H 61 29.11 -30.62 -9.92
CA VAL H 61 29.04 -31.99 -10.41
C VAL H 61 29.08 -32.94 -9.23
N LYS H 62 28.38 -34.06 -9.35
CA LYS H 62 28.36 -35.05 -8.27
C LYS H 62 29.76 -35.49 -7.89
N LYS H 63 30.67 -35.52 -8.86
CA LYS H 63 32.05 -35.91 -8.58
C LYS H 63 32.71 -34.94 -7.60
N PHE H 64 32.24 -33.70 -7.55
CA PHE H 64 32.84 -32.68 -6.70
C PHE H 64 31.96 -32.26 -5.53
N GLN H 65 30.82 -32.92 -5.32
CA GLN H 65 29.92 -32.52 -4.26
C GLN H 65 30.61 -32.58 -2.91
N GLY H 66 30.44 -31.53 -2.12
CA GLY H 66 30.95 -31.50 -0.77
C GLY H 66 32.37 -30.98 -0.65
N ARG H 67 33.24 -31.34 -1.59
CA ARG H 67 34.64 -30.98 -1.52
C ARG H 67 34.97 -29.73 -2.32
N VAL H 68 33.97 -29.06 -2.87
CA VAL H 68 34.17 -27.83 -3.62
C VAL H 68 33.15 -26.81 -3.13
N THR H 69 33.61 -25.58 -2.87
CA THR H 69 32.73 -24.53 -2.40
C THR H 69 33.01 -23.25 -3.17
N MET H 70 31.97 -22.64 -3.70
CA MET H 70 32.09 -21.40 -4.45
C MET H 70 31.35 -20.29 -3.73
N THR H 71 32.04 -19.17 -3.53
CA THR H 71 31.46 -18.01 -2.88
C THR H 71 31.80 -16.78 -3.70
N THR H 72 31.07 -15.70 -3.46
CA THR H 72 31.26 -14.47 -4.19
C THR H 72 31.39 -13.31 -3.23
N HIS H 73 32.55 -12.67 -3.22
CA HIS H 73 32.78 -11.44 -2.48
C HIS H 73 32.37 -10.31 -3.41
N THR H 74 31.18 -9.76 -3.20
CA THR H 74 30.66 -8.74 -4.09
C THR H 74 31.35 -7.41 -3.91
N GLY H 75 31.92 -7.14 -2.74
CA GLY H 75 32.56 -5.86 -2.52
C GLY H 75 33.73 -5.63 -3.43
N THR H 76 34.54 -6.65 -3.66
CA THR H 76 35.70 -6.54 -4.52
C THR H 76 35.48 -7.11 -5.91
N ASN H 77 34.24 -7.47 -6.25
CA ASN H 77 33.95 -8.14 -7.50
C ASN H 77 34.83 -9.37 -7.69
N THR H 78 34.92 -10.19 -6.66
CA THR H 78 35.78 -11.35 -6.66
C THR H 78 34.95 -12.60 -6.40
N ALA H 79 35.38 -13.72 -6.95
CA ALA H 79 34.71 -14.97 -6.70
C ALA H 79 35.73 -16.04 -6.35
N TYR H 80 35.45 -16.81 -5.32
CA TYR H 80 36.39 -17.78 -4.79
C TYR H 80 35.85 -19.18 -4.98
N MET H 81 36.71 -20.09 -5.43
CA MET H 81 36.43 -21.51 -5.44
C MET H 81 37.48 -22.20 -4.60
N GLU H 82 37.05 -22.83 -3.52
CA GLU H 82 37.96 -23.57 -2.66
C GLU H 82 37.69 -25.06 -2.79
N MET H 83 38.76 -25.82 -2.87
CA MET H 83 38.70 -27.27 -2.93
C MET H 83 39.34 -27.82 -1.67
N LYS H 84 38.60 -28.61 -0.93
CA LYS H 84 39.12 -29.27 0.27
C LYS H 84 39.37 -30.74 -0.03
N SER H 85 40.27 -31.34 0.74
CA SER H 85 40.69 -32.72 0.55
C SER H 85 41.21 -32.92 -0.88
N LEU H 86 42.23 -32.15 -1.22
CA LEU H 86 42.85 -32.26 -2.52
C LEU H 86 43.39 -33.66 -2.73
N ARG H 87 43.37 -34.11 -3.97
CA ARG H 87 43.98 -35.36 -4.36
C ARG H 87 45.03 -35.10 -5.42
N SER H 88 45.72 -36.16 -5.83
CA SER H 88 46.69 -36.02 -6.91
C SER H 88 46.00 -35.78 -8.25
N ASP H 89 44.81 -36.35 -8.44
CA ASP H 89 44.11 -36.23 -9.71
C ASP H 89 43.60 -34.83 -9.97
N ASP H 90 43.61 -33.95 -8.98
CA ASP H 90 43.08 -32.60 -9.15
C ASP H 90 44.09 -31.63 -9.73
N THR H 91 45.32 -32.04 -9.99
CA THR H 91 46.26 -31.16 -10.64
C THR H 91 45.73 -30.77 -12.00
N ALA H 92 45.44 -29.49 -12.20
CA ALA H 92 44.81 -29.05 -13.44
C ALA H 92 44.89 -27.53 -13.53
N VAL H 93 44.53 -27.01 -14.69
CA VAL H 93 44.31 -25.59 -14.86
C VAL H 93 42.84 -25.32 -14.56
N TYR H 94 42.56 -24.27 -13.81
CA TYR H 94 41.20 -23.89 -13.47
C TYR H 94 40.86 -22.57 -14.11
N TYR H 95 39.71 -22.50 -14.79
CA TYR H 95 39.25 -21.30 -15.45
C TYR H 95 37.90 -20.89 -14.86
N CYS H 96 37.74 -19.59 -14.65
CA CYS H 96 36.44 -19.01 -14.37
C CYS H 96 35.91 -18.42 -15.65
N ALA H 97 34.67 -18.76 -16.00
CA ALA H 97 34.05 -18.29 -17.21
C ALA H 97 32.73 -17.62 -16.90
N ARG H 98 32.36 -16.64 -17.70
CA ARG H 98 31.21 -15.81 -17.44
C ARG H 98 29.99 -16.35 -18.18
N VAL H 99 28.89 -16.55 -17.47
CA VAL H 99 27.66 -17.08 -18.05
C VAL H 99 26.54 -16.07 -17.78
N GLU H 100 25.56 -16.05 -18.67
CA GLU H 100 24.65 -14.91 -18.70
C GLU H 100 23.52 -14.96 -17.68
N GLY H 101 22.83 -16.09 -17.53
CA GLY H 101 21.58 -16.09 -16.80
C GLY H 101 21.75 -16.24 -15.31
N VAL H 102 21.25 -15.26 -14.56
CA VAL H 102 21.22 -15.36 -13.10
C VAL H 102 19.82 -15.31 -12.53
N ARG H 103 18.87 -14.68 -13.20
CA ARG H 103 17.56 -14.44 -12.63
C ARG H 103 16.52 -15.13 -13.50
N GLY H 104 15.72 -15.98 -12.88
CA GLY H 104 14.73 -16.75 -13.60
C GLY H 104 15.19 -18.12 -14.02
N VAL H 105 16.41 -18.25 -14.53
CA VAL H 105 16.90 -19.52 -15.03
C VAL H 105 18.32 -19.74 -14.53
N MET H 106 18.73 -21.01 -14.55
CA MET H 106 20.13 -21.36 -14.34
C MET H 106 20.86 -21.12 -15.66
N GLY H 107 21.87 -20.27 -15.63
CA GLY H 107 22.42 -19.74 -16.86
C GLY H 107 22.99 -20.80 -17.78
N PHE H 108 23.75 -21.74 -17.23
CA PHE H 108 24.48 -22.67 -18.07
C PHE H 108 23.58 -23.61 -18.85
N HIS H 109 22.29 -23.67 -18.51
CA HIS H 109 21.38 -24.48 -19.32
C HIS H 109 21.22 -23.92 -20.71
N TYR H 110 21.24 -22.59 -20.85
CA TYR H 110 20.90 -21.95 -22.12
C TYR H 110 21.95 -21.01 -22.66
N TYR H 111 23.01 -20.72 -21.92
CA TYR H 111 23.93 -19.69 -22.39
C TYR H 111 25.36 -20.21 -22.38
N PRO H 112 26.21 -19.66 -23.24
CA PRO H 112 27.59 -20.13 -23.31
C PRO H 112 28.49 -19.43 -22.32
N MET H 113 29.77 -19.76 -22.33
CA MET H 113 30.77 -19.13 -21.47
C MET H 113 31.59 -18.19 -22.33
N ASP H 114 31.09 -16.97 -22.49
CA ASP H 114 31.66 -16.07 -23.49
C ASP H 114 33.02 -15.52 -23.12
N VAL H 115 33.31 -15.33 -21.84
CA VAL H 115 34.55 -14.72 -21.40
C VAL H 115 35.24 -15.64 -20.42
N TRP H 116 36.53 -15.90 -20.61
CA TRP H 116 37.27 -16.83 -19.80
C TRP H 116 38.47 -16.14 -19.15
N GLY H 117 38.82 -16.57 -17.96
CA GLY H 117 40.04 -16.12 -17.33
C GLY H 117 41.23 -16.89 -17.82
N GLN H 118 42.42 -16.44 -17.44
CA GLN H 118 43.63 -17.11 -17.87
C GLN H 118 43.85 -18.44 -17.17
N GLY H 119 43.15 -18.72 -16.08
CA GLY H 119 43.27 -19.99 -15.42
C GLY H 119 44.50 -20.10 -14.55
N THR H 120 44.38 -20.80 -13.43
CA THR H 120 45.49 -21.02 -12.52
C THR H 120 45.86 -22.49 -12.50
N MET H 121 47.15 -22.77 -12.46
CA MET H 121 47.66 -24.14 -12.50
C MET H 121 47.80 -24.64 -11.07
N VAL H 122 46.78 -25.34 -10.59
CA VAL H 122 46.82 -25.93 -9.26
C VAL H 122 47.41 -27.32 -9.40
N THR H 123 48.61 -27.52 -8.87
CA THR H 123 49.32 -28.79 -8.96
C THR H 123 49.43 -29.41 -7.58
N VAL H 124 48.73 -30.52 -7.38
CA VAL H 124 48.83 -31.25 -6.13
C VAL H 124 49.46 -32.60 -6.40
N SER H 125 50.78 -32.65 -6.41
CA SER H 125 51.55 -33.88 -6.60
C SER H 125 53.02 -33.49 -6.60
N SER H 126 53.86 -34.51 -6.68
CA SER H 126 55.28 -34.34 -6.99
C SER H 126 55.86 -35.71 -7.34
N LYS H 127 56.56 -35.80 -8.46
CA LYS H 127 57.11 -37.07 -8.87
C LYS H 127 58.31 -36.84 -9.76
N GLY H 128 59.40 -37.54 -9.47
CA GLY H 128 60.61 -37.42 -10.23
C GLY H 128 60.55 -38.17 -11.54
N PRO H 129 60.96 -37.52 -12.61
CA PRO H 129 60.97 -38.18 -13.92
C PRO H 129 62.14 -39.14 -14.05
N SER H 130 61.85 -40.43 -13.98
CA SER H 130 62.89 -41.44 -14.15
C SER H 130 63.37 -41.46 -15.59
N VAL H 131 64.68 -41.53 -15.78
CA VAL H 131 65.30 -41.43 -17.09
C VAL H 131 65.93 -42.76 -17.45
N PHE H 132 65.65 -43.25 -18.66
CA PHE H 132 66.26 -44.46 -19.16
C PHE H 132 66.88 -44.21 -20.53
N PRO H 133 67.94 -44.92 -20.87
CA PRO H 133 68.56 -44.76 -22.19
C PRO H 133 67.87 -45.61 -23.24
N LEU H 134 68.14 -45.29 -24.50
CA LEU H 134 67.56 -46.01 -25.63
C LEU H 134 68.65 -46.10 -26.70
N ALA H 135 69.29 -47.26 -26.78
CA ALA H 135 70.40 -47.49 -27.70
C ALA H 135 70.15 -48.79 -28.45
N PRO H 136 70.65 -48.90 -29.70
CA PRO H 136 70.48 -50.12 -30.49
C PRO H 136 71.56 -51.17 -30.21
N ALA H 146 72.52 -44.35 -37.24
CA ALA H 146 71.38 -44.87 -36.49
C ALA H 146 70.74 -43.75 -35.67
N ALA H 147 70.22 -44.10 -34.49
CA ALA H 147 69.61 -43.12 -33.61
C ALA H 147 69.75 -43.56 -32.17
N LEU H 148 69.57 -42.62 -31.25
CA LEU H 148 69.61 -42.92 -29.83
C LEU H 148 68.76 -41.91 -29.08
N GLY H 149 68.18 -42.34 -27.97
CA GLY H 149 67.23 -41.47 -27.31
C GLY H 149 67.19 -41.66 -25.81
N CYS H 150 66.41 -40.81 -25.16
CA CYS H 150 66.16 -40.87 -23.73
C CYS H 150 64.66 -41.00 -23.49
N LEU H 151 64.29 -41.99 -22.68
CA LEU H 151 62.89 -42.20 -22.31
C LEU H 151 62.67 -41.68 -20.90
N VAL H 152 61.83 -40.66 -20.76
CA VAL H 152 61.44 -40.11 -19.47
C VAL H 152 60.13 -40.74 -19.09
N LYS H 153 60.03 -41.19 -17.84
CA LYS H 153 58.92 -42.00 -17.39
C LYS H 153 58.47 -41.57 -16.00
N ASP H 154 57.17 -41.70 -15.74
CA ASP H 154 56.63 -41.67 -14.38
C ASP H 154 56.96 -40.34 -13.68
N TYR H 155 56.35 -39.28 -14.20
CA TYR H 155 56.36 -37.97 -13.56
C TYR H 155 54.97 -37.36 -13.71
N PHE H 156 54.44 -36.81 -12.62
CA PHE H 156 53.04 -36.40 -12.68
C PHE H 156 52.83 -35.08 -13.42
N PRO H 157 53.39 -33.96 -13.00
CA PRO H 157 53.07 -32.69 -13.67
C PRO H 157 53.71 -32.65 -15.05
N GLU H 158 52.94 -32.17 -16.03
CA GLU H 158 53.39 -32.26 -17.42
C GLU H 158 54.63 -31.46 -17.75
N PRO H 159 54.77 -30.18 -17.36
CA PRO H 159 55.86 -29.39 -17.94
C PRO H 159 57.24 -29.95 -17.61
N VAL H 160 57.88 -30.51 -18.63
CA VAL H 160 59.19 -31.13 -18.54
C VAL H 160 59.92 -30.88 -19.85
N THR H 161 61.14 -30.39 -19.76
CA THR H 161 61.92 -30.13 -20.96
C THR H 161 63.11 -31.07 -21.04
N VAL H 162 63.46 -31.45 -22.26
CA VAL H 162 64.61 -32.31 -22.51
C VAL H 162 65.48 -31.65 -23.55
N SER H 163 66.76 -31.49 -23.25
CA SER H 163 67.75 -30.99 -24.19
C SER H 163 68.91 -31.96 -24.24
N TRP H 164 69.89 -31.67 -25.09
CA TRP H 164 71.09 -32.49 -25.21
C TRP H 164 72.31 -31.59 -25.08
N ASN H 165 72.89 -31.58 -23.88
CA ASN H 165 74.06 -30.77 -23.55
C ASN H 165 73.72 -29.29 -23.63
N SER H 166 72.43 -28.99 -23.87
CA SER H 166 71.83 -27.67 -23.84
C SER H 166 72.31 -26.80 -25.00
N GLY H 167 73.32 -27.26 -25.73
CA GLY H 167 73.77 -26.55 -26.91
C GLY H 167 74.27 -27.46 -28.01
N ALA H 168 74.23 -28.77 -27.76
CA ALA H 168 74.83 -29.71 -28.70
C ALA H 168 73.87 -30.05 -29.83
N LEU H 169 72.72 -30.60 -29.49
CA LEU H 169 71.76 -31.09 -30.48
C LEU H 169 70.52 -30.22 -30.47
N THR H 170 70.20 -29.65 -31.62
CA THR H 170 68.94 -28.93 -31.81
C THR H 170 68.27 -29.47 -33.06
N SER H 171 69.08 -30.02 -33.97
CA SER H 171 68.61 -30.62 -35.20
C SER H 171 68.66 -32.13 -35.09
N GLY H 172 67.63 -32.80 -35.58
CA GLY H 172 67.52 -34.23 -35.48
C GLY H 172 66.90 -34.72 -34.19
N VAL H 173 66.70 -33.84 -33.22
CA VAL H 173 66.03 -34.18 -31.97
C VAL H 173 64.53 -34.02 -32.16
N HIS H 174 63.77 -34.93 -31.58
CA HIS H 174 62.32 -34.88 -31.62
C HIS H 174 61.79 -35.05 -30.20
N THR H 175 60.92 -34.15 -29.78
CA THR H 175 60.34 -34.18 -28.44
C THR H 175 58.88 -34.63 -28.58
N PHE H 176 58.66 -35.92 -28.40
CA PHE H 176 57.30 -36.45 -28.44
C PHE H 176 56.54 -35.93 -27.23
N PRO H 177 55.35 -35.35 -27.41
CA PRO H 177 54.57 -34.91 -26.25
C PRO H 177 54.25 -36.07 -25.33
N ALA H 178 54.16 -35.76 -24.04
CA ALA H 178 53.95 -36.78 -23.03
C ALA H 178 52.65 -37.54 -23.27
N VAL H 179 52.59 -38.74 -22.73
CA VAL H 179 51.43 -39.62 -22.86
C VAL H 179 51.02 -40.08 -21.47
N LEU H 180 49.74 -40.38 -21.32
CA LEU H 180 49.20 -40.80 -20.04
C LEU H 180 49.61 -42.24 -19.74
N GLN H 181 49.13 -42.73 -18.61
CA GLN H 181 49.36 -44.09 -18.15
C GLN H 181 48.28 -44.41 -17.13
N SER H 182 47.92 -45.68 -17.04
CA SER H 182 46.86 -46.08 -16.12
C SER H 182 47.18 -45.69 -14.68
N SER H 183 48.46 -45.55 -14.35
CA SER H 183 48.87 -45.07 -13.04
C SER H 183 48.67 -43.57 -12.88
N GLY H 184 48.32 -42.86 -13.94
CA GLY H 184 48.18 -41.42 -13.88
C GLY H 184 49.47 -40.64 -14.00
N LEU H 185 50.54 -41.26 -14.50
CA LEU H 185 51.83 -40.61 -14.61
C LEU H 185 52.21 -40.44 -16.07
N TYR H 186 52.86 -39.32 -16.37
CA TYR H 186 53.23 -38.98 -17.73
C TYR H 186 54.58 -39.59 -18.09
N SER H 187 54.80 -39.73 -19.40
CA SER H 187 56.05 -40.25 -19.90
C SER H 187 56.19 -39.83 -21.35
N LEU H 188 57.42 -39.54 -21.77
CA LEU H 188 57.70 -39.17 -23.14
C LEU H 188 59.07 -39.71 -23.52
N SER H 189 59.49 -39.43 -24.75
CA SER H 189 60.80 -39.82 -25.22
C SER H 189 61.35 -38.73 -26.13
N SER H 190 62.67 -38.68 -26.20
CA SER H 190 63.34 -37.75 -27.11
C SER H 190 64.51 -38.50 -27.74
N VAL H 191 64.39 -38.76 -29.04
CA VAL H 191 65.38 -39.54 -29.77
C VAL H 191 65.94 -38.67 -30.88
N VAL H 192 67.25 -38.79 -31.10
CA VAL H 192 67.94 -38.03 -32.12
C VAL H 192 68.70 -39.00 -33.02
N THR H 193 68.67 -38.74 -34.32
CA THR H 193 69.51 -39.47 -35.25
C THR H 193 70.97 -39.10 -35.04
N VAL H 194 71.84 -40.08 -35.24
CA VAL H 194 73.28 -39.88 -35.16
C VAL H 194 73.91 -40.57 -36.35
N PRO H 195 74.99 -40.02 -36.93
CA PRO H 195 75.71 -40.75 -37.98
C PRO H 195 76.21 -42.09 -37.45
N SER H 196 76.20 -43.10 -38.33
CA SER H 196 76.59 -44.44 -37.92
C SER H 196 78.03 -44.47 -37.43
N SER H 197 78.89 -43.59 -37.93
CA SER H 197 80.26 -43.51 -37.43
C SER H 197 80.31 -42.97 -36.01
N SER H 198 79.49 -41.96 -35.71
CA SER H 198 79.56 -41.27 -34.44
C SER H 198 78.99 -42.05 -33.28
N LEU H 199 78.14 -43.06 -33.54
CA LEU H 199 77.47 -43.76 -32.44
C LEU H 199 78.46 -44.52 -31.57
N GLY H 200 79.44 -45.18 -32.18
CA GLY H 200 80.37 -45.99 -31.42
C GLY H 200 81.56 -45.20 -30.89
N THR H 201 81.90 -44.09 -31.56
CA THR H 201 83.02 -43.28 -31.11
C THR H 201 82.69 -42.52 -29.84
N GLN H 202 81.52 -41.91 -29.77
CA GLN H 202 81.14 -41.05 -28.66
C GLN H 202 79.64 -41.16 -28.43
N THR H 203 79.22 -40.73 -27.24
CA THR H 203 77.82 -40.70 -26.87
C THR H 203 77.47 -39.31 -26.31
N TYR H 204 76.18 -38.99 -26.36
CA TYR H 204 75.66 -37.72 -25.89
C TYR H 204 74.97 -37.90 -24.55
N ILE H 205 74.75 -36.79 -23.87
CA ILE H 205 74.08 -36.77 -22.58
C ILE H 205 72.85 -35.87 -22.69
N CYS H 206 71.71 -36.40 -22.26
CA CYS H 206 70.44 -35.67 -22.31
C CYS H 206 70.11 -35.12 -20.94
N ASN H 207 69.64 -33.87 -20.91
CA ASN H 207 69.27 -33.18 -19.68
C ASN H 207 67.75 -33.09 -19.62
N VAL H 208 67.18 -33.58 -18.53
CA VAL H 208 65.74 -33.56 -18.29
C VAL H 208 65.50 -32.64 -17.10
N ASN H 209 64.68 -31.61 -17.32
CA ASN H 209 64.34 -30.65 -16.28
C ASN H 209 62.84 -30.70 -16.02
N HIS H 210 62.48 -30.72 -14.75
CA HIS H 210 61.10 -30.89 -14.30
C HIS H 210 60.89 -29.89 -13.15
N LYS H 211 60.38 -28.71 -13.49
CA LYS H 211 60.25 -27.64 -12.50
C LYS H 211 59.29 -28.00 -11.37
N PRO H 212 58.08 -28.51 -11.60
CA PRO H 212 57.20 -28.81 -10.47
C PRO H 212 57.81 -29.80 -9.49
N SER H 213 58.55 -30.78 -9.99
CA SER H 213 59.29 -31.68 -9.12
C SER H 213 60.66 -31.15 -8.77
N ASN H 214 61.09 -30.05 -9.39
CA ASN H 214 62.39 -29.44 -9.12
C ASN H 214 63.53 -30.45 -9.33
N THR H 215 63.47 -31.19 -10.44
CA THR H 215 64.42 -32.25 -10.70
C THR H 215 65.16 -31.99 -12.01
N LYS H 216 66.49 -32.03 -11.95
CA LYS H 216 67.33 -31.80 -13.11
C LYS H 216 68.31 -32.96 -13.23
N VAL H 217 67.99 -33.91 -14.10
CA VAL H 217 68.72 -35.16 -14.22
C VAL H 217 69.30 -35.25 -15.62
N ASP H 218 70.61 -35.44 -15.72
CA ASP H 218 71.28 -35.67 -17.00
C ASP H 218 71.72 -37.12 -17.07
N LYS H 219 71.56 -37.72 -18.25
CA LYS H 219 71.98 -39.10 -18.46
C LYS H 219 72.56 -39.25 -19.86
N LYS H 220 73.51 -40.15 -20.00
CA LYS H 220 74.17 -40.39 -21.28
C LYS H 220 73.48 -41.50 -22.05
N VAL H 221 73.64 -41.46 -23.38
CA VAL H 221 72.99 -42.37 -24.33
C VAL H 221 71.59 -42.79 -23.91
N SER I 2 -42.73 7.03 -21.23
CA SER I 2 -42.78 6.31 -22.49
C SER I 2 -43.47 7.13 -23.56
N VAL I 3 -44.60 7.73 -23.19
CA VAL I 3 -45.31 8.65 -24.07
C VAL I 3 -45.75 9.86 -23.26
N LEU I 4 -45.67 11.03 -23.86
CA LEU I 4 -46.07 12.27 -23.22
C LEU I 4 -47.16 12.93 -24.06
N THR I 5 -48.17 13.46 -23.39
CA THR I 5 -49.30 14.12 -24.03
C THR I 5 -49.35 15.57 -23.60
N GLN I 6 -50.14 16.37 -24.33
CA GLN I 6 -50.07 17.81 -24.14
C GLN I 6 -51.19 18.52 -24.89
N PRO I 7 -51.77 19.60 -24.34
CA PRO I 7 -52.74 20.39 -25.10
C PRO I 7 -52.09 21.04 -26.31
N PRO I 8 -52.76 21.02 -27.46
CA PRO I 8 -52.05 21.35 -28.71
C PRO I 8 -51.74 22.83 -28.89
N SER I 9 -52.67 23.72 -28.59
CA SER I 9 -52.47 25.14 -28.85
C SER I 9 -53.19 25.96 -27.78
N VAL I 10 -52.62 27.12 -27.46
CA VAL I 10 -53.21 28.04 -26.50
C VAL I 10 -53.11 29.44 -27.07
N SER I 11 -54.25 30.11 -27.17
CA SER I 11 -54.33 31.48 -27.67
C SER I 11 -54.74 32.39 -26.52
N GLY I 12 -54.00 33.47 -26.32
CA GLY I 12 -54.33 34.38 -25.25
C GLY I 12 -53.67 35.73 -25.45
N ALA I 13 -54.28 36.73 -24.83
CA ALA I 13 -53.73 38.08 -24.79
C ALA I 13 -52.61 38.14 -23.77
N PRO I 14 -51.80 39.19 -23.79
CA PRO I 14 -50.87 39.42 -22.68
C PRO I 14 -51.62 39.65 -21.38
N GLY I 15 -51.01 39.19 -20.29
CA GLY I 15 -51.44 39.56 -18.97
C GLY I 15 -52.25 38.55 -18.19
N GLN I 16 -52.53 37.37 -18.74
CA GLN I 16 -53.31 36.41 -17.98
C GLN I 16 -52.58 35.08 -17.83
N ARG I 17 -53.26 34.08 -17.29
CA ARG I 17 -52.65 32.80 -16.98
C ARG I 17 -52.76 31.84 -18.15
N VAL I 18 -51.75 30.98 -18.29
CA VAL I 18 -51.78 29.92 -19.28
C VAL I 18 -51.33 28.63 -18.61
N THR I 19 -52.11 27.57 -18.81
CA THR I 19 -51.84 26.29 -18.18
C THR I 19 -51.63 25.24 -19.27
N ILE I 20 -50.50 24.54 -19.20
CA ILE I 20 -50.17 23.47 -20.14
C ILE I 20 -49.95 22.20 -19.33
N SER I 21 -50.40 21.06 -19.84
CA SER I 21 -50.33 19.82 -19.08
C SER I 21 -49.58 18.76 -19.87
N CYS I 22 -48.73 18.01 -19.17
CA CYS I 22 -48.02 16.88 -19.72
C CYS I 22 -48.34 15.67 -18.86
N THR I 23 -48.37 14.49 -19.47
CA THR I 23 -48.74 13.26 -18.77
C THR I 23 -47.70 12.19 -19.03
N GLY I 24 -46.84 11.95 -18.05
CA GLY I 24 -45.77 10.99 -18.20
C GLY I 24 -46.12 9.62 -17.69
N SER I 25 -46.15 8.63 -18.58
CA SER I 25 -46.50 7.27 -18.16
C SER I 25 -45.47 6.72 -17.16
N SER I 26 -44.19 6.95 -17.41
CA SER I 26 -43.13 6.43 -16.57
C SER I 26 -43.16 7.08 -15.19
N ALA I 34 -38.04 12.51 -14.24
CA ALA I 34 -38.02 13.95 -14.04
C ALA I 34 -38.44 14.68 -15.31
N VAL I 35 -39.54 15.42 -15.23
CA VAL I 35 -40.08 16.12 -16.39
C VAL I 35 -39.61 17.57 -16.34
N HIS I 36 -39.10 18.06 -17.46
CA HIS I 36 -38.60 19.43 -17.55
C HIS I 36 -39.31 20.13 -18.69
N TRP I 37 -39.59 21.41 -18.50
CA TRP I 37 -40.32 22.21 -19.48
C TRP I 37 -39.36 23.18 -20.16
N TYR I 38 -39.33 23.12 -21.49
CA TYR I 38 -38.48 23.95 -22.32
C TYR I 38 -39.34 24.86 -23.20
N GLN I 39 -38.82 26.04 -23.48
CA GLN I 39 -39.47 27.00 -24.36
C GLN I 39 -38.59 27.26 -25.57
N GLN I 40 -39.19 27.20 -26.75
CA GLN I 40 -38.50 27.52 -28.00
C GLN I 40 -39.15 28.76 -28.59
N LEU I 41 -38.45 29.89 -28.50
CA LEU I 41 -38.86 31.09 -29.21
C LEU I 41 -38.71 30.85 -30.70
N PRO I 42 -39.50 31.55 -31.53
CA PRO I 42 -39.40 31.34 -32.98
C PRO I 42 -38.02 31.70 -33.49
N GLY I 43 -37.40 30.77 -34.21
CA GLY I 43 -36.07 30.98 -34.74
C GLY I 43 -35.02 31.17 -33.67
N THR I 44 -35.07 30.36 -32.63
CA THR I 44 -34.11 30.47 -31.53
C THR I 44 -33.98 29.09 -30.88
N ALA I 45 -32.81 28.83 -30.33
CA ALA I 45 -32.58 27.56 -29.66
C ALA I 45 -33.49 27.44 -28.43
N PRO I 46 -33.91 26.24 -28.10
CA PRO I 46 -34.78 26.07 -26.92
C PRO I 46 -34.06 26.48 -25.65
N LYS I 47 -34.86 26.85 -24.67
CA LYS I 47 -34.36 27.31 -23.38
C LYS I 47 -35.01 26.47 -22.29
N LEU I 48 -34.25 26.14 -21.25
CA LEU I 48 -34.81 25.41 -20.13
C LEU I 48 -35.65 26.35 -19.28
N LEU I 49 -36.91 25.98 -19.05
CA LEU I 49 -37.82 26.80 -18.27
C LEU I 49 -38.03 26.29 -16.85
N ILE I 50 -38.31 25.01 -16.66
CA ILE I 50 -38.34 24.47 -15.29
C ILE I 50 -37.80 23.04 -15.29
N SER I 51 -37.07 22.72 -14.24
CA SER I 51 -36.48 21.39 -14.05
C SER I 51 -37.08 20.76 -12.80
N GLY I 52 -37.05 19.43 -12.77
CA GLY I 52 -37.59 18.72 -11.63
C GLY I 52 -39.09 18.90 -11.43
N ASN I 53 -39.79 19.35 -12.47
CA ASN I 53 -41.24 19.53 -12.52
C ASN I 53 -41.72 20.74 -11.73
N SER I 54 -40.88 21.34 -10.91
CA SER I 54 -41.34 22.48 -10.13
C SER I 54 -40.29 23.55 -9.88
N ASN I 55 -39.08 23.41 -10.40
CA ASN I 55 -37.98 24.29 -10.05
C ASN I 55 -37.59 25.16 -11.23
N ARG I 56 -37.52 26.46 -11.01
CA ARG I 56 -37.09 27.34 -12.09
C ARG I 56 -35.59 27.56 -12.03
N PRO I 57 -34.92 27.60 -13.18
CA PRO I 57 -33.47 27.85 -13.20
C PRO I 57 -33.18 29.34 -13.20
N SER I 58 -31.89 29.65 -13.31
CA SER I 58 -31.45 31.04 -13.25
C SER I 58 -31.94 31.80 -14.47
N GLY I 59 -32.36 33.04 -14.24
CA GLY I 59 -32.81 33.92 -15.31
C GLY I 59 -34.26 33.75 -15.68
N VAL I 60 -34.97 32.79 -15.10
CA VAL I 60 -36.37 32.57 -15.43
C VAL I 60 -37.24 33.33 -14.44
N PRO I 61 -38.13 34.21 -14.91
CA PRO I 61 -38.98 34.96 -13.99
C PRO I 61 -39.87 34.03 -13.18
N ASP I 62 -40.14 34.45 -11.93
CA ASP I 62 -40.91 33.64 -11.01
C ASP I 62 -42.35 33.46 -11.44
N ARG I 63 -42.83 34.22 -12.43
CA ARG I 63 -44.19 34.04 -12.91
C ARG I 63 -44.41 32.64 -13.46
N PHE I 64 -43.39 32.04 -14.06
CA PHE I 64 -43.48 30.63 -14.43
C PHE I 64 -43.56 29.77 -13.18
N SER I 65 -44.38 28.73 -13.24
CA SER I 65 -44.49 27.83 -12.10
C SER I 65 -44.86 26.46 -12.60
N GLY I 66 -44.56 25.46 -11.77
CA GLY I 66 -44.90 24.10 -12.10
C GLY I 66 -45.55 23.39 -10.93
N SER I 67 -46.46 22.48 -11.22
CA SER I 67 -47.09 21.65 -10.21
C SER I 67 -47.08 20.21 -10.68
N LYS I 68 -46.88 19.29 -9.75
CA LYS I 68 -46.83 17.87 -10.07
C LYS I 68 -47.91 17.15 -9.28
N SER I 69 -48.84 16.54 -9.97
CA SER I 69 -49.75 15.58 -9.36
C SER I 69 -49.14 14.20 -9.47
N GLY I 70 -49.93 13.16 -9.23
CA GLY I 70 -49.40 11.81 -9.29
C GLY I 70 -48.78 11.48 -10.64
N THR I 71 -49.44 11.86 -11.72
CA THR I 71 -48.91 11.56 -13.04
C THR I 71 -48.95 12.75 -14.00
N SER I 72 -49.81 13.74 -13.80
CA SER I 72 -49.90 14.87 -14.70
C SER I 72 -49.15 16.05 -14.12
N ALA I 73 -48.18 16.56 -14.88
CA ALA I 73 -47.46 17.76 -14.50
C ALA I 73 -48.02 18.94 -15.27
N SER I 74 -48.05 20.10 -14.62
CA SER I 74 -48.70 21.27 -15.19
C SER I 74 -47.79 22.48 -15.07
N LEU I 75 -47.67 23.23 -16.15
CA LEU I 75 -46.88 24.46 -16.19
C LEU I 75 -47.85 25.64 -16.31
N ALA I 76 -47.70 26.61 -15.41
CA ALA I 76 -48.56 27.78 -15.35
C ALA I 76 -47.72 29.02 -15.61
N ILE I 77 -48.22 29.88 -16.48
CA ILE I 77 -47.56 31.13 -16.85
C ILE I 77 -48.45 32.29 -16.40
N THR I 78 -47.85 33.24 -15.70
CA THR I 78 -48.55 34.34 -15.07
C THR I 78 -47.98 35.66 -15.57
N GLY I 79 -48.84 36.67 -15.65
CA GLY I 79 -48.38 37.97 -16.13
C GLY I 79 -47.81 37.89 -17.53
N LEU I 80 -48.49 37.21 -18.42
CA LEU I 80 -47.97 36.93 -19.75
C LEU I 80 -47.63 38.21 -20.49
N GLN I 81 -46.54 38.19 -21.25
CA GLN I 81 -46.24 39.29 -22.15
C GLN I 81 -45.41 38.75 -23.31
N ALA I 82 -44.67 39.65 -23.98
CA ALA I 82 -44.23 39.41 -25.36
C ALA I 82 -43.34 38.18 -25.51
N GLU I 83 -42.37 38.00 -24.61
CA GLU I 83 -41.42 36.90 -24.81
C GLU I 83 -42.01 35.56 -24.40
N ASP I 84 -43.18 35.54 -23.79
CA ASP I 84 -43.75 34.26 -23.42
C ASP I 84 -44.32 33.52 -24.61
N GLU I 85 -44.84 34.22 -25.61
CA GLU I 85 -45.38 33.54 -26.78
C GLU I 85 -44.26 32.81 -27.50
N ALA I 86 -44.31 31.49 -27.46
CA ALA I 86 -43.33 30.62 -28.09
C ALA I 86 -43.92 29.22 -28.10
N ASP I 87 -43.11 28.22 -28.46
CA ASP I 87 -43.53 26.83 -28.34
C ASP I 87 -43.01 26.27 -27.03
N TYR I 88 -43.70 25.26 -26.50
CA TYR I 88 -43.35 24.69 -25.20
C TYR I 88 -43.36 23.16 -25.29
N TYR I 89 -42.31 22.55 -24.73
CA TYR I 89 -42.16 21.09 -24.75
C TYR I 89 -41.92 20.56 -23.35
N CYS I 90 -42.43 19.37 -23.10
CA CYS I 90 -42.17 18.64 -21.86
C CYS I 90 -41.30 17.43 -22.17
N GLN I 91 -40.27 17.22 -21.35
CA GLN I 91 -39.27 16.19 -21.60
C GLN I 91 -39.12 15.31 -20.39
N SER I 92 -38.88 14.03 -20.63
CA SER I 92 -38.77 13.07 -19.54
C SER I 92 -37.57 12.15 -19.71
N SER I 100 -34.91 8.69 -23.77
CA SER I 100 -35.73 9.78 -23.25
C SER I 100 -36.50 10.44 -24.37
N VAL I 101 -37.70 10.93 -24.06
CA VAL I 101 -38.67 11.32 -25.07
C VAL I 101 -39.17 12.73 -24.79
N PHE I 102 -39.56 13.43 -25.85
CA PHE I 102 -40.05 14.79 -25.79
C PHE I 102 -41.56 14.83 -25.90
N GLY I 103 -42.13 15.97 -25.53
CA GLY I 103 -43.55 16.15 -25.66
C GLY I 103 -43.96 16.46 -27.08
N GLY I 104 -45.28 16.51 -27.29
CA GLY I 104 -45.80 16.82 -28.60
C GLY I 104 -45.70 18.28 -28.98
N GLY I 105 -45.50 19.15 -28.01
CA GLY I 105 -45.41 20.57 -28.28
C GLY I 105 -46.72 21.28 -27.98
N THR I 106 -46.63 22.59 -27.78
CA THR I 106 -47.82 23.41 -27.52
C THR I 106 -47.51 24.84 -27.95
N LYS I 107 -48.03 25.23 -29.10
CA LYS I 107 -47.82 26.57 -29.59
C LYS I 107 -48.59 27.57 -28.73
N LEU I 108 -47.94 28.66 -28.37
CA LEU I 108 -48.52 29.68 -27.50
C LEU I 108 -48.53 31.00 -28.26
N THR I 109 -49.62 31.29 -28.95
CA THR I 109 -49.72 32.50 -29.74
C THR I 109 -50.30 33.64 -28.92
N VAL I 110 -49.95 34.86 -29.30
CA VAL I 110 -50.55 36.05 -28.71
C VAL I 110 -51.90 36.29 -29.40
N LEU I 111 -52.84 36.86 -28.65
CA LEU I 111 -54.18 37.08 -29.16
C LEU I 111 -54.64 38.50 -28.84
N GLY I 112 -55.05 39.23 -29.88
CA GLY I 112 -55.73 40.50 -29.71
C GLY I 112 -57.22 40.28 -29.94
N ARG I 113 -58.03 40.81 -29.02
CA ARG I 113 -59.46 40.54 -29.03
C ARG I 113 -60.16 41.52 -29.96
N THR I 114 -60.70 41.00 -31.06
CA THR I 114 -61.40 41.83 -32.04
C THR I 114 -62.31 40.94 -32.88
N VAL I 115 -63.63 41.12 -32.72
CA VAL I 115 -64.59 40.26 -33.41
C VAL I 115 -64.78 40.72 -34.85
N ALA I 116 -64.95 39.75 -35.74
CA ALA I 116 -65.19 40.02 -37.15
C ALA I 116 -65.93 38.85 -37.77
N ALA I 117 -66.11 38.89 -39.09
CA ALA I 117 -66.83 37.86 -39.81
C ALA I 117 -65.97 37.31 -40.94
N PRO I 118 -65.93 36.00 -41.10
CA PRO I 118 -65.14 35.42 -42.19
C PRO I 118 -65.74 35.75 -43.55
N SER I 119 -64.86 35.84 -44.55
CA SER I 119 -65.25 35.88 -45.95
C SER I 119 -64.65 34.67 -46.64
N VAL I 120 -65.50 33.90 -47.33
CA VAL I 120 -65.13 32.58 -47.85
C VAL I 120 -64.94 32.66 -49.35
N PHE I 121 -63.82 32.12 -49.82
CA PHE I 121 -63.52 32.02 -51.23
C PHE I 121 -63.13 30.60 -51.53
N ILE I 122 -63.28 30.18 -52.77
CA ILE I 122 -62.81 28.87 -53.22
C ILE I 122 -61.90 29.11 -54.41
N PHE I 123 -60.83 28.32 -54.48
CA PHE I 123 -59.99 28.35 -55.66
C PHE I 123 -59.88 26.97 -56.32
N PRO I 124 -60.46 26.76 -57.50
CA PRO I 124 -60.42 25.45 -58.11
C PRO I 124 -59.01 25.10 -58.52
N PRO I 125 -58.67 23.81 -58.58
CA PRO I 125 -57.32 23.41 -58.97
C PRO I 125 -56.99 23.90 -60.38
N SER I 126 -55.73 24.31 -60.56
CA SER I 126 -55.29 24.83 -61.84
C SER I 126 -55.13 23.70 -62.86
N ASP I 127 -55.19 24.08 -64.13
CA ASP I 127 -55.14 23.09 -65.21
C ASP I 127 -53.85 22.29 -65.18
N GLU I 128 -52.71 22.96 -64.94
CA GLU I 128 -51.47 22.22 -64.79
C GLU I 128 -51.50 21.33 -63.56
N GLN I 129 -52.16 21.80 -62.49
CA GLN I 129 -52.35 20.94 -61.32
C GLN I 129 -53.20 19.73 -61.68
N LEU I 130 -54.20 19.91 -62.54
CA LEU I 130 -54.94 18.76 -63.06
C LEU I 130 -54.04 17.82 -63.83
N LYS I 131 -53.15 18.37 -64.65
CA LYS I 131 -52.23 17.53 -65.41
C LYS I 131 -51.19 16.86 -64.53
N SER I 132 -51.02 17.34 -63.29
CA SER I 132 -50.04 16.76 -62.40
C SER I 132 -50.39 15.34 -61.97
N GLY I 133 -51.65 14.93 -62.16
CA GLY I 133 -52.10 13.64 -61.70
C GLY I 133 -52.68 13.64 -60.30
N THR I 134 -52.54 14.75 -59.58
CA THR I 134 -53.11 14.90 -58.24
C THR I 134 -53.94 16.17 -58.22
N ALA I 135 -55.10 16.09 -57.59
CA ALA I 135 -56.04 17.22 -57.51
C ALA I 135 -56.08 17.71 -56.07
N SER I 136 -55.76 18.98 -55.88
CA SER I 136 -55.78 19.62 -54.56
C SER I 136 -56.71 20.82 -54.63
N VAL I 137 -57.81 20.75 -53.88
CA VAL I 137 -58.83 21.80 -53.87
C VAL I 137 -58.64 22.63 -52.61
N VAL I 138 -58.67 23.95 -52.75
CA VAL I 138 -58.38 24.87 -51.67
C VAL I 138 -59.55 25.81 -51.44
N CYS I 139 -59.95 25.94 -50.19
CA CYS I 139 -60.97 26.89 -49.78
C CYS I 139 -60.40 27.79 -48.68
N LEU I 140 -60.69 29.08 -48.81
CA LEU I 140 -60.04 30.12 -48.01
C LEU I 140 -61.08 30.85 -47.18
N LEU I 141 -60.73 31.12 -45.92
CA LEU I 141 -61.48 32.00 -45.04
C LEU I 141 -60.59 33.19 -44.73
N ASN I 142 -61.15 34.39 -44.81
CA ASN I 142 -60.40 35.60 -44.54
C ASN I 142 -61.05 36.39 -43.42
N ASN I 143 -60.23 36.81 -42.45
CA ASN I 143 -60.63 37.72 -41.39
C ASN I 143 -61.78 37.16 -40.55
N PHE I 144 -61.52 36.01 -39.93
CA PHE I 144 -62.41 35.41 -38.95
C PHE I 144 -61.71 35.40 -37.61
N TYR I 145 -62.38 35.90 -36.58
CA TYR I 145 -61.69 36.11 -35.31
C TYR I 145 -61.50 34.82 -34.52
N PRO I 146 -62.57 34.05 -34.20
CA PRO I 146 -62.35 32.82 -33.43
C PRO I 146 -61.63 31.76 -34.25
N ARG I 147 -60.36 31.51 -33.93
CA ARG I 147 -59.59 30.51 -34.66
C ARG I 147 -60.14 29.11 -34.48
N GLU I 148 -60.92 28.88 -33.42
CA GLU I 148 -61.50 27.56 -33.18
C GLU I 148 -62.60 27.22 -34.17
N ALA I 149 -62.82 28.04 -35.20
CA ALA I 149 -63.80 27.74 -36.22
C ALA I 149 -63.42 26.46 -36.95
N LYS I 150 -64.41 25.84 -37.58
CA LYS I 150 -64.22 24.55 -38.22
C LYS I 150 -64.66 24.60 -39.67
N VAL I 151 -64.06 23.72 -40.47
CA VAL I 151 -64.25 23.69 -41.91
C VAL I 151 -64.61 22.27 -42.31
N GLN I 152 -65.62 22.13 -43.16
CA GLN I 152 -66.10 20.84 -43.65
C GLN I 152 -65.99 20.84 -45.16
N TRP I 153 -65.52 19.73 -45.73
CA TRP I 153 -65.46 19.60 -47.18
C TRP I 153 -66.71 18.89 -47.67
N LYS I 154 -67.61 19.64 -48.31
CA LYS I 154 -68.84 19.08 -48.83
C LYS I 154 -68.59 18.55 -50.24
N VAL I 155 -68.63 17.24 -50.37
CA VAL I 155 -68.62 16.57 -51.68
C VAL I 155 -69.91 15.76 -51.76
N ASP I 156 -70.96 16.40 -52.26
CA ASP I 156 -72.31 15.83 -52.32
C ASP I 156 -72.74 15.31 -50.95
N ASN I 157 -72.60 16.18 -49.95
CA ASN I 157 -72.97 15.91 -48.56
C ASN I 157 -72.22 14.68 -48.02
N ALA I 158 -70.94 14.58 -48.36
CA ALA I 158 -70.05 13.57 -47.79
C ALA I 158 -68.95 14.28 -47.02
N LEU I 159 -68.77 13.87 -45.77
CA LEU I 159 -67.85 14.52 -44.85
C LEU I 159 -66.58 13.68 -44.72
N GLN I 160 -65.42 14.33 -44.87
CA GLN I 160 -64.13 13.68 -44.80
C GLN I 160 -63.32 14.28 -43.66
N SER I 161 -62.79 13.41 -42.81
CA SER I 161 -61.99 13.83 -41.67
C SER I 161 -60.58 13.27 -41.80
N GLY I 162 -59.58 14.13 -41.63
CA GLY I 162 -58.19 13.71 -41.70
C GLY I 162 -57.61 13.64 -43.08
N ASN I 163 -58.37 13.98 -44.13
CA ASN I 163 -57.87 13.94 -45.49
C ASN I 163 -57.47 15.32 -46.02
N SER I 164 -57.95 16.39 -45.41
CA SER I 164 -57.62 17.75 -45.83
C SER I 164 -56.82 18.44 -44.73
N GLN I 165 -55.87 19.26 -45.15
CA GLN I 165 -54.99 19.98 -44.24
C GLN I 165 -55.38 21.44 -44.15
N GLU I 166 -55.49 21.93 -42.92
CA GLU I 166 -55.84 23.32 -42.66
C GLU I 166 -54.65 24.06 -42.09
N SER I 167 -54.51 25.32 -42.50
CA SER I 167 -53.43 26.17 -41.99
C SER I 167 -53.98 27.56 -41.74
N VAL I 168 -53.61 28.13 -40.60
CA VAL I 168 -54.10 29.44 -40.18
C VAL I 168 -52.93 30.42 -40.17
N THR I 169 -53.24 31.70 -40.33
CA THR I 169 -52.22 32.73 -40.26
C THR I 169 -52.22 33.37 -38.88
N GLU I 170 -51.03 33.79 -38.45
CA GLU I 170 -50.89 34.53 -37.20
C GLU I 170 -51.62 35.87 -37.31
N GLN I 171 -51.82 36.52 -36.17
CA GLN I 171 -52.50 37.81 -36.18
C GLN I 171 -51.65 38.88 -36.84
N ASP I 172 -52.30 39.72 -37.62
CA ASP I 172 -51.68 40.86 -38.27
C ASP I 172 -52.06 42.14 -37.52
N SER I 173 -51.06 42.97 -37.23
CA SER I 173 -51.34 44.22 -36.52
C SER I 173 -52.23 45.15 -37.33
N LYS I 174 -52.35 44.93 -38.64
CA LYS I 174 -53.24 45.75 -39.45
C LYS I 174 -54.69 45.56 -39.06
N ASP I 175 -55.12 44.31 -38.95
CA ASP I 175 -56.53 43.98 -38.74
C ASP I 175 -56.79 43.16 -37.49
N SER I 176 -55.79 42.48 -36.93
CA SER I 176 -55.95 41.66 -35.73
C SER I 176 -57.06 40.63 -35.92
N THR I 177 -56.88 39.78 -36.93
CA THR I 177 -57.84 38.71 -37.20
C THR I 177 -57.12 37.62 -37.98
N TYR I 178 -57.78 36.48 -38.09
CA TYR I 178 -57.16 35.26 -38.59
C TYR I 178 -57.62 34.97 -40.02
N SER I 179 -56.77 34.25 -40.75
CA SER I 179 -57.09 33.78 -42.10
C SER I 179 -56.71 32.31 -42.20
N LEU I 180 -57.57 31.52 -42.79
CA LEU I 180 -57.38 30.08 -42.87
C LEU I 180 -57.42 29.64 -44.33
N SER I 181 -56.71 28.55 -44.61
CA SER I 181 -56.79 27.89 -45.90
C SER I 181 -56.84 26.38 -45.66
N SER I 182 -57.81 25.72 -46.27
CA SER I 182 -57.95 24.28 -46.18
C SER I 182 -57.79 23.68 -47.57
N THR I 183 -56.92 22.70 -47.69
CA THR I 183 -56.70 22.01 -48.96
C THR I 183 -56.94 20.53 -48.80
N LEU I 184 -57.80 19.98 -49.66
CA LEU I 184 -58.09 18.56 -49.71
C LEU I 184 -57.47 17.98 -50.96
N THR I 185 -56.68 16.93 -50.79
CA THR I 185 -55.99 16.27 -51.89
C THR I 185 -56.68 14.95 -52.23
N LEU I 186 -56.65 14.59 -53.50
CA LEU I 186 -57.36 13.42 -53.98
C LEU I 186 -56.90 13.11 -55.40
N SER I 187 -57.10 11.85 -55.82
CA SER I 187 -56.65 11.38 -57.10
C SER I 187 -57.56 11.89 -58.22
N LYS I 188 -57.09 11.74 -59.47
CA LYS I 188 -57.84 12.25 -60.61
C LYS I 188 -59.21 11.58 -60.72
N ALA I 189 -59.25 10.25 -60.52
CA ALA I 189 -60.52 9.54 -60.57
C ALA I 189 -61.48 10.07 -59.52
N ASP I 190 -60.97 10.52 -58.38
CA ASP I 190 -61.79 11.11 -57.33
C ASP I 190 -62.18 12.54 -57.62
N TYR I 191 -61.55 13.19 -58.61
CA TYR I 191 -61.89 14.57 -58.93
C TYR I 191 -63.25 14.68 -59.60
N GLU I 192 -63.54 13.79 -60.55
CA GLU I 192 -64.81 13.77 -61.24
C GLU I 192 -65.80 12.80 -60.61
N LYS I 193 -65.42 12.19 -59.49
CA LYS I 193 -66.33 11.27 -58.80
C LYS I 193 -67.60 11.99 -58.36
N HIS I 194 -67.47 13.21 -57.84
CA HIS I 194 -68.60 14.04 -57.49
C HIS I 194 -68.70 15.21 -58.44
N LYS I 195 -69.93 15.57 -58.81
CA LYS I 195 -70.14 16.58 -59.84
C LYS I 195 -69.62 17.94 -59.41
N VAL I 196 -70.05 18.42 -58.24
CA VAL I 196 -69.85 19.80 -57.81
C VAL I 196 -69.36 19.78 -56.37
N TYR I 197 -68.39 20.65 -56.06
CA TYR I 197 -67.79 20.62 -54.73
C TYR I 197 -68.14 21.89 -53.95
N ALA I 198 -67.91 21.83 -52.65
CA ALA I 198 -68.18 22.99 -51.80
C ALA I 198 -67.36 22.90 -50.52
N CYS I 199 -67.15 24.05 -49.91
CA CYS I 199 -66.46 24.15 -48.63
C CYS I 199 -67.38 24.89 -47.68
N GLU I 200 -67.65 24.30 -46.51
CA GLU I 200 -68.58 24.84 -45.54
C GLU I 200 -67.85 25.27 -44.29
N VAL I 201 -68.29 26.39 -43.71
CA VAL I 201 -67.66 27.01 -42.57
C VAL I 201 -68.65 26.99 -41.42
N THR I 202 -68.25 26.40 -40.30
CA THR I 202 -68.95 26.53 -39.03
C THR I 202 -68.14 27.48 -38.17
N HIS I 203 -68.78 28.58 -37.76
CA HIS I 203 -68.08 29.68 -37.11
C HIS I 203 -68.73 30.02 -35.78
N GLN I 204 -67.94 30.59 -34.87
CA GLN I 204 -68.49 31.09 -33.63
C GLN I 204 -69.04 32.51 -33.80
N GLY I 205 -68.25 33.39 -34.40
CA GLY I 205 -68.71 34.75 -34.64
C GLY I 205 -69.90 34.80 -35.57
N LEU I 206 -69.92 33.94 -36.59
CA LEU I 206 -71.04 33.85 -37.52
C LEU I 206 -71.85 32.61 -37.14
N SER I 207 -73.08 32.83 -36.67
CA SER I 207 -73.91 31.74 -36.19
C SER I 207 -74.26 30.77 -37.32
N SER I 208 -74.61 31.31 -38.49
CA SER I 208 -75.04 30.47 -39.60
C SER I 208 -73.82 29.90 -40.32
N PRO I 209 -73.67 28.57 -40.38
CA PRO I 209 -72.61 28.01 -41.23
C PRO I 209 -72.85 28.36 -42.70
N VAL I 210 -71.76 28.69 -43.40
CA VAL I 210 -71.86 29.18 -44.77
C VAL I 210 -71.10 28.24 -45.69
N THR I 211 -71.76 27.78 -46.74
CA THR I 211 -71.18 26.85 -47.70
C THR I 211 -70.99 27.57 -49.02
N LYS I 212 -69.76 27.55 -49.53
CA LYS I 212 -69.45 28.11 -50.83
C LYS I 212 -69.18 26.97 -51.80
N SER I 213 -69.98 26.90 -52.86
CA SER I 213 -69.95 25.81 -53.83
C SER I 213 -69.31 26.28 -55.12
N PHE I 214 -68.99 25.32 -55.98
CA PHE I 214 -68.21 25.65 -57.16
C PHE I 214 -68.15 24.41 -58.03
N ASN I 215 -67.84 24.63 -59.31
CA ASN I 215 -67.44 23.52 -60.16
C ASN I 215 -66.73 24.05 -61.40
N ARG I 216 -66.10 23.13 -62.12
CA ARG I 216 -65.39 23.45 -63.34
C ARG I 216 -66.39 23.82 -64.45
N GLY I 217 -65.85 24.13 -65.62
CA GLY I 217 -66.68 24.52 -66.75
C GLY I 217 -66.75 26.01 -66.97
N GLN J 1 -19.81 32.80 -18.03
CA GLN J 1 -20.75 32.45 -19.10
C GLN J 1 -20.45 31.07 -19.65
N VAL J 2 -21.49 30.25 -19.80
CA VAL J 2 -21.39 28.93 -20.40
C VAL J 2 -21.99 29.03 -21.79
N GLN J 3 -21.21 28.63 -22.79
CA GLN J 3 -21.63 28.78 -24.18
C GLN J 3 -21.32 27.51 -24.95
N LEU J 4 -22.20 27.17 -25.90
CA LEU J 4 -21.94 26.10 -26.85
C LEU J 4 -22.07 26.69 -28.25
N VAL J 5 -21.01 26.56 -29.04
CA VAL J 5 -20.97 27.11 -30.38
C VAL J 5 -20.86 25.97 -31.36
N GLN J 6 -21.81 25.87 -32.27
CA GLN J 6 -21.87 24.74 -33.16
C GLN J 6 -21.26 25.10 -34.51
N SER J 7 -21.15 24.10 -35.39
CA SER J 7 -20.56 24.31 -36.69
C SER J 7 -21.49 25.14 -37.57
N GLY J 8 -21.06 25.37 -38.80
CA GLY J 8 -21.91 26.04 -39.76
C GLY J 8 -22.90 25.08 -40.39
N ALA J 9 -23.81 25.66 -41.17
CA ALA J 9 -24.81 24.84 -41.84
C ALA J 9 -24.15 23.92 -42.85
N GLU J 10 -24.66 22.70 -42.95
CA GLU J 10 -24.14 21.70 -43.87
C GLU J 10 -25.19 21.37 -44.92
N VAL J 11 -24.76 21.26 -46.17
CA VAL J 11 -25.61 20.83 -47.27
C VAL J 11 -25.00 19.56 -47.84
N LYS J 12 -25.77 18.48 -47.85
CA LYS J 12 -25.26 17.18 -48.23
C LYS J 12 -26.15 16.54 -49.28
N LYS J 13 -25.80 15.32 -49.66
CA LYS J 13 -26.52 14.50 -50.62
C LYS J 13 -26.90 13.18 -49.96
N PRO J 14 -28.06 12.62 -50.29
CA PRO J 14 -28.48 11.39 -49.62
C PRO J 14 -27.45 10.28 -49.77
N GLY J 15 -27.31 9.50 -48.71
CA GLY J 15 -26.33 8.44 -48.66
C GLY J 15 -24.95 8.87 -48.21
N ALA J 16 -24.72 10.17 -48.03
CA ALA J 16 -23.43 10.65 -47.58
C ALA J 16 -23.41 10.66 -46.05
N SER J 17 -22.33 11.21 -45.48
CA SER J 17 -22.18 11.31 -44.04
C SER J 17 -21.79 12.73 -43.67
N VAL J 18 -22.31 13.21 -42.55
CA VAL J 18 -22.09 14.58 -42.11
C VAL J 18 -21.53 14.54 -40.70
N THR J 19 -20.82 15.60 -40.31
CA THR J 19 -20.21 15.70 -39.00
C THR J 19 -20.49 17.07 -38.41
N VAL J 20 -21.26 17.11 -37.35
CA VAL J 20 -21.59 18.35 -36.66
C VAL J 20 -20.75 18.43 -35.41
N SER J 21 -20.16 19.60 -35.18
CA SER J 21 -19.26 19.78 -34.06
C SER J 21 -19.85 20.81 -33.10
N CYS J 22 -19.54 20.63 -31.82
CA CYS J 22 -20.03 21.48 -30.76
C CYS J 22 -18.84 21.86 -29.91
N GLN J 23 -18.49 23.15 -29.91
CA GLN J 23 -17.36 23.69 -29.17
C GLN J 23 -17.90 24.29 -27.88
N VAL J 24 -17.46 23.79 -26.76
CA VAL J 24 -17.96 24.31 -25.50
C VAL J 24 -17.05 25.45 -25.07
N SER J 25 -17.53 26.29 -24.17
CA SER J 25 -16.74 27.39 -23.67
C SER J 25 -17.30 27.81 -22.32
N GLY J 26 -16.41 28.21 -21.42
CA GLY J 26 -16.83 28.60 -20.09
C GLY J 26 -16.89 27.48 -19.08
N TYR J 27 -16.60 26.25 -19.50
CA TYR J 27 -16.54 25.14 -18.57
C TYR J 27 -15.77 24.01 -19.23
N THR J 28 -15.39 23.02 -18.43
CA THR J 28 -14.62 21.89 -18.92
C THR J 28 -15.57 20.83 -19.46
N LEU J 29 -15.28 20.35 -20.68
CA LEU J 29 -16.21 19.46 -21.35
C LEU J 29 -16.45 18.17 -20.58
N THR J 30 -15.43 17.66 -19.91
CA THR J 30 -15.58 16.40 -19.20
C THR J 30 -16.43 16.51 -17.94
N SER J 31 -16.80 17.72 -17.52
CA SER J 31 -17.64 17.87 -16.35
C SER J 31 -19.10 17.60 -16.62
N TYR J 32 -19.53 17.62 -17.87
CA TYR J 32 -20.92 17.48 -18.23
C TYR J 32 -21.09 16.52 -19.39
N GLY J 33 -22.13 15.71 -19.34
CA GLY J 33 -22.52 14.93 -20.49
C GLY J 33 -23.14 15.82 -21.54
N LEU J 34 -23.24 15.31 -22.76
CA LEU J 34 -23.70 16.15 -23.84
C LEU J 34 -24.75 15.40 -24.63
N SER J 35 -25.98 15.91 -24.65
CA SER J 35 -27.05 15.31 -25.41
C SER J 35 -27.16 15.99 -26.77
N TRP J 36 -27.65 15.24 -27.75
CA TRP J 36 -27.88 15.75 -29.08
C TRP J 36 -29.35 15.60 -29.42
N VAL J 37 -29.98 16.69 -29.84
CA VAL J 37 -31.40 16.75 -30.09
C VAL J 37 -31.64 17.34 -31.47
N ARG J 38 -32.43 16.66 -32.28
CA ARG J 38 -32.76 17.15 -33.61
C ARG J 38 -34.15 17.73 -33.63
N GLN J 39 -34.39 18.57 -34.63
CA GLN J 39 -35.72 19.15 -34.87
C GLN J 39 -35.90 19.28 -36.37
N ALA J 40 -36.71 18.40 -36.95
CA ALA J 40 -37.08 18.58 -38.33
C ALA J 40 -37.87 19.88 -38.45
N PRO J 41 -37.85 20.53 -39.61
CA PRO J 41 -38.38 21.90 -39.67
C PRO J 41 -39.88 21.94 -39.41
N GLY J 42 -40.27 22.44 -38.25
CA GLY J 42 -41.67 22.47 -37.86
C GLY J 42 -42.23 21.15 -37.40
N GLN J 43 -41.40 20.26 -36.84
CA GLN J 43 -41.87 18.95 -36.40
C GLN J 43 -41.55 18.69 -34.93
N GLY J 44 -41.19 19.71 -34.17
CA GLY J 44 -40.91 19.53 -32.77
C GLY J 44 -39.63 18.76 -32.51
N LEU J 45 -39.14 18.89 -31.28
CA LEU J 45 -37.85 18.32 -30.93
C LEU J 45 -37.91 16.80 -30.88
N GLU J 46 -36.79 16.18 -31.21
CA GLU J 46 -36.65 14.73 -31.14
C GLU J 46 -35.28 14.42 -30.58
N TRP J 47 -35.24 13.65 -29.51
CA TRP J 47 -33.98 13.32 -28.85
C TRP J 47 -33.18 12.36 -29.72
N VAL J 48 -31.91 12.68 -29.94
CA VAL J 48 -31.08 11.82 -30.78
C VAL J 48 -30.19 10.93 -29.93
N GLY J 49 -29.40 11.52 -29.05
CA GLY J 49 -28.47 10.69 -28.31
C GLY J 49 -27.81 11.41 -27.17
N TRP J 50 -26.89 10.70 -26.52
CA TRP J 50 -26.21 11.23 -25.34
C TRP J 50 -24.82 10.65 -25.24
N ILE J 51 -23.82 11.52 -25.22
CA ILE J 51 -22.42 11.13 -25.03
C ILE J 51 -22.01 11.48 -23.60
N ASN J 52 -21.47 10.49 -22.92
CA ASN J 52 -20.94 10.69 -21.57
C ASN J 52 -19.46 11.01 -21.72
N THR J 53 -19.14 12.30 -21.76
CA THR J 53 -17.74 12.67 -21.67
C THR J 53 -17.20 12.16 -20.35
N TYR J 54 -15.88 12.01 -20.28
CA TYR J 54 -15.13 11.46 -19.16
C TYR J 54 -15.18 9.93 -19.10
N ASP J 55 -16.05 9.26 -19.85
CA ASP J 55 -15.90 7.82 -20.02
C ASP J 55 -16.31 7.33 -21.38
N GLY J 56 -16.84 8.18 -22.25
CA GLY J 56 -17.09 7.83 -23.61
C GLY J 56 -18.25 6.90 -23.87
N GLN J 57 -19.00 6.50 -22.85
CA GLN J 57 -20.12 5.60 -23.07
C GLN J 57 -21.30 6.38 -23.62
N THR J 58 -21.92 5.83 -24.66
CA THR J 58 -22.93 6.54 -25.44
C THR J 58 -24.29 5.90 -25.20
N LYS J 59 -25.32 6.61 -25.67
CA LYS J 59 -26.67 6.05 -25.66
C LYS J 59 -27.44 6.71 -26.78
N TYR J 60 -27.86 5.94 -27.78
CA TYR J 60 -28.63 6.47 -28.88
C TYR J 60 -30.02 5.87 -28.88
N VAL J 61 -30.91 6.49 -29.64
CA VAL J 61 -32.23 5.93 -29.87
C VAL J 61 -32.11 4.79 -30.86
N LYS J 62 -32.97 3.78 -30.70
CA LYS J 62 -32.95 2.63 -31.60
C LYS J 62 -33.09 3.07 -33.05
N LYS J 63 -33.85 4.14 -33.30
CA LYS J 63 -34.03 4.63 -34.65
C LYS J 63 -32.70 5.06 -35.27
N PHE J 64 -31.73 5.45 -34.45
CA PHE J 64 -30.44 5.93 -34.93
C PHE J 64 -29.29 4.99 -34.66
N GLN J 65 -29.55 3.79 -34.15
CA GLN J 65 -28.46 2.88 -33.79
C GLN J 65 -27.64 2.54 -35.02
N GLY J 66 -26.31 2.61 -34.86
CA GLY J 66 -25.41 2.23 -35.91
C GLY J 66 -25.04 3.34 -36.87
N ARG J 67 -26.00 4.19 -37.23
CA ARG J 67 -25.78 5.23 -38.22
C ARG J 67 -25.45 6.57 -37.58
N VAL J 68 -25.27 6.63 -36.27
CA VAL J 68 -24.89 7.85 -35.57
C VAL J 68 -23.75 7.52 -34.62
N THR J 69 -22.72 8.35 -34.62
CA THR J 69 -21.58 8.15 -33.76
C THR J 69 -21.18 9.45 -33.10
N MET J 70 -21.04 9.44 -31.78
CA MET J 70 -20.67 10.61 -31.02
C MET J 70 -19.31 10.39 -30.37
N THR J 71 -18.41 11.34 -30.56
CA THR J 71 -17.09 11.28 -29.97
C THR J 71 -16.77 12.62 -29.35
N THR J 72 -15.77 12.65 -28.48
CA THR J 72 -15.40 13.86 -27.78
C THR J 72 -13.90 14.07 -27.90
N HIS J 73 -13.51 15.16 -28.54
CA HIS J 73 -12.13 15.59 -28.60
C HIS J 73 -11.91 16.48 -27.39
N THR J 74 -11.29 15.92 -26.36
CA THR J 74 -11.12 16.65 -25.10
C THR J 74 -10.08 17.75 -25.20
N GLY J 75 -9.13 17.63 -26.13
CA GLY J 75 -8.08 18.62 -26.24
C GLY J 75 -8.62 19.99 -26.59
N THR J 76 -9.58 20.04 -27.52
CA THR J 76 -10.15 21.29 -27.95
C THR J 76 -11.50 21.58 -27.31
N ASN J 77 -11.91 20.78 -26.32
CA ASN J 77 -13.24 20.89 -25.74
C ASN J 77 -14.32 20.85 -26.82
N THR J 78 -14.21 19.89 -27.72
CA THR J 78 -15.12 19.78 -28.85
C THR J 78 -15.79 18.41 -28.82
N ALA J 79 -17.00 18.35 -29.32
CA ALA J 79 -17.70 17.09 -29.42
C ALA J 79 -18.32 16.95 -30.80
N TYR J 80 -18.15 15.77 -31.39
CA TYR J 80 -18.55 15.53 -32.77
C TYR J 80 -19.66 14.50 -32.81
N MET J 81 -20.68 14.78 -33.61
CA MET J 81 -21.70 13.80 -33.94
C MET J 81 -21.71 13.62 -35.44
N GLU J 82 -21.39 12.41 -35.90
CA GLU J 82 -21.39 12.10 -37.31
C GLU J 82 -22.55 11.17 -37.62
N MET J 83 -23.23 11.45 -38.72
CA MET J 83 -24.33 10.63 -39.21
C MET J 83 -23.91 10.05 -40.54
N LYS J 84 -23.92 8.73 -40.64
CA LYS J 84 -23.62 8.04 -41.89
C LYS J 84 -24.91 7.53 -42.52
N SER J 85 -24.87 7.34 -43.83
CA SER J 85 -26.03 6.93 -44.61
C SER J 85 -27.18 7.90 -44.38
N LEU J 86 -26.92 9.16 -44.71
CA LEU J 86 -27.94 10.20 -44.59
C LEU J 86 -29.14 9.85 -45.46
N ARG J 87 -30.31 10.25 -45.01
CA ARG J 87 -31.53 10.15 -45.78
C ARG J 87 -32.13 11.53 -45.97
N SER J 88 -33.23 11.57 -46.72
CA SER J 88 -33.93 12.84 -46.89
C SER J 88 -34.62 13.25 -45.60
N ASP J 89 -35.10 12.29 -44.81
CA ASP J 89 -35.83 12.61 -43.60
C ASP J 89 -34.96 13.23 -42.51
N ASP J 90 -33.64 13.20 -42.67
CA ASP J 90 -32.75 13.71 -41.65
C ASP J 90 -32.49 15.20 -41.75
N THR J 91 -33.06 15.88 -42.75
CA THR J 91 -32.92 17.32 -42.81
C THR J 91 -33.53 17.94 -41.57
N ALA J 92 -32.72 18.58 -40.74
CA ALA J 92 -33.21 19.11 -39.47
C ALA J 92 -32.17 20.06 -38.91
N VAL J 93 -32.56 20.75 -37.85
CA VAL J 93 -31.63 21.51 -37.03
C VAL J 93 -31.14 20.58 -35.92
N TYR J 94 -29.84 20.59 -35.67
CA TYR J 94 -29.25 19.76 -34.63
C TYR J 94 -28.70 20.65 -33.52
N TYR J 95 -29.04 20.33 -32.28
CA TYR J 95 -28.59 21.07 -31.12
C TYR J 95 -27.80 20.15 -30.20
N CYS J 96 -26.70 20.66 -29.67
CA CYS J 96 -26.00 20.03 -28.58
C CYS J 96 -26.41 20.71 -27.29
N ALA J 97 -26.81 19.93 -26.30
CA ALA J 97 -27.26 20.46 -25.03
C ALA J 97 -26.47 19.83 -23.90
N ARG J 98 -26.29 20.59 -22.83
CA ARG J 98 -25.43 20.20 -21.73
C ARG J 98 -26.25 19.53 -20.64
N VAL J 99 -25.83 18.35 -20.21
CA VAL J 99 -26.53 17.60 -19.18
C VAL J 99 -25.55 17.31 -18.05
N GLU J 100 -26.07 17.18 -16.83
CA GLU J 100 -25.22 17.27 -15.67
C GLU J 100 -24.47 15.99 -15.32
N GLY J 101 -25.14 14.84 -15.30
CA GLY J 101 -24.56 13.66 -14.68
C GLY J 101 -23.66 12.88 -15.61
N VAL J 102 -22.39 12.72 -15.22
CA VAL J 102 -21.47 11.85 -15.95
C VAL J 102 -20.95 10.70 -15.12
N ARG J 103 -20.89 10.82 -13.80
CA ARG J 103 -20.23 9.84 -12.97
C ARG J 103 -21.27 9.26 -12.01
N GLY J 104 -21.41 7.94 -12.03
CA GLY J 104 -22.40 7.28 -11.20
C GLY J 104 -23.71 7.01 -11.90
N VAL J 105 -24.23 7.98 -12.64
CA VAL J 105 -25.53 7.84 -13.28
C VAL J 105 -25.45 8.35 -14.71
N MET J 106 -26.41 7.89 -15.52
CA MET J 106 -26.61 8.46 -16.83
C MET J 106 -27.39 9.76 -16.67
N GLY J 107 -26.81 10.86 -17.14
CA GLY J 107 -27.30 12.17 -16.74
C GLY J 107 -28.75 12.42 -17.16
N PHE J 108 -29.09 12.07 -18.39
CA PHE J 108 -30.40 12.46 -18.91
C PHE J 108 -31.55 11.78 -18.17
N HIS J 109 -31.29 10.75 -17.38
CA HIS J 109 -32.35 10.16 -16.58
C HIS J 109 -32.89 11.13 -15.56
N TYR J 110 -32.03 11.96 -14.98
CA TYR J 110 -32.41 12.79 -13.85
C TYR J 110 -32.16 14.28 -14.02
N TYR J 111 -31.52 14.71 -15.09
CA TYR J 111 -31.15 16.11 -15.18
C TYR J 111 -31.62 16.71 -16.49
N PRO J 112 -31.86 18.01 -16.51
CA PRO J 112 -32.35 18.66 -17.74
C PRO J 112 -31.21 19.08 -18.64
N MET J 113 -31.55 19.71 -19.77
CA MET J 113 -30.57 20.21 -20.72
C MET J 113 -30.53 21.73 -20.57
N ASP J 114 -29.72 22.20 -19.62
CA ASP J 114 -29.79 23.59 -19.21
C ASP J 114 -29.22 24.56 -20.24
N VAL J 115 -28.22 24.15 -21.02
CA VAL J 115 -27.57 25.05 -21.96
C VAL J 115 -27.61 24.42 -23.33
N TRP J 116 -28.02 25.19 -24.33
CA TRP J 116 -28.18 24.69 -25.69
C TRP J 116 -27.32 25.49 -26.66
N GLY J 117 -26.85 24.82 -27.69
CA GLY J 117 -26.16 25.49 -28.77
C GLY J 117 -27.14 26.07 -29.76
N GLN J 118 -26.62 26.88 -30.68
CA GLN J 118 -27.50 27.49 -31.68
C GLN J 118 -27.99 26.49 -32.73
N GLY J 119 -27.39 25.32 -32.82
CA GLY J 119 -27.88 24.31 -33.74
C GLY J 119 -27.46 24.56 -35.18
N THR J 120 -27.19 23.48 -35.91
CA THR J 120 -26.79 23.56 -37.30
C THR J 120 -27.87 22.96 -38.17
N MET J 121 -28.13 23.59 -39.31
CA MET J 121 -29.19 23.16 -40.22
C MET J 121 -28.58 22.19 -41.22
N VAL J 122 -28.70 20.91 -40.95
CA VAL J 122 -28.21 19.88 -41.87
C VAL J 122 -29.37 19.54 -42.80
N THR J 123 -29.21 19.89 -44.07
CA THR J 123 -30.25 19.68 -45.07
C THR J 123 -29.77 18.64 -46.08
N VAL J 124 -30.39 17.47 -46.08
CA VAL J 124 -30.07 16.46 -47.07
C VAL J 124 -31.28 16.23 -47.94
N SER J 125 -31.41 17.04 -48.99
CA SER J 125 -32.48 16.93 -49.97
C SER J 125 -32.30 18.07 -50.97
N SER J 126 -33.15 18.06 -51.99
CA SER J 126 -33.33 19.21 -52.87
C SER J 126 -34.60 18.99 -53.68
N LYS J 127 -35.48 19.99 -53.71
CA LYS J 127 -36.72 19.83 -54.44
C LYS J 127 -37.25 21.20 -54.84
N GLY J 128 -37.62 21.33 -56.10
CA GLY J 128 -38.14 22.57 -56.62
C GLY J 128 -39.57 22.80 -56.22
N PRO J 129 -39.87 24.00 -55.75
CA PRO J 129 -41.24 24.35 -55.37
C PRO J 129 -42.10 24.61 -56.59
N SER J 130 -42.98 23.66 -56.92
CA SER J 130 -43.88 23.83 -58.04
C SER J 130 -44.91 24.90 -57.70
N VAL J 131 -45.19 25.77 -58.67
CA VAL J 131 -46.05 26.94 -58.45
C VAL J 131 -47.31 26.78 -59.29
N PHE J 132 -48.47 26.98 -58.68
CA PHE J 132 -49.74 26.94 -59.36
C PHE J 132 -50.53 28.20 -59.07
N PRO J 133 -51.34 28.65 -60.02
CA PRO J 133 -52.17 29.84 -59.79
C PRO J 133 -53.47 29.48 -59.06
N LEU J 134 -54.12 30.53 -58.53
CA LEU J 134 -55.37 30.36 -57.81
C LEU J 134 -56.24 31.57 -58.16
N ALA J 135 -57.18 31.37 -59.08
CA ALA J 135 -58.06 32.42 -59.57
C ALA J 135 -59.50 31.94 -59.52
N PRO J 136 -60.46 32.86 -59.34
CA PRO J 136 -61.87 32.49 -59.30
C PRO J 136 -62.52 32.43 -60.68
N ALA J 146 -62.44 40.66 -55.28
CA ALA J 146 -62.23 39.25 -54.96
C ALA J 146 -60.80 39.04 -54.44
N ALA J 147 -60.22 37.88 -54.76
CA ALA J 147 -58.87 37.57 -54.32
C ALA J 147 -58.22 36.63 -55.33
N LEU J 148 -56.89 36.56 -55.26
CA LEU J 148 -56.14 35.65 -56.11
C LEU J 148 -54.84 35.29 -55.42
N GLY J 149 -54.34 34.08 -55.69
CA GLY J 149 -53.20 33.62 -54.94
C GLY J 149 -52.31 32.68 -55.72
N CYS J 150 -51.20 32.33 -55.10
CA CYS J 150 -50.24 31.36 -55.63
C CYS J 150 -50.08 30.22 -54.64
N LEU J 151 -50.22 28.99 -55.13
CA LEU J 151 -50.03 27.80 -54.32
C LEU J 151 -48.66 27.20 -54.65
N VAL J 152 -47.78 27.16 -53.65
CA VAL J 152 -46.47 26.54 -53.76
C VAL J 152 -46.58 25.14 -53.19
N LYS J 153 -46.04 24.16 -53.90
CA LYS J 153 -46.25 22.76 -53.58
C LYS J 153 -44.96 21.99 -53.74
N ASP J 154 -44.78 20.96 -52.92
CA ASP J 154 -43.79 19.91 -53.16
C ASP J 154 -42.39 20.48 -53.23
N TYR J 155 -41.92 20.98 -52.09
CA TYR J 155 -40.54 21.38 -51.89
C TYR J 155 -40.10 20.94 -50.51
N PHE J 156 -38.93 20.32 -50.41
CA PHE J 156 -38.57 19.71 -49.13
C PHE J 156 -38.11 20.71 -48.07
N PRO J 157 -37.04 21.48 -48.28
CA PRO J 157 -36.57 22.35 -47.21
C PRO J 157 -37.52 23.52 -47.01
N GLU J 158 -37.78 23.84 -45.74
CA GLU J 158 -38.84 24.81 -45.43
C GLU J 158 -38.56 26.22 -45.93
N PRO J 159 -37.38 26.83 -45.73
CA PRO J 159 -37.26 28.27 -45.98
C PRO J 159 -37.54 28.63 -47.42
N VAL J 160 -38.69 29.28 -47.64
CA VAL J 160 -39.16 29.69 -48.95
C VAL J 160 -39.92 30.99 -48.77
N THR J 161 -39.59 31.99 -49.57
CA THR J 161 -40.27 33.28 -49.48
C THR J 161 -41.09 33.53 -50.73
N VAL J 162 -42.23 34.18 -50.56
CA VAL J 162 -43.09 34.55 -51.67
C VAL J 162 -43.39 36.04 -51.57
N SER J 163 -43.15 36.76 -52.65
CA SER J 163 -43.49 38.16 -52.76
C SER J 163 -44.31 38.37 -54.02
N TRP J 164 -44.75 39.61 -54.25
CA TRP J 164 -45.51 39.97 -55.44
C TRP J 164 -44.85 41.17 -56.09
N ASN J 165 -44.05 40.90 -57.13
CA ASN J 165 -43.31 41.91 -57.88
C ASN J 165 -42.26 42.57 -56.99
N SER J 166 -42.13 42.06 -55.77
CA SER J 166 -41.11 42.42 -54.80
C SER J 166 -41.31 43.82 -54.24
N GLY J 167 -42.21 44.59 -54.86
CA GLY J 167 -42.52 45.91 -54.34
C GLY J 167 -43.97 46.30 -54.55
N ALA J 168 -44.75 45.41 -55.15
CA ALA J 168 -46.11 45.76 -55.53
C ALA J 168 -47.07 45.58 -54.36
N LEU J 169 -47.16 44.36 -53.85
CA LEU J 169 -48.13 44.02 -52.82
C LEU J 169 -47.40 43.71 -51.51
N THR J 170 -47.76 44.46 -50.47
CA THR J 170 -47.28 44.19 -49.12
C THR J 170 -48.49 44.13 -48.19
N SER J 171 -49.56 44.82 -48.59
CA SER J 171 -50.81 44.85 -47.85
C SER J 171 -51.84 43.97 -48.55
N GLY J 172 -52.59 43.22 -47.76
CA GLY J 172 -53.55 42.27 -48.29
C GLY J 172 -52.98 40.92 -48.63
N VAL J 173 -51.66 40.77 -48.61
CA VAL J 173 -51.01 39.49 -48.85
C VAL J 173 -50.92 38.74 -47.53
N HIS J 174 -51.14 37.44 -47.58
CA HIS J 174 -51.03 36.57 -46.41
C HIS J 174 -50.16 35.38 -46.77
N THR J 175 -49.16 35.13 -45.95
CA THR J 175 -48.23 34.02 -46.16
C THR J 175 -48.55 32.93 -45.14
N PHE J 176 -49.35 31.96 -45.55
CA PHE J 176 -49.67 30.84 -44.69
C PHE J 176 -48.42 29.99 -44.50
N PRO J 177 -48.04 29.68 -43.26
CA PRO J 177 -46.87 28.81 -43.05
C PRO J 177 -47.07 27.46 -43.71
N ALA J 178 -45.95 26.88 -44.15
CA ALA J 178 -45.99 25.64 -44.90
C ALA J 178 -46.61 24.52 -44.06
N VAL J 179 -47.12 23.52 -44.76
CA VAL J 179 -47.76 22.37 -44.13
C VAL J 179 -47.13 21.10 -44.68
N LEU J 180 -47.15 20.05 -43.88
CA LEU J 180 -46.55 18.79 -44.27
C LEU J 180 -47.42 18.07 -45.28
N GLN J 181 -46.97 16.88 -45.66
CA GLN J 181 -47.65 16.02 -46.60
C GLN J 181 -47.11 14.61 -46.39
N SER J 182 -47.97 13.62 -46.65
CA SER J 182 -47.55 12.23 -46.44
C SER J 182 -46.31 11.88 -47.24
N SER J 183 -46.06 12.59 -48.35
CA SER J 183 -44.84 12.40 -49.11
C SER J 183 -43.62 13.03 -48.47
N GLY J 184 -43.81 13.80 -47.39
CA GLY J 184 -42.72 14.49 -46.75
C GLY J 184 -42.32 15.80 -47.38
N LEU J 185 -43.18 16.38 -48.20
CA LEU J 185 -42.87 17.62 -48.90
C LEU J 185 -43.77 18.74 -48.40
N TYR J 186 -43.20 19.94 -48.32
CA TYR J 186 -43.91 21.10 -47.81
C TYR J 186 -44.68 21.79 -48.91
N SER J 187 -45.70 22.55 -48.50
CA SER J 187 -46.51 23.32 -49.43
C SER J 187 -47.21 24.42 -48.65
N LEU J 188 -47.36 25.58 -49.29
CA LEU J 188 -48.05 26.69 -48.68
C LEU J 188 -48.79 27.46 -49.78
N SER J 189 -49.45 28.54 -49.38
CA SER J 189 -50.15 29.39 -50.33
C SER J 189 -50.02 30.84 -49.87
N SER J 190 -50.11 31.74 -50.84
CA SER J 190 -50.11 33.17 -50.56
C SER J 190 -51.16 33.82 -51.44
N VAL J 191 -52.23 34.29 -50.82
CA VAL J 191 -53.36 34.86 -51.52
C VAL J 191 -53.52 36.30 -51.08
N VAL J 192 -53.85 37.18 -52.03
CA VAL J 192 -54.05 38.59 -51.76
C VAL J 192 -55.41 39.01 -52.30
N THR J 193 -56.10 39.84 -51.53
CA THR J 193 -57.33 40.45 -52.01
C THR J 193 -57.02 41.45 -53.10
N VAL J 194 -57.93 41.55 -54.06
CA VAL J 194 -57.82 42.52 -55.14
C VAL J 194 -59.18 43.18 -55.32
N PRO J 195 -59.24 44.47 -55.65
CA PRO J 195 -60.54 45.07 -55.99
C PRO J 195 -61.18 44.36 -57.16
N SER J 196 -62.51 44.25 -57.11
CA SER J 196 -63.24 43.53 -58.14
C SER J 196 -63.02 44.14 -59.52
N SER J 197 -62.78 45.45 -59.58
CA SER J 197 -62.48 46.07 -60.86
C SER J 197 -61.12 45.65 -61.39
N SER J 198 -60.13 45.54 -60.51
CA SER J 198 -58.75 45.30 -60.92
C SER J 198 -58.48 43.86 -61.35
N LEU J 199 -59.34 42.91 -60.96
CA LEU J 199 -59.05 41.51 -61.26
C LEU J 199 -59.08 41.22 -62.75
N GLY J 200 -60.03 41.80 -63.48
CA GLY J 200 -60.16 41.53 -64.90
C GLY J 200 -59.32 42.42 -65.77
N THR J 201 -58.98 43.61 -65.26
CA THR J 201 -58.16 44.54 -66.03
C THR J 201 -56.72 44.08 -66.11
N GLN J 202 -56.15 43.65 -64.98
CA GLN J 202 -54.75 43.29 -64.92
C GLN J 202 -54.56 42.18 -63.91
N THR J 203 -53.41 41.52 -64.00
CA THR J 203 -53.04 40.46 -63.07
C THR J 203 -51.63 40.71 -62.54
N TYR J 204 -51.35 40.11 -61.38
CA TYR J 204 -50.07 40.25 -60.71
C TYR J 204 -49.24 38.99 -60.90
N ILE J 205 -47.94 39.12 -60.63
CA ILE J 205 -47.00 38.01 -60.74
C ILE J 205 -46.35 37.81 -59.38
N CYS J 206 -46.35 36.56 -58.90
CA CYS J 206 -45.79 36.22 -57.61
C CYS J 206 -44.42 35.58 -57.81
N ASN J 207 -43.47 35.97 -56.98
CA ASN J 207 -42.10 35.46 -57.01
C ASN J 207 -41.89 34.54 -55.83
N VAL J 208 -41.46 33.31 -56.12
CA VAL J 208 -41.19 32.29 -55.12
C VAL J 208 -39.69 32.01 -55.14
N ASN J 209 -39.03 32.21 -54.01
CA ASN J 209 -37.61 31.97 -53.87
C ASN J 209 -37.37 30.87 -52.85
N HIS J 210 -36.49 29.94 -53.21
CA HIS J 210 -36.21 28.74 -52.43
C HIS J 210 -34.69 28.55 -52.43
N LYS J 211 -34.02 29.09 -51.40
CA LYS J 211 -32.57 29.08 -51.37
C LYS J 211 -31.99 27.66 -51.33
N PRO J 212 -32.43 26.75 -50.47
CA PRO J 212 -31.82 25.40 -50.46
C PRO J 212 -31.92 24.71 -51.81
N SER J 213 -33.02 24.89 -52.53
CA SER J 213 -33.12 24.37 -53.88
C SER J 213 -32.59 25.35 -54.92
N ASN J 214 -32.24 26.57 -54.51
CA ASN J 214 -31.71 27.58 -55.41
C ASN J 214 -32.65 27.84 -56.58
N THR J 215 -33.94 27.99 -56.28
CA THR J 215 -34.97 28.12 -57.31
C THR J 215 -35.71 29.43 -57.14
N LYS J 216 -35.79 30.21 -58.22
CA LYS J 216 -36.47 31.50 -58.20
C LYS J 216 -37.46 31.51 -59.36
N VAL J 217 -38.73 31.25 -59.05
CA VAL J 217 -39.77 31.07 -60.06
C VAL J 217 -40.83 32.13 -59.86
N ASP J 218 -41.12 32.89 -60.90
CA ASP J 218 -42.20 33.87 -60.88
C ASP J 218 -43.34 33.37 -61.76
N LYS J 219 -44.57 33.57 -61.29
CA LYS J 219 -45.75 33.17 -62.05
C LYS J 219 -46.84 34.20 -61.87
N LYS J 220 -47.66 34.36 -62.89
CA LYS J 220 -48.75 35.33 -62.87
C LYS J 220 -50.03 34.69 -62.39
N VAL J 221 -50.92 35.52 -61.84
CA VAL J 221 -52.20 35.12 -61.24
C VAL J 221 -52.12 33.78 -60.52
N SER K 2 -8.80 -11.69 45.76
CA SER K 2 -7.55 -11.65 46.51
C SER K 2 -7.73 -10.93 47.85
N VAL K 3 -7.12 -11.46 48.89
CA VAL K 3 -7.15 -10.85 50.22
C VAL K 3 -5.75 -10.86 50.77
N LEU K 4 -5.33 -9.75 51.37
CA LEU K 4 -3.99 -9.59 51.89
C LEU K 4 -4.03 -9.59 53.42
N THR K 5 -2.98 -10.12 54.02
CA THR K 5 -2.87 -10.23 55.47
C THR K 5 -1.53 -9.67 55.90
N GLN K 6 -1.43 -9.26 57.18
CA GLN K 6 -0.25 -8.50 57.57
C GLN K 6 -0.14 -8.43 59.09
N PRO K 7 1.05 -8.61 59.66
CA PRO K 7 1.20 -8.50 61.12
C PRO K 7 1.33 -7.05 61.55
N PRO K 8 0.42 -6.56 62.39
CA PRO K 8 0.30 -5.13 62.64
C PRO K 8 1.08 -4.62 63.84
N SER K 9 1.44 -3.34 63.75
CA SER K 9 1.88 -2.53 64.90
C SER K 9 3.08 -3.17 65.61
N VAL K 10 4.19 -3.24 64.89
CA VAL K 10 5.43 -3.74 65.47
C VAL K 10 6.16 -2.58 66.14
N SER K 11 6.56 -2.77 67.39
CA SER K 11 7.26 -1.75 68.16
C SER K 11 8.73 -2.10 68.20
N GLY K 12 9.56 -1.27 67.57
CA GLY K 12 10.98 -1.51 67.51
C GLY K 12 11.76 -0.30 67.99
N ALA K 13 12.99 -0.57 68.39
CA ALA K 13 13.95 0.44 68.77
C ALA K 13 14.81 0.81 67.57
N PRO K 14 15.40 2.00 67.55
CA PRO K 14 16.30 2.36 66.45
C PRO K 14 17.49 1.43 66.39
N GLY K 15 17.90 1.10 65.16
CA GLY K 15 19.07 0.28 64.93
C GLY K 15 18.82 -1.20 64.77
N GLN K 16 17.59 -1.66 64.99
CA GLN K 16 17.28 -3.08 64.94
C GLN K 16 16.82 -3.49 63.55
N ARG K 17 16.33 -4.72 63.44
CA ARG K 17 15.76 -5.26 62.22
C ARG K 17 14.29 -5.56 62.45
N VAL K 18 13.46 -5.19 61.48
CA VAL K 18 12.01 -5.37 61.57
C VAL K 18 11.55 -6.12 60.33
N THR K 19 10.75 -7.16 60.55
CA THR K 19 10.23 -7.99 59.47
C THR K 19 8.71 -7.88 59.45
N ILE K 20 8.15 -7.56 58.29
CA ILE K 20 6.72 -7.44 58.09
C ILE K 20 6.30 -8.46 57.04
N SER K 21 5.13 -9.05 57.23
CA SER K 21 4.68 -10.14 56.37
C SER K 21 3.42 -9.75 55.60
N CYS K 22 3.22 -10.42 54.47
CA CYS K 22 2.01 -10.28 53.68
C CYS K 22 1.78 -11.61 52.99
N THR K 23 0.52 -12.06 52.94
CA THR K 23 0.21 -13.36 52.35
C THR K 23 -0.80 -13.16 51.23
N GLY K 24 -0.29 -12.88 50.03
CA GLY K 24 -1.15 -12.78 48.87
C GLY K 24 -1.81 -14.10 48.56
N SER K 25 -3.12 -14.07 48.33
CA SER K 25 -3.85 -15.30 48.00
C SER K 25 -3.81 -15.63 46.52
N SER K 26 -3.22 -14.78 45.69
CA SER K 26 -3.16 -15.03 44.26
C SER K 26 -1.73 -15.32 43.82
N ALA K 34 1.83 -9.27 41.65
CA ALA K 34 3.05 -8.58 42.01
C ALA K 34 2.83 -7.69 43.22
N VAL K 35 3.40 -8.08 44.36
CA VAL K 35 3.19 -7.36 45.61
C VAL K 35 4.24 -6.28 45.74
N HIS K 36 3.81 -5.07 46.08
CA HIS K 36 4.69 -3.94 46.24
C HIS K 36 4.47 -3.32 47.60
N TRP K 37 5.55 -2.89 48.24
CA TRP K 37 5.51 -2.36 49.60
C TRP K 37 5.71 -0.86 49.57
N TYR K 38 4.77 -0.15 50.19
CA TYR K 38 4.74 1.30 50.28
C TYR K 38 4.85 1.74 51.74
N GLN K 39 5.47 2.91 51.94
CA GLN K 39 5.60 3.51 53.26
C GLN K 39 4.90 4.85 53.29
N GLN K 40 4.03 5.05 54.26
CA GLN K 40 3.38 6.33 54.50
C GLN K 40 3.94 6.91 55.78
N LEU K 41 4.76 7.95 55.66
CA LEU K 41 5.17 8.72 56.81
C LEU K 41 3.98 9.50 57.36
N PRO K 42 4.01 9.86 58.64
CA PRO K 42 2.87 10.58 59.21
C PRO K 42 2.67 11.92 58.51
N GLY K 43 1.45 12.13 58.03
CA GLY K 43 1.12 13.36 57.31
C GLY K 43 1.90 13.57 56.04
N THR K 44 2.06 12.52 55.23
CA THR K 44 2.80 12.63 53.99
C THR K 44 2.26 11.58 53.03
N ALA K 45 2.36 11.88 51.73
CA ALA K 45 1.89 10.95 50.72
C ALA K 45 2.71 9.67 50.76
N PRO K 46 2.10 8.53 50.49
CA PRO K 46 2.84 7.27 50.52
C PRO K 46 3.97 7.28 49.51
N LYS K 47 4.93 6.39 49.73
CA LYS K 47 6.13 6.30 48.92
C LYS K 47 6.34 4.85 48.54
N LEU K 48 6.90 4.61 47.36
CA LEU K 48 7.14 3.24 46.91
C LEU K 48 8.46 2.75 47.49
N LEU K 49 8.42 1.61 48.19
CA LEU K 49 9.61 1.09 48.85
C LEU K 49 10.20 -0.11 48.15
N ILE K 50 9.40 -1.09 47.73
CA ILE K 50 9.91 -2.17 46.89
C ILE K 50 8.83 -2.62 45.93
N SER K 51 9.25 -2.96 44.71
CA SER K 51 8.36 -3.41 43.65
C SER K 51 8.77 -4.81 43.20
N GLY K 52 7.78 -5.58 42.76
CA GLY K 52 8.06 -6.95 42.34
C GLY K 52 8.46 -7.87 43.46
N ASN K 53 8.21 -7.47 44.70
CA ASN K 53 8.51 -8.22 45.93
C ASN K 53 10.00 -8.26 46.26
N SER K 54 10.85 -7.89 45.32
CA SER K 54 12.27 -7.90 45.62
C SER K 54 12.98 -6.63 45.21
N ASN K 55 12.61 -6.03 44.09
CA ASN K 55 13.32 -4.89 43.56
C ASN K 55 13.11 -3.67 44.43
N ARG K 56 14.15 -2.85 44.55
CA ARG K 56 14.00 -1.58 45.23
C ARG K 56 14.10 -0.43 44.24
N PRO K 57 13.24 0.57 44.35
CA PRO K 57 13.26 1.71 43.42
C PRO K 57 14.39 2.68 43.76
N SER K 58 14.50 3.71 42.94
CA SER K 58 15.54 4.70 43.14
C SER K 58 15.27 5.51 44.41
N GLY K 59 16.32 5.73 45.18
CA GLY K 59 16.26 6.60 46.33
C GLY K 59 16.08 5.91 47.66
N VAL K 60 15.85 4.59 47.67
CA VAL K 60 15.65 3.90 48.94
C VAL K 60 16.97 3.31 49.41
N PRO K 61 17.22 3.29 50.71
CA PRO K 61 18.47 2.71 51.21
C PRO K 61 18.49 1.20 51.06
N ASP K 62 19.71 0.65 51.02
CA ASP K 62 19.88 -0.78 50.85
C ASP K 62 19.38 -1.58 52.04
N ARG K 63 19.16 -0.96 53.19
CA ARG K 63 18.71 -1.72 54.35
C ARG K 63 17.32 -2.30 54.13
N PHE K 64 16.54 -1.69 53.25
CA PHE K 64 15.27 -2.29 52.86
C PHE K 64 15.52 -3.50 51.98
N SER K 65 14.79 -4.58 52.24
CA SER K 65 14.91 -5.75 51.40
C SER K 65 13.60 -6.50 51.41
N GLY K 66 13.39 -7.30 50.37
CA GLY K 66 12.20 -8.11 50.26
C GLY K 66 12.56 -9.54 49.96
N SER K 67 11.63 -10.44 50.29
CA SER K 67 11.84 -11.85 50.01
C SER K 67 10.48 -12.51 49.82
N LYS K 68 10.31 -13.19 48.69
CA LYS K 68 9.11 -13.95 48.42
C LYS K 68 9.42 -15.42 48.58
N SER K 69 8.58 -16.12 49.33
CA SER K 69 8.68 -17.57 49.46
C SER K 69 7.28 -18.14 49.26
N GLY K 70 7.05 -18.74 48.11
CA GLY K 70 5.74 -19.30 47.81
C GLY K 70 4.68 -18.23 47.68
N THR K 71 3.74 -18.21 48.62
CA THR K 71 2.65 -17.25 48.61
C THR K 71 2.70 -16.29 49.79
N SER K 72 3.87 -16.09 50.37
CA SER K 72 4.04 -15.16 51.48
C SER K 72 5.29 -14.33 51.25
N ALA K 73 5.11 -13.02 51.10
CA ALA K 73 6.22 -12.11 50.93
C ALA K 73 6.51 -11.39 52.24
N SER K 74 7.77 -11.03 52.43
CA SER K 74 8.19 -10.37 53.66
C SER K 74 9.15 -9.24 53.33
N LEU K 75 9.07 -8.18 54.13
CA LEU K 75 9.90 -7.00 53.98
C LEU K 75 10.72 -6.82 55.24
N ALA K 76 12.03 -6.69 55.08
CA ALA K 76 12.96 -6.60 56.18
C ALA K 76 13.68 -5.25 56.14
N ILE K 77 13.75 -4.60 57.30
CA ILE K 77 14.47 -3.35 57.47
C ILE K 77 15.55 -3.56 58.50
N THR K 78 16.79 -3.21 58.15
CA THR K 78 17.94 -3.47 59.01
C THR K 78 18.55 -2.16 59.46
N GLY K 79 18.87 -2.07 60.75
CA GLY K 79 19.50 -0.87 61.28
C GLY K 79 18.65 0.35 61.03
N LEU K 80 17.35 0.22 61.31
CA LEU K 80 16.41 1.26 60.93
C LEU K 80 16.73 2.57 61.65
N GLN K 81 16.57 3.67 60.93
CA GLN K 81 16.84 4.99 61.46
C GLN K 81 15.53 5.64 61.87
N ALA K 82 15.60 6.94 62.20
CA ALA K 82 14.40 7.64 62.67
C ALA K 82 13.35 7.75 61.57
N GLU K 83 13.78 8.00 60.33
CA GLU K 83 12.84 8.23 59.24
C GLU K 83 12.09 6.98 58.80
N ASP K 84 12.56 5.80 59.18
CA ASP K 84 11.89 4.58 58.77
C ASP K 84 10.62 4.32 59.56
N GLU K 85 10.47 4.93 60.73
CA GLU K 85 9.25 4.76 61.52
C GLU K 85 8.08 5.41 60.80
N ALA K 86 7.17 4.59 60.29
CA ALA K 86 6.01 5.05 59.55
C ALA K 86 5.04 3.88 59.44
N ASP K 87 3.99 4.03 58.62
CA ASP K 87 3.08 2.94 58.35
C ASP K 87 3.48 2.27 57.04
N TYR K 88 3.19 0.98 56.91
CA TYR K 88 3.62 0.20 55.75
C TYR K 88 2.47 -0.62 55.20
N TYR K 89 2.35 -0.65 53.87
CA TYR K 89 1.28 -1.36 53.19
C TYR K 89 1.84 -2.27 52.11
N CYS K 90 1.22 -3.43 51.92
CA CYS K 90 1.51 -4.31 50.81
C CYS K 90 0.34 -4.28 49.84
N GLN K 91 0.64 -4.16 48.56
CA GLN K 91 -0.38 -3.99 47.53
C GLN K 91 -0.19 -5.03 46.43
N SER K 92 -1.31 -5.48 45.86
CA SER K 92 -1.26 -6.52 44.84
C SER K 92 -2.07 -6.14 43.61
N SER K 100 -7.68 -4.01 42.25
CA SER K 100 -6.51 -4.34 43.05
C SER K 100 -6.72 -3.90 44.49
N VAL K 101 -6.03 -4.55 45.42
CA VAL K 101 -6.35 -4.43 46.83
C VAL K 101 -5.09 -4.11 47.63
N PHE K 102 -5.27 -3.47 48.77
CA PHE K 102 -4.19 -3.05 49.65
C PHE K 102 -4.13 -3.93 50.89
N GLY K 103 -3.12 -3.69 51.70
CA GLY K 103 -2.95 -4.43 52.93
C GLY K 103 -3.64 -3.77 54.10
N GLY K 104 -3.69 -4.50 55.21
CA GLY K 104 -4.26 -3.95 56.42
C GLY K 104 -3.45 -2.80 56.98
N GLY K 105 -2.15 -2.86 56.83
CA GLY K 105 -1.26 -1.83 57.34
C GLY K 105 -0.47 -2.34 58.54
N THR K 106 0.66 -1.67 58.80
CA THR K 106 1.53 -2.07 59.90
C THR K 106 2.31 -0.85 60.36
N LYS K 107 2.06 -0.40 61.58
CA LYS K 107 2.73 0.76 62.11
C LYS K 107 4.09 0.39 62.67
N LEU K 108 5.09 1.21 62.35
CA LEU K 108 6.43 1.04 62.90
C LEU K 108 6.71 2.22 63.81
N THR K 109 6.54 2.02 65.11
CA THR K 109 6.84 3.05 66.08
C THR K 109 8.30 2.97 66.48
N VAL K 110 8.75 3.95 67.24
CA VAL K 110 10.10 3.98 67.79
C VAL K 110 10.01 3.62 69.27
N LEU K 111 11.02 2.94 69.78
CA LEU K 111 11.02 2.46 71.16
C LEU K 111 12.27 2.96 71.87
N GLY K 112 12.09 3.53 73.06
CA GLY K 112 13.19 3.88 73.94
C GLY K 112 13.14 3.01 75.18
N ARG K 113 14.32 2.68 75.71
CA ARG K 113 14.43 1.74 76.82
C ARG K 113 14.34 2.50 78.15
N THR K 114 13.23 2.32 78.86
CA THR K 114 13.04 2.98 80.15
C THR K 114 12.01 2.19 80.95
N VAL K 115 12.47 1.46 81.98
CA VAL K 115 11.58 0.62 82.76
C VAL K 115 10.73 1.47 83.70
N ALA K 116 9.44 1.15 83.78
CA ALA K 116 8.52 1.86 84.66
C ALA K 116 7.35 0.94 85.00
N ALA K 117 6.38 1.50 85.72
CA ALA K 117 5.20 0.75 86.14
C ALA K 117 3.95 1.56 85.87
N PRO K 118 2.86 0.91 85.48
CA PRO K 118 1.62 1.65 85.18
C PRO K 118 1.01 2.27 86.42
N SER K 119 0.34 3.39 86.23
CA SER K 119 -0.44 4.05 87.27
C SER K 119 -1.88 4.13 86.79
N VAL K 120 -2.80 3.51 87.52
CA VAL K 120 -4.17 3.31 87.05
C VAL K 120 -5.08 4.36 87.67
N PHE K 121 -5.94 4.94 86.83
CA PHE K 121 -6.97 5.88 87.26
C PHE K 121 -8.29 5.48 86.62
N ILE K 122 -9.37 5.64 87.37
CA ILE K 122 -10.72 5.36 86.88
C ILE K 122 -11.55 6.62 87.01
N PHE K 123 -12.20 7.02 85.92
CA PHE K 123 -13.04 8.21 85.91
C PHE K 123 -14.48 7.81 85.66
N PRO K 124 -15.39 8.10 86.59
CA PRO K 124 -16.79 7.77 86.36
C PRO K 124 -17.33 8.54 85.16
N PRO K 125 -18.26 7.96 84.42
CA PRO K 125 -18.86 8.69 83.30
C PRO K 125 -19.63 9.91 83.79
N SER K 126 -19.65 10.95 82.96
CA SER K 126 -20.40 12.14 83.31
C SER K 126 -21.88 11.92 83.02
N ASP K 127 -22.70 12.86 83.51
CA ASP K 127 -24.14 12.69 83.44
C ASP K 127 -24.67 12.85 82.03
N GLU K 128 -24.03 13.67 81.20
CA GLU K 128 -24.58 13.98 79.90
C GLU K 128 -24.65 12.75 79.01
N GLN K 129 -23.58 11.96 78.98
CA GLN K 129 -23.59 10.75 78.15
C GLN K 129 -24.55 9.69 78.67
N LEU K 130 -24.90 9.74 79.95
CA LEU K 130 -25.96 8.89 80.47
C LEU K 130 -27.30 9.24 79.83
N LYS K 131 -27.56 10.54 79.65
CA LYS K 131 -28.75 10.98 78.94
C LYS K 131 -28.60 10.87 77.43
N SER K 132 -27.37 10.72 76.93
CA SER K 132 -27.16 10.50 75.51
C SER K 132 -27.55 9.09 75.08
N GLY K 133 -27.83 8.20 76.03
CA GLY K 133 -28.06 6.80 75.72
C GLY K 133 -26.79 6.02 75.48
N THR K 134 -25.63 6.64 75.66
CA THR K 134 -24.33 6.05 75.35
C THR K 134 -23.42 6.36 76.55
N ALA K 135 -23.40 5.45 77.52
CA ALA K 135 -22.62 5.64 78.73
C ALA K 135 -21.22 5.09 78.50
N SER K 136 -20.22 5.97 78.49
CA SER K 136 -18.85 5.60 78.20
C SER K 136 -18.05 5.55 79.49
N VAL K 137 -17.43 4.41 79.76
CA VAL K 137 -16.60 4.23 80.95
C VAL K 137 -15.16 4.05 80.49
N VAL K 138 -14.25 4.79 81.11
CA VAL K 138 -12.87 4.91 80.68
C VAL K 138 -11.95 4.61 81.86
N CYS K 139 -10.89 3.86 81.60
CA CYS K 139 -9.84 3.62 82.59
C CYS K 139 -8.48 3.90 81.96
N LEU K 140 -7.63 4.60 82.71
CA LEU K 140 -6.37 5.12 82.22
C LEU K 140 -5.21 4.41 82.90
N LEU K 141 -4.19 4.09 82.12
CA LEU K 141 -2.93 3.58 82.64
C LEU K 141 -1.83 4.53 82.18
N ASN K 142 -1.16 5.17 83.13
CA ASN K 142 -0.17 6.18 82.81
C ASN K 142 1.24 5.66 83.07
N ASN K 143 2.12 5.92 82.11
CA ASN K 143 3.55 5.65 82.22
C ASN K 143 3.83 4.17 82.50
N PHE K 144 3.45 3.34 81.55
CA PHE K 144 3.85 1.94 81.52
C PHE K 144 4.80 1.75 80.35
N TYR K 145 5.91 1.06 80.59
CA TYR K 145 6.95 0.96 79.57
C TYR K 145 6.67 -0.04 78.46
N PRO K 146 6.35 -1.31 78.76
CA PRO K 146 6.36 -2.33 77.69
C PRO K 146 5.49 -1.99 76.50
N ARG K 147 4.32 -1.40 76.71
CA ARG K 147 3.36 -1.01 75.69
C ARG K 147 2.66 -2.21 75.07
N GLU K 148 3.07 -3.43 75.39
CA GLU K 148 2.38 -4.62 74.93
C GLU K 148 1.34 -5.11 75.92
N ALA K 149 1.15 -4.40 77.02
CA ALA K 149 0.18 -4.80 78.03
C ALA K 149 -1.23 -4.74 77.47
N LYS K 150 -2.02 -5.75 77.81
CA LYS K 150 -3.42 -5.84 77.41
C LYS K 150 -4.28 -5.79 78.66
N VAL K 151 -5.31 -4.97 78.64
CA VAL K 151 -6.19 -4.77 79.79
C VAL K 151 -7.52 -5.45 79.51
N GLN K 152 -7.97 -6.25 80.47
CA GLN K 152 -9.25 -6.94 80.37
C GLN K 152 -10.25 -6.22 81.26
N TRP K 153 -11.35 -5.74 80.66
CA TRP K 153 -12.34 -5.02 81.44
C TRP K 153 -13.24 -5.98 82.21
N LYS K 154 -13.68 -5.53 83.38
CA LYS K 154 -14.56 -6.33 84.24
C LYS K 154 -15.61 -5.43 84.88
N VAL K 155 -16.88 -5.76 84.66
CA VAL K 155 -17.99 -5.02 85.24
C VAL K 155 -18.74 -5.95 86.18
N ASP K 156 -18.98 -5.49 87.41
CA ASP K 156 -19.52 -6.33 88.47
C ASP K 156 -18.70 -7.60 88.63
N ASN K 157 -17.38 -7.46 88.54
CA ASN K 157 -16.43 -8.57 88.61
C ASN K 157 -16.68 -9.60 87.51
N ALA K 158 -17.22 -9.16 86.38
CA ALA K 158 -17.49 -10.03 85.25
C ALA K 158 -16.82 -9.46 84.01
N LEU K 159 -16.03 -10.28 83.33
CA LEU K 159 -15.27 -9.82 82.18
C LEU K 159 -16.18 -9.59 80.97
N GLN K 160 -15.90 -8.53 80.23
CA GLN K 160 -16.64 -8.19 79.02
C GLN K 160 -15.67 -7.91 77.89
N SER K 161 -16.03 -8.34 76.68
CA SER K 161 -15.20 -8.19 75.50
C SER K 161 -16.04 -7.64 74.36
N GLY K 162 -15.36 -7.15 73.34
CA GLY K 162 -16.02 -6.59 72.17
C GLY K 162 -16.58 -5.20 72.36
N ASN K 163 -16.22 -4.51 73.45
CA ASN K 163 -16.73 -3.18 73.72
C ASN K 163 -15.65 -2.15 74.01
N SER K 164 -14.55 -2.55 74.64
CA SER K 164 -13.51 -1.59 75.02
C SER K 164 -12.72 -1.16 73.79
N GLN K 165 -12.40 0.13 73.72
CA GLN K 165 -11.53 0.68 72.70
C GLN K 165 -10.27 1.23 73.36
N GLU K 166 -9.12 0.77 72.88
CA GLU K 166 -7.83 1.10 73.48
C GLU K 166 -7.07 2.07 72.60
N SER K 167 -6.44 3.06 73.23
CA SER K 167 -5.65 4.07 72.54
C SER K 167 -4.37 4.31 73.31
N VAL K 168 -3.24 4.28 72.62
CA VAL K 168 -1.93 4.40 73.25
C VAL K 168 -1.21 5.58 72.64
N THR K 169 -0.63 6.43 73.49
CA THR K 169 0.16 7.52 72.98
C THR K 169 1.52 7.01 72.53
N GLU K 170 2.25 7.88 71.83
CA GLU K 170 3.57 7.53 71.31
C GLU K 170 4.61 7.69 72.42
N GLN K 171 5.88 7.54 72.07
CA GLN K 171 6.96 7.67 73.03
C GLN K 171 7.26 9.15 73.26
N ASP K 172 7.25 9.55 74.52
CA ASP K 172 7.51 10.93 74.91
C ASP K 172 8.98 11.08 75.29
N SER K 173 9.66 12.07 74.70
CA SER K 173 11.08 12.26 74.99
C SER K 173 11.31 12.60 76.46
N LYS K 174 10.33 13.21 77.10
CA LYS K 174 10.47 13.57 78.52
C LYS K 174 10.56 12.34 79.41
N ASP K 175 9.74 11.33 79.14
CA ASP K 175 9.61 10.19 80.04
C ASP K 175 9.95 8.85 79.40
N SER K 176 9.93 8.74 78.08
CA SER K 176 10.23 7.49 77.38
C SER K 176 9.36 6.35 77.89
N THR K 177 8.06 6.63 78.06
CA THR K 177 7.10 5.63 78.46
C THR K 177 5.80 5.90 77.71
N TYR K 178 4.78 5.09 77.97
CA TYR K 178 3.54 5.13 77.21
C TYR K 178 2.36 5.23 78.14
N SER K 179 1.27 5.79 77.61
CA SER K 179 0.02 5.94 78.35
C SER K 179 -1.12 5.40 77.50
N LEU K 180 -2.13 4.85 78.17
CA LEU K 180 -3.25 4.22 77.51
C LEU K 180 -4.54 4.66 78.19
N SER K 181 -5.63 4.70 77.43
CA SER K 181 -6.96 4.90 77.98
C SER K 181 -7.91 3.97 77.24
N SER K 182 -8.44 2.98 77.95
CA SER K 182 -9.42 2.08 77.38
C SER K 182 -10.81 2.55 77.74
N THR K 183 -11.70 2.57 76.76
CA THR K 183 -13.06 3.02 76.99
C THR K 183 -14.05 2.07 76.32
N LEU K 184 -15.10 1.74 77.05
CA LEU K 184 -16.17 0.93 76.50
C LEU K 184 -17.51 1.58 76.83
N THR K 185 -18.49 1.32 75.98
CA THR K 185 -19.78 1.97 76.10
C THR K 185 -20.87 0.95 76.43
N LEU K 186 -21.88 1.42 77.14
CA LEU K 186 -23.04 0.62 77.49
C LEU K 186 -24.30 1.44 77.24
N SER K 187 -25.39 0.73 77.00
CA SER K 187 -26.69 1.39 76.91
C SER K 187 -27.06 1.97 78.27
N LYS K 188 -27.98 2.95 78.24
CA LYS K 188 -28.37 3.62 79.48
C LYS K 188 -28.95 2.63 80.48
N ALA K 189 -29.83 1.75 80.01
CA ALA K 189 -30.38 0.72 80.89
C ALA K 189 -29.29 -0.25 81.35
N ASP K 190 -28.40 -0.65 80.42
CA ASP K 190 -27.31 -1.55 80.78
C ASP K 190 -26.35 -0.89 81.76
N TYR K 191 -26.14 0.41 81.64
CA TYR K 191 -25.25 1.11 82.56
C TYR K 191 -25.80 1.08 83.99
N GLU K 192 -27.08 1.42 84.14
CA GLU K 192 -27.65 1.53 85.49
C GLU K 192 -27.76 0.16 86.16
N LYS K 193 -28.07 -0.87 85.37
CA LYS K 193 -28.22 -2.21 85.93
C LYS K 193 -26.94 -2.69 86.59
N HIS K 194 -25.80 -2.41 85.95
CA HIS K 194 -24.52 -2.85 86.52
C HIS K 194 -24.25 -2.10 87.81
N LYS K 195 -23.54 -2.78 88.72
CA LYS K 195 -23.29 -2.23 90.04
C LYS K 195 -21.94 -1.50 90.12
N VAL K 196 -20.84 -2.22 89.90
CA VAL K 196 -19.49 -1.70 90.11
C VAL K 196 -18.72 -1.82 88.82
N TYR K 197 -18.01 -0.75 88.45
CA TYR K 197 -17.25 -0.71 87.21
C TYR K 197 -15.76 -0.69 87.51
N ALA K 198 -15.01 -1.49 86.75
CA ALA K 198 -13.56 -1.58 86.90
C ALA K 198 -12.97 -2.09 85.60
N CYS K 199 -11.64 -2.06 85.51
CA CYS K 199 -10.94 -2.68 84.41
C CYS K 199 -9.71 -3.37 84.96
N GLU K 200 -9.57 -4.65 84.64
CA GLU K 200 -8.48 -5.46 85.17
C GLU K 200 -7.27 -5.35 84.26
N VAL K 201 -6.14 -4.94 84.81
CA VAL K 201 -4.93 -4.68 84.04
C VAL K 201 -4.00 -5.87 84.17
N THR K 202 -3.46 -6.31 83.05
CA THR K 202 -2.39 -7.31 83.01
C THR K 202 -1.17 -6.64 82.41
N HIS K 203 -0.05 -6.70 83.13
CA HIS K 203 1.14 -5.98 82.73
C HIS K 203 2.35 -6.88 82.81
N GLN K 204 3.37 -6.53 82.03
CA GLN K 204 4.63 -7.27 82.06
C GLN K 204 5.52 -6.79 83.19
N GLY K 205 5.79 -5.48 83.24
CA GLY K 205 6.60 -4.94 84.31
C GLY K 205 5.93 -4.98 85.66
N LEU K 206 4.62 -5.14 85.69
CA LEU K 206 3.84 -5.25 86.92
C LEU K 206 3.32 -6.68 87.04
N SER K 207 3.69 -7.37 88.12
CA SER K 207 3.44 -8.80 88.22
C SER K 207 2.02 -9.09 88.66
N SER K 208 1.63 -8.64 89.85
CA SER K 208 0.31 -8.95 90.39
C SER K 208 -0.72 -8.01 89.77
N PRO K 209 -1.72 -8.54 89.06
CA PRO K 209 -2.69 -7.66 88.39
C PRO K 209 -3.37 -6.72 89.36
N VAL K 210 -3.60 -5.49 88.91
CA VAL K 210 -4.12 -4.41 89.75
C VAL K 210 -5.57 -4.15 89.38
N THR K 211 -6.42 -4.08 90.40
CA THR K 211 -7.84 -3.80 90.23
C THR K 211 -8.15 -2.45 90.85
N LYS K 212 -8.78 -1.58 90.06
CA LYS K 212 -9.31 -0.31 90.57
C LYS K 212 -10.74 -0.17 90.09
N SER K 213 -11.67 -0.10 91.03
CA SER K 213 -13.09 -0.12 90.76
C SER K 213 -13.75 1.11 91.35
N PHE K 214 -15.02 1.28 91.01
CA PHE K 214 -15.82 2.36 91.58
C PHE K 214 -17.29 2.03 91.42
N ASN K 215 -18.11 2.74 92.19
CA ASN K 215 -19.56 2.65 92.11
C ASN K 215 -20.13 4.05 92.34
N ARG K 216 -21.37 4.23 91.88
CA ARG K 216 -22.02 5.54 92.02
C ARG K 216 -22.28 5.86 93.48
N GLY K 217 -22.26 7.15 93.80
CA GLY K 217 -22.50 7.61 95.16
C GLY K 217 -21.81 8.93 95.47
N GLN L 1 12.93 15.67 37.13
CA GLN L 1 12.00 15.47 38.24
C GLN L 1 10.59 15.19 37.73
N VAL L 2 9.96 14.16 38.30
CA VAL L 2 8.59 13.82 38.00
C VAL L 2 7.74 14.24 39.19
N GLN L 3 6.72 15.05 38.92
CA GLN L 3 5.92 15.63 39.99
C GLN L 3 4.45 15.53 39.64
N LEU L 4 3.62 15.30 40.65
CA LEU L 4 2.18 15.38 40.51
C LEU L 4 1.66 16.39 41.52
N VAL L 5 0.96 17.41 41.05
CA VAL L 5 0.46 18.48 41.90
C VAL L 5 -1.06 18.43 41.86
N GLN L 6 -1.68 18.27 43.00
CA GLN L 6 -3.12 18.10 43.04
C GLN L 6 -3.81 19.41 43.38
N SER L 7 -5.14 19.40 43.33
CA SER L 7 -5.92 20.60 43.61
C SER L 7 -5.84 20.94 45.09
N GLY L 8 -6.53 22.01 45.46
CA GLY L 8 -6.64 22.38 46.86
C GLY L 8 -7.70 21.56 47.56
N ALA L 9 -7.76 21.73 48.88
CA ALA L 9 -8.75 21.00 49.66
C ALA L 9 -10.15 21.46 49.29
N GLU L 10 -11.08 20.51 49.24
CA GLU L 10 -12.46 20.77 48.91
C GLU L 10 -13.36 20.50 50.11
N VAL L 11 -14.31 21.39 50.35
CA VAL L 11 -15.31 21.21 51.39
C VAL L 11 -16.68 21.20 50.71
N LYS L 12 -17.41 20.12 50.88
CA LYS L 12 -18.66 19.91 50.15
C LYS L 12 -19.78 19.58 51.12
N LYS L 13 -20.96 19.32 50.55
CA LYS L 13 -22.16 18.93 51.26
C LYS L 13 -22.65 17.61 50.71
N PRO L 14 -23.23 16.75 51.55
CA PRO L 14 -23.64 15.42 51.06
C PRO L 14 -24.62 15.53 49.90
N GLY L 15 -24.48 14.61 48.95
CA GLY L 15 -25.29 14.63 47.76
C GLY L 15 -24.76 15.49 46.64
N ALA L 16 -23.70 16.25 46.87
CA ALA L 16 -23.11 17.09 45.84
C ALA L 16 -22.07 16.28 45.07
N SER L 17 -21.35 16.96 44.17
CA SER L 17 -20.31 16.32 43.39
C SER L 17 -19.04 17.16 43.46
N VAL L 18 -17.90 16.49 43.50
CA VAL L 18 -16.61 17.16 43.64
C VAL L 18 -15.71 16.72 42.49
N THR L 19 -14.72 17.55 42.17
CA THR L 19 -13.80 17.28 41.09
C THR L 19 -12.38 17.54 41.56
N VAL L 20 -11.58 16.51 41.64
CA VAL L 20 -10.19 16.62 42.04
C VAL L 20 -9.32 16.51 40.80
N SER L 21 -8.36 17.41 40.69
CA SER L 21 -7.51 17.47 39.51
C SER L 21 -6.07 17.15 39.90
N CYS L 22 -5.36 16.56 38.95
CA CYS L 22 -3.98 16.13 39.15
C CYS L 22 -3.19 16.64 37.95
N GLN L 23 -2.29 17.57 38.18
CA GLN L 23 -1.46 18.18 37.16
C GLN L 23 -0.11 17.48 37.17
N VAL L 24 0.26 16.87 36.08
CA VAL L 24 1.53 16.17 36.04
C VAL L 24 2.59 17.15 35.57
N SER L 25 3.85 16.82 35.84
CA SER L 25 4.95 17.65 35.41
C SER L 25 6.20 16.81 35.34
N GLY L 26 7.06 17.10 34.37
CA GLY L 26 8.27 16.34 34.18
C GLY L 26 8.14 15.13 33.29
N TYR L 27 6.94 14.85 32.79
CA TYR L 27 6.75 13.77 31.83
C TYR L 27 5.42 13.99 31.12
N THR L 28 5.22 13.23 30.04
CA THR L 28 4.01 13.36 29.25
C THR L 28 2.93 12.47 29.83
N LEU L 29 1.73 13.03 30.01
CA LEU L 29 0.69 12.32 30.73
C LEU L 29 0.29 11.04 30.03
N THR L 30 0.30 11.03 28.70
CA THR L 30 -0.13 9.85 27.96
C THR L 30 0.86 8.70 28.05
N SER L 31 2.05 8.92 28.60
CA SER L 31 3.01 7.84 28.72
C SER L 31 2.71 6.91 29.88
N TYR L 32 1.90 7.33 30.85
CA TYR L 32 1.65 6.56 32.05
C TYR L 32 0.16 6.56 32.37
N GLY L 33 -0.32 5.41 32.83
CA GLY L 33 -1.65 5.36 33.40
C GLY L 33 -1.67 6.03 34.75
N LEU L 34 -2.86 6.35 35.23
CA LEU L 34 -2.96 7.11 36.46
C LEU L 34 -3.98 6.46 37.37
N SER L 35 -3.54 5.99 38.53
CA SER L 35 -4.44 5.39 39.50
C SER L 35 -4.85 6.43 40.52
N TRP L 36 -6.03 6.24 41.09
CA TRP L 36 -6.55 7.10 42.13
C TRP L 36 -6.81 6.27 43.37
N VAL L 37 -6.24 6.71 44.50
CA VAL L 37 -6.28 5.98 45.75
C VAL L 37 -6.77 6.92 46.85
N ARG L 38 -7.77 6.48 47.60
CA ARG L 38 -8.30 7.26 48.70
C ARG L 38 -7.79 6.72 50.02
N GLN L 39 -7.85 7.57 51.04
CA GLN L 39 -7.51 7.19 52.40
C GLN L 39 -8.42 7.96 53.33
N ALA L 40 -9.40 7.27 53.91
CA ALA L 40 -10.19 7.88 54.96
C ALA L 40 -9.26 8.17 56.13
N PRO L 41 -9.57 9.18 56.95
CA PRO L 41 -8.59 9.63 57.93
C PRO L 41 -8.29 8.58 58.98
N GLY L 42 -7.11 7.98 58.90
CA GLY L 42 -6.74 6.91 59.81
C GLY L 42 -7.36 5.57 59.49
N GLN L 43 -7.66 5.30 58.22
CA GLN L 43 -8.30 4.04 57.85
C GLN L 43 -7.52 3.28 56.77
N GLY L 44 -6.28 3.68 56.51
CA GLY L 44 -5.47 2.98 55.53
C GLY L 44 -5.94 3.23 54.11
N LEU L 45 -5.05 2.94 53.17
CA LEU L 45 -5.30 3.25 51.77
C LEU L 45 -6.37 2.34 51.20
N GLU L 46 -7.13 2.88 50.25
CA GLU L 46 -8.15 2.13 49.54
C GLU L 46 -8.08 2.51 48.07
N TRP L 47 -7.92 1.52 47.20
CA TRP L 47 -7.79 1.78 45.78
C TRP L 47 -9.13 2.22 45.21
N VAL L 48 -9.13 3.32 44.46
CA VAL L 48 -10.38 3.83 43.89
C VAL L 48 -10.51 3.43 42.44
N GLY L 49 -9.53 3.78 41.63
CA GLY L 49 -9.70 3.49 40.21
C GLY L 49 -8.43 3.69 39.42
N TRP L 50 -8.56 3.53 38.11
CA TRP L 50 -7.42 3.61 37.20
C TRP L 50 -7.87 4.11 35.85
N ILE L 51 -7.28 5.21 35.41
CA ILE L 51 -7.52 5.77 34.08
C ILE L 51 -6.33 5.45 33.19
N ASN L 52 -6.62 4.86 32.03
CA ASN L 52 -5.59 4.59 31.04
C ASN L 52 -5.55 5.77 30.10
N THR L 53 -4.66 6.72 30.38
CA THR L 53 -4.40 7.76 29.40
C THR L 53 -3.91 7.11 28.12
N TYR L 54 -4.05 7.81 27.01
CA TYR L 54 -3.76 7.37 25.65
C TYR L 54 -4.83 6.45 25.06
N ASP L 55 -5.77 5.93 25.84
CA ASP L 55 -6.94 5.32 25.23
C ASP L 55 -8.21 5.53 26.04
N GLY L 56 -8.14 6.13 27.22
CA GLY L 56 -9.31 6.53 27.95
C GLY L 56 -10.09 5.41 28.61
N GLN L 57 -9.64 4.16 28.52
CA GLN L 57 -10.39 3.09 29.15
C GLN L 57 -10.11 3.08 30.64
N THR L 58 -11.18 2.95 31.43
CA THR L 58 -11.13 3.11 32.86
C THR L 58 -11.35 1.78 33.56
N LYS L 59 -11.09 1.77 34.86
CA LYS L 59 -11.41 0.61 35.67
C LYS L 59 -11.62 1.10 37.09
N TYR L 60 -12.85 0.96 37.60
CA TYR L 60 -13.15 1.36 38.96
C TYR L 60 -13.51 0.14 39.80
N VAL L 61 -13.52 0.35 41.10
CA VAL L 61 -14.00 -0.67 42.02
C VAL L 61 -15.53 -0.70 41.98
N LYS L 62 -16.10 -1.89 42.16
CA LYS L 62 -17.55 -2.02 42.14
C LYS L 62 -18.21 -1.09 43.15
N LYS L 63 -17.54 -0.83 44.26
CA LYS L 63 -18.09 0.06 45.27
C LYS L 63 -18.28 1.47 44.72
N PHE L 64 -17.50 1.85 43.71
CA PHE L 64 -17.54 3.19 43.15
C PHE L 64 -18.12 3.25 41.75
N GLN L 65 -18.63 2.14 41.22
CA GLN L 65 -19.13 2.12 39.85
C GLN L 65 -20.26 3.12 39.69
N GLY L 66 -20.18 3.90 38.62
CA GLY L 66 -21.24 4.84 38.28
C GLY L 66 -21.10 6.21 38.90
N ARG L 67 -20.65 6.26 40.16
CA ARG L 67 -20.58 7.52 40.89
C ARG L 67 -19.19 8.13 40.85
N VAL L 68 -18.27 7.56 40.09
CA VAL L 68 -16.93 8.11 39.92
C VAL L 68 -16.59 8.12 38.44
N THR L 69 -16.04 9.24 37.97
CA THR L 69 -15.67 9.37 36.57
C THR L 69 -14.30 9.99 36.46
N MET L 70 -13.43 9.36 35.68
CA MET L 70 -12.08 9.83 35.48
C MET L 70 -11.88 10.21 34.03
N THR L 71 -11.37 11.41 33.80
CA THR L 71 -11.10 11.90 32.46
C THR L 71 -9.71 12.51 32.44
N THR L 72 -9.17 12.67 31.24
CA THR L 72 -7.82 13.21 31.08
C THR L 72 -7.84 14.33 30.06
N HIS L 73 -7.51 15.53 30.50
CA HIS L 73 -7.33 16.67 29.64
C HIS L 73 -5.86 16.65 29.22
N THR L 74 -5.60 16.17 28.00
CA THR L 74 -4.23 16.00 27.55
C THR L 74 -3.57 17.32 27.22
N GLY L 75 -4.34 18.35 26.89
CA GLY L 75 -3.75 19.62 26.52
C GLY L 75 -2.96 20.24 27.66
N THR L 76 -3.48 20.16 28.88
CA THR L 76 -2.82 20.74 30.03
C THR L 76 -2.11 19.70 30.87
N ASN L 77 -2.00 18.47 30.39
CA ASN L 77 -1.44 17.37 31.17
C ASN L 77 -2.12 17.25 32.52
N THR L 78 -3.44 17.28 32.50
CA THR L 78 -4.23 17.25 33.72
C THR L 78 -5.18 16.07 33.69
N ALA L 79 -5.49 15.53 34.85
CA ALA L 79 -6.43 14.44 34.95
C ALA L 79 -7.44 14.72 36.05
N TYR L 80 -8.71 14.49 35.76
CA TYR L 80 -9.79 14.86 36.66
C TYR L 80 -10.50 13.60 37.12
N MET L 81 -10.78 13.55 38.42
CA MET L 81 -11.65 12.54 39.00
C MET L 81 -12.81 13.25 39.66
N GLU L 82 -14.02 13.02 39.17
CA GLU L 82 -15.21 13.62 39.76
C GLU L 82 -16.03 12.54 40.43
N MET L 83 -16.53 12.85 41.62
CA MET L 83 -17.39 11.98 42.38
C MET L 83 -18.75 12.64 42.50
N LYS L 84 -19.78 11.95 42.03
CA LYS L 84 -21.15 12.43 42.15
C LYS L 84 -21.87 11.69 43.25
N SER L 85 -22.91 12.32 43.79
CA SER L 85 -23.66 11.77 44.93
C SER L 85 -22.72 11.46 46.09
N LEU L 86 -22.03 12.50 46.54
CA LEU L 86 -21.14 12.37 47.67
C LEU L 86 -21.91 11.90 48.90
N ARG L 87 -21.23 11.14 49.74
CA ARG L 87 -21.76 10.73 51.03
C ARG L 87 -20.84 11.22 52.13
N SER L 88 -21.25 10.96 53.37
CA SER L 88 -20.39 11.31 54.50
C SER L 88 -19.17 10.41 54.55
N ASP L 89 -19.30 9.15 54.15
CA ASP L 89 -18.20 8.21 54.25
C ASP L 89 -17.07 8.52 53.28
N ASP L 90 -17.28 9.42 52.32
CA ASP L 90 -16.26 9.71 51.32
C ASP L 90 -15.27 10.76 51.77
N THR L 91 -15.41 11.31 52.96
CA THR L 91 -14.40 12.24 53.46
C THR L 91 -13.06 11.52 53.56
N ALA L 92 -12.09 11.94 52.78
CA ALA L 92 -10.81 11.24 52.73
C ALA L 92 -9.80 12.11 52.01
N VAL L 93 -8.54 11.68 52.07
CA VAL L 93 -7.50 12.24 51.24
C VAL L 93 -7.46 11.44 49.95
N TYR L 94 -7.36 12.13 48.82
CA TYR L 94 -7.29 11.47 47.53
C TYR L 94 -5.93 11.72 46.90
N TYR L 95 -5.29 10.65 46.42
CA TYR L 95 -4.00 10.72 45.78
C TYR L 95 -4.10 10.21 44.36
N CYS L 96 -3.43 10.90 43.44
CA CYS L 96 -3.20 10.39 42.10
C CYS L 96 -1.80 9.81 42.06
N ALA L 97 -1.67 8.59 41.57
CA ALA L 97 -0.39 7.91 41.50
C ALA L 97 -0.13 7.45 40.08
N ARG L 98 1.13 7.40 39.71
CA ARG L 98 1.54 7.14 38.34
C ARG L 98 1.84 5.65 38.17
N VAL L 99 1.24 5.02 37.17
CA VAL L 99 1.44 3.61 36.91
C VAL L 99 1.94 3.46 35.47
N GLU L 100 2.70 2.40 35.22
CA GLU L 100 3.51 2.36 34.01
C GLU L 100 2.75 1.92 32.77
N GLY L 101 1.97 0.86 32.82
CA GLY L 101 1.50 0.23 31.60
C GLY L 101 0.23 0.86 31.05
N VAL L 102 0.30 1.35 29.81
CA VAL L 102 -0.89 1.85 29.13
C VAL L 102 -1.20 1.08 27.86
N ARG L 103 -0.23 0.48 27.20
CA ARG L 103 -0.42 -0.11 25.89
C ARG L 103 -0.13 -1.60 25.99
N GLY L 104 -1.09 -2.41 25.59
CA GLY L 104 -0.96 -3.85 25.69
C GLY L 104 -1.54 -4.45 26.95
N VAL L 105 -1.30 -3.83 28.10
CA VAL L 105 -1.76 -4.39 29.37
C VAL L 105 -2.37 -3.28 30.21
N MET L 106 -3.19 -3.69 31.17
CA MET L 106 -3.65 -2.79 32.21
C MET L 106 -2.53 -2.65 33.23
N GLY L 107 -2.09 -1.42 33.46
CA GLY L 107 -0.83 -1.22 34.16
C GLY L 107 -0.84 -1.76 35.58
N PHE L 108 -1.91 -1.50 36.32
CA PHE L 108 -1.90 -1.84 37.74
C PHE L 108 -1.83 -3.34 38.01
N HIS L 109 -2.05 -4.17 37.00
CA HIS L 109 -1.88 -5.60 37.20
C HIS L 109 -0.44 -5.96 37.49
N TYR L 110 0.50 -5.26 36.87
CA TYR L 110 1.91 -5.66 36.92
C TYR L 110 2.86 -4.58 37.41
N TYR L 111 2.40 -3.35 37.60
CA TYR L 111 3.35 -2.29 37.91
C TYR L 111 2.93 -1.55 39.16
N PRO L 112 3.88 -0.96 39.87
CA PRO L 112 3.55 -0.25 41.10
C PRO L 112 3.18 1.20 40.86
N MET L 113 2.89 1.94 41.91
CA MET L 113 2.56 3.36 41.82
C MET L 113 3.77 4.15 42.31
N ASP L 114 4.70 4.40 41.40
CA ASP L 114 6.00 4.91 41.80
C ASP L 114 5.98 6.36 42.25
N VAL L 115 5.09 7.18 41.71
CA VAL L 115 5.07 8.61 42.01
C VAL L 115 3.68 8.98 42.49
N TRP L 116 3.59 9.69 43.61
CA TRP L 116 2.31 10.05 44.21
C TRP L 116 2.18 11.55 44.33
N GLY L 117 0.96 12.04 44.21
CA GLY L 117 0.69 13.44 44.49
C GLY L 117 0.49 13.67 45.96
N GLN L 118 0.42 14.95 46.34
CA GLN L 118 0.25 15.28 47.74
C GLN L 118 -1.15 14.98 48.25
N GLY L 119 -2.12 14.75 47.38
CA GLY L 119 -3.45 14.39 47.81
C GLY L 119 -4.27 15.56 48.29
N THR L 120 -5.57 15.53 48.03
CA THR L 120 -6.47 16.59 48.44
C THR L 120 -7.45 16.04 49.47
N MET L 121 -7.75 16.84 50.49
CA MET L 121 -8.61 16.43 51.58
C MET L 121 -10.04 16.83 51.23
N VAL L 122 -10.78 15.89 50.67
CA VAL L 122 -12.19 16.11 50.35
C VAL L 122 -12.99 15.71 51.57
N THR L 123 -13.61 16.68 52.22
CA THR L 123 -14.39 16.46 53.44
C THR L 123 -15.86 16.74 53.16
N VAL L 124 -16.67 15.69 53.18
CA VAL L 124 -18.10 15.85 53.02
C VAL L 124 -18.79 15.45 54.31
N SER L 125 -18.90 16.38 55.24
CA SER L 125 -19.58 16.18 56.51
C SER L 125 -19.43 17.47 57.32
N SER L 126 -20.07 17.48 58.48
CA SER L 126 -19.82 18.47 59.51
C SER L 126 -20.44 18.00 60.80
N LYS L 127 -19.68 18.02 61.89
CA LYS L 127 -20.22 17.53 63.15
C LYS L 127 -19.45 18.19 64.29
N GLY L 128 -20.20 18.70 65.26
CA GLY L 128 -19.61 19.35 66.40
C GLY L 128 -19.08 18.36 67.42
N PRO L 129 -17.87 18.59 67.88
CA PRO L 129 -17.27 17.71 68.89
C PRO L 129 -17.85 17.98 70.27
N SER L 130 -18.72 17.07 70.72
CA SER L 130 -19.29 17.20 72.05
C SER L 130 -18.22 16.97 73.11
N VAL L 131 -18.21 17.79 74.14
CA VAL L 131 -17.16 17.79 75.16
C VAL L 131 -17.77 17.36 76.48
N PHE L 132 -17.14 16.40 77.15
CA PHE L 132 -17.56 15.96 78.47
C PHE L 132 -16.38 16.01 79.43
N PRO L 133 -16.65 16.25 80.71
CA PRO L 133 -15.57 16.27 81.71
C PRO L 133 -15.25 14.87 82.21
N LEU L 134 -14.10 14.75 82.86
CA LEU L 134 -13.64 13.48 83.40
C LEU L 134 -12.95 13.79 84.73
N ALA L 135 -13.66 13.58 85.83
CA ALA L 135 -13.18 13.89 87.17
C ALA L 135 -13.39 12.68 88.07
N PRO L 136 -12.53 12.49 89.08
CA PRO L 136 -12.70 11.36 90.01
C PRO L 136 -13.64 11.67 91.17
N ALA L 146 -3.96 13.37 91.68
CA ALA L 146 -4.79 12.56 90.79
C ALA L 146 -4.68 13.05 89.37
N ALA L 147 -5.77 12.95 88.61
CA ALA L 147 -5.79 13.39 87.22
C ALA L 147 -7.19 13.83 86.84
N LEU L 148 -7.28 14.59 85.75
CA LEU L 148 -8.58 15.01 85.24
C LEU L 148 -8.45 15.25 83.75
N GLY L 149 -9.54 15.05 83.03
CA GLY L 149 -9.45 15.10 81.58
C GLY L 149 -10.72 15.56 80.92
N CYS L 150 -10.63 15.73 79.60
CA CYS L 150 -11.75 16.08 78.75
C CYS L 150 -11.93 15.01 77.68
N LEU L 151 -13.15 14.51 77.55
CA LEU L 151 -13.49 13.53 76.52
C LEU L 151 -14.23 14.23 75.39
N VAL L 152 -13.63 14.22 74.21
CA VAL L 152 -14.24 14.76 73.01
C VAL L 152 -14.87 13.60 72.25
N LYS L 153 -16.10 13.79 71.81
CA LYS L 153 -16.90 12.70 71.26
C LYS L 153 -17.66 13.18 70.03
N ASP L 154 -17.86 12.26 69.08
CA ASP L 154 -18.85 12.43 68.02
C ASP L 154 -18.58 13.68 67.18
N TYR L 155 -17.46 13.63 66.46
CA TYR L 155 -17.12 14.62 65.45
C TYR L 155 -16.53 13.89 64.25
N PHE L 156 -16.99 14.25 63.05
CA PHE L 156 -16.59 13.44 61.90
C PHE L 156 -15.17 13.71 61.43
N PRO L 157 -14.83 14.92 61.00
CA PRO L 157 -13.48 15.13 60.44
C PRO L 157 -12.43 15.07 61.53
N GLU L 158 -11.32 14.39 61.25
CA GLU L 158 -10.33 14.10 62.28
C GLU L 158 -9.66 15.32 62.87
N PRO L 159 -9.15 16.30 62.09
CA PRO L 159 -8.27 17.31 62.70
C PRO L 159 -8.97 18.12 63.77
N VAL L 160 -8.57 17.87 65.01
CA VAL L 160 -9.13 18.51 66.20
C VAL L 160 -8.01 18.66 67.21
N THR L 161 -7.85 19.86 67.75
CA THR L 161 -6.80 20.10 68.73
C THR L 161 -7.42 20.40 70.08
N VAL L 162 -6.74 19.95 71.14
CA VAL L 162 -7.18 20.21 72.50
C VAL L 162 -6.00 20.80 73.27
N SER L 163 -6.22 21.94 73.91
CA SER L 163 -5.24 22.57 74.78
C SER L 163 -5.90 22.85 76.12
N TRP L 164 -5.11 23.39 77.05
CA TRP L 164 -5.62 23.75 78.37
C TRP L 164 -5.22 25.19 78.66
N ASN L 165 -6.17 26.10 78.45
CA ASN L 165 -5.99 27.54 78.65
C ASN L 165 -4.98 28.08 77.66
N SER L 166 -4.52 27.21 76.75
CA SER L 166 -3.66 27.54 75.61
C SER L 166 -2.25 27.90 76.05
N GLY L 167 -2.04 28.09 77.35
CA GLY L 167 -0.72 28.34 77.86
C GLY L 167 -0.47 27.76 79.23
N ALA L 168 -1.49 27.09 79.79
CA ALA L 168 -1.39 26.64 81.18
C ALA L 168 -0.68 25.30 81.26
N LEU L 169 -1.22 24.29 80.60
CA LEU L 169 -0.71 22.92 80.70
C LEU L 169 -0.10 22.51 79.38
N THR L 170 1.18 22.14 79.42
CA THR L 170 1.87 21.56 78.28
C THR L 170 2.53 20.26 78.74
N SER L 171 2.83 20.18 80.03
CA SER L 171 3.43 19.01 80.65
C SER L 171 2.37 18.25 81.44
N GLY L 172 2.41 16.93 81.33
CA GLY L 172 1.42 16.09 81.97
C GLY L 172 0.16 15.88 81.17
N VAL L 173 -0.01 16.62 80.08
CA VAL L 173 -1.15 16.44 79.19
C VAL L 173 -0.81 15.36 78.17
N HIS L 174 -1.79 14.53 77.85
CA HIS L 174 -1.63 13.48 76.85
C HIS L 174 -2.80 13.56 75.88
N THR L 175 -2.49 13.61 74.59
CA THR L 175 -3.50 13.70 73.54
C THR L 175 -3.59 12.34 72.86
N PHE L 176 -4.53 11.52 73.31
CA PHE L 176 -4.74 10.22 72.67
C PHE L 176 -5.30 10.43 71.27
N PRO L 177 -4.73 9.83 70.25
CA PRO L 177 -5.29 9.97 68.91
C PRO L 177 -6.72 9.45 68.84
N ALA L 178 -7.51 10.07 67.98
CA ALA L 178 -8.92 9.75 67.88
C ALA L 178 -9.13 8.29 67.52
N VAL L 179 -10.31 7.78 67.85
CA VAL L 179 -10.67 6.41 67.59
C VAL L 179 -12.02 6.40 66.87
N LEU L 180 -12.24 5.37 66.08
CA LEU L 180 -13.47 5.25 65.30
C LEU L 180 -14.63 4.86 66.20
N GLN L 181 -15.79 4.69 65.57
CA GLN L 181 -17.02 4.28 66.22
C GLN L 181 -17.93 3.72 65.15
N SER L 182 -18.79 2.79 65.55
CA SER L 182 -19.68 2.16 64.58
C SER L 182 -20.56 3.19 63.87
N SER L 183 -20.81 4.33 64.50
CA SER L 183 -21.55 5.41 63.88
C SER L 183 -20.71 6.17 62.86
N GLY L 184 -19.42 5.90 62.77
CA GLY L 184 -18.55 6.62 61.87
C GLY L 184 -18.03 7.94 62.39
N LEU L 185 -18.11 8.17 63.71
CA LEU L 185 -17.70 9.44 64.29
C LEU L 185 -16.49 9.22 65.18
N TYR L 186 -15.59 10.21 65.18
CA TYR L 186 -14.34 10.11 65.93
C TYR L 186 -14.54 10.62 67.35
N SER L 187 -13.64 10.17 68.22
CA SER L 187 -13.66 10.60 69.61
C SER L 187 -12.28 10.35 70.20
N LEU L 188 -11.87 11.24 71.09
CA LEU L 188 -10.59 11.10 71.77
C LEU L 188 -10.72 11.65 73.18
N SER L 189 -9.62 11.62 73.93
CA SER L 189 -9.60 12.18 75.27
C SER L 189 -8.24 12.81 75.52
N SER L 190 -8.23 13.78 76.42
CA SER L 190 -7.00 14.43 76.84
C SER L 190 -7.06 14.59 78.34
N VAL L 191 -6.21 13.85 79.06
CA VAL L 191 -6.21 13.85 80.51
C VAL L 191 -4.84 14.30 80.98
N VAL L 192 -4.83 15.09 82.05
CA VAL L 192 -3.60 15.61 82.63
C VAL L 192 -3.59 15.27 84.11
N THR L 193 -2.40 14.88 84.59
CA THR L 193 -2.20 14.71 86.02
C THR L 193 -2.23 16.06 86.71
N VAL L 194 -2.75 16.06 87.93
CA VAL L 194 -2.78 17.25 88.77
C VAL L 194 -2.34 16.86 90.17
N PRO L 195 -1.62 17.72 90.89
CA PRO L 195 -1.32 17.41 92.29
C PRO L 195 -2.59 17.25 93.09
N SER L 196 -2.55 16.32 94.06
CA SER L 196 -3.74 16.02 94.85
C SER L 196 -4.25 17.24 95.60
N SER L 197 -3.35 18.16 95.96
CA SER L 197 -3.77 19.40 96.61
C SER L 197 -4.53 20.30 95.65
N SER L 198 -4.07 20.39 94.40
CA SER L 198 -4.61 21.35 93.44
C SER L 198 -5.98 20.94 92.89
N LEU L 199 -6.36 19.67 92.98
CA LEU L 199 -7.59 19.23 92.36
C LEU L 199 -8.82 19.86 93.00
N GLY L 200 -8.83 19.98 94.33
CA GLY L 200 -9.99 20.51 95.02
C GLY L 200 -9.98 22.02 95.15
N THR L 201 -8.78 22.61 95.12
CA THR L 201 -8.68 24.06 95.22
C THR L 201 -9.16 24.76 93.97
N GLN L 202 -8.73 24.27 92.80
CA GLN L 202 -9.03 24.92 91.54
C GLN L 202 -9.19 23.86 90.45
N THR L 203 -9.80 24.27 89.34
CA THR L 203 -9.96 23.41 88.18
C THR L 203 -9.51 24.14 86.93
N TYR L 204 -9.18 23.36 85.90
CA TYR L 204 -8.70 23.88 84.64
C TYR L 204 -9.81 23.82 83.59
N ILE L 205 -9.61 24.55 82.50
CA ILE L 205 -10.55 24.59 81.39
C ILE L 205 -9.82 24.16 80.13
N CYS L 206 -10.42 23.20 79.41
CA CYS L 206 -9.82 22.66 78.19
C CYS L 206 -10.51 23.27 76.98
N ASN L 207 -9.71 23.64 75.98
CA ASN L 207 -10.20 24.24 74.75
C ASN L 207 -10.08 23.22 73.63
N VAL L 208 -11.20 22.96 72.96
CA VAL L 208 -11.29 22.02 71.85
C VAL L 208 -11.60 22.83 70.60
N ASN L 209 -10.73 22.73 69.60
CA ASN L 209 -10.89 23.43 68.34
C ASN L 209 -11.02 22.41 67.21
N HIS L 210 -12.00 22.64 66.34
CA HIS L 210 -12.36 21.73 65.26
C HIS L 210 -12.60 22.58 64.02
N LYS L 211 -11.56 22.74 63.21
CA LYS L 211 -11.64 23.64 62.05
C LYS L 211 -12.68 23.20 61.03
N PRO L 212 -12.73 21.94 60.59
CA PRO L 212 -13.75 21.58 59.58
C PRO L 212 -15.17 21.86 60.05
N SER L 213 -15.46 21.65 61.33
CA SER L 213 -16.74 22.04 61.88
C SER L 213 -16.77 23.46 62.36
N ASN L 214 -15.62 24.15 62.38
CA ASN L 214 -15.52 25.54 62.81
C ASN L 214 -16.06 25.72 64.22
N THR L 215 -15.69 24.83 65.12
CA THR L 215 -16.22 24.81 66.47
C THR L 215 -15.09 24.98 67.48
N LYS L 216 -15.25 25.95 68.39
CA LYS L 216 -14.26 26.22 69.42
C LYS L 216 -14.97 26.24 70.76
N VAL L 217 -14.88 25.12 71.48
CA VAL L 217 -15.63 24.93 72.72
C VAL L 217 -14.64 24.73 73.86
N ASP L 218 -14.77 25.54 74.90
CA ASP L 218 -13.98 25.39 76.12
C ASP L 218 -14.86 24.87 77.24
N LYS L 219 -14.33 23.96 78.04
CA LYS L 219 -15.06 23.40 79.16
C LYS L 219 -14.11 23.18 80.32
N LYS L 220 -14.64 23.32 81.54
CA LYS L 220 -13.86 23.16 82.75
C LYS L 220 -13.92 21.72 83.25
N VAL L 221 -12.89 21.33 84.00
CA VAL L 221 -12.68 19.98 84.53
C VAL L 221 -13.19 18.89 83.57
C1 NAG M . -5.99 -40.96 -14.79
C2 NAG M . -5.55 -41.99 -15.82
C3 NAG M . -4.63 -41.33 -16.85
C4 NAG M . -5.29 -40.08 -17.43
C5 NAG M . -5.80 -39.16 -16.33
C6 NAG M . -6.61 -37.99 -16.85
C7 NAG M . -5.46 -44.28 -14.93
C8 NAG M . -4.62 -45.31 -14.27
N2 NAG M . -4.87 -43.10 -15.19
O3 NAG M . -4.34 -42.25 -17.88
O4 NAG M . -4.33 -39.36 -18.22
O5 NAG M . -6.66 -39.89 -15.44
O6 NAG M . -7.30 -38.33 -18.04
O7 NAG M . -6.63 -44.48 -15.22
C1 NAG M . -4.70 -39.39 -19.62
C2 NAG M . -3.70 -38.52 -20.40
C3 NAG M . -4.01 -38.59 -21.89
C4 NAG M . -4.04 -40.03 -22.35
C5 NAG M . -5.03 -40.83 -21.51
C6 NAG M . -5.06 -42.30 -21.85
C7 NAG M . -2.88 -36.67 -19.01
C8 NAG M . -3.05 -35.22 -18.66
N2 NAG M . -3.73 -37.15 -19.93
O3 NAG M . -3.04 -37.86 -22.62
O4 NAG M . -4.42 -40.09 -23.73
O5 NAG M . -4.67 -40.73 -20.12
O6 NAG M . -6.11 -42.61 -22.76
O7 NAG M . -2.02 -37.37 -18.49
C1 NAG N . 6.65 32.99 -20.31
C2 NAG N . 6.08 34.40 -20.35
C3 NAG N . 4.58 34.35 -20.15
C4 NAG N . 3.93 33.37 -21.12
C5 NAG N . 4.64 32.02 -21.09
C6 NAG N . 4.16 31.09 -22.16
C7 NAG N . 7.86 35.87 -19.54
C8 NAG N . 8.34 36.71 -18.40
N2 NAG N . 6.70 35.25 -19.35
O3 NAG N . 4.03 35.65 -20.34
O4 NAG N . 2.58 33.15 -20.73
O5 NAG N . 6.05 32.20 -21.30
O6 NAG N . 4.55 31.53 -23.44
O7 NAG N . 8.49 35.76 -20.59
C1 NAG N . 1.69 33.83 -21.63
C2 NAG N . 0.32 33.19 -21.50
C3 NAG N . -0.67 33.90 -22.38
C4 NAG N . -0.70 35.39 -22.04
C5 NAG N . 0.71 35.96 -22.14
C6 NAG N . 0.79 37.40 -21.69
C7 NAG N . 0.37 30.81 -20.90
C8 NAG N . 0.43 29.41 -21.43
N2 NAG N . 0.38 31.78 -21.83
O3 NAG N . -1.97 33.33 -22.18
O4 NAG N . -1.54 36.08 -22.96
O5 NAG N . 1.60 35.22 -21.30
O6 NAG N . 1.83 37.59 -20.75
O7 NAG N . 0.31 31.06 -19.71
C1 BMA N . -2.84 36.28 -22.36
C2 BMA N . -3.46 37.51 -23.00
C3 BMA N . -4.89 37.67 -22.51
C4 BMA N . -5.67 36.38 -22.71
C5 BMA N . -4.95 35.24 -22.02
C6 BMA N . -5.63 33.92 -22.23
O2 BMA N . -3.56 37.32 -24.39
O3 BMA N . -5.53 38.73 -23.18
O4 BMA N . -6.95 36.52 -22.16
O5 BMA N . -3.65 35.14 -22.58
O6 BMA N . -5.94 33.85 -23.60
C1 MAN N . -5.35 39.96 -22.45
C2 MAN N . -6.59 40.83 -22.70
C3 MAN N . -6.64 41.21 -24.18
C4 MAN N . -5.33 41.85 -24.63
C5 MAN N . -4.15 40.92 -24.28
C6 MAN N . -2.81 41.55 -24.58
O2 MAN N . -6.52 42.06 -21.99
O3 MAN N . -7.73 42.10 -24.45
O4 MAN N . -5.36 42.06 -26.03
O5 MAN N . -4.19 40.61 -22.88
O6 MAN N . -2.89 42.19 -25.85
C1 MAN N . -6.34 32.51 -23.94
C2 MAN N . -5.93 32.25 -25.39
C3 MAN N . -6.74 33.15 -26.32
C4 MAN N . -8.23 32.98 -26.06
C5 MAN N . -8.52 33.26 -24.57
C6 MAN N . -9.96 33.02 -24.20
O2 MAN N . -6.23 30.92 -25.79
O3 MAN N . -6.45 32.88 -27.69
O4 MAN N . -8.97 33.88 -26.85
O5 MAN N . -7.73 32.38 -23.78
O6 MAN N . -10.09 33.25 -22.81
C1 NAG O . 12.09 -19.86 -10.72
C2 NAG O . 12.66 -21.01 -9.91
C3 NAG O . 12.98 -20.54 -8.49
C4 NAG O . 13.87 -19.32 -8.52
C5 NAG O . 13.26 -18.24 -9.42
C6 NAG O . 14.17 -17.06 -9.62
C7 NAG O . 11.73 -23.10 -10.78
C8 NAG O . 10.71 -24.17 -10.59
N2 NAG O . 11.73 -22.12 -9.87
O3 NAG O . 13.62 -21.60 -7.79
O4 NAG O . 13.99 -18.78 -7.21
O5 NAG O . 13.00 -18.79 -10.72
O6 NAG O . 15.52 -17.48 -9.77
O7 NAG O . 12.51 -23.11 -11.72
C1 NAG O . 15.22 -19.21 -6.59
C2 NAG O . 15.35 -18.46 -5.27
C3 NAG O . 16.63 -18.87 -4.56
C4 NAG O . 16.64 -20.38 -4.37
C5 NAG O . 16.43 -21.08 -5.70
C6 NAG O . 16.27 -22.57 -5.55
C7 NAG O . 16.13 -16.31 -6.21
C8 NAG O . 15.89 -14.84 -6.27
N2 NAG O . 15.29 -17.02 -5.46
O3 NAG O . 16.72 -18.21 -3.31
O4 NAG O . 17.91 -20.77 -3.83
O5 NAG O . 15.23 -20.61 -6.33
O6 NAG O . 14.97 -22.90 -5.07
O7 NAG O . 17.05 -16.84 -6.82
C1 BMA O . 17.77 -21.39 -2.54
C2 BMA O . 18.94 -22.40 -2.42
C3 BMA O . 19.09 -22.87 -0.99
C4 BMA O . 19.13 -21.70 -0.05
C5 BMA O . 17.81 -20.98 -0.19
C6 BMA O . 17.69 -19.84 0.78
O2 BMA O . 20.15 -21.77 -2.75
O3 BMA O . 20.26 -23.63 -0.83
O4 BMA O . 19.29 -22.14 1.27
O5 BMA O . 17.79 -20.42 -1.51
O6 BMA O . 17.49 -18.69 0.02
C1 MAN O . 17.35 -17.55 0.87
C2 MAN O . 15.89 -17.18 0.83
C3 MAN O . 15.54 -16.88 -0.63
C4 MAN O . 16.43 -15.75 -1.16
C5 MAN O . 17.86 -16.28 -1.03
C6 MAN O . 18.91 -15.35 -1.56
O2 MAN O . 15.67 -15.98 1.54
O3 MAN O . 14.13 -16.68 -0.86
O4 MAN O . 16.17 -15.49 -2.52
O5 MAN O . 18.13 -16.53 0.36
O6 MAN O . 19.06 -14.28 -0.68
C1 MAN O . 20.08 -13.44 -1.23
C2 MAN O . 20.48 -12.42 -0.14
C3 MAN O . 19.38 -11.40 0.06
C4 MAN O . 18.97 -10.79 -1.28
C5 MAN O . 18.51 -11.91 -2.20
C6 MAN O . 18.12 -11.40 -3.56
O2 MAN O . 21.61 -11.66 -0.53
O3 MAN O . 19.78 -10.39 0.96
O4 MAN O . 17.92 -9.87 -1.09
O5 MAN O . 19.60 -12.81 -2.40
O6 MAN O . 19.33 -11.13 -4.26
C1 MAN O . 22.80 -12.37 -0.15
C2 MAN O . 23.75 -11.35 0.51
C3 MAN O . 24.25 -10.35 -0.52
C4 MAN O . 24.80 -11.06 -1.76
C5 MAN O . 23.77 -12.04 -2.31
C6 MAN O . 24.30 -12.85 -3.47
O2 MAN O . 24.92 -11.98 1.03
O3 MAN O . 25.25 -9.49 0.02
O4 MAN O . 25.11 -10.10 -2.76
O5 MAN O . 23.40 -12.96 -1.28
O6 MAN O . 25.49 -13.50 -3.04
C1 MAN O . 13.68 -15.33 -0.71
C2 MAN O . 12.60 -15.35 0.38
C3 MAN O . 11.44 -16.21 -0.11
C4 MAN O . 10.97 -15.75 -1.49
C5 MAN O . 12.15 -15.74 -2.46
C6 MAN O . 11.80 -15.21 -3.83
O2 MAN O . 12.04 -14.05 0.59
O3 MAN O . 10.36 -16.19 0.80
O4 MAN O . 9.99 -16.66 -1.98
O5 MAN O . 13.17 -14.88 -1.92
O6 MAN O . 12.73 -15.75 -4.77
C1 MAN O . 19.96 -25.01 -1.06
C2 MAN O . 19.93 -25.70 0.32
C3 MAN O . 21.32 -25.60 0.93
C4 MAN O . 22.37 -26.15 -0.04
C5 MAN O . 22.26 -25.42 -1.38
C6 MAN O . 23.18 -25.98 -2.42
O2 MAN O . 19.67 -27.10 0.18
O3 MAN O . 21.39 -26.29 2.18
O4 MAN O . 23.67 -25.95 0.50
O5 MAN O . 20.93 -25.57 -1.87
O6 MAN O . 22.46 -26.02 -3.64
C1 NAG P . -39.53 -18.76 -4.07
C2 NAG P . -41.00 -18.49 -4.33
C3 NAG P . -41.28 -16.99 -4.27
C4 NAG P . -40.74 -16.38 -2.98
C5 NAG P . -39.29 -16.79 -2.75
C6 NAG P . -38.75 -16.35 -1.41
C7 NAG P . -42.06 -20.21 -5.72
C8 NAG P . -42.41 -20.62 -7.12
N2 NAG P . -41.42 -19.04 -5.61
O3 NAG P . -42.68 -16.76 -4.37
O4 NAG P . -40.81 -14.97 -3.05
O5 NAG P . -39.16 -18.22 -2.81
O6 NAG P . -39.77 -16.33 -0.41
O7 NAG P . -42.34 -20.90 -4.75
C1 NAG P . -41.77 -14.45 -2.11
C2 NAG P . -41.73 -12.92 -2.16
C3 NAG P . -42.78 -12.33 -1.22
C4 NAG P . -44.15 -12.91 -1.54
C5 NAG P . -44.10 -14.44 -1.50
C6 NAG P . -45.40 -15.09 -1.89
C7 NAG P . -39.48 -12.11 -2.73
C8 NAG P . -38.18 -11.60 -2.21
N2 NAG P . -40.41 -12.41 -1.82
O3 NAG P . -42.80 -10.91 -1.34
O4 NAG P . -45.11 -12.44 -0.60
O5 NAG P . -43.09 -14.91 -2.41
O6 NAG P . -46.18 -15.43 -0.76
O7 NAG P . -39.69 -12.25 -3.94
C1 NAG Q . 9.67 33.67 18.10
C2 NAG Q . 10.70 34.12 19.12
C3 NAG Q . 10.89 33.03 20.18
C4 NAG Q . 9.55 32.61 20.77
C5 NAG Q . 8.56 32.28 19.67
C6 NAG Q . 7.17 32.04 20.19
C7 NAG Q . 12.22 35.62 17.93
C8 NAG Q . 13.58 35.77 17.33
N2 NAG Q . 11.96 34.43 18.49
O3 NAG Q . 11.73 33.53 21.21
O4 NAG Q . 9.74 31.43 21.54
O5 NAG Q . 8.46 33.37 18.74
O6 NAG Q . 6.59 33.24 20.68
O7 NAG Q . 11.39 36.52 17.90
C1 NAG Q . 9.66 31.75 22.94
C2 NAG Q . 9.36 30.46 23.68
C3 NAG Q . 9.34 30.71 25.18
C4 NAG Q . 10.65 31.35 25.63
C5 NAG Q . 10.92 32.60 24.80
C6 NAG Q . 12.27 33.22 25.08
C7 NAG Q . 8.04 28.83 22.42
C8 NAG Q . 6.66 28.37 22.07
N2 NAG Q . 8.11 29.89 23.24
O3 NAG Q . 9.13 29.48 25.86
O4 NAG Q . 10.58 31.71 26.99
O5 NAG Q . 10.90 32.29 23.40
O6 NAG Q . 12.98 33.46 23.89
O7 NAG Q . 9.04 28.28 21.99
C1 BMA Q . 11.20 30.69 27.79
C2 BMA Q . 11.69 31.33 29.07
C3 BMA Q . 12.23 30.28 30.00
C4 BMA Q . 11.21 29.16 30.20
C5 BMA Q . 10.81 28.60 28.85
C6 BMA Q . 9.74 27.55 28.97
O2 BMA Q . 10.60 31.93 29.76
O3 BMA Q . 12.58 30.82 31.26
O4 BMA Q . 11.76 28.14 30.99
O5 BMA Q . 10.26 29.67 28.07
O6 BMA Q . 8.76 28.06 29.85
C1 MAN Q . 13.96 31.23 31.25
C2 MAN Q . 14.48 31.08 32.69
C3 MAN Q . 13.76 32.07 33.60
C4 MAN Q . 13.84 33.49 33.04
C5 MAN Q . 13.33 33.51 31.60
C6 MAN Q . 13.51 34.88 30.94
O2 MAN Q . 15.87 31.43 32.78
O3 MAN Q . 14.28 32.03 34.92
O4 MAN Q . 13.04 34.34 33.83
O5 MAN Q . 14.08 32.57 30.81
O6 MAN Q . 13.11 35.87 31.87
C1 MAN Q . 7.59 27.24 29.79
C2 MAN Q . 6.38 28.14 30.07
C3 MAN Q . 6.43 28.65 31.51
C4 MAN Q . 6.59 27.47 32.48
C5 MAN Q . 7.82 26.64 32.10
C6 MAN Q . 7.99 25.41 32.95
O2 MAN Q . 5.15 27.42 29.97
O3 MAN Q . 5.29 29.41 31.85
O4 MAN Q . 6.74 27.96 33.80
O5 MAN Q . 7.68 26.20 30.74
O6 MAN Q . 9.12 24.70 32.45
C1 NAG R . -22.45 2.19 -11.76
C2 NAG R . -22.77 1.44 -13.05
C3 NAG R . -21.48 1.14 -13.79
C4 NAG R . -20.66 2.41 -14.00
C5 NAG R . -20.47 3.11 -12.66
C6 NAG R . -19.79 4.45 -12.81
C7 NAG R . -24.83 0.17 -12.73
C8 NAG R . -25.42 -1.17 -12.45
N2 NAG R . -23.50 0.22 -12.79
O3 NAG R . -21.81 0.57 -15.06
O4 NAG R . -19.38 2.06 -14.52
O5 NAG R . -21.73 3.36 -12.04
O6 NAG R . -20.27 5.14 -13.95
O7 NAG R . -25.53 1.16 -12.88
C1 NAG R . -19.33 2.25 -15.94
C2 NAG R . -17.89 2.04 -16.38
C3 NAG R . -17.79 2.24 -17.88
C4 NAG R . -18.74 1.29 -18.60
C5 NAG R . -20.16 1.47 -18.06
C6 NAG R . -21.13 0.46 -18.61
C7 NAG R . -17.03 4.25 -15.69
C8 NAG R . -15.98 4.95 -14.89
N2 NAG R . -16.97 2.91 -15.67
O3 NAG R . -16.45 1.97 -18.30
O4 NAG R . -18.74 1.57 -19.99
O5 NAG R . -20.18 1.33 -16.63
O6 NAG R . -20.98 -0.79 -17.96
O7 NAG R . -17.88 4.86 -16.31
C1 BMA R . -18.30 0.43 -20.76
C2 BMA R . -19.01 0.52 -22.13
C3 BMA R . -18.38 -0.42 -23.13
C4 BMA R . -16.90 -0.25 -23.16
C5 BMA R . -16.38 -0.58 -21.78
C6 BMA R . -14.88 -0.55 -21.70
O2 BMA R . -18.85 1.82 -22.67
O3 BMA R . -18.89 -0.20 -24.43
O4 BMA R . -16.32 -1.12 -24.11
O5 BMA R . -16.89 0.43 -20.90
O6 BMA R . -14.57 0.39 -20.71
C1 MAN R . -13.14 0.47 -20.57
C2 MAN R . -12.82 -0.21 -19.26
C3 MAN R . -13.58 0.53 -18.16
C4 MAN R . -13.18 2.01 -18.16
C5 MAN R . -13.55 2.54 -19.54
C6 MAN R . -13.31 4.00 -19.74
O2 MAN R . -11.45 -0.06 -18.95
O3 MAN R . -13.52 -0.12 -16.87
O4 MAN R . -13.90 2.73 -17.19
O5 MAN R . -12.80 1.81 -20.51
O6 MAN R . -11.93 4.22 -19.85
C1 MAN R . -11.76 5.63 -20.04
C2 MAN R . -10.29 5.86 -20.49
C3 MAN R . -9.35 5.63 -19.32
C4 MAN R . -9.80 6.45 -18.11
C5 MAN R . -11.22 6.04 -17.74
C6 MAN R . -11.77 6.81 -16.58
O2 MAN R . -10.08 7.21 -20.87
O3 MAN R . -8.02 5.97 -19.66
O4 MAN R . -8.95 6.21 -17.01
O5 MAN R . -12.07 6.31 -18.85
O6 MAN R . -12.12 8.10 -17.07
C1 MAN R . -10.40 7.34 -22.27
C2 MAN R . -9.25 8.15 -22.92
C3 MAN R . -9.27 9.59 -22.41
C4 MAN R . -10.67 10.20 -22.52
C5 MAN R . -11.70 9.31 -21.83
C6 MAN R . -13.10 9.81 -22.02
O2 MAN R . -9.43 8.25 -24.33
O3 MAN R . -8.33 10.39 -23.11
O4 MAN R . -10.68 11.48 -21.90
O5 MAN R . -11.63 8.00 -22.41
O6 MAN R . -13.36 9.95 -23.40
C1 MAN R . -12.40 0.28 -16.06
C2 MAN R . -11.61 -0.99 -15.76
C3 MAN R . -12.50 -1.93 -14.96
C4 MAN R . -13.10 -1.22 -13.74
C5 MAN R . -13.81 0.05 -14.19
C6 MAN R . -14.34 0.86 -13.03
O2 MAN R . -10.50 -0.73 -14.91
O3 MAN R . -11.80 -3.10 -14.56
O4 MAN R . -14.02 -2.07 -13.10
O5 MAN R . -12.87 0.87 -14.90
O6 MAN R . -15.42 1.66 -13.51
C1 MAN R . -20.04 -1.05 -24.62
C2 MAN R . -19.60 -2.19 -25.54
C3 MAN R . -19.19 -1.61 -26.89
C4 MAN R . -20.30 -0.73 -27.45
C5 MAN R . -20.68 0.34 -26.43
C6 MAN R . -21.85 1.17 -26.86
O2 MAN R . -20.68 -3.06 -25.82
O3 MAN R . -18.83 -2.62 -27.82
O4 MAN R . -19.87 -0.09 -28.64
O5 MAN R . -21.06 -0.30 -25.21
O6 MAN R . -22.68 1.36 -25.71
C1 NAG S . -13.91 -32.99 25.23
C2 NAG S . -13.79 -33.64 26.59
C3 NAG S . -12.63 -33.01 27.36
C4 NAG S . -11.35 -33.03 26.54
C5 NAG S . -11.59 -32.45 25.15
C6 NAG S . -10.40 -32.58 24.23
C7 NAG S . -15.91 -34.51 27.44
C8 NAG S . -17.14 -34.21 28.24
N2 NAG S . -15.03 -33.52 27.35
O3 NAG S . -12.43 -33.71 28.58
O4 NAG S . -10.36 -32.23 27.19
O5 NAG S . -12.69 -33.13 24.52
O6 NAG S . -9.64 -33.75 24.53
O7 NAG S . -15.74 -35.59 26.90
C1 NAG S . -9.27 -33.06 27.65
C2 NAG S . -8.18 -32.15 28.25
C3 NAG S . -7.05 -33.00 28.82
C4 NAG S . -7.59 -34.02 29.81
C5 NAG S . -8.68 -34.85 29.14
C6 NAG S . -9.35 -35.83 30.09
C7 NAG S . -8.14 -29.97 27.12
C8 NAG S . -7.49 -29.14 26.06
N2 NAG S . -7.67 -31.22 27.26
O3 NAG S . -6.09 -32.17 29.44
O4 NAG S . -6.54 -34.87 30.26
O5 NAG S . -9.72 -33.99 28.65
O6 NAG S . -8.77 -37.12 29.99
O7 NAG S . -9.05 -29.53 27.82
C1 NAG T . 36.12 15.42 -3.31
C2 NAG T . 37.07 15.77 -4.44
C3 NAG T . 36.99 14.72 -5.54
C4 NAG T . 37.16 13.32 -4.98
C5 NAG T . 36.24 13.10 -3.78
C6 NAG T . 36.51 11.80 -3.07
C7 NAG T . 37.25 18.21 -4.43
C8 NAG T . 36.87 19.49 -5.12
N2 NAG T . 36.79 17.09 -4.97
O3 NAG T . 37.99 14.98 -6.51
O4 NAG T . 36.81 12.37 -5.97
O5 NAG T . 36.43 14.14 -2.81
O6 NAG T . 37.76 11.84 -2.40
O7 NAG T . 37.95 18.20 -3.42
C1 NAG T . 38.00 11.75 -6.49
C2 NAG T . 37.58 10.44 -7.14
C3 NAG T . 38.78 9.76 -7.77
C4 NAG T . 39.45 10.70 -8.75
C5 NAG T . 39.79 12.02 -8.06
C6 NAG T . 40.35 13.05 -9.00
C7 NAG T . 35.62 9.36 -6.12
C8 NAG T . 35.14 8.43 -5.06
N2 NAG T . 36.94 9.56 -6.16
O3 NAG T . 38.34 8.58 -8.43
O4 NAG T . 40.65 10.11 -9.24
O5 NAG T . 38.61 12.59 -7.46
O6 NAG T . 39.67 14.29 -8.86
O7 NAG T . 34.85 9.93 -6.89
C1 BMA T . 40.39 9.51 -10.53
C2 BMA T . 41.71 9.50 -11.29
C3 BMA T . 41.52 8.74 -12.59
C4 BMA T . 40.92 7.37 -12.33
C5 BMA T . 39.61 7.54 -11.57
C6 BMA T . 39.00 6.21 -11.22
O2 BMA T . 42.68 8.77 -10.57
O3 BMA T . 42.76 8.59 -13.27
O4 BMA T . 40.66 6.73 -13.56
O5 BMA T . 39.91 8.21 -10.35
O6 BMA T . 40.03 5.40 -10.71
C1 MAN T . 42.95 9.70 -14.18
C2 MAN T . 43.78 9.18 -15.36
C3 MAN T . 45.17 8.77 -14.87
C4 MAN T . 45.83 9.92 -14.10
C5 MAN T . 44.90 10.39 -12.97
C6 MAN T . 45.43 11.62 -12.24
O2 MAN T . 43.99 10.21 -16.33
O3 MAN T . 46.00 8.38 -15.94
O4 MAN T . 47.05 9.47 -13.53
O5 MAN T . 43.62 10.75 -13.52
O6 MAN T . 46.83 11.42 -12.02
C1 MAN T . 39.47 4.23 -10.10
C2 MAN T . 40.41 3.82 -8.94
C3 MAN T . 41.74 3.35 -9.51
C4 MAN T . 41.53 2.28 -10.57
C5 MAN T . 40.59 2.81 -11.66
C6 MAN T . 40.25 1.77 -12.70
O2 MAN T . 39.90 2.69 -8.23
O3 MAN T . 42.62 2.88 -8.50
O4 MAN T . 42.77 1.94 -11.16
O5 MAN T . 39.35 3.21 -11.05
O6 MAN T . 39.31 2.36 -13.60
C1 NAG U . -4.96 -6.38 24.11
C2 NAG U . -6.34 -6.29 24.71
C3 NAG U . -7.17 -5.25 23.98
C4 NAG U . -6.43 -3.91 23.94
C5 NAG U . -5.03 -4.11 23.40
C6 NAG U . -4.18 -2.88 23.48
C7 NAG U . -6.92 -8.49 25.65
C8 NAG U . -7.68 -9.77 25.44
N2 NAG U . -7.02 -7.58 24.67
O3 NAG U . -8.42 -5.09 24.64
O4 NAG U . -7.12 -3.02 23.08
O5 NAG U . -4.34 -5.12 24.16
O6 NAG U . -4.42 -2.18 24.69
O7 NAG U . -6.25 -8.29 26.65
C1 NAG U . -7.95 -2.12 23.84
C2 NAG U . -8.50 -1.08 22.87
C3 NAG U . -9.40 -0.10 23.61
C4 NAG U . -10.49 -0.85 24.34
C5 NAG U . -9.90 -1.93 25.23
C6 NAG U . -10.94 -2.83 25.86
C7 NAG U . -6.48 0.31 22.71
C8 NAG U . -5.48 0.94 21.78
N2 NAG U . -7.45 -0.41 22.14
O3 NAG U . -9.96 0.82 22.69
O4 NAG U . -11.23 0.06 25.14
O5 NAG U . -9.03 -2.80 24.48
O6 NAG U . -11.44 -3.77 24.92
O7 NAG U . -6.40 0.45 23.92
C1 BMA U . -12.62 0.11 24.74
C2 BMA U . -13.42 0.45 26.02
C3 BMA U . -14.85 0.86 25.67
C4 BMA U . -14.83 1.91 24.60
C5 BMA U . -14.18 1.30 23.38
C6 BMA U . -14.22 2.23 22.20
O2 BMA U . -12.86 1.56 26.67
O3 BMA U . -15.52 1.36 26.80
O4 BMA U . -16.16 2.30 24.29
O5 BMA U . -12.82 1.08 23.72
O6 BMA U . -12.88 2.43 21.82
C1 MAN U . -12.81 3.29 20.68
C2 MAN U . -12.45 2.41 19.51
C3 MAN U . -11.11 1.76 19.84
C4 MAN U . -10.05 2.83 20.11
C5 MAN U . -10.58 3.63 21.30
C6 MAN U . -9.64 4.71 21.78
O2 MAN U . -12.23 3.21 18.36
O3 MAN U . -10.71 0.74 18.89
O4 MAN U . -8.82 2.26 20.45
O5 MAN U . -11.83 4.24 20.92
O6 MAN U . -9.68 5.76 20.85
C1 MAN U . -8.78 6.76 21.38
C2 MAN U . -9.01 8.05 20.55
C3 MAN U . -8.45 7.90 19.16
C4 MAN U . -7.00 7.42 19.22
C5 MAN U . -6.96 6.08 19.96
C6 MAN U . -5.57 5.56 20.10
O2 MAN U . -8.30 9.14 21.11
O3 MAN U . -8.53 9.11 18.44
O4 MAN U . -6.50 7.23 17.91
O5 MAN U . -7.44 6.31 21.28
O6 MAN U . -4.93 6.31 21.12
C1 MAN U . -9.12 9.77 22.12
C2 MAN U . -9.06 11.29 21.87
C3 MAN U . -7.65 11.81 22.19
C4 MAN U . -7.18 11.33 23.57
C5 MAN U . -7.31 9.81 23.66
C6 MAN U . -6.95 9.29 25.04
O2 MAN U . -9.92 12.01 22.75
O3 MAN U . -7.60 13.23 22.14
O4 MAN U . -5.83 11.70 23.75
O5 MAN U . -8.66 9.43 23.40
O6 MAN U . -7.77 9.96 25.99
C1 MAN U . -9.95 1.24 17.77
C2 MAN U . -10.73 0.86 16.51
C3 MAN U . -10.82 -0.65 16.43
C4 MAN U . -9.44 -1.29 16.56
C5 MAN U . -8.76 -0.79 17.83
C6 MAN U . -7.34 -1.30 17.98
O2 MAN U . -10.04 1.26 15.33
O3 MAN U . -11.45 -1.07 15.23
O4 MAN U . -9.57 -2.69 16.62
O5 MAN U . -8.70 0.63 17.79
O6 MAN U . -7.01 -1.28 19.37
C1 MAN U . -16.20 0.27 27.45
C2 MAN U . -17.68 0.41 27.12
C3 MAN U . -18.20 1.71 27.71
C4 MAN U . -17.87 1.80 29.20
C5 MAN U . -16.36 1.60 29.40
C6 MAN U . -15.96 1.55 30.84
O2 MAN U . -18.44 -0.62 27.75
O3 MAN U . -19.60 1.88 27.50
O4 MAN U . -18.23 3.07 29.70
O5 MAN U . -15.98 0.35 28.82
O6 MAN U . -14.99 0.52 30.97
C1 NAG V . 2.85 -49.02 -9.82
C2 NAG V . 3.64 -48.01 -8.98
C3 NAG V . 5.05 -48.53 -8.69
C4 NAG V . 4.99 -49.93 -8.10
C5 NAG V . 4.15 -50.84 -9.00
C6 NAG V . 3.97 -52.23 -8.42
C7 NAG V . 4.29 -46.47 -10.81
C8 NAG V . 4.23 -45.05 -11.30
N2 NAG V . 3.70 -46.70 -9.63
O3 NAG V . 5.71 -47.65 -7.79
O4 NAG V . 6.31 -50.47 -8.00
O5 NAG V . 2.84 -50.29 -9.15
O6 NAG V . 2.84 -52.88 -8.98
O7 NAG V . 4.86 -47.35 -11.44
C1 NAG W . 9.14 7.46 -34.55
C2 NAG W . 10.05 7.93 -35.68
C3 NAG W . 9.81 9.41 -35.96
C4 NAG W . 8.33 9.65 -36.25
C5 NAG W . 7.48 9.11 -35.10
C6 NAG W . 6.01 9.19 -35.39
C7 NAG W . 12.13 6.66 -35.88
C8 NAG W . 13.57 6.55 -35.46
N2 NAG W . 11.44 7.68 -35.37
O3 NAG W . 10.60 9.81 -37.07
O4 NAG W . 8.09 11.05 -36.40
O5 NAG W . 7.78 7.73 -34.89
O6 NAG W . 5.35 7.96 -35.12
O7 NAG W . 11.62 5.86 -36.66
C1 NAG X . -42.49 -20.46 -16.57
C2 NAG X . -41.21 -19.84 -17.19
C3 NAG X . -41.48 -19.42 -18.63
C4 NAG X . -42.10 -20.56 -19.43
C5 NAG X . -43.32 -21.11 -18.71
C6 NAG X . -43.93 -22.31 -19.39
C7 NAG X . -41.39 -17.58 -16.20
C8 NAG X . -40.69 -16.56 -15.35
N2 NAG X . -40.72 -18.73 -16.39
O3 NAG X . -40.26 -19.00 -19.23
O4 NAG X . -42.49 -20.09 -20.71
O5 NAG X . -42.94 -21.53 -17.38
O6 NAG X . -44.71 -23.08 -18.49
O7 NAG X . -42.50 -17.38 -16.68
C1 NAG Y . -18.77 28.60 12.97
C2 NAG Y . -19.25 30.05 13.00
C3 NAG Y . -18.35 30.88 13.90
C4 NAG Y . -18.29 30.26 15.28
C5 NAG Y . -17.85 28.80 15.17
C6 NAG Y . -17.90 28.07 16.49
C7 NAG Y . -20.43 30.75 10.96
C8 NAG Y . -20.30 31.36 9.60
N2 NAG Y . -19.30 30.62 11.66
O3 NAG Y . -18.87 32.21 13.99
O4 NAG Y . -17.37 30.97 16.10
O5 NAG Y . -18.74 28.09 14.29
O6 NAG Y . -18.57 26.83 16.38
O7 NAG Y . -21.52 30.40 11.42
C1 NAG Z . -23.41 -29.08 33.11
C2 NAG Z . -23.47 -27.61 32.68
C3 NAG Z . -24.12 -26.76 33.79
C4 NAG Z . -25.45 -27.35 34.21
C5 NAG Z . -25.28 -28.83 34.57
C6 NAG Z . -26.59 -29.51 34.92
C7 NAG Z . -21.13 -26.98 33.20
C8 NAG Z . -19.86 -26.44 32.64
N2 NAG Z . -22.15 -27.09 32.34
O3 NAG Z . -24.31 -25.43 33.31
O4 NAG Z . -25.95 -26.65 35.34
O5 NAG Z . -24.72 -29.54 33.46
O6 NAG Z . -26.49 -30.92 34.76
O7 NAG Z . -21.23 -27.32 34.39
C1 NAG AA . 30.89 -2.64 19.22
C2 NAG AA . 32.00 -2.16 20.14
C3 NAG AA . 33.16 -1.61 19.32
C4 NAG AA . 33.64 -2.65 18.33
C5 NAG AA . 32.46 -3.14 17.47
C6 NAG AA . 32.84 -4.27 16.57
C7 NAG AA . 31.22 -1.42 22.34
C8 NAG AA . 30.73 -0.27 23.17
N2 NAG AA . 31.51 -1.15 21.07
O3 NAG AA . 34.23 -1.25 20.19
O4 NAG AA . 34.65 -2.12 17.49
O5 NAG AA . 31.41 -3.62 18.32
O6 NAG AA . 31.90 -5.34 16.65
O7 NAG AA . 31.35 -2.54 22.81
#